data_8CH9
#
_entry.id   8CH9
#
_cell.length_a   90.288
_cell.length_b   109.950
_cell.length_c   117.424
_cell.angle_alpha   98.33
_cell.angle_beta   89.97
_cell.angle_gamma   96.58
#
_symmetry.space_group_name_H-M   'P 1'
#
loop_
_entity.id
_entity.type
_entity.pdbx_description
1 polymer 'Arsenite oxidase subunit AioA'
2 polymer 'Arsenite oxidase subunit AioB'
3 polymer 'Arsenite oxidase subunit AioA'
4 non-polymer '2-AMINO-5,6-DIMERCAPTO-7-METHYL-3,7,8A,9-TETRAHYDRO-8-OXA-1,3,9,10-TETRAAZA-ANTHRACEN-4-ONE GUANOSINE DINUCLEOTIDE'
5 non-polymer 'FE3-S4 CLUSTER'
6 non-polymer HEXACYANOFERRATE(3-)
7 non-polymer 'MOLYBDENUM(IV) ION'
8 non-polymer ARSENATE
9 non-polymer GLYCEROL
10 non-polymer 1,2-ETHANEDIOL
11 non-polymer 'FE2/S2 (INORGANIC) CLUSTER'
12 non-polymer DI(HYDROXYETHYL)ETHER
13 water water
#
loop_
_entity_poly.entity_id
_entity_poly.type
_entity_poly.pdbx_seq_one_letter_code
_entity_poly.pdbx_strand_id
1 'polypeptide(L)'
;PNDRITLPPANAQRTNMTCHFCIVGCGYHVYKWPELQEGGRAPEQNALGLDFRKQLPPLAVTLTPAMTNVVTEHNGRRYN
IMVVPDKACVVNSGLSSTRGGKMASYMYTPTGDGKQRLKAPRLYAADQWVDTTWDHAMALYAGLIKKTLDKDGPQGVFFS
CFDHGGAGGGFENTWGTGKLMFSAIQTPMVRIHNRPAYNSECHATREMGIGELNNAYEDAQLADVIWSIGNNPYESQTNY
FLNHWLPNLQGATTSKKKERFPNENFPQARIIFVDPRETPSVAIARHVAGNDRVLHLAIEPGTDTALFNGLFTYVVEQGW
IDKPFIEAHTKGFDDAVKTNRLSLDECSNITGVPVDMLKRAAEWSYKPKASGQAPRTMHAYEKGIIWGNDNYVIQSALLD
LVIATHNVGRRGTGCVRMGGHQEGYTRPPYPGDKKIYIDQELIKGKGRIMTWWGCNNFQTSNNAQALREAILQRSAIVKQ
AMQKARGATTEEMVDVIYEATQNGGLFVTSINLYPTKLAEAAHLMLPAAHPGEMNLTSMNGERRIRLSEKFMDPPGTAMA
DCLIAARIANALRDMYQKDGKAEMAAQFEGFDWKTEEDAFNDGFRRAGQPGAPAIDSQGGSTGHLVTYDRLRKSGNNGVQ
LPVVSWDESKGLVGTEMLYTEGKFDTDDGKAHFKPAPWNGLPATVQQQKDKYRFWLNNGRNNEVWQTAYHDQYNSLMQER
YPMAYIEMNPDDCKQLDVTGGDIVEVYNDFGSTFAMVYPVAEIKRGQTFMLFGYVNGIQGDVTTDWTDRNIIPYYKGTWG
DIRKVGSMEEFKRTVSFKSRRFA
;
A,C,E
2 'polypeptide(L)'
;LRTTLQYPATQVSVAKNLKANEPVSFTYPDTSSPCVAVKLGSPVPGGVGPNNDIVAYSVLCTHMGCPTSYDKSSKTFKCP
CHFTEFDAEKAGQMICGQATENLPRVLLRYDEASDALTAVGVDGLIYGRQANVI
;
B,D,F,H
3 'polypeptide(L)'
;PNDRITLPPANAQRTNMTCHFCIVGCGYHVYKWPELQEGGRAPEQNALGLDFRKQLPPLAVTLTPAMTNVVTEHNGRRYN
IMVVPDKACVVNSGLSSTRGGKMASYMYTPTGDGKQRLKAPRLYAADQWVDTTWDHAMALYAGLIKKTLDKDGPQGVFFS
CFDHGGAGGGFENTWGTGKLMFSAIQTPMVRIHNRPAYNSECHATREMGIGELNNAYEDAQLADVIWSIGNNPYESQTNY
FLNHWLPNLQGATTSKKKERFPNENFPQARIIFVDPRDTPSVAIARHVAGNDRVLHLAIEPGTDTALFNGLFTYVVEQGW
IDKPFIEAHTKGFDDAVKTNRLSLDECSNITGVPVDMLKRAAEWSYKPKASGQAPRTMHAYEKGIIWGNDNYVIQSALLD
LVIATHNVGRRGTGCVRMGGHQEGYTRPPYPGDKKIYIDQELIKGKGRIMTWWGCNNFQTSNNAQALREAILQRSAIVKQ
AMQKARGATTEEMVDVIYEATQNGGLFVTSINLYPTKLAEAAHLMLPAAHPGEMNLTSMNGERRIRLSEKFMDPPGTAMA
DCLIAARIANALRDMYQKDGKAEMAAQFEGFDWKTEEDAFNDGFRRAGQPGAPAIDSQGGSTGHLVTYDRLRKSGNNGVQ
LPVVSWDESKGLVGTEMLYTEGKFDTDDGKAHFKPAPWNGLPATVQQQKDKYRFWLNNGRNNEVWQTAYHDQYNSLMQER
YPMAYIEMNPDDCKQLDVTGGDIVEVYNDFGSTFAMVYPVAEIKRGQTFMLFGYVNGIQGDVTTDWTDRNIIPYYKGTWG
DIRKVGSMEEFKRTVSFKSRRFA
;
G
#
# COMPACT_ATOMS: atom_id res chain seq x y z
N ASN A 2 -38.86 -7.86 37.78
CA ASN A 2 -39.67 -8.83 38.58
C ASN A 2 -40.47 -8.03 39.59
N ASP A 3 -41.76 -8.25 39.76
CA ASP A 3 -42.58 -7.22 40.39
C ASP A 3 -41.97 -6.59 41.67
N ARG A 4 -40.63 -6.71 41.91
CA ARG A 4 -39.94 -6.08 43.05
C ARG A 4 -38.42 -5.88 43.00
N ILE A 5 -37.96 -4.88 43.79
N ILE A 5 -37.95 -4.87 43.78
CA ILE A 5 -36.56 -4.49 43.89
CA ILE A 5 -36.54 -4.48 43.85
C ILE A 5 -36.11 -4.49 45.34
C ILE A 5 -36.10 -4.50 45.32
N THR A 6 -34.88 -4.98 45.55
CA THR A 6 -34.21 -4.94 46.84
C THR A 6 -33.55 -3.55 47.00
N LEU A 7 -34.03 -2.71 47.90
CA LEU A 7 -33.44 -1.39 48.08
C LEU A 7 -32.09 -1.48 48.74
N PRO A 8 -31.16 -0.56 48.41
CA PRO A 8 -29.86 -0.44 49.08
C PRO A 8 -30.11 0.05 50.50
N PRO A 9 -29.50 -0.59 51.51
CA PRO A 9 -29.63 -0.08 52.88
C PRO A 9 -29.02 1.32 52.97
N ALA A 10 -29.44 2.05 53.95
CA ALA A 10 -28.86 3.38 54.18
C ALA A 10 -27.34 3.39 54.16
N ASN A 11 -26.72 2.38 54.80
CA ASN A 11 -25.29 2.24 54.94
C ASN A 11 -24.64 1.36 53.86
N ALA A 12 -25.30 1.13 52.72
CA ALA A 12 -24.66 0.40 51.62
C ALA A 12 -23.36 1.10 51.18
N GLN A 13 -22.38 0.27 50.77
CA GLN A 13 -21.19 0.77 50.10
C GLN A 13 -21.60 1.47 48.80
N ARG A 14 -20.98 2.61 48.54
CA ARG A 14 -21.24 3.35 47.29
C ARG A 14 -19.89 3.73 46.66
N THR A 15 -19.76 3.46 45.35
CA THR A 15 -18.61 3.88 44.58
C THR A 15 -19.10 4.61 43.34
N ASN A 16 -18.13 5.25 42.70
CA ASN A 16 -18.36 5.99 41.48
C ASN A 16 -18.02 5.13 40.27
N MET A 17 -18.87 5.23 39.25
CA MET A 17 -18.64 4.55 38.00
C MET A 17 -19.08 5.48 36.87
N THR A 18 -18.19 5.71 35.89
CA THR A 18 -18.56 6.30 34.62
C THR A 18 -19.17 5.21 33.77
N CYS A 19 -20.22 5.57 33.01
CA CYS A 19 -20.75 4.62 32.06
C CYS A 19 -19.63 3.95 31.26
N HIS A 20 -19.75 2.62 31.05
CA HIS A 20 -18.78 1.86 30.28
C HIS A 20 -18.76 2.26 28.81
N PHE A 21 -19.80 2.89 28.27
CA PHE A 21 -20.10 2.90 26.84
C PHE A 21 -19.76 4.26 26.17
N CYS A 22 -20.75 5.05 25.82
CA CYS A 22 -20.50 6.09 24.85
C CYS A 22 -19.70 7.25 25.46
N ILE A 23 -19.23 8.09 24.54
CA ILE A 23 -18.45 9.31 24.76
C ILE A 23 -18.98 10.15 25.90
N VAL A 24 -20.30 10.25 26.05
CA VAL A 24 -20.82 11.24 26.96
C VAL A 24 -20.23 11.02 28.37
N GLY A 25 -20.12 9.76 28.77
CA GLY A 25 -19.52 9.45 30.04
C GLY A 25 -20.38 9.89 31.20
N CYS A 26 -21.64 9.54 31.15
CA CYS A 26 -22.55 9.79 32.24
C CYS A 26 -22.00 9.21 33.56
N GLY A 27 -22.25 9.93 34.65
CA GLY A 27 -21.83 9.50 35.96
C GLY A 27 -22.90 8.63 36.63
N TYR A 28 -22.42 7.57 37.29
CA TYR A 28 -23.28 6.63 38.00
C TYR A 28 -22.69 6.37 39.40
N HIS A 29 -23.56 5.83 40.26
CA HIS A 29 -23.13 5.25 41.51
C HIS A 29 -23.43 3.78 41.49
N VAL A 30 -22.52 3.05 42.11
CA VAL A 30 -22.68 1.62 42.34
C VAL A 30 -22.90 1.41 43.83
N TYR A 31 -24.07 0.91 44.23
CA TYR A 31 -24.35 0.50 45.57
C TYR A 31 -24.13 -1.00 45.70
N LYS A 32 -23.42 -1.40 46.74
CA LYS A 32 -23.06 -2.80 46.95
C LYS A 32 -23.35 -3.15 48.39
N TRP A 33 -24.07 -4.24 48.61
CA TRP A 33 -24.35 -4.65 49.97
C TRP A 33 -24.56 -6.15 50.03
N PRO A 34 -24.44 -6.76 51.23
CA PRO A 34 -24.71 -8.21 51.34
C PRO A 34 -26.06 -8.67 50.84
N GLU A 35 -26.10 -9.86 50.28
CA GLU A 35 -27.27 -10.37 49.57
C GLU A 35 -28.54 -10.38 50.42
N LEU A 36 -28.45 -10.82 51.66
CA LEU A 36 -29.65 -10.97 52.47
C LEU A 36 -30.08 -9.73 53.22
N GLN A 37 -29.49 -8.56 52.96
CA GLN A 37 -29.88 -7.32 53.58
C GLN A 37 -30.71 -6.49 52.60
N GLU A 38 -31.52 -5.63 53.16
CA GLU A 38 -32.29 -4.71 52.32
C GLU A 38 -32.57 -3.41 53.06
N GLY A 39 -32.64 -2.34 52.27
CA GLY A 39 -33.01 -1.04 52.74
C GLY A 39 -34.48 -0.94 53.05
N GLY A 40 -34.78 0.05 53.88
CA GLY A 40 -36.15 0.34 54.23
C GLY A 40 -36.81 1.27 53.21
N ARG A 41 -38.14 1.32 53.21
CA ARG A 41 -38.85 2.18 52.27
C ARG A 41 -38.76 3.66 52.63
N ALA A 42 -38.68 3.97 53.93
CA ALA A 42 -38.59 5.34 54.38
C ALA A 42 -37.32 5.96 53.83
N PRO A 43 -37.32 7.24 53.42
CA PRO A 43 -36.22 7.79 52.65
C PRO A 43 -34.89 7.80 53.38
N GLU A 44 -34.92 7.95 54.71
CA GLU A 44 -33.67 7.93 55.46
C GLU A 44 -33.22 6.51 55.77
N GLN A 45 -33.94 5.46 55.33
CA GLN A 45 -33.57 4.08 55.60
C GLN A 45 -33.10 3.36 54.34
N ASN A 46 -32.99 4.08 53.21
CA ASN A 46 -32.33 3.50 52.05
C ASN A 46 -31.29 4.45 51.51
N ALA A 47 -30.34 3.95 50.72
CA ALA A 47 -29.24 4.78 50.27
C ALA A 47 -29.65 5.75 49.19
N LEU A 48 -30.81 5.52 48.56
CA LEU A 48 -31.26 6.44 47.52
C LEU A 48 -31.84 7.72 48.09
N GLY A 49 -32.27 7.71 49.36
CA GLY A 49 -32.88 8.88 49.93
C GLY A 49 -34.29 9.14 49.41
N LEU A 50 -34.94 8.10 48.88
CA LEU A 50 -36.24 8.27 48.25
C LEU A 50 -37.31 7.60 49.07
N ASP A 51 -38.54 8.12 48.95
CA ASP A 51 -39.64 7.65 49.77
C ASP A 51 -40.45 6.58 49.05
N PHE A 52 -40.18 5.32 49.36
CA PHE A 52 -40.86 4.20 48.71
C PHE A 52 -42.08 3.75 49.52
N ARG A 53 -42.53 4.56 50.47
CA ARG A 53 -43.77 4.24 51.17
C ARG A 53 -45.01 4.66 50.37
N LYS A 54 -44.80 5.45 49.30
CA LYS A 54 -45.88 5.84 48.43
C LYS A 54 -45.26 6.07 47.05
N GLN A 55 -46.12 6.13 46.03
CA GLN A 55 -45.64 6.30 44.67
C GLN A 55 -44.67 7.46 44.55
N LEU A 56 -43.59 7.23 43.82
CA LEU A 56 -42.64 8.31 43.57
C LEU A 56 -43.14 9.15 42.41
N PRO A 57 -42.87 10.47 42.43
CA PRO A 57 -43.30 11.30 41.32
C PRO A 57 -42.46 11.02 40.09
N PRO A 58 -42.91 11.53 38.92
CA PRO A 58 -42.10 11.41 37.72
C PRO A 58 -40.77 12.12 37.90
N LEU A 59 -39.72 11.57 37.28
CA LEU A 59 -38.39 12.14 37.22
C LEU A 59 -37.62 11.95 38.53
N ALA A 60 -38.19 11.29 39.53
CA ALA A 60 -37.57 11.17 40.84
C ALA A 60 -36.42 10.18 40.82
N VAL A 61 -36.46 9.23 39.88
CA VAL A 61 -35.57 8.06 39.91
C VAL A 61 -35.53 7.42 38.53
N THR A 62 -34.38 6.76 38.24
CA THR A 62 -34.25 5.81 37.16
C THR A 62 -33.91 4.50 37.85
N LEU A 63 -34.87 3.55 37.84
CA LEU A 63 -34.69 2.35 38.64
C LEU A 63 -35.57 1.24 38.08
N THR A 64 -34.92 0.20 37.54
CA THR A 64 -35.64 -0.97 37.05
C THR A 64 -34.90 -2.20 37.51
N PRO A 65 -35.47 -3.42 37.33
CA PRO A 65 -34.70 -4.61 37.70
C PRO A 65 -33.41 -4.81 36.92
N ALA A 66 -33.36 -4.34 35.68
CA ALA A 66 -32.17 -4.44 34.83
C ALA A 66 -31.01 -3.63 35.45
N MET A 67 -31.31 -2.72 36.40
CA MET A 67 -30.28 -1.87 37.00
C MET A 67 -29.76 -2.45 38.32
N THR A 68 -30.11 -3.71 38.57
CA THR A 68 -29.72 -4.45 39.75
C THR A 68 -29.13 -5.78 39.33
N ASN A 69 -28.39 -6.39 40.26
CA ASN A 69 -27.89 -7.74 40.09
C ASN A 69 -27.45 -8.27 41.43
N VAL A 70 -27.05 -9.56 41.41
CA VAL A 70 -26.39 -10.14 42.56
C VAL A 70 -25.13 -10.84 42.09
N VAL A 71 -23.99 -10.39 42.59
CA VAL A 71 -22.68 -10.86 42.14
C VAL A 71 -22.14 -11.82 43.20
N THR A 72 -21.27 -12.71 42.76
CA THR A 72 -20.60 -13.68 43.65
C THR A 72 -19.11 -13.48 43.50
N GLU A 73 -18.47 -13.18 44.62
CA GLU A 73 -17.06 -12.82 44.65
C GLU A 73 -16.25 -14.13 44.74
N HIS A 74 -14.96 -13.97 44.58
CA HIS A 74 -14.09 -15.14 44.53
C HIS A 74 -14.13 -15.90 45.85
N ASN A 75 -14.33 -15.18 46.95
CA ASN A 75 -14.45 -15.81 48.27
C ASN A 75 -15.83 -16.47 48.49
N GLY A 76 -16.73 -16.45 47.49
CA GLY A 76 -18.04 -17.08 47.56
C GLY A 76 -19.14 -16.18 48.15
N ARG A 77 -18.82 -15.01 48.70
CA ARG A 77 -19.82 -14.14 49.32
C ARG A 77 -20.60 -13.45 48.20
N ARG A 78 -21.92 -13.36 48.40
CA ARG A 78 -22.86 -12.80 47.43
C ARG A 78 -23.29 -11.39 47.86
N TYR A 79 -23.36 -10.47 46.88
CA TYR A 79 -23.72 -9.11 47.16
C TYR A 79 -24.70 -8.60 46.14
N ASN A 80 -25.75 -7.98 46.64
CA ASN A 80 -26.57 -7.10 45.82
C ASN A 80 -25.75 -5.95 45.28
N ILE A 81 -26.05 -5.62 44.00
CA ILE A 81 -25.54 -4.39 43.41
C ILE A 81 -26.69 -3.66 42.72
N MET A 82 -26.54 -2.32 42.67
CA MET A 82 -27.51 -1.45 42.02
C MET A 82 -26.65 -0.36 41.38
N VAL A 83 -26.86 -0.16 40.07
CA VAL A 83 -26.04 0.78 39.29
C VAL A 83 -26.98 1.81 38.70
N VAL A 84 -26.97 3.04 39.24
CA VAL A 84 -27.96 4.05 38.93
C VAL A 84 -27.25 5.37 38.71
N PRO A 85 -27.87 6.24 37.86
CA PRO A 85 -27.21 7.48 37.49
C PRO A 85 -27.13 8.44 38.67
N ASP A 86 -26.09 9.28 38.60
CA ASP A 86 -25.79 10.31 39.57
C ASP A 86 -26.47 11.61 39.23
N LYS A 87 -27.44 12.00 40.06
CA LYS A 87 -28.22 13.21 39.87
C LYS A 87 -27.35 14.46 39.93
N ALA A 88 -26.25 14.40 40.67
CA ALA A 88 -25.43 15.58 40.90
C ALA A 88 -24.24 15.64 39.92
N CYS A 89 -24.09 14.69 39.00
CA CYS A 89 -23.07 14.80 37.99
C CYS A 89 -23.49 15.79 36.92
N VAL A 90 -22.60 16.71 36.58
CA VAL A 90 -22.97 17.78 35.65
C VAL A 90 -23.17 17.29 34.22
N VAL A 91 -22.59 16.12 33.90
CA VAL A 91 -22.66 15.60 32.56
C VAL A 91 -24.10 15.24 32.22
N ASN A 92 -24.71 14.41 33.09
CA ASN A 92 -25.96 13.80 32.79
C ASN A 92 -27.12 14.27 33.69
N SER A 93 -26.82 14.89 34.83
CA SER A 93 -27.82 15.38 35.78
C SER A 93 -28.82 14.26 36.11
N GLY A 94 -28.33 13.05 36.30
CA GLY A 94 -29.16 11.91 36.69
C GLY A 94 -29.81 11.16 35.55
N LEU A 95 -29.50 11.52 34.30
CA LEU A 95 -30.00 10.75 33.17
C LEU A 95 -29.15 9.50 32.94
N SER A 96 -29.83 8.46 32.42
CA SER A 96 -29.25 7.21 32.04
C SER A 96 -29.80 6.82 30.69
N SER A 97 -29.00 6.48 29.69
CA SER A 97 -29.50 5.98 28.43
C SER A 97 -29.93 4.52 28.61
N THR A 98 -30.57 3.94 27.60
CA THR A 98 -30.88 2.52 27.67
C THR A 98 -29.62 1.65 27.70
N ARG A 99 -28.49 2.14 27.19
CA ARG A 99 -27.28 1.32 27.14
C ARG A 99 -26.61 1.28 28.51
N GLY A 100 -26.36 2.47 29.10
CA GLY A 100 -25.72 2.52 30.41
C GLY A 100 -26.65 2.00 31.50
N GLY A 101 -27.99 2.15 31.28
CA GLY A 101 -28.94 1.63 32.24
C GLY A 101 -28.84 0.11 32.41
N LYS A 102 -28.31 -0.64 31.44
CA LYS A 102 -28.11 -2.07 31.53
C LYS A 102 -26.83 -2.47 32.25
N MET A 103 -26.01 -1.50 32.69
CA MET A 103 -24.72 -1.89 33.27
C MET A 103 -24.83 -2.98 34.31
N ALA A 104 -25.74 -2.88 35.29
CA ALA A 104 -25.78 -3.89 36.36
C ALA A 104 -26.04 -5.28 35.76
N SER A 105 -26.86 -5.36 34.71
CA SER A 105 -27.17 -6.61 34.03
C SER A 105 -25.95 -7.18 33.31
N TYR A 106 -25.01 -6.30 32.93
CA TYR A 106 -23.86 -6.71 32.15
C TYR A 106 -22.64 -6.91 33.03
N MET A 107 -22.77 -6.72 34.33
CA MET A 107 -21.73 -7.18 35.24
C MET A 107 -21.73 -8.69 35.26
N TYR A 108 -20.54 -9.24 35.50
CA TYR A 108 -20.39 -10.68 35.49
C TYR A 108 -21.18 -11.27 36.65
N THR A 109 -22.01 -12.30 36.34
CA THR A 109 -22.51 -13.29 37.28
C THR A 109 -22.50 -14.65 36.61
N PRO A 110 -22.40 -15.71 37.40
CA PRO A 110 -22.37 -17.04 36.80
C PRO A 110 -23.68 -17.46 36.12
N THR A 111 -24.83 -16.83 36.41
CA THR A 111 -26.10 -17.28 35.89
C THR A 111 -26.73 -16.24 34.96
N GLY A 112 -26.21 -15.01 34.90
CA GLY A 112 -26.90 -13.96 34.17
C GLY A 112 -26.31 -13.73 32.78
N ASP A 113 -26.46 -12.47 32.29
CA ASP A 113 -26.08 -12.13 30.94
C ASP A 113 -24.60 -12.26 30.73
N GLY A 114 -23.81 -12.27 31.81
CA GLY A 114 -22.36 -12.38 31.70
C GLY A 114 -21.85 -13.82 31.85
N LYS A 115 -22.76 -14.81 31.78
CA LYS A 115 -22.40 -16.21 32.08
C LYS A 115 -21.23 -16.74 31.22
N GLN A 116 -21.20 -16.32 29.97
CA GLN A 116 -20.25 -16.81 28.97
C GLN A 116 -18.98 -15.94 28.89
N ARG A 117 -18.76 -15.04 29.84
CA ARG A 117 -17.49 -14.32 29.93
C ARG A 117 -16.34 -15.31 29.84
N LEU A 118 -15.27 -14.92 29.15
CA LEU A 118 -14.00 -15.61 29.30
C LEU A 118 -13.52 -15.53 30.72
N LYS A 119 -13.19 -16.67 31.29
CA LYS A 119 -12.65 -16.64 32.63
C LYS A 119 -11.43 -17.51 32.81
N ALA A 120 -10.91 -18.03 31.69
CA ALA A 120 -9.72 -18.86 31.71
C ALA A 120 -9.07 -18.63 30.33
N PRO A 121 -7.74 -18.78 30.16
CA PRO A 121 -7.19 -18.93 28.82
C PRO A 121 -7.79 -20.12 28.08
N ARG A 122 -8.08 -19.89 26.80
CA ARG A 122 -8.64 -20.91 25.91
C ARG A 122 -7.67 -21.14 24.74
N LEU A 123 -7.47 -22.41 24.44
CA LEU A 123 -6.53 -22.86 23.39
C LEU A 123 -7.28 -23.73 22.42
N TYR A 124 -7.07 -23.49 21.15
CA TYR A 124 -7.61 -24.38 20.14
C TYR A 124 -6.46 -25.33 19.74
N ALA A 125 -6.58 -26.59 20.14
CA ALA A 125 -5.54 -27.58 19.86
C ALA A 125 -6.22 -28.89 19.60
N ALA A 126 -5.62 -29.77 18.78
CA ALA A 126 -6.28 -31.03 18.46
C ALA A 126 -7.72 -30.82 17.94
N ASP A 127 -7.91 -29.75 17.14
CA ASP A 127 -9.18 -29.49 16.49
C ASP A 127 -10.29 -29.34 17.53
N GLN A 128 -10.01 -28.66 18.64
CA GLN A 128 -11.01 -28.42 19.68
C GLN A 128 -10.58 -27.28 20.58
N TRP A 129 -11.56 -26.53 21.13
CA TRP A 129 -11.31 -25.59 22.18
C TRP A 129 -11.21 -26.29 23.54
N VAL A 130 -10.14 -25.96 24.25
CA VAL A 130 -9.91 -26.45 25.60
C VAL A 130 -9.46 -25.27 26.47
N ASP A 131 -9.56 -25.40 27.79
CA ASP A 131 -8.84 -24.54 28.67
C ASP A 131 -7.34 -24.84 28.60
N THR A 132 -6.55 -23.78 28.95
CA THR A 132 -5.13 -23.94 29.20
C THR A 132 -4.76 -23.04 30.37
N THR A 133 -3.52 -23.19 30.88
CA THR A 133 -3.03 -22.37 31.97
C THR A 133 -2.57 -21.01 31.41
N TRP A 134 -2.54 -20.03 32.29
CA TRP A 134 -1.93 -18.74 31.93
C TRP A 134 -0.47 -18.94 31.54
N ASP A 135 0.28 -19.74 32.33
CA ASP A 135 1.70 -19.89 32.06
C ASP A 135 1.92 -20.50 30.70
N HIS A 136 1.10 -21.51 30.31
CA HIS A 136 1.24 -22.14 29.03
C HIS A 136 0.85 -21.21 27.89
N ALA A 137 -0.23 -20.44 28.08
CA ALA A 137 -0.65 -19.48 27.08
C ALA A 137 0.47 -18.45 26.83
N MET A 138 1.07 -18.00 27.92
CA MET A 138 2.16 -17.01 27.79
C MET A 138 3.40 -17.65 27.13
N ALA A 139 3.69 -18.93 27.50
CA ALA A 139 4.84 -19.57 26.85
C ALA A 139 4.64 -19.75 25.36
N LEU A 140 3.43 -20.09 24.93
CA LEU A 140 3.15 -20.22 23.51
C LEU A 140 3.21 -18.83 22.84
N TYR A 141 2.53 -17.86 23.39
CA TYR A 141 2.38 -16.54 22.77
C TYR A 141 3.72 -15.78 22.73
N ALA A 142 4.38 -15.69 23.88
CA ALA A 142 5.73 -15.14 23.93
C ALA A 142 6.69 -15.95 23.07
N GLY A 143 6.50 -17.27 23.08
CA GLY A 143 7.37 -18.11 22.28
C GLY A 143 7.33 -17.75 20.81
N LEU A 144 6.11 -17.55 20.30
N LEU A 144 6.10 -17.54 20.29
CA LEU A 144 5.91 -17.26 18.88
CA LEU A 144 5.92 -17.26 18.89
C LEU A 144 6.39 -15.84 18.56
C LEU A 144 6.39 -15.84 18.56
N ILE A 145 6.14 -14.90 19.46
CA ILE A 145 6.59 -13.53 19.25
C ILE A 145 8.12 -13.51 19.23
N LYS A 146 8.77 -14.22 20.15
CA LYS A 146 10.23 -14.24 20.19
C LYS A 146 10.79 -14.84 18.91
N LYS A 147 10.23 -15.99 18.49
CA LYS A 147 10.72 -16.66 17.30
C LYS A 147 10.60 -15.72 16.11
N THR A 148 9.46 -15.03 16.03
CA THR A 148 9.20 -14.12 14.92
C THR A 148 10.19 -12.94 14.96
N LEU A 149 10.42 -12.35 16.11
CA LEU A 149 11.35 -11.24 16.21
C LEU A 149 12.77 -11.69 15.81
N ASP A 150 13.11 -12.93 16.21
CA ASP A 150 14.46 -13.45 15.99
C ASP A 150 14.65 -13.72 14.50
N LYS A 151 13.63 -14.22 13.78
CA LYS A 151 13.81 -14.62 12.40
C LYS A 151 13.32 -13.57 11.42
N ASP A 152 12.22 -12.88 11.69
CA ASP A 152 11.61 -11.99 10.70
C ASP A 152 11.68 -10.52 11.11
N GLY A 153 11.81 -10.30 12.40
CA GLY A 153 11.74 -8.97 12.95
C GLY A 153 10.31 -8.62 13.38
N PRO A 154 10.14 -7.42 13.92
CA PRO A 154 8.81 -6.95 14.34
C PRO A 154 7.78 -6.94 13.22
N GLN A 155 8.17 -6.87 11.94
CA GLN A 155 7.21 -6.84 10.85
C GLN A 155 6.35 -8.10 10.78
N GLY A 156 6.76 -9.17 11.46
CA GLY A 156 6.01 -10.41 11.50
C GLY A 156 4.87 -10.40 12.55
N VAL A 157 4.88 -9.44 13.44
CA VAL A 157 4.00 -9.38 14.62
C VAL A 157 2.94 -8.30 14.43
N PHE A 158 1.67 -8.74 14.27
CA PHE A 158 0.56 -7.87 13.91
C PHE A 158 -0.42 -7.68 15.06
N PHE A 159 -1.01 -6.49 15.14
CA PHE A 159 -2.05 -6.27 16.15
C PHE A 159 -3.19 -5.44 15.55
N SER A 160 -4.42 -5.69 16.05
CA SER A 160 -5.48 -4.69 15.94
C SER A 160 -6.00 -4.47 17.35
N CYS A 161 -5.82 -3.27 17.85
CA CYS A 161 -6.02 -2.97 19.27
C CYS A 161 -6.90 -1.74 19.40
N PHE A 162 -7.73 -1.72 20.45
CA PHE A 162 -8.41 -0.51 20.83
C PHE A 162 -7.40 0.62 20.98
N ASP A 163 -7.87 1.86 20.74
CA ASP A 163 -7.13 3.02 21.21
C ASP A 163 -8.05 3.99 21.97
N HIS A 164 -9.23 3.52 22.39
CA HIS A 164 -10.28 4.33 22.96
C HIS A 164 -10.29 4.28 24.47
N GLY A 165 -11.28 4.99 25.07
CA GLY A 165 -11.50 5.06 26.48
C GLY A 165 -12.67 4.23 26.93
N GLY A 166 -13.12 4.48 28.16
CA GLY A 166 -14.15 3.66 28.77
C GLY A 166 -13.79 2.17 28.82
N ALA A 167 -14.82 1.32 28.90
CA ALA A 167 -14.63 -0.13 28.99
C ALA A 167 -13.84 -0.62 27.78
N GLY A 168 -12.83 -1.47 28.03
CA GLY A 168 -11.99 -1.94 26.95
C GLY A 168 -11.13 -0.85 26.37
N GLY A 169 -10.73 0.08 27.23
CA GLY A 169 -9.81 1.11 26.87
C GLY A 169 -9.37 1.87 28.12
N GLY A 170 -9.00 3.14 27.92
CA GLY A 170 -8.64 3.99 29.02
C GLY A 170 -7.13 4.18 29.22
N PHE A 171 -6.76 5.18 30.03
CA PHE A 171 -5.40 5.67 30.10
C PHE A 171 -4.44 4.56 30.54
N GLU A 172 -4.88 3.66 31.45
CA GLU A 172 -4.03 2.58 31.92
C GLU A 172 -3.86 1.54 30.82
N ASN A 173 -4.96 1.21 30.14
CA ASN A 173 -4.96 0.15 29.14
C ASN A 173 -4.32 0.57 27.83
N THR A 174 -4.54 1.84 27.37
CA THR A 174 -3.87 2.24 26.12
C THR A 174 -2.36 2.34 26.37
N TRP A 175 -1.96 2.73 27.57
CA TRP A 175 -0.52 2.82 27.89
C TRP A 175 0.08 1.43 27.96
N GLY A 176 -0.55 0.49 28.62
CA GLY A 176 0.03 -0.84 28.72
C GLY A 176 0.20 -1.47 27.37
N THR A 177 -0.89 -1.47 26.57
CA THR A 177 -0.83 -2.04 25.22
C THR A 177 0.20 -1.30 24.36
N GLY A 178 0.17 0.05 24.38
CA GLY A 178 1.09 0.83 23.57
C GLY A 178 2.56 0.62 23.93
N LYS A 179 2.85 0.63 25.19
CA LYS A 179 4.23 0.32 25.60
C LYS A 179 4.67 -1.05 25.09
N LEU A 180 3.79 -2.06 25.24
CA LEU A 180 4.13 -3.37 24.72
C LEU A 180 4.33 -3.39 23.22
N MET A 181 3.36 -2.85 22.42
CA MET A 181 3.47 -2.96 20.98
C MET A 181 4.63 -2.09 20.46
N PHE A 182 4.76 -0.86 20.99
CA PHE A 182 5.62 0.15 20.35
C PHE A 182 7.02 0.25 21.00
N SER A 183 7.12 0.19 22.32
CA SER A 183 8.41 0.32 22.99
C SER A 183 9.11 -1.02 23.13
N ALA A 184 8.38 -2.13 23.28
CA ALA A 184 8.94 -3.43 23.68
C ALA A 184 9.08 -4.30 22.45
N ILE A 185 7.96 -4.66 21.79
CA ILE A 185 8.01 -5.42 20.55
C ILE A 185 8.58 -4.54 19.45
N GLN A 186 8.16 -3.28 19.44
CA GLN A 186 8.52 -2.29 18.43
C GLN A 186 7.99 -2.62 17.05
N THR A 187 6.74 -3.13 16.95
CA THR A 187 6.14 -3.43 15.67
C THR A 187 5.36 -2.21 15.14
N PRO A 188 5.48 -1.93 13.84
CA PRO A 188 4.65 -0.93 13.17
C PRO A 188 3.37 -1.57 12.61
N MET A 189 3.23 -2.92 12.74
CA MET A 189 2.14 -3.59 12.08
C MET A 189 0.89 -3.60 12.95
N VAL A 190 0.38 -2.39 13.22
CA VAL A 190 -0.67 -2.16 14.22
C VAL A 190 -1.77 -1.33 13.56
N ARG A 191 -3.00 -1.82 13.67
CA ARG A 191 -4.16 -0.99 13.37
C ARG A 191 -4.93 -0.73 14.65
N ILE A 192 -6.00 0.04 14.45
CA ILE A 192 -6.81 0.47 15.58
C ILE A 192 -8.16 -0.26 15.44
N HIS A 193 -8.95 -0.26 16.55
CA HIS A 193 -10.19 -1.03 16.56
C HIS A 193 -11.11 -0.64 15.42
N ASN A 194 -11.12 0.64 15.07
CA ASN A 194 -12.13 1.16 14.15
C ASN A 194 -11.58 1.65 12.80
N ARG A 195 -10.26 1.47 12.53
CA ARG A 195 -9.69 1.90 11.27
C ARG A 195 -8.44 1.06 11.03
N PRO A 196 -8.19 0.74 9.73
CA PRO A 196 -7.22 -0.29 9.41
C PRO A 196 -5.77 0.13 9.27
N ALA A 197 -5.40 1.25 9.88
CA ALA A 197 -4.02 1.70 9.91
C ALA A 197 -3.84 2.49 11.19
N TYR A 198 -2.60 2.91 11.49
CA TYR A 198 -2.35 3.62 12.73
C TYR A 198 -2.38 5.11 12.38
N ASN A 199 -3.56 5.69 12.52
CA ASN A 199 -3.82 7.01 12.00
C ASN A 199 -4.79 7.74 12.96
N SER A 200 -5.07 9.01 12.63
CA SER A 200 -6.00 9.84 13.36
C SER A 200 -7.28 9.96 12.55
N GLU A 201 -8.42 10.08 13.26
CA GLU A 201 -9.66 10.43 12.60
C GLU A 201 -9.70 11.91 12.19
N CYS A 202 -8.80 12.71 12.78
CA CYS A 202 -8.90 14.16 12.73
C CYS A 202 -7.57 14.77 12.29
N HIS A 203 -6.93 14.19 11.29
CA HIS A 203 -5.64 14.73 10.87
C HIS A 203 -5.78 16.19 10.40
N ALA A 204 -6.75 16.47 9.52
CA ALA A 204 -6.85 17.79 8.92
C ALA A 204 -7.12 18.81 10.03
N THR A 205 -8.17 18.61 10.87
CA THR A 205 -8.42 19.59 11.92
C THR A 205 -7.19 19.81 12.81
N ARG A 206 -6.55 18.73 13.24
CA ARG A 206 -5.38 18.89 14.12
C ARG A 206 -4.25 19.63 13.39
N GLU A 207 -4.04 19.37 12.09
CA GLU A 207 -2.98 20.03 11.34
C GLU A 207 -3.24 21.52 11.20
N MET A 208 -4.52 21.90 11.07
CA MET A 208 -4.97 23.28 10.94
C MET A 208 -4.91 24.02 12.28
N GLY A 209 -4.68 23.29 13.38
CA GLY A 209 -4.40 23.86 14.69
C GLY A 209 -5.53 23.70 15.68
N ILE A 210 -6.55 22.91 15.34
CA ILE A 210 -7.74 22.76 16.19
C ILE A 210 -7.95 21.31 16.60
N GLY A 211 -7.61 21.02 17.84
CA GLY A 211 -7.90 19.70 18.42
C GLY A 211 -9.39 19.46 18.39
N GLU A 212 -9.82 18.22 18.20
CA GLU A 212 -11.22 17.99 17.94
C GLU A 212 -12.16 18.04 19.15
N LEU A 213 -11.66 18.07 20.38
CA LEU A 213 -12.52 18.24 21.56
C LEU A 213 -12.12 19.58 22.17
N ASN A 214 -12.69 20.67 21.68
CA ASN A 214 -12.18 21.97 22.01
C ASN A 214 -13.16 22.82 22.81
N ASN A 215 -14.25 22.25 23.28
CA ASN A 215 -15.26 23.00 24.04
C ASN A 215 -15.73 22.22 25.26
N ALA A 216 -16.76 22.78 25.92
CA ALA A 216 -17.41 22.10 27.01
C ALA A 216 -18.83 21.74 26.58
N TYR A 217 -19.45 20.78 27.29
CA TYR A 217 -20.84 20.48 27.02
C TYR A 217 -21.72 21.70 27.33
N GLU A 218 -21.25 22.58 28.25
CA GLU A 218 -21.96 23.81 28.54
C GLU A 218 -22.08 24.67 27.30
N ASP A 219 -21.12 24.58 26.38
CA ASP A 219 -21.20 25.40 25.17
C ASP A 219 -22.46 25.10 24.37
N ALA A 220 -22.92 23.83 24.38
CA ALA A 220 -24.16 23.52 23.66
C ALA A 220 -25.36 24.24 24.25
N GLN A 221 -25.27 24.60 25.52
CA GLN A 221 -26.32 25.32 26.20
C GLN A 221 -26.26 26.82 25.88
N LEU A 222 -25.10 27.30 25.45
CA LEU A 222 -24.89 28.75 25.24
C LEU A 222 -24.98 29.14 23.79
N ALA A 223 -25.06 28.16 22.87
CA ALA A 223 -25.12 28.42 21.44
C ALA A 223 -26.43 29.10 21.04
N ASP A 224 -26.34 29.93 20.00
CA ASP A 224 -27.50 30.31 19.23
C ASP A 224 -27.94 29.20 18.27
N VAL A 225 -26.97 28.56 17.60
CA VAL A 225 -27.22 27.56 16.60
C VAL A 225 -26.30 26.37 16.87
N ILE A 226 -26.86 25.18 16.71
CA ILE A 226 -26.05 23.98 16.72
C ILE A 226 -26.14 23.30 15.37
N TRP A 227 -24.99 22.96 14.76
CA TRP A 227 -24.94 22.09 13.61
C TRP A 227 -24.58 20.68 14.10
N SER A 228 -25.31 19.72 13.59
CA SER A 228 -24.99 18.28 13.78
C SER A 228 -24.74 17.65 12.43
N ILE A 229 -23.47 17.40 12.17
CA ILE A 229 -22.94 17.07 10.84
C ILE A 229 -22.51 15.60 10.85
N GLY A 230 -23.22 14.79 10.06
CA GLY A 230 -22.86 13.38 10.00
C GLY A 230 -22.98 12.73 11.37
N ASN A 231 -24.11 13.00 12.02
CA ASN A 231 -24.29 12.69 13.43
C ASN A 231 -25.77 12.44 13.78
N ASN A 232 -26.01 11.44 14.63
CA ASN A 232 -27.39 11.10 15.06
C ASN A 232 -27.44 11.13 16.58
N PRO A 233 -27.30 12.33 17.18
CA PRO A 233 -26.96 12.42 18.61
C PRO A 233 -27.98 11.92 19.63
N TYR A 234 -29.28 11.98 19.31
CA TYR A 234 -30.16 11.34 20.26
C TYR A 234 -29.85 9.86 20.44
N GLU A 235 -29.44 9.15 19.37
CA GLU A 235 -29.16 7.74 19.44
C GLU A 235 -27.74 7.47 19.89
N SER A 236 -26.77 8.33 19.49
CA SER A 236 -25.36 7.96 19.62
C SER A 236 -24.64 8.78 20.70
N GLN A 237 -25.22 9.92 21.19
CA GLN A 237 -24.61 10.70 22.26
C GLN A 237 -25.74 11.19 23.17
N THR A 238 -26.62 10.27 23.48
CA THR A 238 -27.95 10.50 24.02
C THR A 238 -28.03 11.59 25.07
N ASN A 239 -27.26 11.48 26.16
CA ASN A 239 -27.51 12.36 27.28
C ASN A 239 -26.80 13.72 27.08
N TYR A 240 -25.91 13.82 26.12
CA TYR A 240 -25.39 15.15 25.77
C TYR A 240 -26.55 15.88 25.08
N PHE A 241 -27.15 15.21 24.09
CA PHE A 241 -28.30 15.75 23.39
C PHE A 241 -29.41 16.12 24.40
N LEU A 242 -29.75 15.18 25.30
CA LEU A 242 -30.87 15.35 26.23
C LEU A 242 -30.61 16.36 27.33
N ASN A 243 -29.41 16.37 27.90
CA ASN A 243 -29.11 17.17 29.06
C ASN A 243 -28.57 18.56 28.71
N HIS A 244 -28.11 18.76 27.48
CA HIS A 244 -27.51 20.06 27.14
C HIS A 244 -28.12 20.67 25.90
N TRP A 245 -28.32 19.89 24.82
CA TRP A 245 -28.88 20.46 23.59
C TRP A 245 -30.36 20.83 23.75
N LEU A 246 -31.17 19.89 24.23
CA LEU A 246 -32.61 20.09 24.25
C LEU A 246 -32.97 21.23 25.19
N PRO A 247 -32.35 21.37 26.39
CA PRO A 247 -32.63 22.53 27.23
C PRO A 247 -32.43 23.85 26.49
N ASN A 248 -31.43 23.94 25.64
CA ASN A 248 -31.20 25.16 24.88
C ASN A 248 -32.39 25.35 23.93
N LEU A 249 -32.74 24.30 23.16
CA LEU A 249 -33.86 24.44 22.19
C LEU A 249 -35.18 24.78 22.92
N GLN A 250 -35.35 24.29 24.16
CA GLN A 250 -36.56 24.60 24.91
C GLN A 250 -36.60 25.99 25.54
N GLY A 251 -35.52 26.75 25.53
CA GLY A 251 -35.51 28.07 26.11
C GLY A 251 -35.07 28.08 27.57
N ALA A 252 -34.58 26.93 28.11
CA ALA A 252 -34.23 26.85 29.52
C ALA A 252 -32.90 27.52 29.85
N THR A 253 -32.11 27.86 28.81
CA THR A 253 -30.79 28.42 29.05
C THR A 253 -30.70 29.88 28.60
N THR A 254 -31.81 30.44 28.15
CA THR A 254 -31.82 31.82 27.65
C THR A 254 -31.35 32.81 28.73
N SER A 255 -31.76 32.60 29.97
CA SER A 255 -31.40 33.52 31.02
CA SER A 255 -31.41 33.52 31.02
C SER A 255 -29.90 33.45 31.28
N LYS A 256 -29.31 32.24 31.18
CA LYS A 256 -27.87 32.11 31.33
C LYS A 256 -27.08 32.84 30.25
N LYS A 257 -27.50 32.74 28.99
CA LYS A 257 -26.88 33.45 27.91
C LYS A 257 -26.88 34.97 28.20
N LYS A 258 -28.09 35.48 28.53
CA LYS A 258 -28.28 36.90 28.75
C LYS A 258 -27.50 37.44 29.96
N GLU A 259 -27.32 36.62 31.00
CA GLU A 259 -26.56 37.03 32.17
C GLU A 259 -25.08 37.07 31.87
N ARG A 260 -24.60 36.10 31.06
CA ARG A 260 -23.21 36.11 30.66
C ARG A 260 -22.83 37.23 29.68
N PHE A 261 -23.79 37.64 28.83
CA PHE A 261 -23.54 38.53 27.72
C PHE A 261 -24.66 39.60 27.73
N PRO A 262 -24.57 40.57 28.68
CA PRO A 262 -25.66 41.52 28.92
C PRO A 262 -26.05 42.38 27.72
N ASN A 263 -25.14 42.54 26.72
CA ASN A 263 -25.38 43.47 25.63
C ASN A 263 -25.55 42.75 24.29
N GLU A 264 -26.02 41.50 24.36
CA GLU A 264 -26.11 40.63 23.19
C GLU A 264 -27.52 40.02 23.08
N ASN A 265 -28.11 40.11 21.88
CA ASN A 265 -29.36 39.45 21.61
C ASN A 265 -29.16 37.94 21.53
N PHE A 266 -30.16 37.22 22.06
CA PHE A 266 -30.19 35.76 21.94
C PHE A 266 -31.53 35.33 21.39
N PRO A 267 -31.65 35.05 20.09
CA PRO A 267 -32.90 34.56 19.54
C PRO A 267 -33.15 33.15 20.03
N GLN A 268 -34.32 32.67 19.74
CA GLN A 268 -34.56 31.25 20.04
C GLN A 268 -33.53 30.41 19.30
N ALA A 269 -33.06 29.36 19.99
CA ALA A 269 -31.96 28.55 19.45
C ALA A 269 -32.50 27.73 18.29
N ARG A 270 -31.63 27.44 17.33
CA ARG A 270 -31.99 26.68 16.17
C ARG A 270 -30.92 25.64 15.87
N ILE A 271 -31.29 24.62 15.10
CA ILE A 271 -30.49 23.42 14.92
C ILE A 271 -30.56 22.98 13.44
N ILE A 272 -29.41 22.65 12.92
CA ILE A 272 -29.19 22.31 11.54
C ILE A 272 -28.50 20.95 11.45
N PHE A 273 -29.15 20.02 10.77
CA PHE A 273 -28.57 18.72 10.56
C PHE A 273 -28.07 18.55 9.14
N VAL A 274 -26.86 18.07 8.99
CA VAL A 274 -26.34 17.70 7.71
C VAL A 274 -26.23 16.16 7.68
N ASP A 275 -27.15 15.52 6.99
CA ASP A 275 -27.25 14.08 7.04
C ASP A 275 -28.10 13.71 5.86
N PRO A 276 -27.64 12.81 4.93
CA PRO A 276 -28.51 12.37 3.86
C PRO A 276 -29.81 11.79 4.34
N ARG A 277 -29.79 11.23 5.56
CA ARG A 277 -30.92 10.48 6.09
C ARG A 277 -31.62 11.32 7.15
N GLU A 278 -32.94 11.23 7.18
CA GLU A 278 -33.75 11.78 8.26
C GLU A 278 -33.73 10.78 9.41
N THR A 279 -33.37 11.25 10.61
CA THR A 279 -33.15 10.35 11.75
C THR A 279 -34.09 10.66 12.89
N PRO A 280 -34.10 9.77 13.89
CA PRO A 280 -34.77 10.09 15.13
C PRO A 280 -34.32 11.45 15.73
N SER A 281 -33.07 11.85 15.55
CA SER A 281 -32.59 13.12 16.11
C SER A 281 -33.33 14.31 15.44
N VAL A 282 -33.48 14.27 14.12
CA VAL A 282 -34.23 15.27 13.38
C VAL A 282 -35.68 15.32 13.85
N ALA A 283 -36.31 14.11 13.96
CA ALA A 283 -37.69 14.02 14.43
C ALA A 283 -37.86 14.69 15.78
N ILE A 284 -36.94 14.44 16.72
CA ILE A 284 -37.10 14.95 18.06
C ILE A 284 -36.87 16.46 18.06
N ALA A 285 -35.85 16.92 17.34
CA ALA A 285 -35.58 18.35 17.28
C ALA A 285 -36.83 19.09 16.78
N ARG A 286 -37.50 18.53 15.76
CA ARG A 286 -38.67 19.20 15.20
C ARG A 286 -39.80 19.17 16.23
N HIS A 287 -39.95 18.04 16.93
CA HIS A 287 -40.96 17.97 17.99
C HIS A 287 -40.75 19.03 19.07
N VAL A 288 -39.50 19.24 19.51
CA VAL A 288 -39.19 20.10 20.62
C VAL A 288 -39.21 21.56 20.19
N ALA A 289 -38.61 21.88 19.05
CA ALA A 289 -38.37 23.27 18.70
C ALA A 289 -39.37 23.80 17.69
N GLY A 290 -40.06 22.90 17.03
CA GLY A 290 -40.89 23.25 15.87
C GLY A 290 -40.13 23.14 14.56
N ASN A 291 -40.81 22.82 13.48
CA ASN A 291 -40.23 22.70 12.16
C ASN A 291 -39.44 23.96 11.75
N ASP A 292 -39.93 25.15 12.11
CA ASP A 292 -39.34 26.40 11.63
C ASP A 292 -37.99 26.74 12.30
N ARG A 293 -37.59 26.03 13.36
CA ARG A 293 -36.33 26.17 14.01
C ARG A 293 -35.26 25.13 13.65
N VAL A 294 -35.68 24.18 12.81
CA VAL A 294 -34.84 23.06 12.46
C VAL A 294 -34.64 23.10 10.96
N LEU A 295 -33.38 22.94 10.48
CA LEU A 295 -33.12 22.69 9.06
C LEU A 295 -32.45 21.34 8.90
N HIS A 296 -33.05 20.47 8.11
CA HIS A 296 -32.45 19.25 7.68
C HIS A 296 -31.91 19.37 6.28
N LEU A 297 -30.58 19.48 6.18
N LEU A 297 -30.58 19.48 6.18
N LEU A 297 -30.57 19.47 6.18
CA LEU A 297 -29.90 19.55 4.89
CA LEU A 297 -29.89 19.52 4.89
CA LEU A 297 -29.86 19.53 4.91
C LEU A 297 -29.62 18.10 4.51
C LEU A 297 -29.62 18.09 4.52
C LEU A 297 -29.62 18.09 4.52
N ALA A 298 -30.56 17.56 3.74
CA ALA A 298 -30.60 16.17 3.38
C ALA A 298 -29.76 15.98 2.12
N ILE A 299 -28.46 16.19 2.29
CA ILE A 299 -27.49 16.15 1.21
C ILE A 299 -27.45 14.82 0.51
N GLU A 300 -27.05 14.84 -0.76
CA GLU A 300 -26.70 13.62 -1.43
C GLU A 300 -25.53 12.98 -0.68
N PRO A 301 -25.49 11.65 -0.56
CA PRO A 301 -24.36 10.98 0.04
C PRO A 301 -23.02 11.47 -0.48
N GLY A 302 -22.11 11.78 0.44
CA GLY A 302 -20.75 12.08 0.10
C GLY A 302 -20.52 13.49 -0.44
N THR A 303 -21.49 14.40 -0.30
CA THR A 303 -21.33 15.76 -0.85
C THR A 303 -21.01 16.84 0.16
N ASP A 304 -20.61 16.45 1.39
CA ASP A 304 -20.26 17.41 2.42
C ASP A 304 -19.28 18.47 2.00
N THR A 305 -18.20 18.10 1.33
CA THR A 305 -17.20 19.08 0.97
C THR A 305 -17.86 20.15 0.08
N ALA A 306 -18.66 19.74 -0.89
CA ALA A 306 -19.37 20.74 -1.74
C ALA A 306 -20.26 21.66 -0.92
N LEU A 307 -21.01 21.09 0.03
CA LEU A 307 -21.83 21.88 0.93
C LEU A 307 -20.97 22.95 1.63
N PHE A 308 -19.88 22.55 2.31
CA PHE A 308 -19.16 23.51 3.11
C PHE A 308 -18.43 24.55 2.22
N ASN A 309 -17.91 24.13 1.05
CA ASN A 309 -17.30 25.11 0.16
C ASN A 309 -18.33 26.12 -0.33
N GLY A 310 -19.59 25.71 -0.58
CA GLY A 310 -20.61 26.66 -1.01
C GLY A 310 -20.96 27.64 0.11
N LEU A 311 -21.06 27.10 1.34
CA LEU A 311 -21.33 27.95 2.48
C LEU A 311 -20.20 28.94 2.76
N PHE A 312 -18.97 28.47 2.68
CA PHE A 312 -17.81 29.32 2.91
C PHE A 312 -17.76 30.41 1.85
N THR A 313 -17.98 30.03 0.59
CA THR A 313 -17.96 30.98 -0.51
C THR A 313 -18.97 32.09 -0.26
N TYR A 314 -20.17 31.70 0.15
CA TYR A 314 -21.29 32.60 0.39
C TYR A 314 -21.05 33.54 1.56
N VAL A 315 -20.60 33.01 2.71
CA VAL A 315 -20.36 33.87 3.85
C VAL A 315 -19.26 34.89 3.56
N VAL A 316 -18.29 34.51 2.75
CA VAL A 316 -17.23 35.44 2.41
C VAL A 316 -17.79 36.54 1.49
N GLU A 317 -18.61 36.14 0.52
CA GLU A 317 -19.22 37.10 -0.38
C GLU A 317 -20.17 38.03 0.37
N GLN A 318 -20.83 37.58 1.43
CA GLN A 318 -21.75 38.41 2.19
C GLN A 318 -21.01 39.27 3.23
N GLY A 319 -19.74 38.97 3.50
CA GLY A 319 -18.95 39.55 4.56
C GLY A 319 -19.39 39.13 5.96
N TRP A 320 -20.04 37.96 6.06
CA TRP A 320 -20.44 37.35 7.32
C TRP A 320 -19.31 36.49 7.90
N ILE A 321 -18.17 37.18 8.06
CA ILE A 321 -16.94 36.60 8.58
C ILE A 321 -16.36 37.60 9.57
N ASP A 322 -15.32 37.18 10.28
CA ASP A 322 -14.66 37.98 11.29
C ASP A 322 -13.28 38.40 10.78
N LYS A 323 -13.28 39.48 9.98
CA LYS A 323 -12.05 39.90 9.32
C LYS A 323 -10.94 40.17 10.33
N PRO A 324 -11.17 40.82 11.48
CA PRO A 324 -10.06 41.05 12.43
C PRO A 324 -9.48 39.75 13.00
N PHE A 325 -10.35 38.76 13.26
CA PHE A 325 -9.88 37.48 13.75
C PHE A 325 -9.01 36.83 12.68
N ILE A 326 -9.49 36.81 11.43
CA ILE A 326 -8.73 36.25 10.32
C ILE A 326 -7.33 36.91 10.24
N GLU A 327 -7.31 38.24 10.31
CA GLU A 327 -6.08 38.96 10.12
C GLU A 327 -5.10 38.61 11.26
N ALA A 328 -5.57 38.53 12.50
CA ALA A 328 -4.71 38.41 13.66
C ALA A 328 -4.32 36.96 13.97
N HIS A 329 -5.18 35.98 13.64
CA HIS A 329 -5.06 34.65 14.22
C HIS A 329 -5.08 33.52 13.19
N THR A 330 -5.00 33.83 11.89
CA THR A 330 -5.07 32.81 10.84
C THR A 330 -4.08 33.03 9.74
N LYS A 331 -3.83 31.96 9.00
CA LYS A 331 -3.09 31.98 7.76
C LYS A 331 -3.89 31.26 6.69
N GLY A 332 -3.73 31.71 5.43
CA GLY A 332 -4.20 30.95 4.28
C GLY A 332 -5.60 31.29 3.78
N PHE A 333 -6.23 32.32 4.38
CA PHE A 333 -7.58 32.68 4.02
C PHE A 333 -7.76 32.95 2.51
N ASP A 334 -6.96 33.87 1.96
CA ASP A 334 -7.14 34.32 0.59
C ASP A 334 -7.01 33.16 -0.39
N ASP A 335 -6.08 32.26 -0.11
CA ASP A 335 -5.87 31.09 -0.95
C ASP A 335 -7.06 30.15 -0.87
N ALA A 336 -7.68 30.03 0.31
CA ALA A 336 -8.81 29.12 0.44
C ALA A 336 -10.04 29.65 -0.27
N VAL A 337 -10.21 30.98 -0.24
CA VAL A 337 -11.30 31.62 -0.96
C VAL A 337 -11.18 31.28 -2.43
N LYS A 338 -9.97 31.28 -2.98
CA LYS A 338 -9.82 30.94 -4.39
C LYS A 338 -10.02 29.45 -4.66
N THR A 339 -9.39 28.58 -3.87
CA THR A 339 -9.41 27.14 -4.15
C THR A 339 -10.79 26.52 -3.87
N ASN A 340 -11.53 27.08 -2.94
CA ASN A 340 -12.78 26.50 -2.49
C ASN A 340 -13.99 27.21 -3.06
N ARG A 341 -13.81 28.09 -4.04
CA ARG A 341 -14.91 28.85 -4.62
C ARG A 341 -15.93 27.85 -5.22
N LEU A 342 -17.18 28.03 -4.85
CA LEU A 342 -18.30 27.28 -5.37
C LEU A 342 -19.54 28.15 -5.20
N SER A 343 -20.26 28.40 -6.29
CA SER A 343 -21.46 29.19 -6.24
C SER A 343 -22.57 28.42 -5.53
N LEU A 344 -23.56 29.18 -5.04
CA LEU A 344 -24.72 28.51 -4.44
C LEU A 344 -25.45 27.60 -5.45
N ASP A 345 -25.58 28.03 -6.72
CA ASP A 345 -26.23 27.21 -7.72
C ASP A 345 -25.50 25.89 -7.92
N GLU A 346 -24.16 25.92 -7.97
CA GLU A 346 -23.37 24.72 -8.22
C GLU A 346 -23.42 23.85 -6.94
N CYS A 347 -23.39 24.50 -5.78
CA CYS A 347 -23.47 23.81 -4.51
C CYS A 347 -24.80 23.06 -4.41
N SER A 348 -25.87 23.76 -4.79
CA SER A 348 -27.23 23.21 -4.81
C SER A 348 -27.36 22.03 -5.77
N ASN A 349 -26.84 22.19 -7.00
CA ASN A 349 -26.81 21.10 -7.95
C ASN A 349 -26.06 19.86 -7.45
N ILE A 350 -24.92 20.01 -6.79
CA ILE A 350 -24.15 18.86 -6.32
C ILE A 350 -24.82 18.22 -5.12
N THR A 351 -25.25 19.03 -4.15
CA THR A 351 -25.68 18.49 -2.85
C THR A 351 -27.14 18.08 -2.93
N GLY A 352 -27.93 18.63 -3.87
CA GLY A 352 -29.38 18.45 -3.89
C GLY A 352 -30.11 19.37 -2.92
N VAL A 353 -29.43 20.21 -2.15
CA VAL A 353 -30.07 21.05 -1.17
C VAL A 353 -30.49 22.33 -1.90
N PRO A 354 -31.74 22.78 -1.79
CA PRO A 354 -32.17 24.02 -2.46
C PRO A 354 -31.40 25.25 -2.03
N VAL A 355 -31.21 26.15 -2.97
CA VAL A 355 -30.48 27.38 -2.69
C VAL A 355 -31.09 28.12 -1.51
N ASP A 356 -32.39 28.19 -1.44
CA ASP A 356 -32.99 28.91 -0.32
C ASP A 356 -32.66 28.29 1.04
N MET A 357 -32.54 26.95 1.11
N MET A 357 -32.54 26.95 1.11
CA MET A 357 -32.17 26.35 2.39
CA MET A 357 -32.17 26.35 2.39
C MET A 357 -30.68 26.61 2.72
C MET A 357 -30.68 26.62 2.71
N LEU A 358 -29.82 26.61 1.71
CA LEU A 358 -28.42 26.98 1.92
C LEU A 358 -28.31 28.40 2.46
N LYS A 359 -29.06 29.33 1.86
CA LYS A 359 -29.00 30.72 2.30
C LYS A 359 -29.57 30.84 3.72
N ARG A 360 -30.63 30.11 4.04
CA ARG A 360 -31.21 30.20 5.37
C ARG A 360 -30.22 29.68 6.41
N ALA A 361 -29.56 28.51 6.13
CA ALA A 361 -28.61 27.93 7.06
C ALA A 361 -27.53 28.99 7.34
N ALA A 362 -27.02 29.66 6.30
CA ALA A 362 -25.95 30.65 6.49
C ALA A 362 -26.46 31.87 7.27
N GLU A 363 -27.69 32.31 7.00
CA GLU A 363 -28.24 33.47 7.68
C GLU A 363 -28.46 33.21 9.18
N TRP A 364 -29.03 32.03 9.50
CA TRP A 364 -29.20 31.70 10.92
C TRP A 364 -27.85 31.67 11.62
N SER A 365 -26.82 31.15 10.95
CA SER A 365 -25.58 30.69 11.60
C SER A 365 -24.51 31.79 11.69
N TYR A 366 -24.48 32.67 10.65
CA TYR A 366 -23.32 33.51 10.42
C TYR A 366 -23.62 35.00 10.23
N LYS A 367 -24.85 35.36 9.85
CA LYS A 367 -25.15 36.79 9.71
C LYS A 367 -25.15 37.42 11.10
N PRO A 368 -24.48 38.58 11.29
CA PRO A 368 -24.48 39.22 12.59
C PRO A 368 -25.90 39.47 13.10
N LYS A 369 -25.98 39.29 14.42
CA LYS A 369 -27.21 39.56 15.17
C LYS A 369 -27.43 41.09 15.15
N ALA A 370 -28.64 41.50 15.53
CA ALA A 370 -29.02 42.93 15.54
C ALA A 370 -28.13 43.73 16.50
N SER A 371 -27.69 43.08 17.61
CA SER A 371 -26.78 43.72 18.54
C SER A 371 -25.35 43.81 18.08
N GLY A 372 -25.00 43.15 16.98
CA GLY A 372 -23.72 43.36 16.36
C GLY A 372 -22.83 42.14 16.35
N GLN A 373 -23.08 41.19 17.25
CA GLN A 373 -22.15 40.10 17.40
C GLN A 373 -22.58 38.99 16.45
N ALA A 374 -21.59 38.20 16.01
CA ALA A 374 -21.92 37.04 15.21
C ALA A 374 -22.67 36.02 16.06
N PRO A 375 -23.55 35.20 15.46
CA PRO A 375 -24.17 34.11 16.24
C PRO A 375 -23.08 33.21 16.79
N ARG A 376 -23.37 32.64 17.93
CA ARG A 376 -22.56 31.58 18.54
C ARG A 376 -23.01 30.23 17.95
N THR A 377 -22.28 29.72 16.98
CA THR A 377 -22.70 28.52 16.27
C THR A 377 -21.70 27.40 16.61
N MET A 378 -22.21 26.35 17.25
CA MET A 378 -21.41 25.21 17.61
C MET A 378 -21.54 24.18 16.49
N HIS A 379 -20.43 23.78 15.91
CA HIS A 379 -20.41 22.84 14.81
C HIS A 379 -19.96 21.47 15.37
N ALA A 380 -20.86 20.53 15.43
CA ALA A 380 -20.61 19.19 15.94
C ALA A 380 -20.65 18.24 14.76
N TYR A 381 -19.69 17.29 14.69
CA TYR A 381 -19.64 16.33 13.63
C TYR A 381 -19.25 14.94 14.17
N GLU A 382 -19.59 13.90 13.42
CA GLU A 382 -19.18 12.53 13.80
C GLU A 382 -19.05 11.70 12.55
N LYS A 383 -19.45 10.42 12.58
CA LYS A 383 -18.97 9.48 11.59
C LYS A 383 -19.55 9.65 10.20
N GLY A 384 -20.64 10.39 10.01
CA GLY A 384 -21.12 10.65 8.66
C GLY A 384 -20.11 11.42 7.81
N ILE A 385 -19.23 12.20 8.47
CA ILE A 385 -18.10 12.77 7.72
C ILE A 385 -16.76 12.17 8.08
N ILE A 386 -16.57 11.69 9.31
CA ILE A 386 -15.29 11.06 9.62
C ILE A 386 -15.12 9.79 8.78
N TRP A 387 -16.19 9.01 8.59
CA TRP A 387 -16.20 7.88 7.68
C TRP A 387 -16.84 8.25 6.35
N GLY A 388 -16.75 9.54 6.00
CA GLY A 388 -17.39 10.08 4.81
C GLY A 388 -16.49 10.05 3.59
N ASN A 389 -16.92 10.81 2.57
CA ASN A 389 -16.19 10.86 1.31
C ASN A 389 -14.93 11.76 1.45
N ASP A 390 -13.82 11.15 1.84
CA ASP A 390 -12.52 11.75 1.97
C ASP A 390 -12.49 12.59 3.26
N ASN A 391 -12.25 11.88 4.38
CA ASN A 391 -12.19 12.44 5.71
C ASN A 391 -11.41 13.76 5.76
N TYR A 392 -10.17 13.70 5.19
CA TYR A 392 -9.26 14.82 5.25
C TYR A 392 -9.85 16.07 4.59
N VAL A 393 -10.41 15.86 3.40
CA VAL A 393 -10.93 16.96 2.63
C VAL A 393 -12.20 17.56 3.26
N ILE A 394 -13.10 16.75 3.80
CA ILE A 394 -14.32 17.30 4.38
C ILE A 394 -13.97 18.19 5.57
N GLN A 395 -13.07 17.72 6.43
CA GLN A 395 -12.71 18.49 7.60
C GLN A 395 -12.02 19.78 7.16
N SER A 396 -11.21 19.73 6.11
CA SER A 396 -10.57 20.93 5.59
C SER A 396 -11.64 21.95 5.23
N ALA A 397 -12.68 21.54 4.55
CA ALA A 397 -13.72 22.40 4.06
C ALA A 397 -14.53 22.98 5.22
N LEU A 398 -14.89 22.11 6.17
CA LEU A 398 -15.68 22.54 7.33
C LEU A 398 -14.90 23.52 8.21
N LEU A 399 -13.67 23.16 8.56
CA LEU A 399 -12.88 24.00 9.43
C LEU A 399 -12.67 25.37 8.79
N ASP A 400 -12.52 25.41 7.46
CA ASP A 400 -12.35 26.71 6.82
C ASP A 400 -13.54 27.58 7.18
N LEU A 401 -14.77 27.03 7.06
CA LEU A 401 -15.95 27.81 7.37
C LEU A 401 -16.00 28.25 8.83
N VAL A 402 -15.62 27.35 9.75
CA VAL A 402 -15.60 27.68 11.16
C VAL A 402 -14.57 28.77 11.51
N ILE A 403 -13.37 28.64 10.99
CA ILE A 403 -12.29 29.60 11.33
C ILE A 403 -12.70 30.98 10.80
N ALA A 404 -13.19 31.07 9.57
CA ALA A 404 -13.53 32.36 8.98
C ALA A 404 -14.64 33.05 9.77
N THR A 405 -15.52 32.26 10.39
CA THR A 405 -16.63 32.78 11.14
C THR A 405 -16.35 32.77 12.64
N HIS A 406 -15.12 32.53 13.05
CA HIS A 406 -14.73 32.65 14.44
C HIS A 406 -15.59 31.80 15.34
N ASN A 407 -15.92 30.58 14.90
CA ASN A 407 -16.72 29.68 15.69
C ASN A 407 -15.91 28.59 16.41
N VAL A 408 -14.69 28.96 16.83
CA VAL A 408 -13.92 28.28 17.83
C VAL A 408 -13.42 29.31 18.81
N GLY A 409 -13.37 28.94 20.10
CA GLY A 409 -12.76 29.82 21.07
C GLY A 409 -13.74 30.80 21.73
N ARG A 410 -14.93 30.98 21.14
CA ARG A 410 -15.96 31.77 21.78
C ARG A 410 -16.93 30.84 22.51
N ARG A 411 -17.42 31.26 23.67
CA ARG A 411 -18.37 30.42 24.37
C ARG A 411 -19.63 30.23 23.52
N GLY A 412 -20.22 29.02 23.56
CA GLY A 412 -21.36 28.71 22.75
C GLY A 412 -20.99 28.30 21.33
N THR A 413 -19.68 28.10 21.09
CA THR A 413 -19.18 27.68 19.78
C THR A 413 -18.31 26.42 19.93
N GLY A 414 -17.47 26.20 18.90
CA GLY A 414 -16.68 25.00 18.83
C GLY A 414 -16.88 24.30 17.52
N CYS A 415 -15.84 23.65 17.06
CA CYS A 415 -15.99 22.74 15.94
C CYS A 415 -15.43 21.41 16.40
N VAL A 416 -16.33 20.49 16.80
CA VAL A 416 -15.96 19.43 17.69
C VAL A 416 -16.48 18.12 17.13
N ARG A 417 -15.68 17.08 17.41
CA ARG A 417 -16.26 15.75 17.34
C ARG A 417 -17.29 15.61 18.45
N MET A 418 -18.32 14.78 18.15
CA MET A 418 -19.25 14.30 19.14
C MET A 418 -18.69 13.06 19.86
N GLY A 419 -17.78 12.35 19.21
CA GLY A 419 -17.13 11.25 19.85
C GLY A 419 -17.94 9.96 19.72
N GLY A 420 -17.25 8.86 20.02
CA GLY A 420 -17.81 7.55 19.87
C GLY A 420 -17.82 6.82 21.22
N HIS A 421 -16.71 6.21 21.51
CA HIS A 421 -16.38 5.76 22.84
C HIS A 421 -15.87 6.99 23.60
N GLN A 422 -15.75 6.85 24.92
CA GLN A 422 -14.89 7.79 25.66
C GLN A 422 -13.47 7.69 25.14
N GLU A 423 -12.62 8.61 25.63
N GLU A 423 -12.62 8.60 25.63
CA GLU A 423 -11.24 8.67 25.22
CA GLU A 423 -11.24 8.69 25.21
C GLU A 423 -10.32 8.44 26.41
C GLU A 423 -10.32 8.45 26.41
N GLY A 424 -9.15 7.96 26.11
CA GLY A 424 -8.20 7.67 27.16
C GLY A 424 -6.86 7.25 26.64
N TYR A 425 -6.28 8.09 25.77
CA TYR A 425 -5.07 7.70 25.05
C TYR A 425 -3.81 8.24 25.72
N THR A 426 -2.91 7.30 26.06
CA THR A 426 -1.53 7.60 26.48
C THR A 426 -0.69 6.48 25.88
N ARG A 427 0.18 6.81 24.92
CA ARG A 427 1.03 5.81 24.31
C ARG A 427 2.39 6.42 23.89
N PRO A 428 3.40 5.55 23.70
CA PRO A 428 4.61 5.95 23.00
C PRO A 428 4.25 6.31 21.58
N PRO A 429 5.11 7.05 20.86
CA PRO A 429 4.88 7.26 19.43
C PRO A 429 4.86 5.96 18.63
N TYR A 430 4.03 5.98 17.59
CA TYR A 430 3.99 4.88 16.65
C TYR A 430 5.36 4.74 15.95
N PRO A 431 5.93 3.52 15.89
CA PRO A 431 7.33 3.32 15.50
C PRO A 431 7.52 2.99 14.02
N GLY A 432 6.91 3.77 13.17
CA GLY A 432 7.61 4.01 11.89
C GLY A 432 7.10 5.28 11.26
N ASP A 433 7.35 5.46 9.96
CA ASP A 433 6.69 6.57 9.30
C ASP A 433 5.96 6.10 8.05
N LYS A 434 5.58 4.81 7.98
CA LYS A 434 4.85 4.30 6.83
C LYS A 434 3.36 4.21 7.19
N LYS A 435 2.51 4.38 6.19
CA LYS A 435 1.06 4.20 6.33
C LYS A 435 0.77 2.79 5.88
N ILE A 436 0.35 1.91 6.79
CA ILE A 436 0.25 0.51 6.47
C ILE A 436 -1.18 0.02 6.68
N TYR A 437 -1.80 -0.43 5.59
CA TYR A 437 -3.18 -0.92 5.59
C TYR A 437 -3.20 -2.39 6.04
N ILE A 438 -3.44 -2.60 7.32
CA ILE A 438 -3.16 -3.86 7.95
C ILE A 438 -4.05 -4.97 7.39
N ASP A 439 -5.36 -4.70 7.19
CA ASP A 439 -6.18 -5.78 6.70
C ASP A 439 -5.67 -6.25 5.33
N GLN A 440 -5.24 -5.31 4.47
N GLN A 440 -5.25 -5.31 4.47
CA GLN A 440 -4.76 -5.68 3.15
CA GLN A 440 -4.77 -5.67 3.15
C GLN A 440 -3.52 -6.55 3.28
C GLN A 440 -3.52 -6.55 3.28
N GLU A 441 -2.61 -6.20 4.20
CA GLU A 441 -1.37 -6.95 4.40
C GLU A 441 -1.69 -8.38 4.86
N LEU A 442 -2.67 -8.51 5.80
CA LEU A 442 -3.05 -9.83 6.25
C LEU A 442 -3.67 -10.65 5.14
N ILE A 443 -4.55 -10.03 4.36
CA ILE A 443 -5.18 -10.70 3.22
C ILE A 443 -4.11 -11.15 2.20
N LYS A 444 -3.05 -10.37 2.06
CA LYS A 444 -1.98 -10.71 1.12
C LYS A 444 -1.02 -11.77 1.66
N GLY A 445 -1.17 -12.15 2.93
CA GLY A 445 -0.43 -13.25 3.51
C GLY A 445 0.71 -12.79 4.41
N LYS A 446 0.82 -11.50 4.78
CA LYS A 446 1.87 -11.06 5.66
C LYS A 446 1.53 -11.39 7.11
N GLY A 447 2.59 -11.50 7.91
CA GLY A 447 2.49 -11.67 9.33
C GLY A 447 2.53 -13.16 9.72
N ARG A 448 3.06 -13.40 10.90
CA ARG A 448 3.10 -14.73 11.52
C ARG A 448 2.05 -14.87 12.63
N ILE A 449 1.80 -13.81 13.36
CA ILE A 449 0.91 -13.76 14.49
C ILE A 449 0.11 -12.45 14.44
N MET A 450 -1.20 -12.60 14.65
CA MET A 450 -2.14 -11.48 14.67
C MET A 450 -2.92 -11.56 15.99
N THR A 451 -2.91 -10.48 16.73
CA THR A 451 -3.69 -10.37 17.97
C THR A 451 -4.79 -9.31 17.77
N TRP A 452 -6.05 -9.71 17.97
CA TRP A 452 -7.17 -8.81 18.13
C TRP A 452 -7.33 -8.53 19.62
N TRP A 453 -7.31 -7.29 20.00
CA TRP A 453 -7.24 -6.92 21.42
C TRP A 453 -8.35 -5.94 21.70
N GLY A 454 -9.44 -6.40 22.35
CA GLY A 454 -10.53 -5.43 22.61
C GLY A 454 -11.25 -4.95 21.35
N CYS A 455 -11.30 -5.77 20.30
CA CYS A 455 -12.00 -5.41 19.08
C CYS A 455 -12.38 -6.71 18.36
N ASN A 456 -13.26 -6.55 17.35
CA ASN A 456 -13.78 -7.70 16.65
C ASN A 456 -14.00 -7.24 15.21
N ASN A 457 -12.88 -7.28 14.43
CA ASN A 457 -12.93 -6.80 13.08
C ASN A 457 -13.65 -7.76 12.14
N PHE A 458 -13.96 -8.99 12.58
CA PHE A 458 -14.82 -9.87 11.79
C PHE A 458 -16.18 -9.23 11.57
N GLN A 459 -16.66 -8.46 12.58
CA GLN A 459 -17.90 -7.72 12.48
C GLN A 459 -17.73 -6.27 12.00
N THR A 460 -16.55 -5.64 12.16
CA THR A 460 -16.41 -4.19 12.05
C THR A 460 -15.39 -3.68 11.04
N SER A 461 -14.59 -4.53 10.40
CA SER A 461 -13.73 -4.03 9.34
C SER A 461 -14.55 -3.54 8.16
N ASN A 462 -13.96 -2.61 7.40
CA ASN A 462 -14.48 -2.35 6.06
C ASN A 462 -14.04 -3.51 5.19
N ASN A 463 -14.86 -3.82 4.17
CA ASN A 463 -14.59 -4.95 3.31
C ASN A 463 -14.40 -6.19 4.14
N ALA A 464 -15.30 -6.35 5.13
CA ALA A 464 -15.10 -7.35 6.19
C ALA A 464 -15.15 -8.78 5.70
N GLN A 465 -15.87 -9.06 4.58
CA GLN A 465 -15.99 -10.44 4.10
C GLN A 465 -14.63 -10.95 3.62
N ALA A 466 -13.93 -10.04 2.89
CA ALA A 466 -12.62 -10.45 2.36
C ALA A 466 -11.65 -10.71 3.50
N LEU A 467 -11.77 -9.94 4.59
CA LEU A 467 -10.94 -10.15 5.76
C LEU A 467 -11.26 -11.52 6.36
N ARG A 468 -12.54 -11.79 6.64
CA ARG A 468 -12.91 -13.05 7.23
C ARG A 468 -12.43 -14.23 6.42
N GLU A 469 -12.67 -14.17 5.12
CA GLU A 469 -12.27 -15.26 4.24
C GLU A 469 -10.79 -15.55 4.33
N ALA A 470 -9.98 -14.49 4.30
CA ALA A 470 -8.54 -14.71 4.42
C ALA A 470 -8.12 -15.24 5.80
N ILE A 471 -8.65 -14.68 6.90
CA ILE A 471 -8.25 -15.07 8.21
C ILE A 471 -8.70 -16.50 8.49
N LEU A 472 -9.89 -16.90 8.07
CA LEU A 472 -10.33 -18.27 8.25
C LEU A 472 -9.36 -19.19 7.52
N GLN A 473 -9.03 -18.83 6.27
CA GLN A 473 -8.14 -19.69 5.48
C GLN A 473 -6.79 -19.89 6.17
N ARG A 474 -6.18 -18.79 6.60
CA ARG A 474 -4.83 -18.80 7.15
C ARG A 474 -4.86 -19.47 8.53
N SER A 475 -5.94 -19.25 9.31
CA SER A 475 -6.05 -19.86 10.61
C SER A 475 -6.14 -21.40 10.47
N ALA A 476 -6.87 -21.87 9.46
CA ALA A 476 -7.11 -23.29 9.27
C ALA A 476 -5.78 -24.00 8.96
N ILE A 477 -4.87 -23.32 8.22
CA ILE A 477 -3.55 -23.89 7.96
C ILE A 477 -2.83 -24.21 9.28
N VAL A 478 -2.93 -23.28 10.26
CA VAL A 478 -2.30 -23.50 11.56
C VAL A 478 -3.02 -24.65 12.31
N LYS A 479 -4.36 -24.65 12.27
CA LYS A 479 -5.13 -25.71 12.93
C LYS A 479 -4.71 -27.08 12.44
N GLN A 480 -4.57 -27.19 11.11
CA GLN A 480 -4.24 -28.48 10.49
C GLN A 480 -2.88 -28.94 10.95
N ALA A 481 -1.93 -28.02 11.01
CA ALA A 481 -0.59 -28.36 11.44
C ALA A 481 -0.55 -28.70 12.91
N MET A 482 -1.16 -27.87 13.78
CA MET A 482 -1.13 -28.15 15.22
C MET A 482 -1.74 -29.51 15.55
N GLN A 483 -2.82 -29.90 14.88
CA GLN A 483 -3.54 -31.11 15.28
C GLN A 483 -2.75 -32.38 14.92
N LYS A 484 -1.70 -32.25 14.08
CA LYS A 484 -0.85 -33.40 13.81
C LYS A 484 0.14 -33.64 14.94
N ALA A 485 0.30 -32.68 15.85
CA ALA A 485 1.23 -32.85 16.96
C ALA A 485 0.72 -33.92 17.93
N ARG A 486 1.68 -34.58 18.58
CA ARG A 486 1.38 -35.55 19.62
C ARG A 486 2.41 -35.41 20.72
N GLY A 487 1.98 -34.97 21.90
CA GLY A 487 2.94 -34.93 22.95
C GLY A 487 3.92 -33.77 22.79
N ALA A 488 3.55 -32.78 21.99
CA ALA A 488 4.44 -31.63 21.75
C ALA A 488 4.63 -30.80 23.01
N THR A 489 5.90 -30.56 23.34
CA THR A 489 6.29 -29.57 24.32
C THR A 489 5.98 -28.18 23.73
N THR A 490 6.05 -27.17 24.58
CA THR A 490 5.75 -25.80 24.15
C THR A 490 6.67 -25.40 23.00
N GLU A 491 7.97 -25.67 23.17
CA GLU A 491 8.97 -25.37 22.16
C GLU A 491 8.65 -26.07 20.86
N GLU A 492 8.28 -27.38 20.93
CA GLU A 492 7.95 -28.11 19.74
C GLU A 492 6.72 -27.51 19.03
N MET A 493 5.73 -27.08 19.84
CA MET A 493 4.49 -26.62 19.23
C MET A 493 4.73 -25.21 18.62
N VAL A 494 5.52 -24.37 19.26
CA VAL A 494 5.94 -23.10 18.68
C VAL A 494 6.57 -23.32 17.31
N ASP A 495 7.42 -24.34 17.22
CA ASP A 495 8.02 -24.66 15.94
C ASP A 495 7.02 -25.09 14.89
N VAL A 496 6.08 -25.97 15.28
CA VAL A 496 5.06 -26.45 14.34
C VAL A 496 4.25 -25.25 13.81
N ILE A 497 3.80 -24.39 14.75
CA ILE A 497 3.03 -23.24 14.37
C ILE A 497 3.84 -22.33 13.41
N TYR A 498 5.09 -21.98 13.80
CA TYR A 498 5.88 -21.07 12.98
C TYR A 498 6.04 -21.63 11.55
N GLU A 499 6.30 -22.96 11.43
CA GLU A 499 6.45 -23.57 10.12
C GLU A 499 5.13 -23.48 9.33
N ALA A 500 3.97 -23.61 10.00
CA ALA A 500 2.72 -23.41 9.28
C ALA A 500 2.59 -21.97 8.77
N THR A 501 3.08 -21.01 9.52
CA THR A 501 3.00 -19.62 9.07
C THR A 501 3.95 -19.36 7.90
N GLN A 502 4.94 -20.24 7.70
CA GLN A 502 5.78 -20.09 6.51
C GLN A 502 5.09 -20.65 5.30
N ASN A 503 4.01 -21.41 5.52
CA ASN A 503 3.20 -22.03 4.49
C ASN A 503 1.82 -21.41 4.39
N GLY A 504 1.71 -20.08 4.65
CA GLY A 504 0.49 -19.35 4.41
C GLY A 504 -0.36 -19.16 5.67
N GLY A 505 0.03 -19.81 6.75
CA GLY A 505 -0.76 -19.81 7.99
C GLY A 505 -0.60 -18.53 8.77
N LEU A 506 -1.45 -18.35 9.79
CA LEU A 506 -1.44 -17.20 10.68
C LEU A 506 -1.92 -17.65 12.04
N PHE A 507 -1.15 -17.38 13.08
CA PHE A 507 -1.57 -17.66 14.44
C PHE A 507 -2.39 -16.49 14.96
N VAL A 508 -3.56 -16.78 15.51
CA VAL A 508 -4.53 -15.75 15.85
C VAL A 508 -4.86 -15.78 17.35
N THR A 509 -4.66 -14.63 17.99
CA THR A 509 -5.01 -14.51 19.41
C THR A 509 -6.10 -13.44 19.53
N SER A 510 -7.01 -13.64 20.49
CA SER A 510 -8.04 -12.66 20.83
C SER A 510 -7.99 -12.41 22.31
N ILE A 511 -7.94 -11.16 22.73
CA ILE A 511 -7.97 -10.77 24.13
C ILE A 511 -9.22 -9.94 24.35
N ASN A 512 -10.14 -10.46 25.17
CA ASN A 512 -11.56 -10.12 25.06
C ASN A 512 -12.30 -10.48 26.33
N LEU A 513 -13.52 -9.92 26.49
CA LEU A 513 -14.49 -10.30 27.48
C LEU A 513 -15.22 -11.63 27.13
N TYR A 514 -15.37 -11.95 25.85
CA TYR A 514 -16.22 -13.02 25.38
C TYR A 514 -15.55 -13.73 24.19
N PRO A 515 -16.00 -14.94 23.87
CA PRO A 515 -15.43 -15.65 22.71
C PRO A 515 -15.56 -14.83 21.41
N THR A 516 -16.77 -14.28 21.16
CA THR A 516 -17.13 -13.56 19.95
C THR A 516 -17.06 -14.45 18.71
N LYS A 517 -17.42 -13.91 17.56
CA LYS A 517 -17.20 -14.59 16.29
C LYS A 517 -15.73 -14.87 16.02
N LEU A 518 -14.82 -14.15 16.66
CA LEU A 518 -13.41 -14.39 16.48
C LEU A 518 -13.06 -15.83 16.88
N ALA A 519 -13.81 -16.40 17.78
CA ALA A 519 -13.55 -17.79 18.21
C ALA A 519 -13.60 -18.78 17.06
N GLU A 520 -14.22 -18.40 15.94
N GLU A 520 -14.23 -18.39 15.93
CA GLU A 520 -14.26 -19.29 14.79
CA GLU A 520 -14.28 -19.22 14.74
C GLU A 520 -12.89 -19.39 14.14
C GLU A 520 -12.89 -19.39 14.14
N ALA A 521 -12.01 -18.39 14.38
CA ALA A 521 -10.66 -18.38 13.77
C ALA A 521 -9.52 -18.49 14.78
N ALA A 522 -9.74 -18.01 16.00
CA ALA A 522 -8.67 -17.84 16.95
C ALA A 522 -8.07 -19.20 17.35
N HIS A 523 -6.79 -19.16 17.72
CA HIS A 523 -6.11 -20.28 18.34
C HIS A 523 -5.92 -20.11 19.83
N LEU A 524 -6.02 -18.88 20.34
CA LEU A 524 -5.73 -18.56 21.73
C LEU A 524 -6.68 -17.41 22.08
N MET A 525 -7.30 -17.49 23.23
CA MET A 525 -8.14 -16.40 23.69
C MET A 525 -7.81 -16.14 25.17
N LEU A 526 -7.62 -14.84 25.55
CA LEU A 526 -7.23 -14.48 26.88
C LEU A 526 -8.33 -13.68 27.51
N PRO A 527 -8.72 -13.98 28.77
CA PRO A 527 -9.79 -13.24 29.46
C PRO A 527 -9.44 -11.89 30.08
N ALA A 528 -10.18 -10.85 29.69
CA ALA A 528 -9.97 -9.50 30.18
C ALA A 528 -11.05 -9.10 31.22
N ALA A 529 -10.80 -7.96 31.88
CA ALA A 529 -11.67 -7.41 32.90
C ALA A 529 -12.15 -6.02 32.47
N HIS A 530 -13.38 -5.65 32.86
CA HIS A 530 -13.97 -4.37 32.51
C HIS A 530 -14.16 -3.48 33.74
N PRO A 531 -14.50 -2.17 33.57
CA PRO A 531 -14.55 -1.25 34.72
C PRO A 531 -15.49 -1.68 35.82
N GLY A 532 -15.01 -1.63 37.06
CA GLY A 532 -15.74 -2.21 38.17
C GLY A 532 -15.16 -3.54 38.64
N GLU A 533 -14.61 -4.32 37.71
CA GLU A 533 -13.71 -5.42 38.05
C GLU A 533 -12.26 -4.91 38.15
N MET A 534 -12.06 -3.63 37.74
CA MET A 534 -10.78 -2.95 37.79
C MET A 534 -11.07 -1.47 37.92
N ASN A 535 -10.08 -0.71 38.40
CA ASN A 535 -10.10 0.72 38.32
C ASN A 535 -9.78 1.14 36.90
N LEU A 536 -10.35 2.28 36.46
CA LEU A 536 -10.11 2.75 35.11
C LEU A 536 -10.36 4.26 34.99
N THR A 537 -9.53 4.91 34.23
CA THR A 537 -9.68 6.33 33.95
C THR A 537 -9.96 6.52 32.49
N SER A 538 -10.75 7.55 32.20
N SER A 538 -10.75 7.55 32.20
CA SER A 538 -11.07 7.97 30.84
CA SER A 538 -11.04 7.99 30.84
C SER A 538 -11.72 9.34 30.90
C SER A 538 -11.71 9.34 30.90
N MET A 539 -11.78 9.98 29.74
CA MET A 539 -12.44 11.26 29.58
C MET A 539 -13.57 11.21 28.56
N ASN A 540 -14.51 12.15 28.70
CA ASN A 540 -15.65 12.27 27.80
C ASN A 540 -15.41 13.32 26.71
N GLY A 541 -16.48 13.71 26.02
CA GLY A 541 -16.33 14.53 24.84
C GLY A 541 -16.06 16.00 25.14
N GLU A 542 -15.98 16.37 26.44
CA GLU A 542 -15.48 17.68 26.86
C GLU A 542 -14.21 17.50 27.70
N ARG A 543 -13.52 16.35 27.51
CA ARG A 543 -12.21 16.14 28.13
C ARG A 543 -12.31 15.97 29.64
N ARG A 544 -13.47 15.58 30.15
CA ARG A 544 -13.67 15.43 31.58
C ARG A 544 -13.21 14.04 32.02
N ILE A 545 -12.07 14.00 32.69
CA ILE A 545 -11.46 12.75 33.17
C ILE A 545 -12.08 12.38 34.50
N ARG A 546 -12.52 11.10 34.63
CA ARG A 546 -13.04 10.54 35.88
C ARG A 546 -12.37 9.18 36.12
N LEU A 547 -12.36 8.74 37.37
CA LEU A 547 -12.04 7.42 37.84
C LEU A 547 -13.32 6.58 38.04
N SER A 548 -13.32 5.44 37.34
CA SER A 548 -14.27 4.37 37.58
C SER A 548 -13.66 3.41 38.60
N GLU A 549 -14.34 3.19 39.72
CA GLU A 549 -13.78 2.45 40.86
C GLU A 549 -14.12 0.97 40.81
N LYS A 550 -13.11 0.15 41.16
CA LYS A 550 -13.34 -1.26 41.34
C LYS A 550 -14.32 -1.48 42.50
N PHE A 551 -15.23 -2.45 42.31
CA PHE A 551 -16.12 -2.83 43.39
C PHE A 551 -16.35 -4.35 43.45
N MET A 552 -15.89 -5.11 42.45
CA MET A 552 -16.09 -6.56 42.46
C MET A 552 -14.92 -7.22 41.78
N ASP A 553 -14.89 -8.55 41.91
CA ASP A 553 -13.82 -9.29 41.27
C ASP A 553 -14.15 -9.60 39.84
N PRO A 554 -13.16 -9.75 38.98
CA PRO A 554 -13.42 -10.24 37.63
C PRO A 554 -13.78 -11.69 37.66
N PRO A 555 -14.38 -12.22 36.59
CA PRO A 555 -14.66 -13.70 36.56
C PRO A 555 -13.36 -14.49 36.47
N GLY A 556 -13.31 -15.64 37.15
CA GLY A 556 -12.16 -16.53 37.07
C GLY A 556 -10.84 -15.80 37.16
N THR A 557 -9.97 -15.99 36.16
CA THR A 557 -8.65 -15.40 36.15
C THR A 557 -8.55 -14.26 35.14
N ALA A 558 -9.67 -13.65 34.79
CA ALA A 558 -9.70 -12.51 33.89
C ALA A 558 -8.85 -11.37 34.48
N MET A 559 -8.20 -10.61 33.61
N MET A 559 -8.22 -10.60 33.61
CA MET A 559 -7.22 -9.61 34.01
CA MET A 559 -7.23 -9.61 34.00
C MET A 559 -7.44 -8.28 33.27
C MET A 559 -7.44 -8.28 33.27
N ALA A 560 -7.14 -7.15 33.93
CA ALA A 560 -7.05 -5.84 33.25
C ALA A 560 -6.09 -5.95 32.08
N ASP A 561 -6.43 -5.30 30.99
CA ASP A 561 -5.69 -5.35 29.77
C ASP A 561 -4.25 -4.85 30.01
N CYS A 562 -4.09 -3.76 30.77
CA CYS A 562 -2.74 -3.27 30.98
C CYS A 562 -1.87 -4.31 31.69
N LEU A 563 -2.49 -5.11 32.56
CA LEU A 563 -1.77 -6.16 33.26
C LEU A 563 -1.57 -7.38 32.39
N ILE A 564 -2.44 -7.68 31.42
CA ILE A 564 -2.17 -8.69 30.44
C ILE A 564 -0.93 -8.29 29.61
N ALA A 565 -0.87 -7.01 29.23
CA ALA A 565 0.30 -6.52 28.52
C ALA A 565 1.59 -6.70 29.36
N ALA A 566 1.51 -6.44 30.64
CA ALA A 566 2.67 -6.59 31.51
C ALA A 566 3.06 -8.07 31.58
N ARG A 567 2.07 -8.95 31.65
N ARG A 567 2.07 -8.95 31.65
CA ARG A 567 2.34 -10.39 31.73
CA ARG A 567 2.34 -10.38 31.74
C ARG A 567 3.11 -10.85 30.49
C ARG A 567 3.11 -10.86 30.49
N ILE A 568 2.69 -10.37 29.32
CA ILE A 568 3.32 -10.71 28.07
C ILE A 568 4.75 -10.18 28.05
N ALA A 569 4.88 -8.91 28.44
CA ALA A 569 6.20 -8.26 28.40
C ALA A 569 7.15 -9.02 29.30
N ASN A 570 6.71 -9.32 30.51
CA ASN A 570 7.58 -10.02 31.45
C ASN A 570 7.90 -11.43 30.99
N ALA A 571 6.98 -12.09 30.28
CA ALA A 571 7.27 -13.42 29.77
C ALA A 571 8.37 -13.35 28.72
N LEU A 572 8.30 -12.32 27.88
CA LEU A 572 9.31 -12.13 26.84
C LEU A 572 10.64 -11.73 27.47
N ARG A 573 10.62 -10.80 28.41
CA ARG A 573 11.85 -10.42 29.13
C ARG A 573 12.55 -11.66 29.72
N ASP A 574 11.78 -12.53 30.39
CA ASP A 574 12.33 -13.72 31.02
C ASP A 574 12.96 -14.66 30.00
N MET A 575 12.32 -14.84 28.86
CA MET A 575 12.83 -15.72 27.81
C MET A 575 14.14 -15.17 27.27
N TYR A 576 14.19 -13.87 27.01
CA TYR A 576 15.40 -13.27 26.47
C TYR A 576 16.49 -13.39 27.53
N GLN A 577 16.20 -13.13 28.79
CA GLN A 577 17.20 -13.21 29.83
C GLN A 577 17.76 -14.64 29.92
N LYS A 578 16.89 -15.65 29.83
N LYS A 578 16.89 -15.65 29.83
CA LYS A 578 17.33 -17.05 29.89
CA LYS A 578 17.34 -17.04 29.90
C LYS A 578 18.30 -17.36 28.75
C LYS A 578 18.30 -17.36 28.75
N ASP A 579 18.07 -16.80 27.56
CA ASP A 579 18.91 -17.05 26.38
C ASP A 579 20.11 -16.13 26.28
N GLY A 580 20.36 -15.33 27.31
CA GLY A 580 21.52 -14.45 27.35
C GLY A 580 21.44 -13.29 26.37
N LYS A 581 20.23 -12.87 25.95
CA LYS A 581 20.11 -11.76 25.04
C LYS A 581 19.71 -10.51 25.83
N ALA A 582 20.73 -9.83 26.38
CA ALA A 582 20.52 -8.72 27.29
C ALA A 582 19.89 -7.51 26.58
N GLU A 583 20.25 -7.26 25.32
CA GLU A 583 19.71 -6.11 24.62
C GLU A 583 18.19 -6.31 24.40
N MET A 584 17.81 -7.52 23.98
CA MET A 584 16.40 -7.77 23.70
C MET A 584 15.63 -7.78 25.01
N ALA A 585 16.21 -8.34 26.09
CA ALA A 585 15.57 -8.35 27.40
C ALA A 585 15.29 -6.91 27.86
N ALA A 586 16.20 -5.99 27.59
CA ALA A 586 16.03 -4.64 28.05
C ALA A 586 14.85 -3.95 27.36
N GLN A 587 14.51 -4.33 26.13
CA GLN A 587 13.37 -3.74 25.46
C GLN A 587 12.07 -4.00 26.22
N PHE A 588 12.08 -5.08 27.01
CA PHE A 588 10.88 -5.51 27.73
C PHE A 588 10.86 -5.10 29.20
N GLU A 589 11.77 -4.20 29.62
CA GLU A 589 11.74 -3.71 30.98
C GLU A 589 10.59 -2.73 31.12
N GLY A 590 10.25 -2.45 32.37
CA GLY A 590 9.34 -1.37 32.73
C GLY A 590 7.88 -1.78 32.79
N PHE A 591 7.65 -3.06 33.06
CA PHE A 591 6.29 -3.60 33.27
C PHE A 591 6.18 -4.32 34.60
N ASP A 592 6.87 -3.78 35.64
CA ASP A 592 6.75 -4.35 36.97
C ASP A 592 5.49 -3.83 37.66
N TRP A 593 4.32 -4.22 37.13
CA TRP A 593 3.06 -3.65 37.56
C TRP A 593 2.21 -4.69 38.28
N LYS A 594 1.66 -4.29 39.41
CA LYS A 594 0.76 -5.13 40.19
C LYS A 594 -0.70 -4.69 40.07
N THR A 595 -0.91 -3.41 39.79
CA THR A 595 -2.26 -2.82 39.81
C THR A 595 -2.38 -1.93 38.59
N GLU A 596 -3.62 -1.60 38.20
CA GLU A 596 -3.75 -0.73 37.06
C GLU A 596 -3.27 0.72 37.39
N GLU A 597 -3.28 1.16 38.64
CA GLU A 597 -2.73 2.47 39.03
C GLU A 597 -1.24 2.53 38.68
N ASP A 598 -0.53 1.41 38.69
CA ASP A 598 0.87 1.39 38.29
C ASP A 598 1.02 1.78 36.83
N ALA A 599 0.08 1.39 35.95
CA ALA A 599 0.13 1.78 34.56
C ALA A 599 -0.24 3.27 34.39
N PHE A 600 -1.14 3.75 35.24
CA PHE A 600 -1.49 5.16 35.22
C PHE A 600 -0.30 6.02 35.60
N ASN A 601 0.40 5.58 36.65
CA ASN A 601 1.64 6.25 37.07
C ASN A 601 2.72 6.23 36.03
N ASP A 602 2.90 5.12 35.34
CA ASP A 602 3.99 4.95 34.37
C ASP A 602 3.77 5.73 33.08
N GLY A 603 2.51 5.96 32.71
CA GLY A 603 2.16 6.52 31.42
C GLY A 603 1.64 7.93 31.55
N PHE A 604 0.33 8.03 31.84
CA PHE A 604 -0.30 9.34 31.94
C PHE A 604 0.50 10.29 32.82
N ARG A 605 0.91 9.81 34.00
CA ARG A 605 1.55 10.65 34.97
C ARG A 605 3.03 10.87 34.69
N ARG A 606 3.60 10.21 33.68
CA ARG A 606 5.00 10.50 33.34
C ARG A 606 5.13 11.41 32.12
N ALA A 607 4.04 11.67 31.40
CA ALA A 607 4.14 12.49 30.20
C ALA A 607 4.77 13.86 30.47
N GLY A 608 5.83 14.12 29.70
CA GLY A 608 6.53 15.41 29.74
C GLY A 608 7.39 15.56 31.00
N GLN A 609 7.54 14.53 31.84
CA GLN A 609 8.24 14.67 33.12
C GLN A 609 9.74 14.44 32.91
N PRO A 610 10.61 14.93 33.84
CA PRO A 610 12.05 14.81 33.62
C PRO A 610 12.45 13.33 33.57
N GLY A 611 13.22 12.96 32.54
CA GLY A 611 13.73 11.60 32.45
C GLY A 611 12.73 10.64 31.81
N ALA A 612 11.55 11.16 31.42
CA ALA A 612 10.56 10.31 30.80
C ALA A 612 10.90 10.12 29.33
N PRO A 613 10.51 8.99 28.71
CA PRO A 613 10.59 8.83 27.27
C PRO A 613 9.48 9.63 26.56
N ALA A 614 9.48 9.63 25.23
CA ALA A 614 8.46 10.30 24.46
C ALA A 614 7.11 9.62 24.70
N ILE A 615 6.16 10.45 25.17
CA ILE A 615 4.81 10.00 25.48
C ILE A 615 3.79 10.91 24.82
N ASP A 616 2.82 10.33 24.08
CA ASP A 616 1.74 11.06 23.46
C ASP A 616 0.50 10.84 24.31
N SER A 617 0.09 11.84 25.08
CA SER A 617 -0.95 11.69 26.08
C SER A 617 -1.99 12.78 25.93
N GLN A 618 -3.27 12.38 26.01
CA GLN A 618 -4.31 13.40 26.07
C GLN A 618 -4.31 14.22 27.35
N GLY A 619 -3.58 13.79 28.40
CA GLY A 619 -3.42 14.50 29.63
C GLY A 619 -2.37 15.63 29.54
N GLY A 620 -1.48 15.52 28.55
CA GLY A 620 -0.39 16.47 28.39
C GLY A 620 0.59 16.40 29.55
N SER A 621 1.42 17.44 29.64
CA SER A 621 2.50 17.47 30.60
C SER A 621 2.04 17.73 32.05
N THR A 622 0.80 18.19 32.27
CA THR A 622 0.30 18.36 33.63
C THR A 622 -0.48 17.13 34.12
N GLY A 623 -0.42 16.02 33.38
CA GLY A 623 -1.14 14.81 33.78
C GLY A 623 -0.68 14.28 35.14
N HIS A 624 0.63 14.54 35.46
CA HIS A 624 1.18 14.12 36.75
C HIS A 624 0.39 14.68 37.92
N LEU A 625 -0.35 15.80 37.74
CA LEU A 625 -1.13 16.39 38.81
C LEU A 625 -2.33 15.50 39.18
N VAL A 626 -2.73 14.62 38.29
CA VAL A 626 -3.87 13.75 38.54
C VAL A 626 -3.38 12.49 39.24
N THR A 627 -4.07 12.09 40.29
CA THR A 627 -3.85 10.79 40.95
C THR A 627 -5.23 10.16 41.15
N TYR A 628 -5.31 8.87 41.50
CA TYR A 628 -6.59 8.29 41.72
C TYR A 628 -7.24 8.92 42.94
N ASP A 629 -6.46 9.18 44.00
CA ASP A 629 -7.10 9.76 45.17
C ASP A 629 -7.68 11.15 44.88
N ARG A 630 -6.99 11.93 44.07
CA ARG A 630 -7.49 13.28 43.72
C ARG A 630 -8.75 13.20 42.84
N LEU A 631 -8.77 12.24 41.90
CA LEU A 631 -9.96 12.00 41.08
C LEU A 631 -11.15 11.55 41.87
N ARG A 632 -10.88 10.68 42.86
N ARG A 632 -10.88 10.68 42.86
CA ARG A 632 -11.92 10.21 43.73
CA ARG A 632 -11.91 10.21 43.77
C ARG A 632 -12.56 11.40 44.46
C ARG A 632 -12.56 11.40 44.46
N LYS A 633 -11.74 12.33 44.95
CA LYS A 633 -12.24 13.50 45.65
C LYS A 633 -13.07 14.37 44.69
N SER A 634 -12.70 14.41 43.42
CA SER A 634 -13.42 15.21 42.42
C SER A 634 -14.78 14.63 42.11
N GLY A 635 -14.97 13.34 42.37
CA GLY A 635 -16.25 12.67 42.13
C GLY A 635 -16.52 12.49 40.64
N ASN A 636 -17.80 12.24 40.31
CA ASN A 636 -18.15 12.00 38.93
C ASN A 636 -18.09 13.27 38.08
N ASN A 637 -17.86 14.45 38.68
CA ASN A 637 -17.55 15.65 37.91
C ASN A 637 -16.09 15.72 37.46
N GLY A 638 -15.19 14.97 38.11
CA GLY A 638 -13.83 14.88 37.67
C GLY A 638 -13.21 16.28 37.48
N VAL A 639 -12.44 16.39 36.39
CA VAL A 639 -11.84 17.64 35.96
C VAL A 639 -11.75 17.63 34.44
N GLN A 640 -12.03 18.77 33.81
CA GLN A 640 -11.72 18.92 32.39
C GLN A 640 -10.25 19.13 32.18
N LEU A 641 -9.69 18.33 31.28
CA LEU A 641 -8.30 18.46 30.87
C LEU A 641 -8.15 19.61 29.91
N PRO A 642 -6.96 20.26 29.82
CA PRO A 642 -5.80 20.02 30.70
C PRO A 642 -5.96 20.52 32.10
N VAL A 643 -5.37 19.79 33.05
CA VAL A 643 -5.32 20.28 34.42
C VAL A 643 -4.42 21.52 34.45
N VAL A 644 -4.88 22.58 35.13
N VAL A 644 -4.88 22.58 35.13
CA VAL A 644 -4.13 23.81 35.29
CA VAL A 644 -4.07 23.79 35.25
C VAL A 644 -3.34 23.78 36.60
C VAL A 644 -3.36 23.81 36.59
N SER A 645 -4.01 23.33 37.65
CA SER A 645 -3.43 23.36 38.99
C SER A 645 -4.05 22.31 39.88
N TRP A 646 -3.31 22.00 40.94
CA TRP A 646 -3.81 21.20 42.01
C TRP A 646 -3.30 21.77 43.32
N ASP A 647 -4.20 21.93 44.28
CA ASP A 647 -3.80 21.98 45.70
C ASP A 647 -4.91 21.43 46.55
N GLU A 648 -4.63 21.26 47.86
CA GLU A 648 -5.57 20.56 48.71
C GLU A 648 -6.86 21.34 48.78
N SER A 649 -6.75 22.66 48.83
CA SER A 649 -7.91 23.50 49.14
C SER A 649 -8.83 23.66 47.92
N LYS A 650 -8.27 23.68 46.72
CA LYS A 650 -9.02 23.91 45.47
C LYS A 650 -9.30 22.60 44.70
N GLY A 651 -8.55 21.54 45.02
CA GLY A 651 -8.62 20.31 44.26
C GLY A 651 -8.02 20.49 42.87
N LEU A 652 -8.39 19.59 41.95
CA LEU A 652 -7.97 19.68 40.57
C LEU A 652 -8.76 20.79 39.86
N VAL A 653 -8.04 21.66 39.17
CA VAL A 653 -8.67 22.75 38.40
C VAL A 653 -8.29 22.57 36.96
N GLY A 654 -9.28 22.64 36.07
CA GLY A 654 -9.01 22.34 34.68
C GLY A 654 -9.45 23.45 33.73
N THR A 655 -9.78 23.03 32.49
CA THR A 655 -9.91 23.96 31.37
C THR A 655 -11.26 23.73 30.68
N GLU A 656 -12.06 24.81 30.58
CA GLU A 656 -13.40 24.62 30.05
C GLU A 656 -13.38 24.56 28.51
N MET A 657 -12.78 25.59 27.89
CA MET A 657 -12.79 25.71 26.44
C MET A 657 -11.36 25.96 25.97
N LEU A 658 -11.00 25.41 24.81
CA LEU A 658 -9.71 25.65 24.18
C LEU A 658 -9.83 26.82 23.19
N TYR A 659 -8.68 27.50 22.98
CA TYR A 659 -8.49 28.51 21.92
C TYR A 659 -9.16 29.84 22.20
N THR A 660 -9.49 30.14 23.48
CA THR A 660 -10.20 31.34 23.80
C THR A 660 -9.35 32.59 23.62
N GLU A 661 -8.05 32.46 23.43
CA GLU A 661 -7.18 33.62 23.13
C GLU A 661 -6.61 33.53 21.73
N GLY A 662 -7.06 32.55 20.97
CA GLY A 662 -6.67 32.45 19.56
C GLY A 662 -5.26 31.91 19.37
N LYS A 663 -4.75 31.17 20.35
CA LYS A 663 -3.49 30.49 20.21
C LYS A 663 -3.72 29.03 19.81
N PHE A 664 -3.47 28.72 18.54
CA PHE A 664 -3.80 27.43 17.97
C PHE A 664 -2.58 26.51 18.00
N ASP A 665 -2.79 25.22 17.75
CA ASP A 665 -1.76 24.22 17.91
C ASP A 665 -0.98 24.05 16.62
N THR A 666 -0.25 25.08 16.23
CA THR A 666 0.52 25.11 14.99
C THR A 666 1.85 25.82 15.29
N ASP A 667 2.75 25.77 14.31
CA ASP A 667 4.10 26.35 14.37
C ASP A 667 4.03 27.81 14.78
N ASP A 668 3.08 28.55 14.22
CA ASP A 668 3.00 30.00 14.42
C ASP A 668 1.87 30.41 15.34
N GLY A 669 1.15 29.43 15.91
CA GLY A 669 0.07 29.73 16.82
C GLY A 669 -1.21 30.19 16.10
N LYS A 670 -1.20 30.22 14.77
CA LYS A 670 -2.36 30.65 14.01
C LYS A 670 -3.11 29.42 13.46
N ALA A 671 -4.42 29.57 13.28
CA ALA A 671 -5.19 28.51 12.61
C ALA A 671 -4.91 28.62 11.12
N HIS A 672 -4.73 27.47 10.49
CA HIS A 672 -4.38 27.43 9.09
C HIS A 672 -5.54 26.91 8.24
N PHE A 673 -6.01 27.80 7.34
CA PHE A 673 -6.93 27.43 6.29
C PHE A 673 -6.28 26.40 5.36
N LYS A 674 -7.13 25.57 4.76
CA LYS A 674 -6.64 24.57 3.81
C LYS A 674 -7.52 24.52 2.59
N PRO A 675 -6.94 24.14 1.43
CA PRO A 675 -7.74 23.91 0.24
C PRO A 675 -8.61 22.66 0.43
N ALA A 676 -9.77 22.65 -0.21
CA ALA A 676 -10.69 21.54 -0.11
C ALA A 676 -11.25 21.27 -1.48
N PRO A 677 -10.53 20.47 -2.28
CA PRO A 677 -11.00 20.20 -3.63
C PRO A 677 -12.26 19.33 -3.58
N TRP A 678 -13.20 19.61 -4.47
CA TRP A 678 -14.37 18.76 -4.63
C TRP A 678 -14.08 17.79 -5.78
N ASN A 679 -14.07 16.49 -5.50
CA ASN A 679 -13.61 15.49 -6.46
C ASN A 679 -14.68 14.49 -6.86
N GLY A 680 -15.89 14.61 -6.31
CA GLY A 680 -16.94 13.64 -6.51
C GLY A 680 -16.72 12.43 -5.63
N LEU A 681 -17.53 11.41 -5.83
CA LEU A 681 -17.36 10.16 -5.09
C LEU A 681 -16.07 9.50 -5.55
N PRO A 682 -15.35 8.75 -4.69
CA PRO A 682 -14.17 8.04 -5.13
C PRO A 682 -14.58 7.00 -6.18
N ALA A 683 -13.68 6.72 -7.16
CA ALA A 683 -14.03 5.81 -8.21
C ALA A 683 -14.45 4.42 -7.72
N THR A 684 -13.78 3.89 -6.70
CA THR A 684 -14.13 2.53 -6.24
C THR A 684 -15.60 2.50 -5.83
N VAL A 685 -16.06 3.59 -5.18
CA VAL A 685 -17.46 3.70 -4.75
C VAL A 685 -18.41 3.97 -5.89
N GLN A 686 -18.03 4.92 -6.77
CA GLN A 686 -18.83 5.27 -7.94
C GLN A 686 -19.07 4.05 -8.81
N GLN A 687 -18.06 3.15 -8.92
CA GLN A 687 -18.23 1.92 -9.69
C GLN A 687 -19.34 1.03 -9.14
N GLN A 688 -19.44 0.94 -7.80
CA GLN A 688 -20.53 0.18 -7.23
C GLN A 688 -21.87 0.91 -7.46
N LYS A 689 -21.90 2.24 -7.35
CA LYS A 689 -23.13 3.01 -7.54
C LYS A 689 -23.59 2.85 -8.99
N ASP A 690 -22.65 2.70 -9.92
CA ASP A 690 -23.05 2.60 -11.31
C ASP A 690 -23.72 1.26 -11.61
N LYS A 691 -23.33 0.22 -10.86
CA LYS A 691 -23.76 -1.15 -11.10
C LYS A 691 -25.00 -1.54 -10.28
N TYR A 692 -25.25 -0.86 -9.14
CA TYR A 692 -26.22 -1.35 -8.15
C TYR A 692 -27.12 -0.22 -7.67
N ARG A 693 -28.29 -0.57 -7.15
CA ARG A 693 -29.42 0.33 -7.05
C ARG A 693 -29.46 1.17 -5.75
N PHE A 694 -29.08 0.59 -4.60
CA PHE A 694 -29.33 1.21 -3.31
C PHE A 694 -28.07 1.74 -2.62
N TRP A 695 -28.16 2.97 -2.09
CA TRP A 695 -27.15 3.45 -1.15
C TRP A 695 -27.24 2.66 0.15
N LEU A 696 -26.14 2.06 0.56
CA LEU A 696 -26.13 1.23 1.74
C LEU A 696 -25.56 2.01 2.94
N ASN A 697 -26.31 3.02 3.35
CA ASN A 697 -25.97 3.74 4.57
C ASN A 697 -26.02 2.78 5.76
N ASN A 698 -25.29 3.14 6.84
CA ASN A 698 -25.11 2.19 7.93
C ASN A 698 -24.69 3.00 9.14
N GLY A 699 -24.91 2.41 10.34
CA GLY A 699 -24.59 3.11 11.56
C GLY A 699 -25.35 2.54 12.76
N ARG A 700 -25.58 3.45 13.69
CA ARG A 700 -26.03 3.08 15.03
C ARG A 700 -27.53 3.03 15.21
N ASN A 701 -27.92 2.16 16.16
CA ASN A 701 -29.25 2.07 16.72
C ASN A 701 -29.11 2.45 18.19
N ASN A 702 -30.04 3.27 18.71
CA ASN A 702 -29.99 3.72 20.09
C ASN A 702 -29.87 2.57 21.07
N GLU A 703 -30.61 1.48 20.85
CA GLU A 703 -30.62 0.39 21.82
C GLU A 703 -29.41 -0.49 21.79
N VAL A 704 -28.82 -0.74 20.61
CA VAL A 704 -27.74 -1.69 20.47
C VAL A 704 -26.42 -0.98 20.70
N TRP A 705 -25.57 -1.63 21.52
CA TRP A 705 -24.19 -1.14 21.69
C TRP A 705 -23.21 -1.95 20.87
N GLN A 706 -22.69 -1.28 19.84
CA GLN A 706 -21.50 -1.73 19.12
C GLN A 706 -21.74 -3.10 18.53
N THR A 707 -20.81 -4.03 18.73
CA THR A 707 -20.93 -5.40 18.20
C THR A 707 -21.86 -6.30 19.03
N ALA A 708 -22.58 -5.71 19.98
CA ALA A 708 -23.60 -6.43 20.74
C ALA A 708 -22.97 -7.57 21.56
N TYR A 709 -21.77 -7.34 22.07
CA TYR A 709 -21.03 -8.35 22.78
C TYR A 709 -21.71 -8.70 24.08
N HIS A 710 -22.28 -7.74 24.79
CA HIS A 710 -23.20 -8.03 25.85
C HIS A 710 -24.67 -8.25 25.38
N ASP A 711 -25.13 -7.40 24.43
CA ASP A 711 -26.50 -7.44 24.01
C ASP A 711 -26.94 -8.80 23.47
N GLN A 712 -26.03 -9.53 22.83
CA GLN A 712 -26.38 -10.80 22.23
C GLN A 712 -26.87 -11.80 23.29
N TYR A 713 -26.59 -11.57 24.59
CA TYR A 713 -26.99 -12.43 25.66
C TYR A 713 -28.19 -11.88 26.40
N ASN A 714 -28.72 -10.75 25.98
CA ASN A 714 -29.83 -10.08 26.69
C ASN A 714 -31.14 -10.45 26.00
N SER A 715 -32.03 -11.14 26.73
CA SER A 715 -33.28 -11.63 26.15
C SER A 715 -34.15 -10.50 25.59
N LEU A 716 -34.21 -9.32 26.25
CA LEU A 716 -35.02 -8.21 25.74
C LEU A 716 -34.43 -7.69 24.44
N MET A 717 -33.11 -7.59 24.39
CA MET A 717 -32.43 -7.13 23.16
C MET A 717 -32.69 -8.10 22.02
N GLN A 718 -32.55 -9.38 22.31
CA GLN A 718 -32.65 -10.38 21.26
C GLN A 718 -34.07 -10.52 20.74
N GLU A 719 -35.04 -10.27 21.60
N GLU A 719 -35.04 -10.27 21.60
CA GLU A 719 -36.44 -10.31 21.19
CA GLU A 719 -36.44 -10.30 21.20
C GLU A 719 -36.75 -9.12 20.27
C GLU A 719 -36.75 -9.12 20.27
N ARG A 720 -36.15 -7.96 20.57
CA ARG A 720 -36.43 -6.73 19.81
C ARG A 720 -35.73 -6.75 18.46
N TYR A 721 -34.45 -7.16 18.46
CA TYR A 721 -33.60 -7.11 17.29
C TYR A 721 -32.95 -8.46 17.08
N PRO A 722 -33.71 -9.49 16.65
CA PRO A 722 -33.10 -10.81 16.50
C PRO A 722 -32.11 -10.90 15.33
N MET A 723 -32.20 -9.97 14.43
CA MET A 723 -31.28 -9.87 13.28
C MET A 723 -31.05 -8.39 12.99
N ALA A 724 -29.95 -8.09 12.31
CA ALA A 724 -29.70 -6.71 11.91
C ALA A 724 -30.86 -6.30 11.04
N TYR A 725 -31.23 -5.01 11.07
CA TYR A 725 -32.34 -4.56 10.23
C TYR A 725 -31.82 -3.58 9.20
N ILE A 726 -32.60 -3.44 8.15
CA ILE A 726 -32.36 -2.46 7.12
C ILE A 726 -33.62 -1.60 6.93
N GLU A 727 -33.49 -0.31 7.22
CA GLU A 727 -34.53 0.71 6.94
C GLU A 727 -34.63 0.93 5.44
N MET A 728 -35.84 0.81 4.90
CA MET A 728 -36.07 0.94 3.46
C MET A 728 -37.31 1.78 3.21
N ASN A 729 -37.30 2.52 2.08
CA ASN A 729 -38.39 3.33 1.66
C ASN A 729 -39.58 2.42 1.34
N PRO A 730 -40.80 2.79 1.79
CA PRO A 730 -41.95 1.94 1.54
C PRO A 730 -42.30 1.65 0.08
N ASP A 731 -42.09 2.63 -0.80
CA ASP A 731 -42.36 2.36 -2.20
C ASP A 731 -41.34 1.40 -2.78
N ASP A 732 -40.08 1.48 -2.38
CA ASP A 732 -39.09 0.52 -2.70
C ASP A 732 -39.45 -0.89 -2.18
N CYS A 733 -39.98 -0.98 -0.95
CA CYS A 733 -40.41 -2.25 -0.37
C CYS A 733 -41.51 -2.85 -1.23
N LYS A 734 -42.45 -2.02 -1.65
CA LYS A 734 -43.58 -2.53 -2.41
C LYS A 734 -43.07 -3.14 -3.69
N GLN A 735 -42.16 -2.40 -4.37
N GLN A 735 -42.16 -2.40 -4.37
CA GLN A 735 -41.57 -2.90 -5.61
CA GLN A 735 -41.56 -2.89 -5.61
C GLN A 735 -40.87 -4.25 -5.42
C GLN A 735 -40.87 -4.24 -5.42
N LEU A 736 -40.15 -4.42 -4.31
CA LEU A 736 -39.47 -5.68 -4.04
C LEU A 736 -40.32 -6.77 -3.33
N ASP A 737 -41.60 -6.47 -3.13
N ASP A 737 -41.60 -6.47 -3.13
CA ASP A 737 -42.56 -7.30 -2.44
CA ASP A 737 -42.57 -7.28 -2.43
C ASP A 737 -42.05 -7.72 -1.06
C ASP A 737 -42.05 -7.72 -1.06
N VAL A 738 -41.52 -6.76 -0.31
CA VAL A 738 -41.08 -6.99 1.04
C VAL A 738 -41.82 -6.09 2.02
N THR A 739 -41.90 -6.55 3.28
CA THR A 739 -42.45 -5.78 4.37
C THR A 739 -41.69 -6.09 5.66
N GLY A 740 -42.12 -5.44 6.75
CA GLY A 740 -41.42 -5.63 8.02
C GLY A 740 -41.32 -7.10 8.39
N GLY A 741 -40.10 -7.55 8.73
CA GLY A 741 -39.87 -8.92 9.16
C GLY A 741 -39.56 -9.92 8.05
N ASP A 742 -39.54 -9.46 6.78
CA ASP A 742 -38.91 -10.25 5.74
C ASP A 742 -37.38 -10.23 5.87
N ILE A 743 -36.70 -11.25 5.40
CA ILE A 743 -35.24 -11.28 5.29
C ILE A 743 -34.86 -11.04 3.84
N VAL A 744 -33.92 -10.11 3.68
CA VAL A 744 -33.30 -9.82 2.39
C VAL A 744 -31.82 -10.15 2.45
N GLU A 745 -31.26 -10.40 1.24
CA GLU A 745 -29.82 -10.39 1.05
C GLU A 745 -29.47 -9.02 0.45
N VAL A 746 -28.40 -8.43 1.01
CA VAL A 746 -27.84 -7.18 0.55
C VAL A 746 -26.45 -7.49 -0.03
N TYR A 747 -26.14 -7.06 -1.26
CA TYR A 747 -24.90 -7.53 -1.88
C TYR A 747 -24.37 -6.56 -2.93
N ASN A 748 -23.05 -6.68 -3.15
CA ASN A 748 -22.40 -5.94 -4.24
C ASN A 748 -21.12 -6.72 -4.58
N ASP A 749 -20.15 -6.08 -5.25
CA ASP A 749 -18.96 -6.80 -5.60
C ASP A 749 -18.17 -7.23 -4.36
N PHE A 750 -18.26 -6.44 -3.28
CA PHE A 750 -17.38 -6.65 -2.12
C PHE A 750 -17.86 -7.78 -1.21
N GLY A 751 -19.16 -8.06 -1.24
CA GLY A 751 -19.68 -8.99 -0.26
C GLY A 751 -21.19 -9.14 -0.34
N SER A 752 -21.67 -10.02 0.53
CA SER A 752 -23.09 -10.26 0.73
C SER A 752 -23.37 -10.24 2.24
N THR A 753 -24.56 -9.78 2.60
CA THR A 753 -25.00 -9.92 4.00
C THR A 753 -26.52 -10.09 3.97
N PHE A 754 -27.14 -10.17 5.17
CA PHE A 754 -28.54 -10.43 5.30
C PHE A 754 -29.09 -9.54 6.40
N ALA A 755 -30.34 -9.11 6.22
CA ALA A 755 -31.02 -8.27 7.21
C ALA A 755 -32.52 -8.49 7.19
N MET A 756 -33.19 -8.10 8.30
CA MET A 756 -34.65 -8.05 8.33
C MET A 756 -35.09 -6.66 7.89
N VAL A 757 -36.06 -6.66 6.96
CA VAL A 757 -36.58 -5.42 6.40
C VAL A 757 -37.32 -4.61 7.47
N TYR A 758 -37.10 -3.28 7.43
CA TYR A 758 -37.76 -2.38 8.35
C TYR A 758 -38.21 -1.21 7.52
N PRO A 759 -39.48 -1.25 6.99
CA PRO A 759 -39.98 -0.08 6.23
C PRO A 759 -40.04 1.17 7.08
N VAL A 760 -39.50 2.29 6.54
CA VAL A 760 -39.47 3.55 7.22
C VAL A 760 -39.87 4.66 6.23
N ALA A 761 -40.94 5.36 6.55
CA ALA A 761 -41.55 6.33 5.65
C ALA A 761 -40.55 7.38 5.16
N GLU A 762 -39.68 7.82 6.07
CA GLU A 762 -38.82 8.96 5.80
C GLU A 762 -37.56 8.61 4.99
N ILE A 763 -37.25 7.34 4.79
CA ILE A 763 -36.12 6.93 3.99
C ILE A 763 -36.41 7.28 2.52
N LYS A 764 -35.40 7.82 1.87
CA LYS A 764 -35.57 8.27 0.47
C LYS A 764 -35.49 7.06 -0.46
N ARG A 765 -36.23 7.11 -1.61
CA ARG A 765 -36.12 6.11 -2.62
C ARG A 765 -34.68 5.90 -3.06
N GLY A 766 -34.28 4.63 -3.16
CA GLY A 766 -32.94 4.20 -3.57
C GLY A 766 -31.87 4.40 -2.49
N GLN A 767 -32.32 4.67 -1.25
CA GLN A 767 -31.46 4.75 -0.08
C GLN A 767 -32.00 3.79 0.97
N THR A 768 -31.09 3.31 1.81
CA THR A 768 -31.39 2.38 2.88
C THR A 768 -30.47 2.71 4.06
N PHE A 769 -30.74 2.04 5.20
CA PHE A 769 -29.88 2.20 6.37
C PHE A 769 -29.87 0.88 7.14
N MET A 770 -28.69 0.30 7.28
CA MET A 770 -28.55 -0.98 7.99
C MET A 770 -27.71 -0.79 9.26
N LEU A 771 -28.18 -1.45 10.32
CA LEU A 771 -27.45 -1.53 11.55
C LEU A 771 -26.06 -2.11 11.25
N PHE A 772 -25.02 -1.42 11.74
CA PHE A 772 -23.65 -1.87 11.54
C PHE A 772 -23.24 -2.86 12.63
N GLY A 773 -22.22 -3.65 12.35
CA GLY A 773 -21.46 -4.38 13.36
C GLY A 773 -22.13 -5.56 14.06
N TYR A 774 -23.31 -5.99 13.62
CA TYR A 774 -24.12 -6.85 14.47
C TYR A 774 -23.74 -8.33 14.36
N VAL A 775 -24.29 -9.10 15.34
CA VAL A 775 -24.00 -10.51 15.49
C VAL A 775 -24.80 -11.44 14.60
N ASN A 776 -25.76 -10.90 13.90
CA ASN A 776 -26.62 -11.68 13.00
C ASN A 776 -26.93 -10.80 11.78
N GLY A 777 -26.07 -10.89 10.79
CA GLY A 777 -26.08 -10.05 9.59
C GLY A 777 -25.07 -8.92 9.74
N ILE A 778 -23.85 -9.12 9.23
CA ILE A 778 -22.75 -8.19 9.39
C ILE A 778 -22.77 -7.22 8.22
N GLN A 779 -23.03 -5.95 8.50
CA GLN A 779 -23.16 -4.92 7.49
C GLN A 779 -21.91 -4.74 6.66
N GLY A 780 -20.74 -4.81 7.28
CA GLY A 780 -19.49 -4.38 6.70
C GLY A 780 -19.05 -5.21 5.50
N ASP A 781 -19.74 -6.32 5.24
CA ASP A 781 -19.44 -7.14 4.06
C ASP A 781 -19.57 -6.38 2.75
N VAL A 782 -20.39 -5.34 2.73
CA VAL A 782 -20.67 -4.62 1.50
C VAL A 782 -19.91 -3.29 1.46
N THR A 783 -19.11 -2.96 2.50
CA THR A 783 -18.32 -1.74 2.43
C THR A 783 -17.07 -2.01 1.59
N THR A 784 -16.59 -0.93 0.94
CA THR A 784 -15.47 -1.11 0.01
C THR A 784 -14.14 -1.04 0.75
N ASP A 785 -13.04 -1.31 0.02
CA ASP A 785 -11.71 -1.12 0.50
C ASP A 785 -11.22 0.34 0.48
N TRP A 786 -11.99 1.25 -0.13
CA TRP A 786 -11.52 2.61 -0.34
C TRP A 786 -11.24 3.39 0.94
N THR A 787 -10.09 4.07 0.99
CA THR A 787 -9.69 4.90 2.09
C THR A 787 -9.11 6.21 1.59
N ASP A 788 -9.10 7.24 2.45
CA ASP A 788 -8.52 8.52 2.10
C ASP A 788 -7.00 8.44 2.22
N ARG A 789 -6.37 9.62 2.13
CA ARG A 789 -4.91 9.68 2.06
C ARG A 789 -4.23 9.13 3.30
N ASN A 790 -4.91 9.11 4.46
CA ASN A 790 -4.35 8.61 5.70
C ASN A 790 -4.94 7.22 6.07
N ILE A 791 -5.61 6.57 5.12
CA ILE A 791 -6.16 5.23 5.25
C ILE A 791 -7.37 5.32 6.21
N ILE A 792 -8.21 6.36 6.02
CA ILE A 792 -9.51 6.41 6.71
C ILE A 792 -10.59 5.90 5.76
N PRO A 793 -11.33 4.81 6.12
CA PRO A 793 -12.35 4.28 5.23
C PRO A 793 -13.58 5.14 5.03
N TYR A 794 -14.12 5.12 3.83
CA TYR A 794 -15.44 5.61 3.54
C TYR A 794 -16.48 4.56 3.83
N TYR A 795 -16.66 4.24 5.12
CA TYR A 795 -17.60 3.20 5.51
C TYR A 795 -19.01 3.57 5.11
N LYS A 796 -19.34 4.89 5.06
CA LYS A 796 -20.71 5.32 4.68
C LYS A 796 -20.94 5.40 3.17
N GLY A 797 -19.98 4.90 2.39
CA GLY A 797 -19.96 5.05 0.94
C GLY A 797 -19.94 3.73 0.22
N THR A 798 -21.13 3.18 -0.04
CA THR A 798 -21.25 1.89 -0.72
C THR A 798 -22.66 1.74 -1.23
N TRP A 799 -22.79 1.09 -2.38
CA TRP A 799 -24.04 0.81 -3.03
C TRP A 799 -24.16 -0.70 -3.26
N GLY A 800 -25.39 -1.18 -3.34
CA GLY A 800 -25.64 -2.59 -3.54
C GLY A 800 -27.05 -2.86 -4.00
N ASP A 801 -27.33 -4.13 -4.26
CA ASP A 801 -28.66 -4.60 -4.63
C ASP A 801 -29.26 -5.37 -3.43
N ILE A 802 -30.57 -5.50 -3.47
CA ILE A 802 -31.32 -6.13 -2.39
C ILE A 802 -32.26 -7.18 -3.00
N ARG A 803 -32.21 -8.40 -2.47
N ARG A 803 -32.21 -8.40 -2.47
CA ARG A 803 -32.99 -9.50 -2.98
CA ARG A 803 -32.97 -9.53 -2.98
C ARG A 803 -33.78 -10.13 -1.83
C ARG A 803 -33.78 -10.13 -1.83
N LYS A 804 -35.08 -10.36 -2.06
CA LYS A 804 -35.92 -11.03 -1.08
C LYS A 804 -35.55 -12.48 -0.86
N VAL A 805 -35.31 -12.87 0.39
CA VAL A 805 -35.17 -14.28 0.75
C VAL A 805 -36.54 -14.85 1.06
N GLY A 806 -37.25 -14.25 2.02
CA GLY A 806 -38.54 -14.75 2.40
C GLY A 806 -39.07 -14.07 3.66
N SER A 807 -40.29 -14.45 4.01
CA SER A 807 -40.96 -14.01 5.19
C SER A 807 -40.53 -14.86 6.41
N MET A 808 -39.97 -14.16 7.42
CA MET A 808 -39.59 -14.82 8.65
C MET A 808 -40.75 -14.68 9.61
N GLU A 809 -41.56 -15.76 9.71
CA GLU A 809 -42.81 -15.62 10.41
C GLU A 809 -42.60 -15.18 11.87
N GLU A 810 -41.58 -15.68 12.52
CA GLU A 810 -41.42 -15.38 13.94
C GLU A 810 -41.05 -13.90 14.12
N PHE A 811 -40.39 -13.30 13.14
CA PHE A 811 -40.08 -11.88 13.29
C PHE A 811 -41.38 -11.08 13.20
N LYS A 812 -42.24 -11.45 12.25
CA LYS A 812 -43.51 -10.77 12.09
C LYS A 812 -44.34 -10.92 13.35
N ARG A 813 -44.25 -12.07 14.02
CA ARG A 813 -45.06 -12.27 15.22
C ARG A 813 -44.52 -11.55 16.45
N THR A 814 -43.22 -11.32 16.55
CA THR A 814 -42.61 -10.93 17.82
C THR A 814 -41.90 -9.58 17.78
N VAL A 815 -41.54 -9.02 16.60
CA VAL A 815 -40.71 -7.84 16.50
C VAL A 815 -41.57 -6.65 16.04
N SER A 816 -41.51 -5.52 16.74
CA SER A 816 -42.16 -4.32 16.31
C SER A 816 -41.46 -3.68 15.11
N PHE A 817 -42.25 -3.35 14.07
CA PHE A 817 -41.72 -2.58 12.93
C PHE A 817 -42.37 -1.21 12.89
N LYS A 818 -42.76 -0.74 14.06
CA LYS A 818 -43.32 0.57 14.19
C LYS A 818 -42.22 1.66 14.16
N SER A 819 -42.67 2.89 14.03
CA SER A 819 -41.78 4.01 13.80
C SER A 819 -40.89 4.27 15.00
N ARG A 820 -39.58 4.24 14.82
CA ARG A 820 -38.65 4.63 15.86
C ARG A 820 -38.46 6.15 15.89
N ARG A 821 -38.90 6.85 14.88
CA ARG A 821 -38.88 8.32 14.82
C ARG A 821 -40.10 8.85 15.55
N PHE A 822 -39.90 9.65 16.59
CA PHE A 822 -40.99 10.15 17.43
C PHE A 822 -41.75 11.30 16.74
N ALA A 823 -43.08 11.23 16.84
CA ALA A 823 -43.96 12.38 16.59
C ALA A 823 -45.11 12.44 17.62
N LEU B 1 -41.10 -16.42 53.80
CA LEU B 1 -42.56 -16.44 53.66
C LEU B 1 -42.90 -16.67 52.18
N ARG B 2 -44.15 -16.34 51.88
CA ARG B 2 -44.73 -16.33 50.54
C ARG B 2 -43.91 -15.52 49.54
N THR B 3 -43.98 -15.97 48.29
CA THR B 3 -43.19 -15.43 47.22
C THR B 3 -44.04 -14.43 46.41
N THR B 4 -45.38 -14.35 46.57
CA THR B 4 -46.18 -13.53 45.63
C THR B 4 -46.80 -12.35 46.37
N LEU B 5 -46.98 -11.24 45.62
CA LEU B 5 -47.77 -10.13 46.09
C LEU B 5 -49.26 -10.49 46.06
N GLN B 6 -50.02 -9.82 46.94
CA GLN B 6 -51.47 -9.91 47.00
C GLN B 6 -52.10 -8.78 46.16
N TYR B 7 -52.44 -9.10 44.92
CA TYR B 7 -53.01 -8.14 44.00
C TYR B 7 -54.50 -8.02 44.24
N PRO B 8 -55.08 -6.82 44.15
CA PRO B 8 -56.54 -6.72 44.19
C PRO B 8 -57.10 -7.29 42.90
N ALA B 9 -58.43 -7.57 42.92
CA ALA B 9 -59.17 -7.87 41.72
C ALA B 9 -60.09 -6.69 41.41
N THR B 10 -59.73 -5.90 40.39
CA THR B 10 -60.40 -4.62 40.17
C THR B 10 -61.19 -4.76 38.88
N GLN B 11 -62.51 -4.60 38.99
CA GLN B 11 -63.34 -4.56 37.80
C GLN B 11 -63.04 -3.35 36.94
N VAL B 12 -62.93 -3.59 35.62
CA VAL B 12 -62.68 -2.52 34.66
C VAL B 12 -63.97 -2.14 33.94
N SER B 13 -64.56 -3.09 33.25
CA SER B 13 -65.90 -2.92 32.65
C SER B 13 -66.26 -4.28 32.07
N VAL B 14 -67.26 -4.36 31.19
CA VAL B 14 -67.54 -5.59 30.51
C VAL B 14 -67.06 -5.41 29.07
N ALA B 15 -66.65 -6.50 28.45
CA ALA B 15 -65.95 -6.50 27.18
C ALA B 15 -66.79 -5.86 26.09
N LYS B 16 -68.10 -6.13 26.06
CA LYS B 16 -68.89 -5.62 24.95
C LYS B 16 -69.06 -4.11 25.04
N ASN B 17 -68.78 -3.49 26.19
CA ASN B 17 -68.86 -2.03 26.34
C ASN B 17 -67.66 -1.33 25.73
N LEU B 18 -66.58 -2.05 25.48
CA LEU B 18 -65.39 -1.41 24.95
C LEU B 18 -65.54 -1.33 23.42
N LYS B 19 -65.34 -0.13 22.87
CA LYS B 19 -65.30 0.05 21.43
C LYS B 19 -63.86 -0.12 20.92
N ALA B 20 -63.73 -0.70 19.73
CA ALA B 20 -62.41 -0.98 19.15
C ALA B 20 -61.61 0.32 19.09
N ASN B 21 -60.37 0.24 19.58
CA ASN B 21 -59.42 1.36 19.55
C ASN B 21 -59.89 2.63 20.23
N GLU B 22 -60.71 2.47 21.28
CA GLU B 22 -61.14 3.58 22.10
C GLU B 22 -60.73 3.22 23.52
N PRO B 23 -59.62 3.81 24.04
CA PRO B 23 -59.02 3.33 25.28
C PRO B 23 -59.85 3.71 26.50
N VAL B 24 -59.68 2.93 27.56
CA VAL B 24 -60.35 3.17 28.83
C VAL B 24 -59.25 3.42 29.87
N SER B 25 -59.37 4.52 30.61
N SER B 25 -59.37 4.53 30.61
CA SER B 25 -58.45 4.82 31.69
CA SER B 25 -58.43 4.82 31.68
C SER B 25 -58.96 4.23 32.99
C SER B 25 -58.95 4.24 32.99
N PHE B 26 -58.04 3.67 33.79
CA PHE B 26 -58.42 3.15 35.08
C PHE B 26 -57.19 3.15 35.95
N THR B 27 -57.33 3.00 37.26
CA THR B 27 -56.21 2.84 38.16
C THR B 27 -56.07 1.41 38.66
N TYR B 28 -54.82 0.93 38.81
CA TYR B 28 -54.58 -0.44 39.22
C TYR B 28 -53.08 -0.55 39.50
N PRO B 29 -52.60 -1.15 40.60
CA PRO B 29 -53.44 -1.77 41.66
C PRO B 29 -53.86 -0.83 42.80
N ASP B 30 -53.64 0.45 42.61
CA ASP B 30 -54.09 1.48 43.52
C ASP B 30 -54.29 2.78 42.74
N THR B 31 -54.86 3.79 43.37
CA THR B 31 -55.18 5.08 42.73
C THR B 31 -53.97 5.89 42.25
N SER B 32 -52.73 5.57 42.65
CA SER B 32 -51.52 6.24 42.22
C SER B 32 -50.92 5.56 40.97
N SER B 33 -51.59 4.54 40.46
CA SER B 33 -51.05 3.74 39.34
C SER B 33 -51.97 3.84 38.14
N PRO B 34 -51.81 4.82 37.22
CA PRO B 34 -52.70 4.93 36.08
C PRO B 34 -52.42 3.92 35.02
N CYS B 35 -53.52 3.39 34.42
CA CYS B 35 -53.49 2.31 33.47
C CYS B 35 -54.45 2.61 32.32
N VAL B 36 -54.21 1.95 31.18
CA VAL B 36 -55.11 1.99 30.03
C VAL B 36 -55.43 0.57 29.60
N ALA B 37 -56.71 0.30 29.28
CA ALA B 37 -57.15 -0.89 28.56
C ALA B 37 -57.73 -0.52 27.20
N VAL B 38 -57.43 -1.34 26.21
CA VAL B 38 -57.99 -1.13 24.89
C VAL B 38 -58.26 -2.43 24.19
N LYS B 39 -59.41 -2.43 23.47
CA LYS B 39 -59.75 -3.47 22.58
C LYS B 39 -59.19 -3.10 21.23
N LEU B 40 -58.21 -3.86 20.78
CA LEU B 40 -57.40 -3.43 19.64
C LEU B 40 -58.06 -3.77 18.32
N GLY B 41 -59.00 -4.71 18.31
CA GLY B 41 -59.78 -4.95 17.08
C GLY B 41 -59.24 -6.10 16.23
N SER B 42 -57.99 -6.47 16.47
CA SER B 42 -57.38 -7.64 15.85
C SER B 42 -56.59 -8.38 16.91
N PRO B 43 -56.59 -9.73 16.93
CA PRO B 43 -55.86 -10.50 17.92
C PRO B 43 -54.39 -10.13 18.08
N VAL B 44 -53.90 -10.16 19.31
CA VAL B 44 -52.50 -9.94 19.65
C VAL B 44 -52.10 -10.84 20.81
N PRO B 45 -50.77 -10.91 21.13
CA PRO B 45 -50.25 -11.80 22.17
C PRO B 45 -51.10 -12.16 23.35
N GLY B 46 -51.05 -11.23 24.31
CA GLY B 46 -51.70 -11.41 25.60
C GLY B 46 -53.18 -11.00 25.62
N GLY B 47 -53.78 -10.90 24.42
CA GLY B 47 -55.12 -10.34 24.29
C GLY B 47 -56.21 -11.26 24.83
N VAL B 48 -57.16 -10.67 25.55
CA VAL B 48 -58.30 -11.41 26.08
C VAL B 48 -59.60 -10.92 25.45
N GLY B 49 -60.66 -11.62 25.87
CA GLY B 49 -61.96 -11.38 25.25
C GLY B 49 -62.22 -12.37 24.13
N PRO B 50 -63.43 -12.30 23.55
CA PRO B 50 -63.79 -13.22 22.48
C PRO B 50 -62.92 -13.12 21.25
N ASN B 51 -62.33 -11.94 21.02
CA ASN B 51 -61.47 -11.78 19.83
C ASN B 51 -59.99 -11.70 20.25
N ASN B 52 -59.65 -12.06 21.50
CA ASN B 52 -58.25 -12.17 21.96
C ASN B 52 -57.48 -10.88 21.63
N ASP B 53 -58.14 -9.74 21.84
CA ASP B 53 -57.59 -8.45 21.42
C ASP B 53 -57.69 -7.34 22.46
N ILE B 54 -58.05 -7.67 23.68
CA ILE B 54 -58.13 -6.66 24.72
C ILE B 54 -56.89 -6.78 25.59
N VAL B 55 -56.22 -5.66 25.72
CA VAL B 55 -54.96 -5.58 26.48
C VAL B 55 -55.01 -4.39 27.42
N ALA B 56 -54.13 -4.42 28.44
CA ALA B 56 -54.00 -3.26 29.30
C ALA B 56 -52.57 -3.13 29.81
N TYR B 57 -52.24 -1.90 30.16
CA TYR B 57 -50.89 -1.52 30.54
C TYR B 57 -50.91 -0.46 31.62
N SER B 58 -49.84 -0.42 32.42
CA SER B 58 -49.45 0.76 33.17
C SER B 58 -49.02 1.83 32.17
N VAL B 59 -49.44 3.07 32.36
CA VAL B 59 -48.99 4.10 31.41
C VAL B 59 -47.80 4.90 31.90
N LEU B 60 -47.27 4.64 33.10
CA LEU B 60 -46.09 5.36 33.56
C LEU B 60 -44.85 4.81 32.82
N CYS B 61 -44.12 5.71 32.19
CA CYS B 61 -42.94 5.32 31.42
C CYS B 61 -41.96 4.63 32.35
N THR B 62 -41.37 3.54 31.88
CA THR B 62 -40.47 2.73 32.72
C THR B 62 -39.06 3.32 32.72
N HIS B 63 -38.81 4.43 32.00
CA HIS B 63 -37.55 5.16 32.11
C HIS B 63 -37.52 6.00 33.39
N MET B 64 -38.30 7.08 33.43
CA MET B 64 -38.32 7.96 34.63
C MET B 64 -39.75 8.35 34.97
N GLY B 65 -40.76 7.62 34.49
CA GLY B 65 -42.06 7.74 35.18
C GLY B 65 -43.01 8.79 34.59
N CYS B 66 -42.62 9.46 33.51
CA CYS B 66 -43.55 10.42 32.93
C CYS B 66 -44.75 9.65 32.39
N PRO B 67 -46.00 10.12 32.58
CA PRO B 67 -47.11 9.40 31.98
C PRO B 67 -47.05 9.45 30.47
N THR B 68 -47.25 8.28 29.86
CA THR B 68 -47.25 8.16 28.43
C THR B 68 -48.65 8.43 27.92
N SER B 69 -48.73 8.83 26.67
N SER B 69 -48.72 8.82 26.67
CA SER B 69 -50.00 9.00 25.97
CA SER B 69 -49.98 9.00 25.96
C SER B 69 -50.20 7.82 25.03
C SER B 69 -50.20 7.82 25.03
N TYR B 70 -51.47 7.42 24.88
CA TYR B 70 -51.85 6.33 24.04
C TYR B 70 -52.22 6.90 22.66
N ASP B 71 -51.49 6.52 21.62
CA ASP B 71 -51.79 6.89 20.24
C ASP B 71 -52.64 5.82 19.61
N LYS B 72 -53.95 6.13 19.44
CA LYS B 72 -54.97 5.15 19.10
C LYS B 72 -54.76 4.60 17.71
N SER B 73 -54.25 5.48 16.86
CA SER B 73 -53.96 5.20 15.48
C SER B 73 -52.80 4.23 15.29
N SER B 74 -51.64 4.43 15.98
CA SER B 74 -50.48 3.56 15.82
C SER B 74 -50.46 2.44 16.85
N LYS B 75 -51.38 2.47 17.85
CA LYS B 75 -51.46 1.43 18.86
C LYS B 75 -50.14 1.37 19.65
N THR B 76 -49.71 2.56 20.02
CA THR B 76 -48.44 2.77 20.73
C THR B 76 -48.63 3.71 21.90
N PHE B 77 -47.81 3.54 22.94
CA PHE B 77 -47.71 4.49 24.04
C PHE B 77 -46.44 5.34 23.85
N LYS B 78 -46.55 6.64 24.01
CA LYS B 78 -45.47 7.57 23.69
C LYS B 78 -45.14 8.45 24.87
N CYS B 79 -43.84 8.51 25.22
CA CYS B 79 -43.43 9.27 26.37
C CYS B 79 -42.89 10.63 25.93
N PRO B 80 -43.47 11.73 26.41
CA PRO B 80 -43.02 13.05 25.95
C PRO B 80 -41.70 13.55 26.54
N CYS B 81 -41.17 12.86 27.54
CA CYS B 81 -40.04 13.38 28.31
C CYS B 81 -38.74 13.08 27.58
N HIS B 82 -38.43 11.81 27.34
CA HIS B 82 -37.23 11.46 26.57
C HIS B 82 -37.53 10.55 25.37
N PHE B 83 -38.79 10.52 24.94
CA PHE B 83 -39.17 10.11 23.56
C PHE B 83 -39.18 8.59 23.39
N THR B 84 -39.34 7.88 24.50
CA THR B 84 -39.52 6.42 24.39
C THR B 84 -40.91 6.11 23.85
N GLU B 85 -41.01 5.05 23.04
CA GLU B 85 -42.31 4.54 22.61
C GLU B 85 -42.41 3.02 22.85
N PHE B 86 -43.62 2.56 23.18
CA PHE B 86 -43.85 1.14 23.49
C PHE B 86 -45.02 0.62 22.64
N ASP B 87 -44.90 -0.61 22.17
CA ASP B 87 -45.86 -1.15 21.22
C ASP B 87 -46.95 -1.94 21.96
N ALA B 88 -48.20 -1.44 21.92
CA ALA B 88 -49.29 -2.12 22.61
C ALA B 88 -49.63 -3.48 22.01
N GLU B 89 -49.19 -3.70 20.76
CA GLU B 89 -49.47 -4.93 20.06
C GLU B 89 -48.38 -5.95 20.25
N LYS B 90 -47.30 -5.58 20.95
CA LYS B 90 -46.22 -6.53 21.19
C LYS B 90 -45.85 -6.60 22.67
N ALA B 91 -46.90 -6.65 23.53
CA ALA B 91 -46.74 -6.80 24.97
C ALA B 91 -45.78 -5.73 25.54
N GLY B 92 -45.92 -4.50 25.05
CA GLY B 92 -45.22 -3.39 25.64
C GLY B 92 -43.77 -3.25 25.21
N GLN B 93 -43.36 -3.96 24.14
CA GLN B 93 -42.00 -3.89 23.64
C GLN B 93 -41.63 -2.43 23.39
N MET B 94 -40.45 -2.05 23.86
CA MET B 94 -39.94 -0.72 23.59
C MET B 94 -39.51 -0.64 22.13
N ILE B 95 -40.15 0.24 21.35
CA ILE B 95 -39.82 0.41 19.94
C ILE B 95 -38.47 1.10 19.76
N CYS B 96 -38.30 2.11 20.60
N CYS B 96 -38.29 2.12 20.57
CA CYS B 96 -37.12 2.97 20.62
CA CYS B 96 -37.11 2.99 20.59
C CYS B 96 -37.19 3.70 21.94
C CYS B 96 -37.18 3.70 21.93
N GLY B 97 -36.03 4.04 22.52
CA GLY B 97 -36.03 4.92 23.66
C GLY B 97 -35.05 4.53 24.74
N GLN B 98 -35.25 5.09 25.93
CA GLN B 98 -34.21 5.06 26.94
C GLN B 98 -34.51 4.12 28.12
N ALA B 99 -35.70 3.54 28.14
CA ALA B 99 -36.03 2.54 29.16
C ALA B 99 -35.24 1.24 29.02
N THR B 100 -35.20 0.48 30.11
CA THR B 100 -34.58 -0.82 30.22
C THR B 100 -35.62 -1.85 30.64
N GLU B 101 -36.92 -1.52 30.57
CA GLU B 101 -37.97 -2.53 30.77
C GLU B 101 -39.10 -2.21 29.82
N ASN B 102 -39.83 -3.25 29.37
CA ASN B 102 -40.98 -3.04 28.55
C ASN B 102 -42.09 -2.43 29.43
N LEU B 103 -43.10 -1.85 28.79
CA LEU B 103 -44.20 -1.24 29.55
C LEU B 103 -44.97 -2.31 30.32
N PRO B 104 -45.18 -2.20 31.66
CA PRO B 104 -45.80 -3.30 32.42
C PRO B 104 -47.20 -3.59 31.90
N ARG B 105 -47.49 -4.88 31.76
CA ARG B 105 -48.80 -5.32 31.29
C ARG B 105 -49.69 -5.57 32.51
N VAL B 106 -50.92 -5.06 32.45
CA VAL B 106 -51.93 -5.37 33.43
C VAL B 106 -52.64 -6.63 32.96
N LEU B 107 -52.55 -7.69 33.77
CA LEU B 107 -53.21 -8.94 33.46
C LEU B 107 -54.72 -8.83 33.71
N LEU B 108 -55.44 -9.18 32.65
CA LEU B 108 -56.90 -9.11 32.65
C LEU B 108 -57.49 -10.52 32.61
N ARG B 109 -58.47 -10.75 33.50
CA ARG B 109 -59.34 -11.92 33.39
C ARG B 109 -60.54 -11.49 32.55
N TYR B 110 -60.91 -12.31 31.58
CA TYR B 110 -62.16 -12.16 30.88
C TYR B 110 -63.08 -13.33 31.27
N ASP B 111 -64.27 -12.99 31.78
CA ASP B 111 -65.20 -13.98 32.29
C ASP B 111 -66.37 -14.06 31.32
N GLU B 112 -66.44 -15.14 30.56
CA GLU B 112 -67.47 -15.23 29.52
C GLU B 112 -68.86 -15.24 30.16
N ALA B 113 -69.01 -15.86 31.33
CA ALA B 113 -70.34 -16.00 31.94
C ALA B 113 -70.97 -14.66 32.29
N SER B 114 -70.14 -13.64 32.61
CA SER B 114 -70.62 -12.32 32.99
C SER B 114 -70.28 -11.20 32.01
N ASP B 115 -69.38 -11.51 31.05
CA ASP B 115 -68.74 -10.57 30.16
C ASP B 115 -67.72 -9.67 30.84
N ALA B 116 -67.39 -9.92 32.12
CA ALA B 116 -66.58 -8.94 32.88
C ALA B 116 -65.10 -9.04 32.51
N LEU B 117 -64.46 -7.85 32.52
CA LEU B 117 -62.99 -7.72 32.44
C LEU B 117 -62.52 -7.29 33.82
N THR B 118 -61.61 -8.05 34.45
CA THR B 118 -61.10 -7.73 35.77
C THR B 118 -59.57 -7.67 35.74
N ALA B 119 -58.96 -6.62 36.31
CA ALA B 119 -57.52 -6.60 36.44
C ALA B 119 -57.13 -7.43 37.65
N VAL B 120 -56.16 -8.34 37.47
CA VAL B 120 -55.85 -9.27 38.52
C VAL B 120 -54.36 -9.38 38.83
N GLY B 121 -53.48 -8.81 38.02
CA GLY B 121 -52.07 -8.73 38.37
C GLY B 121 -51.35 -7.81 37.39
N VAL B 122 -50.02 -7.71 37.56
CA VAL B 122 -49.15 -6.95 36.67
C VAL B 122 -47.92 -7.79 36.35
N ASP B 123 -47.57 -7.81 35.07
N ASP B 123 -47.57 -7.81 35.07
CA ASP B 123 -46.33 -8.44 34.57
CA ASP B 123 -46.32 -8.41 34.60
C ASP B 123 -45.36 -7.29 34.29
C ASP B 123 -45.35 -7.28 34.29
N GLY B 124 -44.27 -7.23 35.09
CA GLY B 124 -43.29 -6.18 35.02
C GLY B 124 -43.46 -5.30 36.26
N LEU B 125 -42.44 -4.50 36.58
CA LEU B 125 -42.51 -3.61 37.72
C LEU B 125 -42.86 -2.18 37.27
N ILE B 126 -43.96 -1.64 37.81
CA ILE B 126 -44.41 -0.27 37.55
C ILE B 126 -43.34 0.70 38.06
N TYR B 127 -43.16 1.79 37.32
CA TYR B 127 -42.28 2.89 37.71
C TYR B 127 -42.50 3.34 39.13
N GLY B 128 -41.41 3.69 39.82
CA GLY B 128 -41.51 4.52 41.00
C GLY B 128 -41.96 3.77 42.24
N ARG B 129 -41.80 2.43 42.24
CA ARG B 129 -42.17 1.66 43.38
C ARG B 129 -41.21 0.50 43.60
N GLN B 130 -41.14 0.11 44.85
CA GLN B 130 -40.28 -0.98 45.25
C GLN B 130 -40.94 -2.30 44.88
N ALA B 131 -42.29 -2.34 44.92
CA ALA B 131 -43.03 -3.53 44.48
C ALA B 131 -44.33 -3.04 43.87
N ASN B 132 -45.00 -3.84 43.06
CA ASN B 132 -46.23 -3.36 42.42
C ASN B 132 -47.33 -3.00 43.39
N VAL B 133 -47.42 -3.72 44.51
CA VAL B 133 -48.38 -3.48 45.57
C VAL B 133 -47.59 -2.77 46.66
N ILE B 134 -47.99 -1.55 46.97
CA ILE B 134 -47.37 -0.76 48.02
C ILE B 134 -48.06 -1.09 49.36
N PRO C 1 36.69 12.08 -36.76
CA PRO C 1 37.83 11.14 -36.71
C PRO C 1 37.78 10.13 -37.85
N ASN C 2 38.92 9.89 -38.53
CA ASN C 2 38.93 8.89 -39.58
C ASN C 2 40.27 8.18 -39.51
N ASP C 3 40.54 7.34 -40.48
CA ASP C 3 41.85 6.70 -40.56
C ASP C 3 42.94 7.70 -41.01
N ARG C 4 42.84 9.01 -40.65
CA ARG C 4 43.77 10.07 -41.14
C ARG C 4 43.98 11.33 -40.27
N ILE C 5 45.20 11.91 -40.34
CA ILE C 5 45.59 13.14 -39.66
C ILE C 5 46.09 14.11 -40.72
N THR C 6 45.69 15.38 -40.59
CA THR C 6 46.23 16.48 -41.38
C THR C 6 47.49 17.00 -40.69
N LEU C 7 48.67 16.81 -41.27
CA LEU C 7 49.90 17.19 -40.62
C LEU C 7 50.03 18.71 -40.66
N PRO C 8 50.67 19.30 -39.63
CA PRO C 8 50.95 20.74 -39.63
C PRO C 8 52.01 21.04 -40.68
N PRO C 9 51.82 22.06 -41.50
CA PRO C 9 52.86 22.47 -42.44
C PRO C 9 54.12 22.87 -41.73
N ALA C 10 55.23 22.75 -42.42
CA ALA C 10 56.51 23.19 -41.88
C ALA C 10 56.41 24.57 -41.23
N ASN C 11 55.75 25.54 -41.90
CA ASN C 11 55.64 26.91 -41.43
C ASN C 11 54.36 27.20 -40.62
N ALA C 12 53.69 26.17 -40.08
CA ALA C 12 52.55 26.44 -39.22
C ALA C 12 52.91 27.33 -38.02
N GLN C 13 51.93 28.12 -37.58
CA GLN C 13 52.06 28.89 -36.37
C GLN C 13 52.18 27.91 -35.19
N ARG C 14 53.05 28.23 -34.24
CA ARG C 14 53.17 27.41 -33.03
C ARG C 14 53.19 28.30 -31.80
N THR C 15 52.39 27.97 -30.80
CA THR C 15 52.36 28.63 -29.51
C THR C 15 52.53 27.61 -28.40
N ASN C 16 52.82 28.14 -27.23
CA ASN C 16 52.99 27.35 -26.02
C ASN C 16 51.68 27.26 -25.23
N MET C 17 51.39 26.06 -24.71
CA MET C 17 50.23 25.88 -23.86
C MET C 17 50.62 24.91 -22.74
N THR C 18 50.38 25.32 -21.49
CA THR C 18 50.41 24.41 -20.35
C THR C 18 49.11 23.62 -20.35
N CYS C 19 49.17 22.36 -19.98
CA CYS C 19 47.97 21.58 -19.82
C CYS C 19 46.94 22.36 -18.98
N HIS C 20 45.67 22.35 -19.39
CA HIS C 20 44.60 23.00 -18.67
C HIS C 20 44.35 22.42 -17.30
N PHE C 21 44.73 21.12 -17.06
CA PHE C 21 44.15 20.33 -15.99
C PHE C 21 45.07 20.16 -14.77
N CYS C 22 45.71 19.01 -14.58
CA CYS C 22 46.25 18.72 -13.26
C CYS C 22 47.49 19.58 -12.96
N ILE C 23 47.83 19.54 -11.64
CA ILE C 23 48.98 20.19 -11.03
C ILE C 23 50.27 20.04 -11.83
N VAL C 24 50.51 18.91 -12.47
CA VAL C 24 51.81 18.64 -13.05
C VAL C 24 52.14 19.73 -14.06
N GLY C 25 51.16 20.17 -14.84
CA GLY C 25 51.42 21.29 -15.75
C GLY C 25 52.34 20.94 -16.88
N CYS C 26 52.11 19.81 -17.53
CA CYS C 26 52.83 19.39 -18.71
C CYS C 26 52.81 20.51 -19.77
N GLY C 27 53.92 20.61 -20.48
CA GLY C 27 54.12 21.56 -21.56
C GLY C 27 53.62 20.96 -22.89
N TYR C 28 52.88 21.78 -23.64
CA TYR C 28 52.37 21.42 -24.96
C TYR C 28 52.66 22.53 -25.96
N HIS C 29 52.65 22.15 -27.23
CA HIS C 29 52.62 23.09 -28.35
C HIS C 29 51.27 23.01 -29.03
N VAL C 30 50.82 24.20 -29.42
CA VAL C 30 49.66 24.31 -30.29
C VAL C 30 50.08 24.74 -31.68
N TYR C 31 49.87 23.88 -32.68
CA TYR C 31 50.10 24.25 -34.07
C TYR C 31 48.78 24.67 -34.69
N LYS C 32 48.80 25.82 -35.40
CA LYS C 32 47.59 26.39 -35.95
C LYS C 32 47.88 26.75 -37.40
N TRP C 33 47.01 26.33 -38.31
CA TRP C 33 47.23 26.67 -39.70
C TRP C 33 45.92 26.65 -40.47
N PRO C 34 45.86 27.34 -41.63
CA PRO C 34 44.60 27.37 -42.40
C PRO C 34 44.06 25.98 -42.73
N GLU C 35 42.73 25.86 -42.75
CA GLU C 35 42.04 24.59 -42.88
C GLU C 35 42.46 23.76 -44.09
N LEU C 36 42.58 24.39 -45.24
CA LEU C 36 42.82 23.64 -46.47
C LEU C 36 44.29 23.39 -46.77
N GLN C 37 45.22 23.70 -45.84
CA GLN C 37 46.63 23.44 -46.00
C GLN C 37 47.03 22.18 -45.22
N GLU C 38 48.08 21.54 -45.71
CA GLU C 38 48.61 20.41 -44.99
C GLU C 38 50.12 20.29 -45.17
N GLY C 39 50.74 19.78 -44.14
CA GLY C 39 52.14 19.42 -44.16
C GLY C 39 52.43 18.20 -44.97
N GLY C 40 53.67 18.13 -45.45
CA GLY C 40 54.18 16.98 -46.16
C GLY C 40 54.65 15.88 -45.19
N ARG C 41 54.71 14.65 -45.69
CA ARG C 41 55.16 13.52 -44.87
C ARG C 41 56.66 13.54 -44.57
N ALA C 42 57.48 14.09 -45.48
CA ALA C 42 58.91 14.17 -45.26
C ALA C 42 59.16 15.04 -44.03
N PRO C 43 60.15 14.70 -43.16
CA PRO C 43 60.25 15.34 -41.87
C PRO C 43 60.50 16.84 -41.91
N GLU C 44 61.20 17.31 -42.95
CA GLU C 44 61.40 18.74 -43.08
C GLU C 44 60.22 19.47 -43.69
N GLN C 45 59.14 18.75 -44.04
CA GLN C 45 57.97 19.37 -44.67
C GLN C 45 56.77 19.38 -43.72
N ASN C 46 56.96 19.00 -42.46
CA ASN C 46 55.89 19.19 -41.47
C ASN C 46 56.49 19.80 -40.23
N ALA C 47 55.66 20.42 -39.40
CA ALA C 47 56.20 21.18 -38.27
C ALA C 47 56.67 20.22 -37.18
N LEU C 48 56.24 18.95 -37.22
CA LEU C 48 56.65 18.02 -36.15
C LEU C 48 58.08 17.54 -36.34
N GLY C 49 58.60 17.63 -37.59
CA GLY C 49 59.93 17.14 -37.84
C GLY C 49 60.04 15.63 -37.85
N LEU C 50 58.93 14.94 -38.11
CA LEU C 50 58.89 13.50 -38.07
C LEU C 50 58.65 12.96 -39.47
N ASP C 51 59.17 11.75 -39.69
CA ASP C 51 59.14 11.13 -40.99
C ASP C 51 57.93 10.22 -41.17
N PHE C 52 56.88 10.74 -41.82
CA PHE C 52 55.66 9.99 -42.03
C PHE C 52 55.63 9.27 -43.36
N ARG C 53 56.80 9.11 -43.99
CA ARG C 53 56.88 8.31 -45.19
C ARG C 53 57.03 6.82 -44.88
N LYS C 54 57.24 6.50 -43.59
CA LYS C 54 57.32 5.11 -43.18
C LYS C 54 56.87 5.09 -41.73
N GLN C 55 56.62 3.89 -41.21
CA GLN C 55 56.18 3.76 -39.83
C GLN C 55 57.13 4.49 -38.88
N LEU C 56 56.57 5.21 -37.93
CA LEU C 56 57.35 5.83 -36.88
C LEU C 56 57.68 4.81 -35.81
N PRO C 57 58.86 4.88 -35.16
CA PRO C 57 59.15 3.94 -34.09
C PRO C 57 58.36 4.27 -32.85
N PRO C 58 58.35 3.35 -31.88
CA PRO C 58 57.69 3.61 -30.61
C PRO C 58 58.35 4.77 -29.91
N LEU C 59 57.52 5.54 -29.21
CA LEU C 59 57.92 6.68 -28.37
C LEU C 59 58.26 7.93 -29.21
N ALA C 60 58.17 7.88 -30.55
CA ALA C 60 58.51 8.99 -31.40
C ALA C 60 57.53 10.15 -31.30
N VAL C 61 56.26 9.85 -30.96
CA VAL C 61 55.21 10.84 -31.07
C VAL C 61 54.06 10.42 -30.15
N THR C 62 53.28 11.43 -29.74
CA THR C 62 51.95 11.25 -29.18
C THR C 62 51.01 11.99 -30.14
N LEU C 63 50.24 11.23 -30.93
CA LEU C 63 49.42 11.84 -31.95
C LEU C 63 48.25 10.93 -32.28
N THR C 64 47.03 11.42 -32.02
CA THR C 64 45.80 10.72 -32.40
C THR C 64 44.85 11.78 -32.93
N PRO C 65 43.74 11.37 -33.57
CA PRO C 65 42.75 12.38 -33.98
C PRO C 65 42.13 13.22 -32.89
N ALA C 66 42.06 12.70 -31.66
CA ALA C 66 41.55 13.44 -30.50
C ALA C 66 42.44 14.68 -30.22
N MET C 67 43.70 14.66 -30.70
CA MET C 67 44.65 15.74 -30.46
C MET C 67 44.67 16.77 -31.57
N THR C 68 43.63 16.75 -32.42
CA THR C 68 43.45 17.63 -33.53
C THR C 68 42.06 18.20 -33.49
N ASN C 69 41.87 19.33 -34.18
CA ASN C 69 40.54 19.90 -34.33
C ASN C 69 40.57 20.89 -35.45
N VAL C 70 39.37 21.39 -35.81
CA VAL C 70 39.34 22.57 -36.70
C VAL C 70 38.43 23.61 -36.07
N VAL C 71 38.98 24.78 -35.85
CA VAL C 71 38.28 25.84 -35.13
C VAL C 71 37.81 26.88 -36.14
N THR C 72 36.73 27.57 -35.79
CA THR C 72 36.20 28.68 -36.60
C THR C 72 36.25 29.93 -35.73
N GLU C 73 36.93 30.94 -36.23
CA GLU C 73 37.15 32.18 -35.54
C GLU C 73 35.98 33.11 -35.81
N HIS C 74 35.96 34.20 -35.05
CA HIS C 74 34.84 35.14 -35.17
C HIS C 74 34.74 35.73 -36.57
N ASN C 75 35.85 35.89 -37.26
CA ASN C 75 35.81 36.38 -38.65
C ASN C 75 35.43 35.29 -39.67
N GLY C 76 35.07 34.08 -39.22
CA GLY C 76 34.65 32.96 -40.06
C GLY C 76 35.79 32.14 -40.69
N ARG C 77 37.04 32.51 -40.44
CA ARG C 77 38.19 31.79 -41.00
C ARG C 77 38.36 30.51 -40.17
N ARG C 78 38.61 29.42 -40.85
CA ARG C 78 38.71 28.09 -40.24
C ARG C 78 40.17 27.65 -40.23
N TYR C 79 40.61 27.08 -39.08
CA TYR C 79 42.01 26.72 -38.89
C TYR C 79 42.07 25.31 -38.31
N ASN C 80 42.92 24.48 -38.88
CA ASN C 80 43.39 23.28 -38.19
C ASN C 80 44.16 23.67 -36.94
N ILE C 81 43.96 22.86 -35.89
CA ILE C 81 44.81 22.90 -34.70
C ILE C 81 45.26 21.49 -34.35
N MET C 82 46.44 21.43 -33.73
CA MET C 82 47.04 20.19 -33.24
C MET C 82 47.69 20.53 -31.93
N VAL C 83 47.33 19.83 -30.85
CA VAL C 83 47.80 20.18 -29.51
C VAL C 83 48.53 18.96 -28.97
N VAL C 84 49.89 19.02 -28.94
CA VAL C 84 50.69 17.85 -28.69
C VAL C 84 51.78 18.23 -27.69
N PRO C 85 52.23 17.21 -26.91
CA PRO C 85 53.20 17.50 -25.84
C PRO C 85 54.56 17.90 -26.37
N ASP C 86 55.21 18.76 -25.59
CA ASP C 86 56.53 19.30 -25.83
C ASP C 86 57.60 18.36 -25.33
N LYS C 87 58.35 17.75 -26.25
CA LYS C 87 59.43 16.83 -25.90
C LYS C 87 60.52 17.50 -25.09
N ALA C 88 60.70 18.82 -25.27
CA ALA C 88 61.82 19.50 -24.63
C ALA C 88 61.44 20.15 -23.31
N CYS C 89 60.16 20.06 -22.87
CA CYS C 89 59.76 20.56 -21.59
C CYS C 89 60.21 19.63 -20.48
N VAL C 90 60.89 20.16 -19.49
CA VAL C 90 61.48 19.33 -18.45
C VAL C 90 60.42 18.65 -17.57
N VAL C 91 59.18 19.21 -17.51
CA VAL C 91 58.16 18.64 -16.66
C VAL C 91 57.83 17.25 -17.16
N ASN C 92 57.48 17.14 -18.46
CA ASN C 92 56.87 15.94 -18.97
C ASN C 92 57.75 15.22 -19.99
N SER C 93 58.79 15.86 -20.51
CA SER C 93 59.68 15.28 -21.53
C SER C 93 58.87 14.66 -22.68
N GLY C 94 57.80 15.33 -23.10
CA GLY C 94 56.95 14.89 -24.21
C GLY C 94 55.84 13.95 -23.84
N LEU C 95 55.64 13.66 -22.54
CA LEU C 95 54.51 12.83 -22.15
C LEU C 95 53.22 13.69 -22.11
N SER C 96 52.09 13.01 -22.38
CA SER C 96 50.75 13.54 -22.34
C SER C 96 49.89 12.50 -21.61
N SER C 97 49.15 12.90 -20.60
CA SER C 97 48.17 12.02 -19.95
C SER C 97 46.96 11.89 -20.88
N THR C 98 46.05 10.97 -20.54
CA THR C 98 44.81 10.89 -21.29
C THR C 98 43.95 12.17 -21.16
N ARG C 99 44.12 12.92 -20.06
CA ARG C 99 43.29 14.12 -19.86
C ARG C 99 43.79 15.26 -20.72
N GLY C 100 45.11 15.56 -20.61
CA GLY C 100 45.63 16.67 -21.42
C GLY C 100 45.68 16.35 -22.90
N GLY C 101 45.79 15.02 -23.23
CA GLY C 101 45.79 14.61 -24.63
C GLY C 101 44.49 14.97 -25.34
N LYS C 102 43.40 15.14 -24.61
CA LYS C 102 42.13 15.55 -25.18
C LYS C 102 41.99 17.05 -25.41
N MET C 103 43.00 17.84 -25.02
CA MET C 103 42.82 19.30 -25.12
C MET C 103 42.25 19.74 -26.46
N ALA C 104 42.84 19.32 -27.59
CA ALA C 104 42.33 19.82 -28.88
C ALA C 104 40.84 19.53 -29.06
N SER C 105 40.40 18.37 -28.61
CA SER C 105 38.97 17.99 -28.68
C SER C 105 38.08 18.88 -27.79
N TYR C 106 38.68 19.47 -26.75
CA TYR C 106 37.90 20.23 -25.77
C TYR C 106 38.02 21.73 -26.05
N MET C 107 38.76 22.12 -27.10
CA MET C 107 38.68 23.49 -27.57
C MET C 107 37.30 23.67 -28.16
N TYR C 108 36.82 24.92 -28.17
CA TYR C 108 35.50 25.23 -28.66
C TYR C 108 35.48 25.08 -30.17
N THR C 109 34.46 24.30 -30.64
CA THR C 109 34.01 24.33 -32.02
C THR C 109 32.49 24.24 -32.00
N PRO C 110 31.84 24.80 -33.04
CA PRO C 110 30.38 24.75 -33.05
C PRO C 110 29.80 23.34 -33.21
N THR C 111 30.56 22.36 -33.69
CA THR C 111 30.02 21.06 -33.99
C THR C 111 30.61 19.96 -33.09
N GLY C 112 31.68 20.27 -32.32
CA GLY C 112 32.30 19.20 -31.57
C GLY C 112 31.94 19.19 -30.10
N ASP C 113 32.89 18.66 -29.29
CA ASP C 113 32.62 18.43 -27.88
C ASP C 113 32.28 19.72 -27.15
N GLY C 114 32.72 20.84 -27.65
CA GLY C 114 32.45 22.16 -27.04
C GLY C 114 31.17 22.86 -27.51
N LYS C 115 30.32 22.14 -28.26
CA LYS C 115 29.17 22.72 -28.92
C LYS C 115 28.27 23.51 -27.94
N GLN C 116 28.16 22.99 -26.71
CA GLN C 116 27.21 23.51 -25.71
C GLN C 116 27.86 24.53 -24.78
N ARG C 117 29.06 25.00 -25.11
CA ARG C 117 29.70 26.06 -24.34
C ARG C 117 28.72 27.22 -24.20
N LEU C 118 28.69 27.83 -23.02
CA LEU C 118 28.03 29.14 -22.91
C LEU C 118 28.69 30.16 -23.83
N LYS C 119 27.88 30.84 -24.60
CA LYS C 119 28.46 31.86 -25.45
C LYS C 119 27.66 33.14 -25.46
N ALA C 120 26.69 33.25 -24.55
CA ALA C 120 25.88 34.46 -24.40
C ALA C 120 25.43 34.47 -22.95
N PRO C 121 25.16 35.62 -22.31
CA PRO C 121 24.45 35.61 -21.03
C PRO C 121 23.10 34.90 -21.12
N ARG C 122 22.80 34.05 -20.13
CA ARG C 122 21.52 33.34 -20.03
C ARG C 122 20.78 33.82 -18.77
N LEU C 123 19.47 34.06 -18.95
CA LEU C 123 18.57 34.48 -17.89
C LEU C 123 17.43 33.51 -17.76
N TYR C 124 17.07 33.18 -16.52
CA TYR C 124 15.91 32.38 -16.28
C TYR C 124 14.83 33.39 -15.87
N ALA C 125 13.86 33.61 -16.74
CA ALA C 125 12.79 34.60 -16.52
C ALA C 125 11.52 34.01 -17.11
N ALA C 126 10.34 34.33 -16.51
CA ALA C 126 9.11 33.76 -17.02
C ALA C 126 9.17 32.23 -17.13
N ASP C 127 9.79 31.59 -16.10
CA ASP C 127 9.83 30.14 -16.02
C ASP C 127 10.48 29.54 -17.29
N GLN C 128 11.55 30.18 -17.79
CA GLN C 128 12.26 29.62 -18.95
C GLN C 128 13.64 30.23 -19.04
N TRP C 129 14.59 29.45 -19.61
CA TRP C 129 15.88 30.00 -19.97
C TRP C 129 15.81 30.73 -21.31
N VAL C 130 16.33 31.96 -21.32
CA VAL C 130 16.48 32.73 -22.53
C VAL C 130 17.87 33.36 -22.58
N ASP C 131 18.32 33.76 -23.77
CA ASP C 131 19.41 34.69 -23.84
C ASP C 131 19.02 36.08 -23.29
N THR C 132 20.03 36.81 -22.79
CA THR C 132 19.96 38.24 -22.48
C THR C 132 21.23 38.93 -22.92
N THR C 133 21.28 40.26 -22.88
CA THR C 133 22.44 41.06 -23.22
C THR C 133 23.38 41.09 -22.00
N TRP C 134 24.62 41.32 -22.26
CA TRP C 134 25.63 41.60 -21.24
C TRP C 134 25.21 42.77 -20.40
N ASP C 135 24.75 43.85 -21.03
CA ASP C 135 24.44 45.07 -20.30
C ASP C 135 23.28 44.81 -19.37
N HIS C 136 22.25 44.04 -19.80
CA HIS C 136 21.14 43.72 -18.94
C HIS C 136 21.54 42.79 -17.80
N ALA C 137 22.39 41.80 -18.11
CA ALA C 137 22.87 40.92 -17.07
C ALA C 137 23.63 41.70 -16.00
N MET C 138 24.46 42.62 -16.45
CA MET C 138 25.22 43.45 -15.49
C MET C 138 24.28 44.37 -14.70
N ALA C 139 23.27 44.91 -15.36
CA ALA C 139 22.36 45.78 -14.62
C ALA C 139 21.59 45.02 -13.56
N LEU C 140 21.16 43.79 -13.85
N LEU C 140 21.17 43.79 -13.86
CA LEU C 140 20.47 42.98 -12.87
CA LEU C 140 20.47 43.00 -12.86
C LEU C 140 21.43 42.61 -11.72
C LEU C 140 21.43 42.60 -11.72
N TYR C 141 22.62 42.11 -12.09
CA TYR C 141 23.52 41.53 -11.11
C TYR C 141 24.12 42.66 -10.24
N ALA C 142 24.66 43.70 -10.86
CA ALA C 142 25.13 44.88 -10.11
C ALA C 142 23.97 45.51 -9.33
N GLY C 143 22.78 45.52 -9.93
CA GLY C 143 21.64 46.10 -9.24
C GLY C 143 21.35 45.39 -7.91
N LEU C 144 21.38 44.05 -7.93
N LEU C 144 21.38 44.06 -7.94
CA LEU C 144 21.08 43.27 -6.75
CA LEU C 144 21.08 43.27 -6.75
C LEU C 144 22.19 43.40 -5.72
C LEU C 144 22.19 43.40 -5.72
N ILE C 145 23.44 43.39 -6.18
CA ILE C 145 24.56 43.55 -5.29
C ILE C 145 24.51 44.92 -4.63
N LYS C 146 24.20 45.97 -5.37
CA LYS C 146 24.13 47.31 -4.79
C LYS C 146 23.01 47.37 -3.75
N LYS C 147 21.85 46.86 -4.10
CA LYS C 147 20.72 46.92 -3.19
C LYS C 147 21.04 46.18 -1.89
N THR C 148 21.72 45.04 -2.03
CA THR C 148 22.07 44.22 -0.89
C THR C 148 23.09 45.01 -0.04
N LEU C 149 24.10 45.57 -0.66
CA LEU C 149 25.10 46.33 0.09
C LEU C 149 24.46 47.51 0.84
N ASP C 150 23.48 48.15 0.20
CA ASP C 150 22.85 49.36 0.72
C ASP C 150 21.98 49.00 1.92
N LYS C 151 21.28 47.86 1.88
CA LYS C 151 20.33 47.52 2.91
C LYS C 151 20.89 46.51 3.91
N ASP C 152 21.68 45.52 3.46
CA ASP C 152 22.10 44.43 4.34
C ASP C 152 23.58 44.47 4.64
N GLY C 153 24.32 45.16 3.78
CA GLY C 153 25.77 45.14 3.84
C GLY C 153 26.33 43.95 3.06
N PRO C 154 27.67 43.87 2.99
CA PRO C 154 28.36 42.76 2.31
C PRO C 154 27.96 41.38 2.77
N GLN C 155 27.47 41.20 3.99
CA GLN C 155 27.13 39.90 4.52
C GLN C 155 25.99 39.24 3.73
N GLY C 156 25.28 40.02 2.88
CA GLY C 156 24.18 39.49 2.09
C GLY C 156 24.69 38.92 0.74
N VAL C 157 25.98 39.12 0.41
CA VAL C 157 26.54 38.80 -0.90
C VAL C 157 27.49 37.62 -0.75
N PHE C 158 27.08 36.49 -1.36
CA PHE C 158 27.81 35.23 -1.16
C PHE C 158 28.50 34.78 -2.45
N PHE C 159 29.66 34.12 -2.29
CA PHE C 159 30.38 33.55 -3.42
C PHE C 159 30.92 32.17 -3.07
N SER C 160 30.96 31.27 -4.07
CA SER C 160 31.89 30.17 -4.06
C SER C 160 32.72 30.29 -5.34
N CYS C 161 34.02 30.47 -5.19
CA CYS C 161 34.87 30.80 -6.31
C CYS C 161 36.10 29.92 -6.29
N PHE C 162 36.59 29.59 -7.50
CA PHE C 162 37.89 28.95 -7.64
C PHE C 162 38.92 29.78 -6.88
N ASP C 163 39.98 29.11 -6.41
CA ASP C 163 41.17 29.83 -5.98
C ASP C 163 42.43 29.20 -6.57
N HIS C 164 42.25 28.38 -7.61
CA HIS C 164 43.33 27.54 -8.16
C HIS C 164 43.89 28.15 -9.42
N GLY C 165 44.83 27.39 -10.01
CA GLY C 165 45.47 27.71 -11.26
C GLY C 165 44.96 26.91 -12.43
N GLY C 166 45.71 26.97 -13.51
CA GLY C 166 45.31 26.41 -14.80
C GLY C 166 43.96 26.96 -15.27
N ALA C 167 43.29 26.13 -16.10
CA ALA C 167 42.04 26.55 -16.68
C ALA C 167 41.03 26.80 -15.56
N GLY C 168 40.31 27.94 -15.70
CA GLY C 168 39.38 28.32 -14.68
C GLY C 168 40.06 28.77 -13.40
N GLY C 169 41.25 29.39 -13.56
CA GLY C 169 41.99 29.95 -12.49
C GLY C 169 43.17 30.76 -13.03
N GLY C 170 44.24 30.78 -12.22
CA GLY C 170 45.46 31.44 -12.57
C GLY C 170 45.58 32.87 -12.00
N PHE C 171 46.79 33.42 -12.12
CA PHE C 171 47.15 34.63 -11.40
C PHE C 171 46.28 35.80 -11.81
N GLU C 172 45.90 35.90 -13.09
CA GLU C 172 45.05 36.99 -13.58
C GLU C 172 43.66 36.84 -12.99
N ASN C 173 43.12 35.60 -13.05
CA ASN C 173 41.78 35.34 -12.64
C ASN C 173 41.58 35.36 -11.15
N THR C 174 42.52 34.79 -10.35
CA THR C 174 42.35 34.86 -8.92
C THR C 174 42.45 36.32 -8.44
N TRP C 175 43.27 37.12 -9.09
CA TRP C 175 43.40 38.53 -8.73
C TRP C 175 42.14 39.29 -9.09
N GLY C 176 41.61 39.09 -10.30
CA GLY C 176 40.41 39.84 -10.64
C GLY C 176 39.25 39.51 -9.74
N THR C 177 38.96 38.21 -9.55
CA THR C 177 37.89 37.83 -8.65
C THR C 177 38.15 38.30 -7.21
N GLY C 178 39.40 38.10 -6.70
CA GLY C 178 39.71 38.49 -5.32
C GLY C 178 39.59 40.00 -5.09
N LYS C 179 40.03 40.78 -6.02
CA LYS C 179 39.87 42.22 -5.91
C LYS C 179 38.40 42.61 -5.86
N LEU C 180 37.60 42.02 -6.74
CA LEU C 180 36.16 42.23 -6.71
C LEU C 180 35.53 41.84 -5.39
N MET C 181 35.75 40.57 -4.93
CA MET C 181 35.07 40.12 -3.73
C MET C 181 35.56 40.89 -2.51
N PHE C 182 36.89 41.02 -2.38
CA PHE C 182 37.47 41.43 -1.10
C PHE C 182 37.74 42.94 -0.99
N SER C 183 38.24 43.56 -2.05
CA SER C 183 38.58 44.98 -2.01
C SER C 183 37.37 45.86 -2.34
N ALA C 184 36.49 45.39 -3.25
CA ALA C 184 35.45 46.23 -3.85
C ALA C 184 34.13 45.98 -3.11
N ILE C 185 33.57 44.76 -3.20
CA ILE C 185 32.37 44.40 -2.48
C ILE C 185 32.68 44.35 -0.97
N GLN C 186 33.85 43.81 -0.64
CA GLN C 186 34.28 43.61 0.75
C GLN C 186 33.47 42.57 1.50
N THR C 187 33.06 41.48 0.83
CA THR C 187 32.30 40.44 1.49
C THR C 187 33.19 39.37 2.08
N PRO C 188 32.91 38.93 3.30
CA PRO C 188 33.54 37.75 3.92
C PRO C 188 32.82 36.44 3.61
N MET C 189 31.68 36.56 2.89
CA MET C 189 30.84 35.39 2.70
C MET C 189 31.28 34.65 1.43
N VAL C 190 32.51 34.13 1.49
CA VAL C 190 33.19 33.56 0.33
C VAL C 190 33.74 32.19 0.75
N ARG C 191 33.40 31.17 -0.04
CA ARG C 191 34.08 29.87 0.08
C ARG C 191 34.88 29.64 -1.20
N ILE C 192 35.58 28.50 -1.17
CA ILE C 192 36.49 28.15 -2.23
C ILE C 192 35.87 26.98 -2.98
N HIS C 193 36.34 26.73 -4.22
CA HIS C 193 35.72 25.72 -5.07
C HIS C 193 35.67 24.36 -4.38
N ASN C 194 36.73 24.03 -3.57
CA ASN C 194 36.87 22.69 -3.01
C ASN C 194 36.68 22.59 -1.50
N ARG C 195 36.37 23.72 -0.81
CA ARG C 195 36.17 23.65 0.64
C ARG C 195 35.25 24.78 1.04
N PRO C 196 34.40 24.55 2.07
CA PRO C 196 33.24 25.44 2.31
C PRO C 196 33.49 26.66 3.17
N ALA C 197 34.75 27.12 3.24
CA ALA C 197 35.11 28.30 4.00
C ALA C 197 36.36 28.87 3.38
N TYR C 198 36.79 30.06 3.83
CA TYR C 198 37.94 30.71 3.23
C TYR C 198 39.13 30.33 4.09
N ASN C 199 39.79 29.25 3.70
CA ASN C 199 40.79 28.62 4.55
C ASN C 199 41.89 28.03 3.69
N SER C 200 42.89 27.46 4.39
CA SER C 200 44.03 26.81 3.73
C SER C 200 43.86 25.29 3.92
N GLU C 201 44.28 24.52 2.91
CA GLU C 201 44.42 23.09 3.03
C GLU C 201 45.60 22.71 3.92
N CYS C 202 46.53 23.69 4.12
CA CYS C 202 47.82 23.40 4.70
C CYS C 202 48.11 24.32 5.88
N HIS C 203 47.13 24.55 6.74
CA HIS C 203 47.35 25.51 7.82
C HIS C 203 48.50 25.06 8.73
N ALA C 204 48.46 23.79 9.16
CA ALA C 204 49.43 23.30 10.14
C ALA C 204 50.84 23.38 9.54
N THR C 205 51.06 22.84 8.32
CA THR C 205 52.41 22.86 7.77
C THR C 205 52.91 24.29 7.64
N ARG C 206 52.07 25.19 7.14
CA ARG C 206 52.50 26.57 6.95
C ARG C 206 52.82 27.23 8.31
N GLU C 207 52.03 26.94 9.34
CA GLU C 207 52.25 27.52 10.68
C GLU C 207 53.56 27.00 11.29
N MET C 208 53.93 25.76 10.98
CA MET C 208 55.17 25.12 11.43
C MET C 208 56.40 25.61 10.67
N GLY C 209 56.18 26.36 9.57
CA GLY C 209 57.24 27.04 8.86
C GLY C 209 57.58 26.42 7.52
N ILE C 210 56.76 25.45 7.06
CA ILE C 210 57.07 24.77 5.80
C ILE C 210 55.92 24.90 4.80
N GLY C 211 56.17 25.68 3.78
CA GLY C 211 55.18 25.84 2.71
C GLY C 211 55.03 24.50 2.00
N GLU C 212 53.86 24.23 1.44
CA GLU C 212 53.61 22.89 0.97
C GLU C 212 54.23 22.49 -0.37
N LEU C 213 54.75 23.44 -1.16
CA LEU C 213 55.44 23.15 -2.40
C LEU C 213 56.88 23.58 -2.21
N ASN C 214 57.72 22.72 -1.59
CA ASN C 214 59.00 23.13 -1.11
C ASN C 214 60.13 22.45 -1.85
N ASN C 215 59.87 21.74 -2.94
CA ASN C 215 60.94 21.03 -3.66
C ASN C 215 60.78 21.18 -5.17
N ALA C 216 61.60 20.44 -5.92
CA ALA C 216 61.50 20.37 -7.36
C ALA C 216 61.07 18.96 -7.73
N TYR C 217 60.54 18.81 -8.97
CA TYR C 217 60.22 17.46 -9.42
C TYR C 217 61.52 16.63 -9.55
N GLU C 218 62.66 17.31 -9.79
CA GLU C 218 63.95 16.63 -9.83
C GLU C 218 64.23 15.92 -8.51
N ASP C 219 63.71 16.42 -7.38
CA ASP C 219 63.96 15.77 -6.10
C ASP C 219 63.42 14.34 -6.08
N ALA C 220 62.30 14.08 -6.79
CA ALA C 220 61.78 12.73 -6.83
C ALA C 220 62.75 11.81 -7.54
N GLN C 221 63.60 12.34 -8.42
CA GLN C 221 64.61 11.58 -9.12
C GLN C 221 65.83 11.30 -8.23
N LEU C 222 66.03 12.14 -7.22
CA LEU C 222 67.25 12.03 -6.40
C LEU C 222 66.98 11.28 -5.10
N ALA C 223 65.72 11.00 -4.74
CA ALA C 223 65.37 10.34 -3.49
C ALA C 223 65.87 8.88 -3.42
N ASP C 224 66.17 8.45 -2.21
CA ASP C 224 66.28 7.04 -1.88
C ASP C 224 64.93 6.36 -1.70
N VAL C 225 64.00 7.06 -1.05
CA VAL C 225 62.67 6.55 -0.76
C VAL C 225 61.67 7.67 -1.01
N ILE C 226 60.54 7.26 -1.63
CA ILE C 226 59.40 8.16 -1.74
C ILE C 226 58.23 7.63 -0.96
N TRP C 227 57.61 8.50 -0.15
CA TRP C 227 56.34 8.21 0.48
C TRP C 227 55.25 8.90 -0.34
N SER C 228 54.19 8.14 -0.63
CA SER C 228 52.97 8.71 -1.21
C SER C 228 51.86 8.47 -0.23
N ILE C 229 51.41 9.54 0.41
CA ILE C 229 50.53 9.51 1.57
C ILE C 229 49.16 10.08 1.18
N GLY C 230 48.15 9.24 1.15
CA GLY C 230 46.82 9.77 0.81
C GLY C 230 46.75 10.24 -0.63
N ASN C 231 47.33 9.45 -1.53
CA ASN C 231 47.70 9.89 -2.86
C ASN C 231 47.67 8.73 -3.85
N ASN C 232 47.17 8.97 -5.06
CA ASN C 232 47.14 7.94 -6.12
C ASN C 232 47.78 8.49 -7.37
N PRO C 233 49.11 8.74 -7.33
CA PRO C 233 49.74 9.63 -8.31
C PRO C 233 49.77 9.16 -9.76
N TYR C 234 49.76 7.83 -10.01
CA TYR C 234 49.66 7.47 -11.42
C TYR C 234 48.38 8.01 -12.05
N GLU C 235 47.27 8.06 -11.26
CA GLU C 235 45.99 8.52 -11.77
C GLU C 235 45.86 10.04 -11.64
N SER C 236 46.36 10.65 -10.57
CA SER C 236 46.06 12.03 -10.23
C SER C 236 47.23 12.99 -10.48
N GLN C 237 48.47 12.54 -10.72
CA GLN C 237 49.59 13.43 -11.03
C GLN C 237 50.46 12.70 -12.04
N THR C 238 49.82 12.12 -13.03
CA THR C 238 50.32 11.09 -13.91
C THR C 238 51.76 11.31 -14.35
N ASN C 239 52.06 12.47 -14.98
CA ASN C 239 53.35 12.60 -15.64
C ASN C 239 54.45 12.95 -14.66
N TYR C 240 54.13 13.37 -13.47
CA TYR C 240 55.16 13.52 -12.42
C TYR C 240 55.57 12.09 -12.03
N PHE C 241 54.60 11.25 -11.75
CA PHE C 241 54.87 9.84 -11.41
C PHE C 241 55.67 9.21 -12.57
N LEU C 242 55.20 9.37 -13.85
CA LEU C 242 55.82 8.72 -15.01
C LEU C 242 57.19 9.25 -15.37
N ASN C 243 57.38 10.56 -15.37
CA ASN C 243 58.56 11.23 -15.85
C ASN C 243 59.63 11.39 -14.78
N HIS C 244 59.29 11.28 -13.50
CA HIS C 244 60.27 11.56 -12.46
C HIS C 244 60.36 10.40 -11.46
N TRP C 245 59.20 9.90 -10.94
CA TRP C 245 59.26 8.82 -9.95
C TRP C 245 59.70 7.49 -10.55
N LEU C 246 59.11 7.11 -11.66
CA LEU C 246 59.38 5.78 -12.20
C LEU C 246 60.82 5.67 -12.68
N PRO C 247 61.43 6.67 -13.33
CA PRO C 247 62.84 6.60 -13.69
C PRO C 247 63.72 6.30 -12.48
N ASN C 248 63.39 6.85 -11.32
CA ASN C 248 64.15 6.58 -10.11
C ASN C 248 63.98 5.11 -9.75
N LEU C 249 62.75 4.61 -9.68
CA LEU C 249 62.50 3.20 -9.34
C LEU C 249 63.20 2.24 -10.34
N GLN C 250 63.28 2.66 -11.61
CA GLN C 250 63.90 1.82 -12.63
C GLN C 250 65.44 1.84 -12.61
N GLY C 251 66.07 2.74 -11.86
CA GLY C 251 67.51 2.81 -11.81
C GLY C 251 68.13 3.77 -12.81
N ALA C 252 67.29 4.56 -13.52
CA ALA C 252 67.76 5.48 -14.55
C ALA C 252 68.40 6.73 -13.98
N THR C 253 68.25 6.99 -12.68
CA THR C 253 68.79 8.21 -12.07
C THR C 253 69.96 7.92 -11.12
N THR C 254 70.35 6.68 -10.99
CA THR C 254 71.40 6.29 -10.05
C THR C 254 72.71 6.99 -10.33
N SER C 255 73.06 7.13 -11.62
CA SER C 255 74.31 7.76 -11.96
CA SER C 255 74.30 7.77 -11.98
C SER C 255 74.25 9.23 -11.58
N LYS C 256 73.08 9.89 -11.74
CA LYS C 256 72.93 11.27 -11.34
C LYS C 256 73.14 11.48 -9.84
N LYS C 257 72.58 10.59 -9.01
CA LYS C 257 72.74 10.68 -7.58
C LYS C 257 74.24 10.58 -7.22
N LYS C 258 74.89 9.57 -7.77
CA LYS C 258 76.31 9.28 -7.48
C LYS C 258 77.23 10.41 -7.97
N GLU C 259 76.89 11.08 -9.07
CA GLU C 259 77.67 12.20 -9.57
C GLU C 259 77.52 13.42 -8.70
N ARG C 260 76.30 13.63 -8.16
CA ARG C 260 76.08 14.75 -7.26
C ARG C 260 76.70 14.55 -5.87
N PHE C 261 76.76 13.29 -5.42
CA PHE C 261 77.13 12.95 -4.06
C PHE C 261 78.13 11.81 -4.10
N PRO C 262 79.39 12.11 -4.50
CA PRO C 262 80.39 11.08 -4.74
C PRO C 262 80.73 10.19 -3.58
N ASN C 263 80.42 10.58 -2.33
CA ASN C 263 80.82 9.79 -1.16
C ASN C 263 79.61 9.27 -0.39
N GLU C 264 78.53 9.03 -1.14
CA GLU C 264 77.26 8.57 -0.55
C GLU C 264 76.74 7.33 -1.26
N ASN C 265 76.34 6.29 -0.50
CA ASN C 265 75.72 5.15 -1.07
C ASN C 265 74.31 5.47 -1.51
N PHE C 266 73.93 4.88 -2.65
CA PHE C 266 72.53 4.97 -3.11
C PHE C 266 71.99 3.58 -3.35
N PRO C 267 71.19 3.02 -2.43
CA PRO C 267 70.56 1.71 -2.67
C PRO C 267 69.49 1.89 -3.76
N GLN C 268 69.00 0.76 -4.21
CA GLN C 268 67.88 0.85 -5.15
C GLN C 268 66.76 1.60 -4.44
N ALA C 269 66.08 2.45 -5.23
CA ALA C 269 65.03 3.31 -4.68
C ALA C 269 63.85 2.48 -4.27
N ARG C 270 63.14 2.92 -3.24
CA ARG C 270 61.98 2.21 -2.75
C ARG C 270 60.84 3.18 -2.56
N ILE C 271 59.60 2.62 -2.47
CA ILE C 271 58.41 3.46 -2.36
C ILE C 271 57.42 2.87 -1.36
N ILE C 272 56.82 3.77 -0.59
CA ILE C 272 55.92 3.49 0.49
C ILE C 272 54.61 4.25 0.30
N PHE C 273 53.49 3.53 0.22
CA PHE C 273 52.20 4.13 0.10
C PHE C 273 51.44 4.01 1.41
N VAL C 274 50.88 5.11 1.86
CA VAL C 274 49.97 5.11 2.99
C VAL C 274 48.58 5.41 2.42
N ASP C 275 47.76 4.36 2.31
CA ASP C 275 46.46 4.51 1.69
C ASP C 275 45.68 3.31 2.13
N PRO C 276 44.47 3.44 2.76
CA PRO C 276 43.68 2.27 3.04
C PRO C 276 43.42 1.39 1.89
N ARG C 277 43.40 1.99 0.67
CA ARG C 277 43.03 1.25 -0.53
C ARG C 277 44.29 0.91 -1.33
N GLU C 278 44.28 -0.28 -1.93
CA GLU C 278 45.31 -0.65 -2.92
C GLU C 278 44.87 -0.04 -4.25
N THR C 279 45.75 0.75 -4.88
CA THR C 279 45.42 1.48 -6.08
C THR C 279 46.22 1.04 -7.28
N PRO C 280 45.86 1.53 -8.46
CA PRO C 280 46.69 1.39 -9.64
C PRO C 280 48.12 1.87 -9.41
N SER C 281 48.35 2.91 -8.58
CA SER C 281 49.70 3.38 -8.35
C SER C 281 50.53 2.29 -7.65
N VAL C 282 49.97 1.68 -6.62
CA VAL C 282 50.62 0.54 -5.92
C VAL C 282 50.92 -0.59 -6.90
N ALA C 283 49.92 -0.99 -7.74
CA ALA C 283 50.14 -2.03 -8.71
C ALA C 283 51.29 -1.74 -9.65
N ILE C 284 51.39 -0.49 -10.13
CA ILE C 284 52.42 -0.16 -11.10
C ILE C 284 53.78 -0.16 -10.40
N ALA C 285 53.84 0.41 -9.20
CA ALA C 285 55.11 0.48 -8.47
C ALA C 285 55.64 -0.95 -8.26
N ARG C 286 54.74 -1.89 -7.91
CA ARG C 286 55.16 -3.27 -7.72
C ARG C 286 55.61 -3.89 -9.03
N HIS C 287 54.91 -3.57 -10.14
CA HIS C 287 55.33 -4.06 -11.43
C HIS C 287 56.74 -3.60 -11.80
N VAL C 288 57.05 -2.34 -11.56
CA VAL C 288 58.29 -1.71 -12.01
C VAL C 288 59.43 -2.12 -11.08
N ALA C 289 59.22 -2.08 -9.77
CA ALA C 289 60.32 -2.10 -8.81
C ALA C 289 60.41 -3.48 -8.15
N GLY C 290 59.36 -4.28 -8.24
CA GLY C 290 59.24 -5.56 -7.56
C GLY C 290 58.55 -5.41 -6.20
N ASN C 291 57.90 -6.47 -5.72
CA ASN C 291 57.21 -6.40 -4.44
C ASN C 291 58.12 -5.98 -3.28
N ASP C 292 59.38 -6.41 -3.30
N ASP C 292 59.38 -6.40 -3.32
CA ASP C 292 60.25 -6.23 -2.14
CA ASP C 292 60.26 -6.22 -2.17
C ASP C 292 60.75 -4.78 -2.02
C ASP C 292 60.75 -4.78 -2.02
N ARG C 293 60.51 -3.90 -3.02
CA ARG C 293 60.87 -2.49 -2.95
C ARG C 293 59.69 -1.54 -2.66
N VAL C 294 58.49 -2.13 -2.53
CA VAL C 294 57.28 -1.40 -2.32
C VAL C 294 56.66 -1.81 -0.99
N LEU C 295 56.26 -0.85 -0.15
CA LEU C 295 55.47 -1.12 1.04
C LEU C 295 54.13 -0.40 0.90
N HIS C 296 53.05 -1.18 0.98
CA HIS C 296 51.71 -0.64 1.06
C HIS C 296 51.22 -0.72 2.49
N LEU C 297 51.18 0.44 3.15
N LEU C 297 51.17 0.46 3.15
CA LEU C 297 50.70 0.54 4.52
CA LEU C 297 50.71 0.58 4.53
C LEU C 297 49.22 0.82 4.39
C LEU C 297 49.22 0.82 4.39
N ALA C 298 48.48 -0.29 4.43
CA ALA C 298 47.05 -0.28 4.14
C ALA C 298 46.30 0.01 5.43
N ILE C 299 46.46 1.22 5.91
CA ILE C 299 45.95 1.68 7.20
C ILE C 299 44.43 1.61 7.23
N GLU C 300 43.89 1.46 8.44
N GLU C 300 43.90 1.49 8.45
CA GLU C 300 42.48 1.65 8.63
CA GLU C 300 42.48 1.65 8.64
C GLU C 300 42.14 3.09 8.28
C GLU C 300 42.14 3.09 8.29
N PRO C 301 40.99 3.34 7.63
CA PRO C 301 40.63 4.72 7.35
C PRO C 301 40.75 5.66 8.53
N GLY C 302 41.36 6.81 8.27
CA GLY C 302 41.41 7.89 9.23
C GLY C 302 42.45 7.70 10.32
N THR C 303 43.39 6.75 10.18
CA THR C 303 44.36 6.50 11.24
C THR C 303 45.75 7.03 10.99
N ASP C 304 45.90 7.96 10.00
CA ASP C 304 47.15 8.59 9.64
C ASP C 304 47.90 9.15 10.84
N THR C 305 47.22 9.91 11.69
CA THR C 305 47.89 10.53 12.82
C THR C 305 48.53 9.44 13.69
N ALA C 306 47.83 8.36 13.98
CA ALA C 306 48.40 7.28 14.79
C ALA C 306 49.66 6.70 14.11
N LEU C 307 49.59 6.49 12.79
CA LEU C 307 50.71 6.00 12.03
C LEU C 307 51.90 6.89 12.23
N PHE C 308 51.77 8.22 11.98
CA PHE C 308 52.93 9.10 12.04
C PHE C 308 53.45 9.22 13.47
N ASN C 309 52.57 9.30 14.47
CA ASN C 309 53.05 9.39 15.83
C ASN C 309 53.81 8.11 16.22
N GLY C 310 53.40 6.92 15.75
CA GLY C 310 54.15 5.71 16.07
C GLY C 310 55.50 5.71 15.39
N LEU C 311 55.55 6.17 14.15
CA LEU C 311 56.82 6.23 13.43
C LEU C 311 57.76 7.28 14.04
N PHE C 312 57.23 8.44 14.40
CA PHE C 312 58.03 9.50 15.04
C PHE C 312 58.59 8.97 16.37
N THR C 313 57.73 8.31 17.14
CA THR C 313 58.15 7.75 18.42
C THR C 313 59.32 6.77 18.24
N TYR C 314 59.17 5.88 17.25
CA TYR C 314 60.17 4.87 16.94
C TYR C 314 61.50 5.45 16.47
N VAL C 315 61.47 6.38 15.50
CA VAL C 315 62.71 6.95 15.01
C VAL C 315 63.45 7.69 16.13
N VAL C 316 62.72 8.30 17.06
CA VAL C 316 63.37 9.01 18.15
C VAL C 316 64.02 7.98 19.07
N GLU C 317 63.29 6.90 19.37
CA GLU C 317 63.81 5.87 20.25
C GLU C 317 65.04 5.19 19.63
N GLN C 318 65.10 5.06 18.29
CA GLN C 318 66.21 4.43 17.63
C GLN C 318 67.38 5.38 17.41
N GLY C 319 67.15 6.67 17.57
CA GLY C 319 68.14 7.71 17.30
C GLY C 319 68.28 8.02 15.81
N TRP C 320 67.29 7.60 15.01
CA TRP C 320 67.29 7.81 13.56
C TRP C 320 66.71 9.17 13.23
N ILE C 321 67.36 10.19 13.81
CA ILE C 321 66.98 11.58 13.71
C ILE C 321 68.28 12.38 13.53
N ASP C 322 68.11 13.68 13.26
CA ASP C 322 69.21 14.58 12.98
C ASP C 322 69.30 15.58 14.14
N LYS C 323 70.01 15.16 15.20
CA LYS C 323 70.01 15.95 16.42
C LYS C 323 70.61 17.33 16.16
N PRO C 324 71.71 17.50 15.40
CA PRO C 324 72.23 18.85 15.20
C PRO C 324 71.24 19.76 14.44
N PHE C 325 70.48 19.19 13.47
CA PHE C 325 69.50 19.98 12.76
C PHE C 325 68.42 20.44 13.71
N ILE C 326 67.94 19.52 14.55
CA ILE C 326 66.91 19.81 15.54
C ILE C 326 67.39 20.96 16.43
N GLU C 327 68.64 20.83 16.91
CA GLU C 327 69.15 21.81 17.84
C GLU C 327 69.25 23.19 17.20
N ALA C 328 69.71 23.27 15.95
CA ALA C 328 70.01 24.53 15.31
C ALA C 328 68.77 25.17 14.69
N HIS C 329 67.79 24.37 14.21
CA HIS C 329 66.82 24.89 13.26
C HIS C 329 65.36 24.61 13.63
N THR C 330 65.09 24.11 14.84
CA THR C 330 63.73 23.78 15.26
C THR C 330 63.44 24.23 16.68
N LYS C 331 62.15 24.34 16.98
CA LYS C 331 61.62 24.46 18.32
C LYS C 331 60.55 23.39 18.57
N GLY C 332 60.48 22.92 19.81
CA GLY C 332 59.34 22.16 20.28
C GLY C 332 59.50 20.64 20.20
N PHE C 333 60.71 20.15 19.87
CA PHE C 333 60.95 18.73 19.74
C PHE C 333 60.62 17.96 21.01
N ASP C 334 61.18 18.36 22.17
CA ASP C 334 60.99 17.57 23.38
C ASP C 334 59.51 17.47 23.76
N ASP C 335 58.76 18.55 23.56
CA ASP C 335 57.33 18.55 23.83
C ASP C 335 56.61 17.59 22.91
N ALA C 336 57.00 17.55 21.63
CA ALA C 336 56.32 16.67 20.69
C ALA C 336 56.59 15.19 20.98
N VAL C 337 57.81 14.90 21.41
CA VAL C 337 58.15 13.55 21.82
C VAL C 337 57.21 13.09 22.93
N LYS C 338 56.91 13.96 23.89
CA LYS C 338 56.00 13.57 24.96
C LYS C 338 54.56 13.48 24.50
N THR C 339 54.05 14.49 23.78
CA THR C 339 52.63 14.56 23.42
C THR C 339 52.29 13.47 22.40
N ASN C 340 53.23 13.12 21.53
CA ASN C 340 52.94 12.22 20.43
C ASN C 340 53.42 10.80 20.67
N ARG C 341 53.83 10.45 21.90
CA ARG C 341 54.33 9.15 22.20
C ARG C 341 53.27 8.09 21.90
N LEU C 342 53.65 7.07 21.14
CA LEU C 342 52.81 5.94 20.84
C LEU C 342 53.70 4.78 20.50
N SER C 343 53.52 3.64 21.18
CA SER C 343 54.36 2.47 20.95
C SER C 343 54.03 1.86 19.60
N LEU C 344 54.94 1.06 19.06
CA LEU C 344 54.68 0.32 17.83
C LEU C 344 53.48 -0.61 17.98
N ASP C 345 53.35 -1.30 19.12
CA ASP C 345 52.23 -2.18 19.34
C ASP C 345 50.91 -1.41 19.31
N GLU C 346 50.86 -0.23 19.95
N GLU C 346 50.85 -0.22 19.95
CA GLU C 346 49.61 0.55 20.02
CA GLU C 346 49.60 0.53 19.99
C GLU C 346 49.32 1.12 18.62
C GLU C 346 49.32 1.13 18.61
N CYS C 347 50.39 1.54 17.93
CA CYS C 347 50.28 2.05 16.56
C CYS C 347 49.69 0.97 15.67
N SER C 348 50.25 -0.23 15.76
CA SER C 348 49.80 -1.39 15.00
C SER C 348 48.33 -1.75 15.27
N ASN C 349 47.95 -1.77 16.54
CA ASN C 349 46.57 -2.01 16.90
C ASN C 349 45.61 -0.96 16.30
N ILE C 350 45.96 0.33 16.34
CA ILE C 350 45.09 1.39 15.79
C ILE C 350 45.02 1.33 14.28
N THR C 351 46.19 1.20 13.62
CA THR C 351 46.27 1.38 12.18
C THR C 351 45.93 0.07 11.49
N GLY C 352 46.11 -1.08 12.15
CA GLY C 352 46.02 -2.39 11.52
C GLY C 352 47.27 -2.79 10.77
N VAL C 353 48.32 -1.98 10.74
CA VAL C 353 49.53 -2.30 9.99
C VAL C 353 50.42 -3.14 10.92
N PRO C 354 50.93 -4.29 10.48
CA PRO C 354 51.83 -5.11 11.32
C PRO C 354 53.08 -4.35 11.76
N VAL C 355 53.50 -4.70 12.98
CA VAL C 355 54.67 -4.08 13.55
C VAL C 355 55.88 -4.23 12.65
N ASP C 356 56.08 -5.36 12.05
CA ASP C 356 57.24 -5.55 11.20
C ASP C 356 57.23 -4.65 9.97
N MET C 357 56.04 -4.31 9.44
N MET C 357 56.04 -4.32 9.43
CA MET C 357 55.98 -3.40 8.32
CA MET C 357 55.97 -3.40 8.31
C MET C 357 56.29 -1.96 8.78
C MET C 357 56.30 -1.98 8.78
N LEU C 358 55.83 -1.57 9.97
CA LEU C 358 56.16 -0.27 10.52
C LEU C 358 57.68 -0.16 10.67
N LYS C 359 58.29 -1.21 11.24
CA LYS C 359 59.74 -1.17 11.44
C LYS C 359 60.47 -1.11 10.10
N ARG C 360 60.02 -1.89 9.10
CA ARG C 360 60.66 -1.87 7.80
C ARG C 360 60.55 -0.47 7.16
N ALA C 361 59.35 0.16 7.22
CA ALA C 361 59.15 1.46 6.64
C ALA C 361 60.18 2.41 7.25
N ALA C 362 60.34 2.37 8.58
CA ALA C 362 61.22 3.33 9.25
C ALA C 362 62.68 3.04 8.91
N GLU C 363 63.03 1.77 8.84
CA GLU C 363 64.39 1.38 8.48
C GLU C 363 64.78 1.81 7.06
N TRP C 364 63.90 1.58 6.09
CA TRP C 364 64.17 2.04 4.74
C TRP C 364 64.41 3.56 4.70
N SER C 365 63.55 4.28 5.44
CA SER C 365 63.37 5.70 5.25
C SER C 365 64.34 6.54 6.05
N TYR C 366 64.70 6.08 7.28
CA TYR C 366 65.31 6.97 8.27
C TYR C 366 66.60 6.40 8.91
N LYS C 367 66.84 5.09 8.85
CA LYS C 367 68.11 4.59 9.41
C LYS C 367 69.27 5.05 8.52
N PRO C 368 70.36 5.62 9.09
CA PRO C 368 71.47 6.03 8.25
C PRO C 368 72.00 4.92 7.34
N LYS C 369 72.39 5.37 6.16
CA LYS C 369 73.01 4.54 5.15
C LYS C 369 74.42 4.11 5.66
N ALA C 370 75.00 3.12 4.98
CA ALA C 370 76.32 2.60 5.42
C ALA C 370 77.40 3.69 5.34
N SER C 371 77.30 4.58 4.34
CA SER C 371 78.22 5.72 4.21
C SER C 371 78.00 6.82 5.21
N GLY C 372 76.92 6.76 6.01
CA GLY C 372 76.76 7.65 7.13
C GLY C 372 75.58 8.63 7.03
N GLN C 373 75.17 8.96 5.83
CA GLN C 373 74.15 9.97 5.64
C GLN C 373 72.77 9.36 5.80
N ALA C 374 71.82 10.19 6.27
CA ALA C 374 70.44 9.71 6.35
C ALA C 374 69.92 9.46 4.95
N PRO C 375 68.96 8.53 4.74
CA PRO C 375 68.32 8.39 3.42
C PRO C 375 67.66 9.71 3.07
N ARG C 376 67.60 9.97 1.78
CA ARG C 376 66.88 11.11 1.23
C ARG C 376 65.44 10.64 0.95
N THR C 377 64.53 10.98 1.85
CA THR C 377 63.16 10.46 1.79
C THR C 377 62.23 11.64 1.50
N MET C 378 61.60 11.61 0.32
CA MET C 378 60.63 12.62 -0.09
C MET C 378 59.25 12.16 0.36
N HIS C 379 58.57 13.02 1.14
CA HIS C 379 57.26 12.71 1.68
C HIS C 379 56.20 13.48 0.91
N ALA C 380 55.46 12.80 0.06
CA ALA C 380 54.45 13.40 -0.79
C ALA C 380 53.07 13.01 -0.23
N TYR C 381 52.14 13.98 -0.12
CA TYR C 381 50.81 13.71 0.41
C TYR C 381 49.76 14.49 -0.40
N GLU C 382 48.52 13.98 -0.38
CA GLU C 382 47.43 14.72 -1.07
C GLU C 382 46.14 14.46 -0.31
N LYS C 383 45.01 14.28 -1.01
CA LYS C 383 43.73 14.44 -0.40
C LYS C 383 43.31 13.32 0.56
N GLY C 384 43.95 12.16 0.56
CA GLY C 384 43.66 11.14 1.53
C GLY C 384 43.96 11.61 2.95
N ILE C 385 44.84 12.60 3.13
CA ILE C 385 45.00 13.23 4.45
C ILE C 385 44.53 14.67 4.45
N ILE C 386 44.56 15.39 3.35
CA ILE C 386 44.04 16.78 3.38
C ILE C 386 42.54 16.76 3.63
N TRP C 387 41.82 15.81 2.99
CA TRP C 387 40.42 15.57 3.25
C TRP C 387 40.24 14.41 4.25
N GLY C 388 41.26 14.18 5.10
CA GLY C 388 41.30 13.07 6.04
C GLY C 388 40.71 13.44 7.39
N ASN C 389 41.00 12.57 8.36
CA ASN C 389 40.48 12.68 9.72
C ASN C 389 41.27 13.76 10.48
N ASP C 390 40.77 14.97 10.41
CA ASP C 390 41.33 16.14 11.06
C ASP C 390 42.62 16.57 10.37
N ASN C 391 42.44 17.33 9.30
CA ASN C 391 43.50 17.83 8.44
C ASN C 391 44.68 18.40 9.26
N TYR C 392 44.32 19.26 10.21
CA TYR C 392 45.32 20.00 10.97
C TYR C 392 46.21 19.04 11.78
N VAL C 393 45.56 18.05 12.42
CA VAL C 393 46.28 17.14 13.26
C VAL C 393 47.16 16.19 12.44
N ILE C 394 46.70 15.71 11.28
CA ILE C 394 47.51 14.74 10.54
C ILE C 394 48.78 15.43 10.05
N GLN C 395 48.65 16.66 9.53
CA GLN C 395 49.83 17.37 9.05
C GLN C 395 50.79 17.67 10.21
N SER C 396 50.26 17.98 11.38
CA SER C 396 51.12 18.19 12.54
C SER C 396 51.95 16.92 12.80
N ALA C 397 51.32 15.74 12.76
CA ALA C 397 52.02 14.50 13.08
C ALA C 397 53.06 14.18 12.01
N LEU C 398 52.68 14.36 10.75
CA LEU C 398 53.59 14.04 9.64
C LEU C 398 54.81 14.95 9.64
N LEU C 399 54.56 16.26 9.71
CA LEU C 399 55.64 17.20 9.66
C LEU C 399 56.61 16.96 10.82
N ASP C 400 56.11 16.58 11.98
CA ASP C 400 57.01 16.29 13.09
C ASP C 400 58.03 15.26 12.64
N LEU C 401 57.55 14.14 12.02
CA LEU C 401 58.45 13.11 11.59
C LEU C 401 59.46 13.58 10.54
N VAL C 402 59.00 14.41 9.60
CA VAL C 402 59.85 14.93 8.56
C VAL C 402 60.96 15.87 9.12
N ILE C 403 60.55 16.80 9.99
CA ILE C 403 61.48 17.80 10.53
C ILE C 403 62.55 17.04 11.35
N ALA C 404 62.14 16.07 12.20
CA ALA C 404 63.09 15.39 13.07
C ALA C 404 64.12 14.64 12.26
N THR C 405 63.72 14.17 11.07
CA THR C 405 64.58 13.37 10.20
C THR C 405 65.18 14.22 9.09
N HIS C 406 65.07 15.54 9.18
CA HIS C 406 65.71 16.45 8.24
C HIS C 406 65.39 16.11 6.80
N ASN C 407 64.11 15.82 6.53
CA ASN C 407 63.67 15.50 5.18
C ASN C 407 62.92 16.66 4.50
N VAL C 408 63.36 17.88 4.81
CA VAL C 408 63.09 19.08 4.04
C VAL C 408 64.43 19.80 3.88
N GLY C 409 64.62 20.41 2.71
CA GLY C 409 65.79 21.25 2.51
C GLY C 409 66.99 20.50 1.95
N ARG C 410 66.99 19.14 2.00
CA ARG C 410 68.04 18.38 1.35
CA ARG C 410 68.05 18.37 1.35
C ARG C 410 67.55 17.90 -0.01
N ARG C 411 68.41 17.88 -1.01
CA ARG C 411 67.98 17.39 -2.30
C ARG C 411 67.57 15.91 -2.19
N GLY C 412 66.53 15.55 -2.97
CA GLY C 412 65.97 14.21 -2.89
C GLY C 412 64.99 14.06 -1.73
N THR C 413 64.62 15.15 -1.05
CA THR C 413 63.67 15.16 0.04
C THR C 413 62.55 16.15 -0.21
N GLY C 414 61.86 16.53 0.87
CA GLY C 414 60.71 17.40 0.79
C GLY C 414 59.55 16.79 1.54
N CYS C 415 58.68 17.65 2.02
CA CYS C 415 57.41 17.19 2.54
C CYS C 415 56.34 18.05 1.87
N VAL C 416 55.74 17.47 0.79
CA VAL C 416 55.10 18.31 -0.19
C VAL C 416 53.72 17.76 -0.48
N ARG C 417 52.81 18.71 -0.73
CA ARG C 417 51.59 18.35 -1.44
C ARG C 417 52.00 17.87 -2.84
N MET C 418 51.17 16.94 -3.36
CA MET C 418 51.25 16.56 -4.77
C MET C 418 50.42 17.54 -5.63
N GLY C 419 49.43 18.18 -5.05
CA GLY C 419 48.62 19.15 -5.71
C GLY C 419 47.44 18.53 -6.44
N GLY C 420 46.54 19.42 -6.87
CA GLY C 420 45.27 19.05 -7.48
C GLY C 420 45.20 19.64 -8.87
N HIS C 421 44.72 20.88 -8.90
CA HIS C 421 44.86 21.75 -10.04
C HIS C 421 46.26 22.34 -9.96
N GLN C 422 46.70 23.01 -11.02
CA GLN C 422 47.82 23.95 -10.92
C GLN C 422 47.43 25.05 -9.95
N GLU C 423 48.42 25.92 -9.65
N GLU C 423 48.42 25.91 -9.66
CA GLU C 423 48.22 26.98 -8.69
CA GLU C 423 48.24 26.98 -8.69
C GLU C 423 48.45 28.32 -9.38
C GLU C 423 48.44 28.32 -9.39
N GLY C 424 47.82 29.33 -8.82
CA GLY C 424 47.96 30.64 -9.39
C GLY C 424 47.26 31.68 -8.57
N TYR C 425 47.66 31.76 -7.30
CA TYR C 425 46.93 32.60 -6.35
C TYR C 425 47.60 33.96 -6.16
N THR C 426 46.84 35.03 -6.43
CA THR C 426 47.22 36.40 -6.08
C THR C 426 45.92 37.10 -5.71
N ARG C 427 45.76 37.47 -4.43
CA ARG C 427 44.54 38.10 -3.98
C ARG C 427 44.83 39.07 -2.84
N PRO C 428 43.90 40.04 -2.60
CA PRO C 428 43.95 40.85 -1.40
C PRO C 428 43.70 39.91 -0.23
N PRO C 429 44.00 40.33 1.02
CA PRO C 429 43.61 39.55 2.19
C PRO C 429 42.08 39.35 2.29
N TYR C 430 41.72 38.21 2.81
CA TYR C 430 40.35 37.88 3.12
C TYR C 430 39.85 38.86 4.18
N PRO C 431 38.70 39.55 3.97
CA PRO C 431 38.32 40.69 4.81
C PRO C 431 37.46 40.37 6.01
N GLY C 432 37.76 39.32 6.72
CA GLY C 432 37.38 39.31 8.12
C GLY C 432 38.28 38.39 8.93
N ASP C 433 37.87 38.11 10.17
CA ASP C 433 38.61 37.18 10.99
C ASP C 433 37.68 36.09 11.56
N LYS C 434 36.55 35.81 10.89
CA LYS C 434 35.67 34.73 11.34
C LYS C 434 35.84 33.56 10.38
N LYS C 435 35.66 32.34 10.86
CA LYS C 435 35.61 31.16 10.02
C LYS C 435 34.14 30.88 9.73
N ILE C 436 33.74 30.97 8.46
CA ILE C 436 32.32 30.92 8.14
C ILE C 436 32.07 29.74 7.20
N TYR C 437 31.20 28.84 7.65
CA TYR C 437 30.83 27.66 6.90
C TYR C 437 29.72 28.02 5.91
N ILE C 438 30.12 28.33 4.68
CA ILE C 438 29.21 28.97 3.76
C ILE C 438 28.03 28.09 3.41
N ASP C 439 28.25 26.81 3.12
CA ASP C 439 27.14 25.95 2.76
C ASP C 439 26.09 25.92 3.88
N GLN C 440 26.56 25.81 5.13
CA GLN C 440 25.63 25.78 6.26
C GLN C 440 24.83 27.08 6.32
N GLU C 441 25.45 28.25 6.10
CA GLU C 441 24.77 29.53 6.15
C GLU C 441 23.73 29.64 5.04
N LEU C 442 24.05 29.14 3.82
CA LEU C 442 23.05 29.10 2.76
C LEU C 442 21.89 28.19 3.08
N ILE C 443 22.17 26.99 3.60
CA ILE C 443 21.15 26.05 4.00
C ILE C 443 20.25 26.64 5.07
N LYS C 444 20.81 27.48 5.92
CA LYS C 444 20.04 28.05 7.02
C LYS C 444 19.25 29.28 6.58
N GLY C 445 19.43 29.72 5.32
CA GLY C 445 18.63 30.77 4.75
C GLY C 445 19.35 32.10 4.64
N LYS C 446 20.69 32.15 4.83
CA LYS C 446 21.38 33.42 4.77
C LYS C 446 21.69 33.79 3.33
N GLY C 447 21.85 35.09 3.12
CA GLY C 447 22.31 35.62 1.85
C GLY C 447 21.17 35.97 0.90
N ARG C 448 21.43 36.96 0.05
CA ARG C 448 20.47 37.43 -0.93
C ARG C 448 20.84 36.95 -2.34
N ILE C 449 22.13 36.89 -2.62
CA ILE C 449 22.68 36.52 -3.89
C ILE C 449 23.87 35.60 -3.64
N MET C 450 23.90 34.50 -4.42
CA MET C 450 25.00 33.54 -4.37
C MET C 450 25.54 33.39 -5.80
N THR C 451 26.85 33.54 -5.95
CA THR C 451 27.51 33.31 -7.24
C THR C 451 28.47 32.12 -7.13
N TRP C 452 28.21 31.09 -7.96
CA TRP C 452 29.17 30.02 -8.21
C TRP C 452 30.04 30.46 -9.37
N TRP C 453 31.34 30.48 -9.15
CA TRP C 453 32.27 31.08 -10.12
C TRP C 453 33.34 30.08 -10.44
N GLY C 454 33.23 29.39 -11.60
CA GLY C 454 34.23 28.38 -11.95
C GLY C 454 34.23 27.18 -11.00
N CYS C 455 33.05 26.78 -10.49
CA CYS C 455 32.92 25.62 -9.65
C CYS C 455 31.46 25.16 -9.70
N ASN C 456 31.22 23.94 -9.23
CA ASN C 456 29.89 23.34 -9.30
C ASN C 456 29.71 22.51 -8.04
N ASN C 457 29.31 23.19 -6.95
CA ASN C 457 29.22 22.52 -5.67
C ASN C 457 27.99 21.62 -5.57
N PHE C 458 27.10 21.68 -6.56
CA PHE C 458 26.04 20.70 -6.66
C PHE C 458 26.63 19.27 -6.79
N GLN C 459 27.76 19.15 -7.51
CA GLN C 459 28.46 17.89 -7.65
C GLN C 459 29.56 17.67 -6.60
N THR C 460 30.09 18.75 -6.00
CA THR C 460 31.37 18.66 -5.27
C THR C 460 31.37 19.11 -3.81
N SER C 461 30.28 19.66 -3.30
CA SER C 461 30.22 19.92 -1.87
C SER C 461 30.24 18.63 -1.07
N ASN C 462 30.70 18.77 0.20
CA ASN C 462 30.39 17.75 1.18
C ASN C 462 28.93 17.96 1.57
N ASN C 463 28.27 16.87 1.95
CA ASN C 463 26.86 16.90 2.32
C ASN C 463 26.08 17.56 1.20
N ALA C 464 26.42 17.18 -0.06
CA ALA C 464 25.94 17.88 -1.24
C ALA C 464 24.43 17.81 -1.44
N GLN C 465 23.77 16.75 -0.96
CA GLN C 465 22.34 16.59 -1.17
C GLN C 465 21.57 17.67 -0.39
N ALA C 466 22.03 17.94 0.82
CA ALA C 466 21.38 18.93 1.65
C ALA C 466 21.56 20.31 1.06
N LEU C 467 22.71 20.56 0.41
CA LEU C 467 22.96 21.81 -0.25
C LEU C 467 22.03 21.92 -1.44
N ARG C 468 22.00 20.89 -2.31
CA ARG C 468 21.13 20.99 -3.49
C ARG C 468 19.69 21.24 -3.07
N GLU C 469 19.20 20.49 -2.10
CA GLU C 469 17.83 20.64 -1.67
C GLU C 469 17.52 22.06 -1.24
N ALA C 470 18.38 22.66 -0.41
CA ALA C 470 18.17 24.03 0.01
C ALA C 470 18.26 25.03 -1.15
N ILE C 471 19.27 24.90 -2.05
CA ILE C 471 19.43 25.88 -3.09
C ILE C 471 18.28 25.77 -4.08
N LEU C 472 17.85 24.56 -4.41
CA LEU C 472 16.71 24.42 -5.31
C LEU C 472 15.47 25.09 -4.68
N GLN C 473 15.26 24.87 -3.38
CA GLN C 473 14.10 25.46 -2.71
C GLN C 473 14.10 26.98 -2.75
N ARG C 474 15.25 27.57 -2.39
CA ARG C 474 15.39 29.00 -2.31
C ARG C 474 15.34 29.62 -3.69
N SER C 475 15.93 28.96 -4.70
CA SER C 475 15.92 29.44 -6.06
C SER C 475 14.49 29.49 -6.59
N ALA C 476 13.70 28.46 -6.28
CA ALA C 476 12.32 28.35 -6.76
C ALA C 476 11.50 29.52 -6.27
N ILE C 477 11.76 29.98 -5.02
CA ILE C 477 11.04 31.14 -4.49
C ILE C 477 11.26 32.37 -5.36
N VAL C 478 12.49 32.55 -5.85
CA VAL C 478 12.79 33.66 -6.73
C VAL C 478 12.13 33.45 -8.10
N LYS C 479 12.19 32.22 -8.61
CA LYS C 479 11.56 31.90 -9.92
C LYS C 479 10.09 32.27 -9.90
N GLN C 480 9.43 31.91 -8.79
CA GLN C 480 7.97 32.13 -8.67
C GLN C 480 7.66 33.60 -8.66
N ALA C 481 8.45 34.39 -7.93
CA ALA C 481 8.27 35.82 -7.86
C ALA C 481 8.57 36.48 -9.19
N MET C 482 9.72 36.13 -9.83
CA MET C 482 10.08 36.77 -11.08
C MET C 482 9.03 36.53 -12.19
N GLN C 483 8.45 35.33 -12.23
CA GLN C 483 7.54 35.00 -13.32
C GLN C 483 6.20 35.73 -13.21
N LYS C 484 5.92 36.29 -12.03
CA LYS C 484 4.71 37.08 -11.88
C LYS C 484 4.87 38.46 -12.47
N ALA C 485 6.11 38.87 -12.75
CA ALA C 485 6.35 40.19 -13.31
C ALA C 485 5.88 40.22 -14.78
N ARG C 486 5.48 41.40 -15.19
CA ARG C 486 5.12 41.66 -16.57
C ARG C 486 5.59 43.02 -17.01
N GLY C 487 6.48 43.07 -17.99
CA GLY C 487 6.93 44.35 -18.43
C GLY C 487 7.80 45.04 -17.39
N ALA C 488 8.46 44.26 -16.51
CA ALA C 488 9.26 44.90 -15.48
C ALA C 488 10.55 45.44 -16.05
N THR C 489 10.82 46.71 -15.72
CA THR C 489 12.13 47.33 -15.94
C THR C 489 13.15 46.62 -15.04
N THR C 490 14.42 46.86 -15.32
CA THR C 490 15.49 46.26 -14.55
C THR C 490 15.34 46.62 -13.08
N GLU C 491 15.08 47.90 -12.79
CA GLU C 491 14.93 48.37 -11.43
C GLU C 491 13.76 47.65 -10.75
N GLU C 492 12.64 47.50 -11.47
CA GLU C 492 11.51 46.82 -10.88
C GLU C 492 11.81 45.35 -10.64
N MET C 493 12.57 44.70 -11.54
CA MET C 493 12.83 43.27 -11.39
C MET C 493 13.84 43.09 -10.25
N VAL C 494 14.81 43.99 -10.09
CA VAL C 494 15.69 43.98 -8.93
C VAL C 494 14.88 44.00 -7.65
N ASP C 495 13.87 44.86 -7.60
CA ASP C 495 12.99 44.94 -6.43
C ASP C 495 12.22 43.65 -6.18
N VAL C 496 11.65 43.07 -7.24
CA VAL C 496 10.92 41.82 -7.12
C VAL C 496 11.81 40.72 -6.52
N ILE C 497 13.00 40.61 -7.12
CA ILE C 497 13.94 39.61 -6.67
C ILE C 497 14.29 39.87 -5.20
N TYR C 498 14.70 41.10 -4.85
CA TYR C 498 15.14 41.40 -3.49
C TYR C 498 14.03 41.02 -2.50
N GLU C 499 12.79 41.42 -2.82
CA GLU C 499 11.68 41.05 -1.95
C GLU C 499 11.53 39.55 -1.79
N ALA C 500 11.71 38.78 -2.87
CA ALA C 500 11.65 37.33 -2.73
C ALA C 500 12.74 36.78 -1.80
N THR C 501 13.92 37.41 -1.82
CA THR C 501 14.99 36.96 -0.94
C THR C 501 14.71 37.34 0.52
N GLN C 502 13.79 38.27 0.75
CA GLN C 502 13.36 38.54 2.12
C GLN C 502 12.37 37.48 2.59
N ASN C 503 11.83 36.68 1.64
CA ASN C 503 10.87 35.63 1.95
C ASN C 503 11.44 34.23 1.67
N GLY C 504 12.77 34.09 1.91
CA GLY C 504 13.39 32.78 1.92
C GLY C 504 14.15 32.50 0.62
N GLY C 505 14.00 33.36 -0.37
CA GLY C 505 14.58 33.14 -1.68
C GLY C 505 16.07 33.44 -1.72
N LEU C 506 16.71 33.03 -2.85
CA LEU C 506 18.11 33.27 -3.12
C LEU C 506 18.30 33.45 -4.62
N PHE C 507 18.94 34.53 -5.03
CA PHE C 507 19.26 34.76 -6.42
C PHE C 507 20.59 34.07 -6.73
N VAL C 508 20.63 33.27 -7.81
CA VAL C 508 21.78 32.41 -8.03
C VAL C 508 22.38 32.70 -9.40
N THR C 509 23.70 32.98 -9.40
CA THR C 509 24.43 33.22 -10.63
C THR C 509 25.48 32.16 -10.75
N SER C 510 25.75 31.77 -12.00
CA SER C 510 26.84 30.84 -12.30
C SER C 510 27.69 31.49 -13.39
N ILE C 511 29.02 31.50 -13.23
CA ILE C 511 29.95 31.97 -14.23
C ILE C 511 30.84 30.83 -14.62
N ASN C 512 30.74 30.38 -15.89
CA ASN C 512 31.13 29.00 -16.20
C ASN C 512 31.37 28.88 -17.70
N LEU C 513 32.01 27.78 -18.09
CA LEU C 513 32.14 27.37 -19.51
C LEU C 513 30.85 26.70 -20.03
N TYR C 514 30.04 26.07 -19.19
CA TYR C 514 28.91 25.29 -19.60
C TYR C 514 27.73 25.49 -18.63
N PRO C 515 26.52 25.10 -19.01
CA PRO C 515 25.38 25.26 -18.12
C PRO C 515 25.58 24.52 -16.80
N THR C 516 26.03 23.22 -16.91
CA THR C 516 26.20 22.31 -15.78
C THR C 516 24.89 22.01 -15.08
N LYS C 517 24.94 21.16 -14.06
CA LYS C 517 23.78 20.94 -13.22
C LYS C 517 23.33 22.20 -12.50
N LEU C 518 24.19 23.20 -12.35
CA LEU C 518 23.78 24.42 -11.70
C LEU C 518 22.62 25.08 -12.44
N ALA C 519 22.52 24.84 -13.75
CA ALA C 519 21.43 25.43 -14.54
C ALA C 519 20.04 25.04 -14.02
N GLU C 520 19.96 23.98 -13.21
N GLU C 520 19.96 23.97 -13.21
CA GLU C 520 18.67 23.61 -12.65
CA GLU C 520 18.73 23.54 -12.55
C GLU C 520 18.22 24.60 -11.58
C GLU C 520 18.23 24.59 -11.57
N ALA C 521 19.17 25.39 -11.02
CA ALA C 521 18.87 26.34 -9.95
C ALA C 521 19.15 27.78 -10.33
N ALA C 522 20.09 28.01 -11.25
CA ALA C 522 20.58 29.34 -11.51
C ALA C 522 19.48 30.22 -12.13
N HIS C 523 19.58 31.50 -11.87
CA HIS C 523 18.77 32.51 -12.56
C HIS C 523 19.53 33.28 -13.62
N LEU C 524 20.87 33.25 -13.60
CA LEU C 524 21.74 34.03 -14.45
C LEU C 524 22.98 33.18 -14.68
N MET C 525 23.39 33.03 -15.94
CA MET C 525 24.65 32.35 -16.21
C MET C 525 25.46 33.18 -17.19
N LEU C 526 26.78 33.30 -16.94
CA LEU C 526 27.63 34.21 -17.68
C LEU C 526 28.73 33.36 -18.31
N PRO C 527 29.03 33.56 -19.59
CA PRO C 527 30.04 32.76 -20.29
C PRO C 527 31.51 33.18 -20.12
N ALA C 528 32.34 32.22 -19.70
CA ALA C 528 33.76 32.41 -19.48
C ALA C 528 34.60 31.79 -20.59
N ALA C 529 35.90 32.17 -20.59
CA ALA C 529 36.88 31.72 -21.55
C ALA C 529 37.96 30.91 -20.85
N HIS C 530 38.55 29.94 -21.56
CA HIS C 530 39.58 29.07 -21.00
C HIS C 530 40.92 29.29 -21.73
N PRO C 531 42.04 28.73 -21.21
CA PRO C 531 43.37 29.03 -21.78
C PRO C 531 43.48 28.67 -23.25
N GLY C 532 44.06 29.57 -24.04
CA GLY C 532 44.03 29.45 -25.49
C GLY C 532 42.99 30.33 -26.16
N GLU C 533 41.84 30.55 -25.48
CA GLU C 533 40.93 31.62 -25.81
C GLU C 533 41.39 32.93 -25.15
N MET C 534 42.35 32.78 -24.23
CA MET C 534 42.90 33.89 -23.42
C MET C 534 44.30 33.49 -23.04
N ASN C 535 45.15 34.48 -22.73
CA ASN C 535 46.41 34.22 -22.09
C ASN C 535 46.17 33.90 -20.63
N LEU C 536 47.08 33.11 -20.04
CA LEU C 536 46.90 32.74 -18.65
C LEU C 536 48.23 32.24 -18.06
N THR C 537 48.47 32.62 -16.83
CA THR C 537 49.64 32.18 -16.11
C THR C 537 49.22 31.33 -14.93
N SER C 538 50.07 30.37 -14.61
N SER C 538 50.07 30.37 -14.61
N SER C 538 50.07 30.37 -14.61
CA SER C 538 49.91 29.49 -13.48
CA SER C 538 49.90 29.48 -13.48
CA SER C 538 49.90 29.48 -13.48
C SER C 538 51.20 28.72 -13.24
C SER C 538 51.19 28.72 -13.24
C SER C 538 51.20 28.72 -13.24
N MET C 539 51.32 28.11 -12.05
CA MET C 539 52.45 27.28 -11.72
C MET C 539 52.04 25.85 -11.38
N ASN C 540 53.01 24.94 -11.47
CA ASN C 540 52.80 23.53 -11.17
C ASN C 540 53.29 23.18 -9.76
N GLY C 541 53.43 21.90 -9.47
CA GLY C 541 53.67 21.47 -8.11
C GLY C 541 55.12 21.64 -7.65
N GLU C 542 55.95 22.21 -8.50
CA GLU C 542 57.31 22.62 -8.15
C GLU C 542 57.43 24.13 -8.37
N ARG C 543 56.30 24.81 -8.39
CA ARG C 543 56.26 26.29 -8.46
C ARG C 543 56.75 26.82 -9.79
N ARG C 544 56.70 26.04 -10.84
CA ARG C 544 57.15 26.46 -12.15
C ARG C 544 56.04 27.22 -12.88
N ILE C 545 56.21 28.55 -12.99
CA ILE C 545 55.23 29.44 -13.61
C ILE C 545 55.48 29.44 -15.11
N ARG C 546 54.42 29.24 -15.92
CA ARG C 546 54.42 29.35 -17.37
C ARG C 546 53.26 30.21 -17.86
N LEU C 547 53.43 30.81 -19.03
CA LEU C 547 52.39 31.47 -19.83
C LEU C 547 51.79 30.48 -20.84
N SER C 548 50.46 30.33 -20.71
CA SER C 548 49.66 29.70 -21.76
C SER C 548 49.19 30.79 -22.72
N GLU C 549 49.49 30.64 -24.02
CA GLU C 549 49.27 31.71 -24.99
C GLU C 549 47.92 31.59 -25.69
N LYS C 550 47.28 32.75 -25.88
N LYS C 550 47.27 32.74 -25.90
CA LYS C 550 46.07 32.78 -26.70
CA LYS C 550 46.07 32.79 -26.70
C LYS C 550 46.41 32.40 -28.14
C LYS C 550 46.40 32.40 -28.14
N PHE C 551 45.51 31.61 -28.77
CA PHE C 551 45.67 31.28 -30.18
C PHE C 551 44.33 31.28 -30.93
N MET C 552 43.20 31.46 -30.24
CA MET C 552 41.90 31.41 -30.88
C MET C 552 40.94 32.28 -30.12
N ASP C 553 39.80 32.49 -30.74
CA ASP C 553 38.80 33.31 -30.07
C ASP C 553 37.90 32.47 -29.19
N PRO C 554 37.38 33.01 -28.10
CA PRO C 554 36.37 32.33 -27.32
C PRO C 554 35.07 32.23 -28.12
N PRO C 555 34.17 31.34 -27.72
CA PRO C 555 32.82 31.25 -28.32
C PRO C 555 31.98 32.48 -28.04
N GLY C 556 31.27 32.96 -29.05
CA GLY C 556 30.34 34.08 -28.84
C GLY C 556 30.99 35.21 -28.06
N THR C 557 30.36 35.63 -26.95
CA THR C 557 30.85 36.76 -26.18
C THR C 557 31.44 36.31 -24.85
N ALA C 558 31.88 35.05 -24.79
CA ALA C 558 32.55 34.53 -23.60
C ALA C 558 33.78 35.37 -23.28
N MET C 559 34.07 35.52 -21.99
N MET C 559 34.06 35.53 -21.99
N MET C 559 34.06 35.52 -21.99
CA MET C 559 35.09 36.44 -21.51
CA MET C 559 35.09 36.45 -21.51
CA MET C 559 35.10 36.43 -21.51
C MET C 559 36.01 35.80 -20.47
C MET C 559 36.01 35.80 -20.47
C MET C 559 36.01 35.79 -20.47
N ALA C 560 37.29 36.20 -20.45
CA ALA C 560 38.21 35.87 -19.35
C ALA C 560 37.58 36.25 -18.02
N ASP C 561 37.70 35.38 -17.00
CA ASP C 561 37.08 35.60 -15.73
C ASP C 561 37.54 36.94 -15.09
N CYS C 562 38.82 37.29 -15.20
CA CYS C 562 39.27 38.52 -14.61
C CYS C 562 38.58 39.74 -15.27
N LEU C 563 38.23 39.61 -16.54
CA LEU C 563 37.55 40.66 -17.27
C LEU C 563 36.07 40.64 -16.94
N ILE C 564 35.46 39.47 -16.64
CA ILE C 564 34.13 39.49 -16.08
C ILE C 564 34.11 40.27 -14.76
N ALA C 565 35.09 39.99 -13.89
CA ALA C 565 35.18 40.71 -12.63
C ALA C 565 35.28 42.23 -12.86
N ALA C 566 36.05 42.65 -13.86
CA ALA C 566 36.21 44.06 -14.20
C ALA C 566 34.87 44.62 -14.65
N ARG C 567 34.13 43.84 -15.46
N ARG C 567 34.13 43.84 -15.44
CA ARG C 567 32.85 44.31 -15.97
CA ARG C 567 32.86 44.32 -15.96
C ARG C 567 31.87 44.57 -14.83
C ARG C 567 31.87 44.57 -14.82
N ILE C 568 31.83 43.67 -13.86
CA ILE C 568 30.94 43.78 -12.73
C ILE C 568 31.35 45.00 -11.90
N ALA C 569 32.68 45.10 -11.63
CA ALA C 569 33.15 46.20 -10.79
C ALA C 569 32.80 47.54 -11.44
N ASN C 570 33.04 47.67 -12.74
CA ASN C 570 32.77 48.91 -13.44
C ASN C 570 31.29 49.21 -13.49
N ALA C 571 30.45 48.17 -13.55
CA ALA C 571 29.00 48.41 -13.57
C ALA C 571 28.57 48.98 -12.22
N LEU C 572 29.15 48.43 -11.13
CA LEU C 572 28.84 48.89 -9.78
C LEU C 572 29.39 50.32 -9.58
N ARG C 573 30.62 50.57 -10.00
CA ARG C 573 31.20 51.92 -9.92
C ARG C 573 30.25 52.93 -10.58
N ASP C 574 29.81 52.62 -11.81
CA ASP C 574 28.98 53.57 -12.58
C ASP C 574 27.65 53.82 -11.87
N MET C 575 27.03 52.80 -11.30
CA MET C 575 25.79 52.94 -10.56
C MET C 575 25.98 53.85 -9.37
N TYR C 576 27.04 53.62 -8.59
CA TYR C 576 27.27 54.43 -7.41
C TYR C 576 27.55 55.86 -7.85
N GLN C 577 28.35 56.07 -8.91
CA GLN C 577 28.64 57.42 -9.36
C GLN C 577 27.35 58.13 -9.77
N LYS C 578 26.47 57.45 -10.49
CA LYS C 578 25.20 58.04 -10.93
C LYS C 578 24.36 58.49 -9.73
N ASP C 579 24.38 57.72 -8.63
N ASP C 579 24.39 57.73 -8.62
CA ASP C 579 23.59 58.03 -7.45
CA ASP C 579 23.56 58.03 -7.46
C ASP C 579 24.31 58.95 -6.45
C ASP C 579 24.30 58.92 -6.45
N GLY C 580 25.44 59.50 -6.86
CA GLY C 580 26.16 60.46 -6.04
C GLY C 580 26.85 59.85 -4.81
N LYS C 581 27.12 58.54 -4.81
CA LYS C 581 27.76 57.90 -3.66
C LYS C 581 29.26 57.70 -3.94
N ALA C 582 30.03 58.76 -3.71
CA ALA C 582 31.43 58.80 -4.10
C ALA C 582 32.27 57.79 -3.31
N GLU C 583 31.99 57.61 -2.01
CA GLU C 583 32.78 56.67 -1.21
C GLU C 583 32.60 55.25 -1.75
N MET C 584 31.35 54.87 -2.04
CA MET C 584 31.07 53.51 -2.51
C MET C 584 31.66 53.35 -3.91
N ALA C 585 31.54 54.36 -4.77
CA ALA C 585 32.11 54.32 -6.10
C ALA C 585 33.62 54.07 -6.06
N ALA C 586 34.30 54.71 -5.09
CA ALA C 586 35.74 54.55 -5.00
C ALA C 586 36.15 53.12 -4.65
N GLN C 587 35.31 52.38 -3.93
CA GLN C 587 35.64 50.98 -3.61
C GLN C 587 35.78 50.13 -4.87
N PHE C 588 35.13 50.57 -5.95
CA PHE C 588 35.12 49.81 -7.20
C PHE C 588 36.11 50.35 -8.24
N GLU C 589 37.05 51.25 -7.85
CA GLU C 589 38.07 51.70 -8.77
C GLU C 589 39.09 50.59 -9.00
N GLY C 590 39.84 50.74 -10.07
CA GLY C 590 41.05 49.95 -10.29
C GLY C 590 40.80 48.68 -11.11
N PHE C 591 39.77 48.71 -11.95
CA PHE C 591 39.44 47.63 -12.87
C PHE C 591 39.34 48.17 -14.30
N ASP C 592 40.18 49.16 -14.65
CA ASP C 592 40.24 49.67 -16.01
C ASP C 592 41.10 48.76 -16.85
N TRP C 593 40.60 47.53 -17.10
CA TRP C 593 41.39 46.49 -17.74
C TRP C 593 40.80 46.13 -19.09
N LYS C 594 41.65 46.00 -20.09
CA LYS C 594 41.26 45.63 -21.44
C LYS C 594 41.73 44.22 -21.79
N THR C 595 42.77 43.73 -21.10
CA THR C 595 43.35 42.42 -21.44
C THR C 595 43.68 41.71 -20.15
N GLU C 596 43.91 40.39 -20.23
CA GLU C 596 44.22 39.69 -19.00
C GLU C 596 45.62 40.08 -18.49
N GLU C 597 46.57 40.49 -19.34
CA GLU C 597 47.87 40.99 -18.91
C GLU C 597 47.71 42.22 -17.99
N ASP C 598 46.65 43.01 -18.17
CA ASP C 598 46.40 44.13 -17.27
C ASP C 598 46.14 43.62 -15.84
N ALA C 599 45.46 42.46 -15.69
CA ALA C 599 45.21 41.89 -14.37
C ALA C 599 46.51 41.30 -13.78
N PHE C 600 47.36 40.77 -14.63
CA PHE C 600 48.64 40.25 -14.20
C PHE C 600 49.51 41.41 -13.68
N ASN C 601 49.51 42.54 -14.41
CA ASN C 601 50.23 43.73 -13.99
C ASN C 601 49.72 44.28 -12.68
N ASP C 602 48.40 44.30 -12.49
CA ASP C 602 47.78 44.94 -11.31
C ASP C 602 47.94 44.12 -10.04
N GLY C 603 48.08 42.78 -10.17
CA GLY C 603 48.07 41.91 -9.01
C GLY C 603 49.45 41.31 -8.78
N PHE C 604 49.73 40.20 -9.48
CA PHE C 604 50.98 39.48 -9.33
C PHE C 604 52.19 40.44 -9.35
N ARG C 605 52.21 41.36 -10.33
CA ARG C 605 53.37 42.22 -10.55
C ARG C 605 53.38 43.40 -9.61
N ARG C 606 52.35 43.60 -8.78
CA ARG C 606 52.36 44.70 -7.84
C ARG C 606 52.65 44.25 -6.42
N ALA C 607 52.63 42.94 -6.15
CA ALA C 607 52.85 42.44 -4.82
C ALA C 607 54.20 42.93 -4.25
N GLY C 608 54.06 43.53 -3.07
CA GLY C 608 55.24 44.01 -2.33
C GLY C 608 55.84 45.29 -2.89
N GLN C 609 55.26 45.90 -3.92
CA GLN C 609 55.89 47.05 -4.58
C GLN C 609 55.51 48.36 -3.86
N PRO C 610 56.28 49.45 -4.08
CA PRO C 610 55.98 50.72 -3.40
C PRO C 610 54.62 51.25 -3.79
N GLY C 611 53.80 51.58 -2.79
CA GLY C 611 52.51 52.19 -3.04
C GLY C 611 51.43 51.13 -3.29
N ALA C 612 51.79 49.85 -3.25
CA ALA C 612 50.80 48.81 -3.54
C ALA C 612 50.00 48.53 -2.28
N PRO C 613 48.75 48.06 -2.38
CA PRO C 613 48.00 47.58 -1.23
C PRO C 613 48.50 46.19 -0.81
N ALA C 614 47.94 45.67 0.27
CA ALA C 614 48.26 44.34 0.78
C ALA C 614 47.80 43.30 -0.26
N ILE C 615 48.78 42.51 -0.71
CA ILE C 615 48.58 41.49 -1.72
C ILE C 615 49.20 40.21 -1.19
N ASP C 616 48.43 39.11 -1.23
CA ASP C 616 48.94 37.80 -0.89
C ASP C 616 49.16 37.10 -2.22
N SER C 617 50.40 36.84 -2.61
CA SER C 617 50.74 36.30 -3.91
C SER C 617 51.71 35.13 -3.79
N GLN C 618 51.45 34.06 -4.55
CA GLN C 618 52.45 33.01 -4.65
C GLN C 618 53.73 33.40 -5.36
N GLY C 619 53.75 34.52 -6.09
CA GLY C 619 54.92 35.07 -6.73
C GLY C 619 55.80 35.89 -5.77
N GLY C 620 55.25 36.29 -4.63
CA GLY C 620 55.95 37.11 -3.65
C GLY C 620 56.35 38.47 -4.19
N SER C 621 57.30 39.10 -3.50
CA SER C 621 57.70 40.46 -3.88
C SER C 621 58.54 40.59 -5.14
N THR C 622 59.12 39.51 -5.67
CA THR C 622 59.87 39.55 -6.91
C THR C 622 59.00 39.22 -8.13
N GLY C 623 57.67 39.12 -7.92
CA GLY C 623 56.79 38.78 -9.04
C GLY C 623 56.83 39.81 -10.15
N HIS C 624 57.16 41.08 -9.79
CA HIS C 624 57.28 42.15 -10.78
C HIS C 624 58.33 41.84 -11.85
N LEU C 625 59.31 40.94 -11.55
CA LEU C 625 60.32 40.60 -12.52
C LEU C 625 59.75 39.76 -13.68
N VAL C 626 58.58 39.12 -13.42
CA VAL C 626 57.95 38.33 -14.46
C VAL C 626 57.09 39.23 -15.35
N THR C 627 57.21 39.05 -16.65
CA THR C 627 56.28 39.66 -17.64
C THR C 627 55.85 38.57 -18.60
N TYR C 628 54.81 38.81 -19.40
CA TYR C 628 54.45 37.87 -20.42
C TYR C 628 55.57 37.65 -21.40
N ASP C 629 56.22 38.74 -21.84
CA ASP C 629 57.28 38.58 -22.82
C ASP C 629 58.44 37.73 -22.27
N ARG C 630 58.80 37.93 -21.00
CA ARG C 630 59.89 37.18 -20.38
C ARG C 630 59.53 35.69 -20.24
N LEU C 631 58.28 35.41 -19.85
CA LEU C 631 57.79 34.02 -19.77
C LEU C 631 57.76 33.32 -21.10
N ARG C 632 57.38 34.08 -22.13
CA ARG C 632 57.39 33.56 -23.49
C ARG C 632 58.78 33.09 -23.86
N LYS C 633 59.78 33.93 -23.56
CA LYS C 633 61.16 33.60 -23.86
C LYS C 633 61.59 32.33 -23.10
N SER C 634 61.11 32.17 -21.87
CA SER C 634 61.49 31.04 -21.03
C SER C 634 60.87 29.73 -21.57
N GLY C 635 59.84 29.83 -22.41
CA GLY C 635 59.19 28.65 -22.97
C GLY C 635 58.37 27.89 -21.94
N ASN C 636 58.10 26.62 -22.31
CA ASN C 636 57.35 25.76 -21.43
C ASN C 636 58.16 25.30 -20.20
N ASN C 637 59.46 25.61 -20.14
CA ASN C 637 60.19 25.42 -18.89
C ASN C 637 59.97 26.55 -17.89
N GLY C 638 59.53 27.72 -18.34
CA GLY C 638 59.17 28.79 -17.44
C GLY C 638 60.31 29.12 -16.44
N VAL C 639 59.92 29.38 -15.20
CA VAL C 639 60.86 29.55 -14.10
C VAL C 639 60.21 29.09 -12.80
N GLN C 640 60.98 28.40 -11.98
CA GLN C 640 60.55 28.09 -10.63
C GLN C 640 60.56 29.28 -9.71
N LEU C 641 59.41 29.58 -9.11
CA LEU C 641 59.28 30.67 -8.17
C LEU C 641 59.92 30.27 -6.84
N PRO C 642 60.37 31.23 -6.01
CA PRO C 642 60.46 32.65 -6.37
C PRO C 642 61.51 33.01 -7.39
N VAL C 643 61.22 34.03 -8.19
CA VAL C 643 62.23 34.54 -9.11
C VAL C 643 63.33 35.24 -8.28
N VAL C 644 64.58 34.93 -8.60
CA VAL C 644 65.71 35.53 -7.89
C VAL C 644 66.23 36.74 -8.65
N SER C 645 66.29 36.61 -9.98
CA SER C 645 66.84 37.67 -10.80
C SER C 645 66.27 37.63 -12.21
N TRP C 646 66.41 38.78 -12.91
CA TRP C 646 66.17 38.83 -14.32
C TRP C 646 67.19 39.76 -14.95
N ASP C 647 67.78 39.30 -16.06
CA ASP C 647 68.39 40.21 -17.04
C ASP C 647 68.31 39.60 -18.42
N GLU C 648 68.68 40.41 -19.42
CA GLU C 648 68.50 40.01 -20.80
C GLU C 648 69.32 38.75 -21.08
N SER C 649 70.52 38.69 -20.51
CA SER C 649 71.47 37.65 -20.89
C SER C 649 71.13 36.29 -20.26
N LYS C 650 70.59 36.29 -19.04
CA LYS C 650 70.33 35.09 -18.26
C LYS C 650 68.83 34.72 -18.25
N GLY C 651 67.95 35.64 -18.65
CA GLY C 651 66.54 35.46 -18.52
C GLY C 651 66.10 35.46 -17.07
N LEU C 652 64.91 34.87 -16.83
CA LEU C 652 64.40 34.67 -15.49
C LEU C 652 65.18 33.53 -14.80
N VAL C 653 65.63 33.80 -13.57
CA VAL C 653 66.34 32.81 -12.79
C VAL C 653 65.59 32.60 -11.50
N GLY C 654 65.32 31.31 -11.17
CA GLY C 654 64.44 31.02 -10.08
C GLY C 654 65.06 30.11 -9.02
N THR C 655 64.22 29.38 -8.29
CA THR C 655 64.57 28.71 -7.04
C THR C 655 64.15 27.22 -7.12
N GLU C 656 65.11 26.31 -6.97
CA GLU C 656 64.85 24.90 -7.16
C GLU C 656 64.16 24.31 -5.95
N MET C 657 64.74 24.54 -4.75
CA MET C 657 64.28 23.89 -3.52
C MET C 657 64.21 24.96 -2.43
N LEU C 658 63.20 24.90 -1.57
CA LEU C 658 63.08 25.75 -0.40
C LEU C 658 63.76 25.12 0.80
N TYR C 659 64.23 26.01 1.73
CA TYR C 659 64.71 25.62 3.07
C TYR C 659 66.07 24.96 3.07
N THR C 660 66.88 25.15 2.03
CA THR C 660 68.16 24.46 1.95
C THR C 660 69.16 25.02 2.98
N GLU C 661 68.86 26.17 3.60
CA GLU C 661 69.74 26.71 4.65
C GLU C 661 69.06 26.63 6.02
N GLY C 662 67.90 25.99 6.10
CA GLY C 662 67.19 25.83 7.35
C GLY C 662 66.51 27.11 7.85
N LYS C 663 66.16 28.00 6.93
CA LYS C 663 65.47 29.22 7.27
C LYS C 663 63.98 29.04 6.97
N PHE C 664 63.18 28.79 8.00
CA PHE C 664 61.78 28.44 7.84
C PHE C 664 60.92 29.69 7.96
N ASP C 665 59.65 29.54 7.55
CA ASP C 665 58.75 30.69 7.44
C ASP C 665 58.01 30.90 8.75
N THR C 666 58.76 31.27 9.78
CA THR C 666 58.25 31.47 11.14
C THR C 666 58.92 32.71 11.72
N ASP C 667 58.39 33.16 12.87
CA ASP C 667 58.88 34.35 13.57
C ASP C 667 60.38 34.24 13.83
N ASP C 668 60.87 33.05 14.19
CA ASP C 668 62.28 32.89 14.58
C ASP C 668 63.09 32.18 13.51
N GLY C 669 62.47 31.84 12.35
CA GLY C 669 63.22 31.20 11.29
C GLY C 669 63.37 29.69 11.51
N LYS C 670 62.84 29.17 12.60
CA LYS C 670 62.98 27.76 12.93
C LYS C 670 61.68 27.03 12.57
N ALA C 671 61.80 25.72 12.23
CA ALA C 671 60.63 24.86 12.07
C ALA C 671 60.09 24.57 13.45
N HIS C 672 58.78 24.65 13.60
CA HIS C 672 58.14 24.39 14.88
C HIS C 672 57.39 23.06 14.88
N PHE C 673 57.81 22.16 15.77
CA PHE C 673 57.11 20.93 16.07
C PHE C 673 55.75 21.26 16.70
N LYS C 674 54.77 20.38 16.49
CA LYS C 674 53.46 20.56 17.07
C LYS C 674 52.94 19.26 17.66
N PRO C 675 52.05 19.36 18.66
CA PRO C 675 51.40 18.20 19.23
C PRO C 675 50.40 17.65 18.25
N ALA C 676 50.20 16.34 18.29
CA ALA C 676 49.27 15.65 17.39
C ALA C 676 48.49 14.63 18.18
N PRO C 677 47.41 15.06 18.85
CA PRO C 677 46.60 14.15 19.64
C PRO C 677 45.89 13.15 18.74
N TRP C 678 45.81 11.90 19.18
CA TRP C 678 45.04 10.89 18.48
C TRP C 678 43.67 10.82 19.13
N ASN C 679 42.61 11.13 18.36
CA ASN C 679 41.28 11.25 18.95
C ASN C 679 40.31 10.23 18.40
N GLY C 680 40.72 9.34 17.48
CA GLY C 680 39.80 8.45 16.81
C GLY C 680 39.07 9.19 15.70
N LEU C 681 38.04 8.57 15.17
CA LEU C 681 37.18 9.22 14.20
C LEU C 681 36.33 10.29 14.88
N PRO C 682 35.98 11.37 14.18
CA PRO C 682 35.03 12.36 14.72
C PRO C 682 33.68 11.67 14.97
N ALA C 683 32.94 12.10 16.01
CA ALA C 683 31.68 11.50 16.36
C ALA C 683 30.69 11.45 15.18
N THR C 684 30.60 12.53 14.41
CA THR C 684 29.63 12.59 13.32
C THR C 684 29.88 11.41 12.37
N VAL C 685 31.17 11.14 12.11
CA VAL C 685 31.57 10.02 11.24
C VAL C 685 31.41 8.65 11.87
N GLN C 686 31.85 8.53 13.15
CA GLN C 686 31.71 7.30 13.89
C GLN C 686 30.25 6.85 13.98
N GLN C 687 29.31 7.82 14.11
CA GLN C 687 27.90 7.49 14.18
C GLN C 687 27.42 6.86 12.87
N GLN C 688 27.92 7.33 11.71
CA GLN C 688 27.56 6.69 10.46
C GLN C 688 28.17 5.30 10.42
N LYS C 689 29.44 5.16 10.86
CA LYS C 689 30.14 3.89 10.83
C LYS C 689 29.45 2.86 11.72
N ASP C 690 28.85 3.34 12.81
CA ASP C 690 28.21 2.42 13.73
C ASP C 690 26.90 1.87 13.15
N LYS C 691 26.24 2.66 12.30
CA LYS C 691 24.92 2.39 11.76
C LYS C 691 24.99 1.61 10.43
N TYR C 692 26.10 1.74 9.67
CA TYR C 692 26.14 1.30 8.27
C TYR C 692 27.37 0.46 8.00
N ARG C 693 27.36 -0.30 6.90
CA ARG C 693 28.26 -1.43 6.71
C ARG C 693 29.57 -1.02 5.98
N PHE C 694 29.45 -0.09 5.02
CA PHE C 694 30.59 0.11 4.10
C PHE C 694 31.25 1.46 4.26
N TRP C 695 32.61 1.46 4.27
CA TRP C 695 33.37 2.68 4.14
C TRP C 695 33.22 3.20 2.71
N LEU C 696 32.75 4.43 2.58
CA LEU C 696 32.51 5.02 1.28
C LEU C 696 33.68 5.92 0.88
N ASN C 697 34.83 5.25 0.64
CA ASN C 697 35.96 5.96 0.08
C ASN C 697 35.59 6.50 -1.31
N ASN C 698 36.34 7.52 -1.76
CA ASN C 698 35.93 8.28 -2.93
C ASN C 698 37.13 9.06 -3.43
N GLY C 699 37.13 9.36 -4.72
CA GLY C 699 38.20 10.16 -5.31
C GLY C 699 38.27 9.99 -6.84
N ARG C 700 39.50 10.03 -7.36
CA ARG C 700 39.77 10.19 -8.77
C ARG C 700 39.93 8.89 -9.53
N ASN C 701 39.56 9.00 -10.82
CA ASN C 701 39.81 8.03 -11.87
C ASN C 701 40.71 8.74 -12.86
N ASN C 702 41.72 8.01 -13.37
CA ASN C 702 42.66 8.55 -14.31
C ASN C 702 42.03 9.20 -15.52
N GLU C 703 41.00 8.59 -16.08
CA GLU C 703 40.43 9.09 -17.30
C GLU C 703 39.52 10.28 -17.12
N VAL C 704 38.81 10.38 -16.00
CA VAL C 704 37.81 11.41 -15.79
C VAL C 704 38.46 12.64 -15.17
N TRP C 705 38.24 13.81 -15.74
CA TRP C 705 38.64 15.10 -15.12
C TRP C 705 37.51 15.77 -14.37
N GLN C 706 37.62 15.73 -13.07
CA GLN C 706 36.86 16.55 -12.14
C GLN C 706 35.37 16.28 -12.33
N THR C 707 34.58 17.35 -12.49
CA THR C 707 33.13 17.20 -12.64
C THR C 707 32.72 16.84 -14.08
N ALA C 708 33.66 16.47 -14.92
CA ALA C 708 33.36 15.90 -16.24
C ALA C 708 32.60 16.94 -17.08
N TYR C 709 32.96 18.20 -16.93
CA TYR C 709 32.32 19.27 -17.63
C TYR C 709 32.60 19.21 -19.13
N HIS C 710 33.82 18.85 -19.54
CA HIS C 710 34.04 18.48 -20.91
C HIS C 710 33.71 16.98 -21.20
N ASP C 711 34.11 16.08 -20.31
CA ASP C 711 33.99 14.66 -20.51
C ASP C 711 32.55 14.23 -20.80
N GLN C 712 31.55 14.85 -20.18
CA GLN C 712 30.16 14.50 -20.38
C GLN C 712 29.75 14.62 -21.83
N TYR C 713 30.50 15.34 -22.68
CA TYR C 713 30.16 15.53 -24.08
C TYR C 713 31.05 14.70 -24.96
N ASN C 714 31.91 13.85 -24.39
CA ASN C 714 32.91 13.08 -25.14
C ASN C 714 32.36 11.66 -25.29
N SER C 715 32.10 11.25 -26.53
CA SER C 715 31.52 9.92 -26.78
C SER C 715 32.36 8.79 -26.21
N LEU C 716 33.69 8.82 -26.31
CA LEU C 716 34.54 7.76 -25.79
C LEU C 716 34.44 7.70 -24.27
N MET C 717 34.41 8.84 -23.64
CA MET C 717 34.28 8.93 -22.17
C MET C 717 32.94 8.37 -21.73
N GLN C 718 31.89 8.73 -22.46
CA GLN C 718 30.54 8.35 -22.03
C GLN C 718 30.31 6.85 -22.25
N GLU C 719 30.96 6.29 -23.25
CA GLU C 719 30.87 4.85 -23.53
C GLU C 719 31.57 4.06 -22.44
N ARG C 720 32.70 4.57 -21.95
CA ARG C 720 33.48 3.86 -20.95
C ARG C 720 32.88 3.98 -19.55
N TYR C 721 32.44 5.20 -19.22
CA TYR C 721 31.94 5.52 -17.89
C TYR C 721 30.59 6.20 -18.00
N PRO C 722 29.53 5.45 -18.36
CA PRO C 722 28.22 6.14 -18.53
C PRO C 722 27.65 6.63 -17.21
N MET C 723 28.13 6.04 -16.12
CA MET C 723 27.66 6.33 -14.76
C MET C 723 28.87 6.30 -13.85
N ALA C 724 28.78 6.98 -12.72
CA ALA C 724 29.82 6.83 -11.70
C ALA C 724 29.89 5.36 -11.34
N TYR C 725 31.07 4.87 -10.96
CA TYR C 725 31.21 3.48 -10.56
C TYR C 725 31.65 3.43 -9.08
N ILE C 726 31.39 2.29 -8.51
CA ILE C 726 31.82 1.97 -7.15
C ILE C 726 32.58 0.63 -7.16
N GLU C 727 33.85 0.69 -6.80
CA GLU C 727 34.71 -0.48 -6.63
C GLU C 727 34.32 -1.20 -5.35
N MET C 728 34.05 -2.50 -5.46
CA MET C 728 33.54 -3.29 -4.33
C MET C 728 34.31 -4.64 -4.35
N ASN C 729 34.54 -5.14 -3.14
CA ASN C 729 35.15 -6.44 -2.90
C ASN C 729 34.27 -7.51 -3.52
N PRO C 730 34.85 -8.52 -4.20
CA PRO C 730 34.04 -9.56 -4.83
C PRO C 730 33.19 -10.39 -3.91
N ASP C 731 33.68 -10.66 -2.70
CA ASP C 731 32.87 -11.44 -1.77
C ASP C 731 31.69 -10.63 -1.30
N ASP C 732 31.85 -9.33 -1.08
CA ASP C 732 30.77 -8.43 -0.79
C ASP C 732 29.76 -8.38 -1.93
N CYS C 733 30.23 -8.35 -3.19
CA CYS C 733 29.35 -8.35 -4.37
C CYS C 733 28.51 -9.62 -4.34
N LYS C 734 29.15 -10.76 -4.10
CA LYS C 734 28.42 -12.03 -4.17
C LYS C 734 27.29 -11.99 -3.13
N GLN C 735 27.65 -11.54 -1.91
CA GLN C 735 26.66 -11.46 -0.84
C GLN C 735 25.47 -10.59 -1.22
N LEU C 736 25.70 -9.45 -1.91
CA LEU C 736 24.64 -8.57 -2.36
C LEU C 736 24.00 -8.93 -3.71
N ASP C 737 24.45 -10.03 -4.31
N ASP C 737 24.45 -10.03 -4.32
CA ASP C 737 24.05 -10.51 -5.62
CA ASP C 737 24.00 -10.51 -5.61
C ASP C 737 24.19 -9.45 -6.69
C ASP C 737 24.19 -9.46 -6.70
N VAL C 738 25.34 -8.80 -6.70
CA VAL C 738 25.69 -7.81 -7.69
C VAL C 738 26.97 -8.19 -8.40
N THR C 739 27.10 -7.67 -9.63
CA THR C 739 28.31 -7.85 -10.41
C THR C 739 28.48 -6.61 -11.31
N GLY C 740 29.53 -6.62 -12.11
CA GLY C 740 29.83 -5.51 -12.98
C GLY C 740 28.64 -5.11 -13.84
N GLY C 741 28.32 -3.81 -13.77
CA GLY C 741 27.27 -3.22 -14.60
C GLY C 741 25.88 -3.26 -13.95
N ASP C 742 25.78 -3.81 -12.73
CA ASP C 742 24.58 -3.56 -11.94
C ASP C 742 24.56 -2.14 -11.39
N ILE C 743 23.39 -1.59 -11.13
CA ILE C 743 23.27 -0.30 -10.45
C ILE C 743 22.87 -0.58 -8.99
N VAL C 744 23.56 0.11 -8.11
CA VAL C 744 23.25 0.10 -6.68
C VAL C 744 22.89 1.49 -6.24
N GLU C 745 22.08 1.57 -5.17
CA GLU C 745 21.98 2.78 -4.38
C GLU C 745 22.97 2.71 -3.20
N VAL C 746 23.62 3.85 -2.96
CA VAL C 746 24.51 4.01 -1.81
C VAL C 746 23.89 5.09 -0.93
N TYR C 747 23.75 4.84 0.39
CA TYR C 747 22.98 5.77 1.20
C TYR C 747 23.37 5.69 2.67
N ASN C 748 23.15 6.81 3.33
CA ASN C 748 23.29 6.91 4.78
C ASN C 748 22.39 8.04 5.26
N ASP C 749 22.64 8.56 6.48
CA ASP C 749 21.74 9.58 6.96
C ASP C 749 21.82 10.87 6.13
N PHE C 750 22.97 11.14 5.51
CA PHE C 750 23.24 12.41 4.84
C PHE C 750 22.63 12.47 3.44
N GLY C 751 22.42 11.33 2.83
CA GLY C 751 21.96 11.34 1.45
C GLY C 751 21.96 9.97 0.82
N SER C 752 21.55 9.97 -0.47
CA SER C 752 21.52 8.79 -1.29
C SER C 752 22.16 9.13 -2.64
N THR C 753 22.80 8.14 -3.24
CA THR C 753 23.28 8.30 -4.62
C THR C 753 23.26 6.94 -5.27
N PHE C 754 23.69 6.87 -6.54
CA PHE C 754 23.60 5.65 -7.33
C PHE C 754 24.91 5.52 -8.10
N ALA C 755 25.31 4.29 -8.29
CA ALA C 755 26.52 3.91 -9.03
C ALA C 755 26.38 2.60 -9.75
N MET C 756 27.27 2.37 -10.75
CA MET C 756 27.41 1.06 -11.35
C MET C 756 28.49 0.30 -10.60
N VAL C 757 28.18 -0.97 -10.28
CA VAL C 757 29.08 -1.82 -9.52
C VAL C 757 30.30 -2.15 -10.37
N TYR C 758 31.50 -2.11 -9.76
CA TYR C 758 32.75 -2.43 -10.40
C TYR C 758 33.51 -3.33 -9.45
N PRO C 759 33.32 -4.67 -9.57
CA PRO C 759 34.07 -5.60 -8.71
C PRO C 759 35.58 -5.49 -8.90
N VAL C 760 36.29 -5.39 -7.78
CA VAL C 760 37.74 -5.24 -7.77
C VAL C 760 38.33 -6.12 -6.68
N ALA C 761 39.17 -7.07 -7.11
CA ALA C 761 39.73 -8.10 -6.22
C ALA C 761 40.41 -7.49 -5.01
N GLU C 762 41.12 -6.39 -5.20
CA GLU C 762 41.98 -5.86 -4.19
C GLU C 762 41.27 -4.98 -3.15
N ILE C 763 39.99 -4.62 -3.35
CA ILE C 763 39.23 -3.89 -2.37
C ILE C 763 38.96 -4.79 -1.17
N LYS C 764 39.09 -4.17 -0.01
CA LYS C 764 38.90 -4.93 1.23
C LYS C 764 37.41 -5.13 1.52
N ARG C 765 37.06 -6.25 2.19
CA ARG C 765 35.71 -6.42 2.68
C ARG C 765 35.26 -5.27 3.54
N GLY C 766 34.05 -4.78 3.26
CA GLY C 766 33.46 -3.69 4.00
C GLY C 766 33.97 -2.30 3.63
N GLN C 767 34.77 -2.25 2.57
CA GLN C 767 35.29 -0.98 2.02
C GLN C 767 34.86 -0.94 0.54
N THR C 768 34.78 0.29 0.03
CA THR C 768 34.39 0.56 -1.34
C THR C 768 35.10 1.83 -1.77
N PHE C 769 35.04 2.12 -3.10
CA PHE C 769 35.59 3.35 -3.63
C PHE C 769 34.69 3.82 -4.78
N MET C 770 34.16 5.02 -4.65
CA MET C 770 33.28 5.58 -5.69
C MET C 770 33.92 6.83 -6.30
N LEU C 771 33.81 6.90 -7.64
CA LEU C 771 34.20 8.06 -8.39
C LEU C 771 33.51 9.29 -7.79
N PHE C 772 34.26 10.35 -7.47
CA PHE C 772 33.69 11.58 -6.92
C PHE C 772 33.23 12.54 -8.01
N GLY C 773 32.29 13.45 -7.72
CA GLY C 773 32.05 14.65 -8.52
C GLY C 773 31.31 14.44 -9.85
N TYR C 774 30.82 13.25 -10.17
CA TYR C 774 30.43 12.96 -11.54
C TYR C 774 29.03 13.45 -11.90
N VAL C 775 28.76 13.45 -13.21
CA VAL C 775 27.53 13.95 -13.79
C VAL C 775 26.37 12.96 -13.75
N ASN C 776 26.63 11.72 -13.40
CA ASN C 776 25.60 10.67 -13.32
C ASN C 776 25.92 9.81 -12.09
N GLY C 777 25.36 10.17 -10.95
CA GLY C 777 25.64 9.56 -9.66
C GLY C 777 26.64 10.46 -8.91
N ILE C 778 26.19 11.37 -8.04
CA ILE C 778 27.02 12.33 -7.34
C ILE C 778 27.40 11.72 -6.00
N GLN C 779 28.70 11.44 -5.83
CA GLN C 779 29.18 10.76 -4.64
C GLN C 779 28.91 11.56 -3.37
N GLY C 780 29.05 12.89 -3.45
CA GLY C 780 29.10 13.71 -2.23
C GLY C 780 27.81 13.78 -1.45
N ASP C 781 26.74 13.20 -1.98
CA ASP C 781 25.50 13.08 -1.24
C ASP C 781 25.65 12.37 0.08
N VAL C 782 26.59 11.44 0.18
CA VAL C 782 26.76 10.62 1.38
C VAL C 782 27.93 11.11 2.23
N THR C 783 28.60 12.21 1.86
CA THR C 783 29.62 12.78 2.73
C THR C 783 28.97 13.59 3.85
N THR C 784 29.64 13.62 5.00
CA THR C 784 29.01 14.28 6.16
C THR C 784 29.33 15.77 6.15
N ASP C 785 28.70 16.50 7.08
CA ASP C 785 28.98 17.90 7.31
C ASP C 785 30.20 18.15 8.18
N TRP C 786 30.87 17.08 8.64
CA TRP C 786 31.98 17.27 9.60
C TRP C 786 33.21 17.94 8.97
N THR C 787 33.75 18.91 9.69
CA THR C 787 34.95 19.62 9.27
C THR C 787 35.88 19.81 10.47
N ASP C 788 37.17 20.05 10.18
CA ASP C 788 38.15 20.25 11.24
C ASP C 788 38.05 21.65 11.77
N ARG C 789 39.05 22.06 12.59
CA ARG C 789 38.96 23.35 13.28
C ARG C 789 38.95 24.54 12.32
N ASN C 790 39.48 24.39 11.09
CA ASN C 790 39.52 25.44 10.10
C ASN C 790 38.47 25.24 8.99
N ILE C 791 37.53 24.34 9.20
CA ILE C 791 36.42 24.05 8.30
C ILE C 791 36.96 23.31 7.06
N ILE C 792 37.84 22.33 7.30
CA ILE C 792 38.28 21.43 6.23
C ILE C 792 37.50 20.12 6.35
N PRO C 793 36.70 19.75 5.33
CA PRO C 793 35.89 18.55 5.40
C PRO C 793 36.65 17.24 5.39
N TYR C 794 36.12 16.27 6.16
CA TYR C 794 36.57 14.91 6.06
C TYR C 794 35.82 14.21 4.93
N TYR C 795 36.13 14.59 3.70
CA TYR C 795 35.40 14.03 2.57
C TYR C 795 35.63 12.52 2.48
N LYS C 796 36.80 12.01 2.93
CA LYS C 796 37.09 10.58 2.84
C LYS C 796 36.56 9.77 4.02
N GLY C 797 35.75 10.39 4.88
CA GLY C 797 35.28 9.79 6.12
C GLY C 797 33.75 9.73 6.12
N THR C 798 33.21 8.63 5.62
CA THR C 798 31.79 8.39 5.59
C THR C 798 31.56 6.91 5.42
N TRP C 799 30.48 6.43 5.99
CA TRP C 799 30.02 5.06 5.89
C TRP C 799 28.55 5.05 5.44
N GLY C 800 28.15 3.98 4.79
CA GLY C 800 26.79 3.86 4.24
C GLY C 800 26.46 2.42 3.94
N ASP C 801 25.21 2.17 3.54
CA ASP C 801 24.75 0.88 3.07
C ASP C 801 24.56 0.91 1.55
N ILE C 802 24.48 -0.27 0.95
CA ILE C 802 24.44 -0.44 -0.51
C ILE C 802 23.31 -1.44 -0.83
N ARG C 803 22.40 -1.00 -1.72
CA ARG C 803 21.25 -1.79 -2.09
C ARG C 803 21.22 -1.98 -3.61
N LYS C 804 20.97 -3.23 -4.03
CA LYS C 804 20.89 -3.54 -5.44
C LYS C 804 19.63 -2.95 -6.08
N VAL C 805 19.81 -2.17 -7.15
CA VAL C 805 18.70 -1.70 -7.99
C VAL C 805 18.35 -2.77 -9.00
N GLY C 806 19.31 -3.10 -9.87
CA GLY C 806 19.14 -4.14 -10.84
C GLY C 806 20.29 -4.15 -11.82
N SER C 807 20.14 -5.02 -12.82
N SER C 807 20.15 -5.02 -12.82
CA SER C 807 21.10 -5.19 -13.90
CA SER C 807 21.09 -5.17 -13.91
C SER C 807 20.84 -4.19 -15.02
C SER C 807 20.82 -4.16 -15.03
N MET C 808 21.82 -3.34 -15.31
CA MET C 808 21.76 -2.43 -16.43
C MET C 808 22.32 -3.10 -17.64
N GLU C 809 21.43 -3.64 -18.50
CA GLU C 809 21.89 -4.53 -19.54
C GLU C 809 22.84 -3.80 -20.49
N GLU C 810 22.62 -2.49 -20.72
CA GLU C 810 23.48 -1.83 -21.69
C GLU C 810 24.90 -1.67 -21.13
N PHE C 811 25.01 -1.52 -19.82
CA PHE C 811 26.34 -1.40 -19.21
C PHE C 811 27.08 -2.72 -19.37
N LYS C 812 26.37 -3.84 -19.17
CA LYS C 812 27.00 -5.12 -19.25
C LYS C 812 27.44 -5.38 -20.69
N ARG C 813 26.68 -4.87 -21.66
CA ARG C 813 27.04 -5.11 -23.05
C ARG C 813 28.19 -4.24 -23.52
N THR C 814 28.39 -3.06 -22.94
CA THR C 814 29.21 -2.04 -23.58
C THR C 814 30.37 -1.54 -22.71
N VAL C 815 30.34 -1.73 -21.36
CA VAL C 815 31.34 -1.16 -20.48
C VAL C 815 32.28 -2.27 -19.99
N SER C 816 33.59 -2.06 -20.05
CA SER C 816 34.57 -2.97 -19.52
C SER C 816 34.57 -2.92 -17.98
N PHE C 817 34.53 -4.13 -17.34
CA PHE C 817 34.68 -4.18 -15.88
C PHE C 817 35.95 -4.95 -15.55
N LYS C 818 36.89 -4.91 -16.48
CA LYS C 818 38.17 -5.54 -16.27
C LYS C 818 39.05 -4.69 -15.33
N SER C 819 40.16 -5.30 -14.94
CA SER C 819 41.00 -4.73 -13.93
C SER C 819 41.68 -3.46 -14.46
N ARG C 820 41.53 -2.36 -13.74
CA ARG C 820 42.26 -1.14 -13.99
C ARG C 820 43.65 -1.15 -13.35
N ARG C 821 43.91 -2.10 -12.46
CA ARG C 821 45.20 -2.25 -11.78
C ARG C 821 46.05 -3.12 -12.69
N PHE C 822 47.19 -2.60 -13.13
CA PHE C 822 48.05 -3.30 -14.08
C PHE C 822 48.84 -4.41 -13.40
N ALA C 823 48.78 -5.56 -14.04
N ALA C 823 48.94 -5.53 -14.08
CA ALA C 823 49.63 -6.69 -13.70
CA ALA C 823 49.99 -6.50 -13.80
C ALA C 823 50.13 -7.33 -15.00
C ALA C 823 50.35 -7.28 -15.07
N ARG D 2 38.66 11.01 -54.25
CA ARG D 2 38.18 9.84 -53.48
C ARG D 2 38.42 10.03 -51.97
N THR D 3 37.48 9.48 -51.19
CA THR D 3 37.40 9.76 -49.77
C THR D 3 37.98 8.56 -48.99
N THR D 4 38.19 7.39 -49.65
CA THR D 4 38.58 6.19 -48.88
C THR D 4 39.99 5.78 -49.28
N LEU D 5 40.67 5.13 -48.31
CA LEU D 5 41.94 4.49 -48.57
C LEU D 5 41.69 3.19 -49.32
N GLN D 6 42.72 2.75 -50.06
CA GLN D 6 42.72 1.43 -50.69
C GLN D 6 43.41 0.40 -49.79
N TYR D 7 42.62 -0.34 -48.99
CA TYR D 7 43.19 -1.35 -48.10
C TYR D 7 43.46 -2.62 -48.87
N PRO D 8 44.55 -3.37 -48.56
CA PRO D 8 44.72 -4.68 -49.17
C PRO D 8 43.69 -5.63 -48.56
N ALA D 9 43.55 -6.79 -49.21
CA ALA D 9 42.77 -7.91 -48.68
C ALA D 9 43.74 -9.04 -48.34
N THR D 10 44.02 -9.23 -47.05
CA THR D 10 45.12 -10.06 -46.62
C THR D 10 44.54 -11.28 -45.93
N GLN D 11 44.81 -12.46 -46.50
CA GLN D 11 44.41 -13.70 -45.86
C GLN D 11 45.11 -13.91 -44.51
N VAL D 12 44.32 -14.30 -43.50
CA VAL D 12 44.85 -14.61 -42.19
C VAL D 12 44.96 -16.12 -42.01
N SER D 13 43.82 -16.79 -42.02
N SER D 13 43.82 -16.80 -42.01
CA SER D 13 43.78 -18.24 -42.04
CA SER D 13 43.80 -18.25 -42.06
C SER D 13 42.34 -18.64 -42.26
C SER D 13 42.33 -18.65 -42.27
N VAL D 14 41.95 -19.89 -41.99
CA VAL D 14 40.57 -20.26 -42.03
C VAL D 14 40.11 -20.40 -40.58
N ALA D 15 38.84 -20.12 -40.33
CA ALA D 15 38.32 -20.00 -38.98
C ALA D 15 38.47 -21.28 -38.19
N LYS D 16 38.26 -22.45 -38.82
CA LYS D 16 38.33 -23.70 -38.08
C LYS D 16 39.75 -23.99 -37.59
N ASN D 17 40.76 -23.35 -38.17
CA ASN D 17 42.14 -23.57 -37.77
C ASN D 17 42.48 -22.82 -36.49
N LEU D 18 41.69 -21.80 -36.15
CA LEU D 18 41.98 -21.02 -34.94
C LEU D 18 41.45 -21.75 -33.74
N LYS D 19 42.30 -21.94 -32.71
CA LYS D 19 41.82 -22.51 -31.46
C LYS D 19 41.35 -21.38 -30.54
N ALA D 20 40.32 -21.66 -29.75
CA ALA D 20 39.78 -20.68 -28.81
C ALA D 20 40.91 -20.15 -27.93
N ASN D 21 40.98 -18.82 -27.84
CA ASN D 21 41.93 -18.09 -26.98
C ASN D 21 43.38 -18.42 -27.22
N GLU D 22 43.72 -18.71 -28.49
CA GLU D 22 45.10 -18.93 -28.90
C GLU D 22 45.37 -17.98 -30.03
N PRO D 23 46.04 -16.83 -29.77
CA PRO D 23 46.13 -15.73 -30.72
C PRO D 23 46.99 -16.07 -31.92
N VAL D 24 46.69 -15.39 -33.03
CA VAL D 24 47.47 -15.52 -34.25
C VAL D 24 48.08 -14.11 -34.52
N SER D 25 49.38 -14.09 -34.78
N SER D 25 49.38 -14.09 -34.78
CA SER D 25 50.07 -12.86 -35.10
CA SER D 25 50.06 -12.85 -35.08
C SER D 25 50.14 -12.72 -36.61
C SER D 25 50.15 -12.70 -36.60
N PHE D 26 49.93 -11.48 -37.10
CA PHE D 26 49.99 -11.28 -38.54
C PHE D 26 50.28 -9.80 -38.74
N THR D 27 50.69 -9.39 -39.95
CA THR D 27 50.83 -7.97 -40.25
C THR D 27 49.77 -7.48 -41.21
N TYR D 28 49.35 -6.22 -40.99
CA TYR D 28 48.25 -5.66 -41.75
C TYR D 28 48.16 -4.17 -41.40
N PRO D 29 48.08 -3.24 -42.37
CA PRO D 29 48.01 -3.54 -43.83
C PRO D 29 49.35 -3.57 -44.56
N ASP D 30 50.42 -3.60 -43.78
CA ASP D 30 51.77 -3.77 -44.31
C ASP D 30 52.63 -4.43 -43.22
N THR D 31 53.87 -4.80 -43.56
CA THR D 31 54.74 -5.54 -42.64
C THR D 31 55.23 -4.73 -41.42
N SER D 32 55.03 -3.39 -41.39
N SER D 32 55.03 -3.39 -41.39
CA SER D 32 55.40 -2.57 -40.26
CA SER D 32 55.41 -2.59 -40.25
C SER D 32 54.24 -2.41 -39.28
C SER D 32 54.24 -2.41 -39.28
N SER D 33 53.12 -3.08 -39.55
CA SER D 33 51.90 -2.94 -38.74
C SER D 33 51.52 -4.27 -38.08
N PRO D 34 52.00 -4.59 -36.87
CA PRO D 34 51.70 -5.89 -36.29
C PRO D 34 50.29 -5.94 -35.72
N CYS D 35 49.67 -7.12 -35.88
CA CYS D 35 48.28 -7.32 -35.50
C CYS D 35 48.14 -8.70 -34.83
N VAL D 36 47.06 -8.85 -34.07
CA VAL D 36 46.64 -10.11 -33.48
C VAL D 36 45.18 -10.39 -33.81
N ALA D 37 44.87 -11.64 -34.20
CA ALA D 37 43.51 -12.17 -34.28
C ALA D 37 43.32 -13.28 -33.24
N VAL D 38 42.14 -13.31 -32.66
CA VAL D 38 41.83 -14.40 -31.74
C VAL D 38 40.35 -14.74 -31.80
N LYS D 39 40.09 -16.05 -31.71
CA LYS D 39 38.80 -16.59 -31.54
C LYS D 39 38.55 -16.66 -30.03
N LEU D 40 37.60 -15.85 -29.57
CA LEU D 40 37.45 -15.61 -28.13
C LEU D 40 36.65 -16.71 -27.44
N GLY D 41 35.88 -17.48 -28.19
CA GLY D 41 35.17 -18.61 -27.63
C GLY D 41 33.75 -18.29 -27.16
N SER D 42 33.43 -17.01 -27.00
N SER D 42 33.42 -17.02 -26.98
CA SER D 42 32.09 -16.56 -26.70
CA SER D 42 32.05 -16.60 -26.74
C SER D 42 31.81 -15.32 -27.54
C SER D 42 31.81 -15.32 -27.54
N PRO D 43 30.60 -15.12 -28.09
CA PRO D 43 30.31 -13.98 -28.95
C PRO D 43 30.66 -12.62 -28.33
N VAL D 44 31.13 -11.71 -29.17
CA VAL D 44 31.40 -10.33 -28.77
C VAL D 44 31.07 -9.36 -29.90
N PRO D 45 30.99 -8.04 -29.64
N PRO D 45 31.06 -8.04 -29.54
CA PRO D 45 30.69 -7.03 -30.67
CA PRO D 45 31.25 -6.93 -30.48
C PRO D 45 30.67 -7.33 -32.17
C PRO D 45 32.30 -7.09 -31.56
N GLY D 46 31.77 -6.90 -32.75
CA GLY D 46 32.26 -7.08 -34.09
C GLY D 46 32.87 -8.43 -34.36
N GLY D 47 32.48 -9.45 -33.58
CA GLY D 47 33.07 -10.79 -33.73
C GLY D 47 32.52 -11.44 -35.01
N VAL D 48 33.39 -12.12 -35.77
CA VAL D 48 32.97 -12.84 -36.94
C VAL D 48 33.23 -14.33 -36.77
N GLY D 49 32.85 -15.06 -37.84
CA GLY D 49 32.87 -16.51 -37.79
C GLY D 49 31.52 -17.06 -37.33
N PRO D 50 31.40 -18.39 -37.32
CA PRO D 50 30.13 -19.01 -36.99
C PRO D 50 29.68 -18.77 -35.57
N ASN D 51 30.63 -18.47 -34.67
CA ASN D 51 30.26 -18.15 -33.30
C ASN D 51 30.42 -16.64 -33.00
N ASN D 52 30.57 -15.78 -34.01
CA ASN D 52 30.60 -14.32 -33.86
C ASN D 52 31.60 -13.91 -32.77
N ASP D 53 32.76 -14.56 -32.75
CA ASP D 53 33.71 -14.43 -31.66
C ASP D 53 35.15 -14.24 -32.11
N ILE D 54 35.40 -14.08 -33.40
CA ILE D 54 36.75 -13.85 -33.87
C ILE D 54 36.94 -12.35 -34.12
N VAL D 55 37.99 -11.85 -33.51
CA VAL D 55 38.30 -10.40 -33.54
C VAL D 55 39.76 -10.21 -33.85
N ALA D 56 40.11 -9.00 -34.32
CA ALA D 56 41.53 -8.70 -34.53
C ALA D 56 41.77 -7.20 -34.33
N TYR D 57 43.00 -6.94 -33.97
CA TYR D 57 43.46 -5.60 -33.61
C TYR D 57 44.88 -5.36 -34.07
N SER D 58 45.21 -4.07 -34.28
CA SER D 58 46.56 -3.57 -34.26
C SER D 58 47.08 -3.69 -32.84
N VAL D 59 48.28 -4.20 -32.65
CA VAL D 59 48.81 -4.29 -31.29
C VAL D 59 49.63 -3.07 -30.86
N LEU D 60 49.86 -2.10 -31.73
CA LEU D 60 50.65 -0.92 -31.30
C LEU D 60 49.77 -0.03 -30.40
N CYS D 61 50.28 0.26 -29.21
CA CYS D 61 49.58 1.09 -28.25
C CYS D 61 49.31 2.43 -28.90
N THR D 62 48.08 2.95 -28.73
CA THR D 62 47.68 4.21 -29.34
C THR D 62 48.14 5.42 -28.54
N HIS D 63 48.78 5.21 -27.39
CA HIS D 63 49.43 6.29 -26.65
C HIS D 63 50.70 6.73 -27.36
N MET D 64 51.76 5.91 -27.29
CA MET D 64 53.04 6.22 -27.94
C MET D 64 53.62 5.04 -28.68
N GLY D 65 52.82 4.01 -29.00
CA GLY D 65 53.27 3.09 -30.04
C GLY D 65 53.95 1.80 -29.54
N CYS D 66 54.20 1.69 -28.24
CA CYS D 66 54.85 0.49 -27.76
C CYS D 66 54.00 -0.73 -28.14
N PRO D 67 54.56 -1.82 -28.63
CA PRO D 67 53.76 -3.01 -28.85
C PRO D 67 53.16 -3.59 -27.59
N THR D 68 51.86 -3.85 -27.64
CA THR D 68 51.15 -4.38 -26.51
C THR D 68 51.23 -5.91 -26.55
N SER D 69 51.10 -6.52 -25.39
CA SER D 69 51.04 -7.98 -25.29
C SER D 69 49.61 -8.39 -25.08
N TYR D 70 49.25 -9.54 -25.66
CA TYR D 70 47.92 -10.07 -25.54
C TYR D 70 47.91 -11.04 -24.37
N ASP D 71 47.07 -10.77 -23.35
CA ASP D 71 46.89 -11.62 -22.21
C ASP D 71 45.68 -12.52 -22.50
N LYS D 72 45.96 -13.79 -22.80
CA LYS D 72 44.98 -14.74 -23.32
C LYS D 72 43.93 -15.04 -22.29
N SER D 73 44.37 -15.03 -21.03
CA SER D 73 43.53 -15.27 -19.89
C SER D 73 42.46 -14.18 -19.67
N SER D 74 42.85 -12.89 -19.69
CA SER D 74 41.93 -11.80 -19.36
C SER D 74 41.35 -11.22 -20.64
N LYS D 75 41.86 -11.65 -21.80
CA LYS D 75 41.34 -11.18 -23.09
C LYS D 75 41.55 -9.66 -23.19
N THR D 76 42.77 -9.29 -22.82
CA THR D 76 43.16 -7.88 -22.82
C THR D 76 44.49 -7.69 -23.51
N PHE D 77 44.73 -6.49 -24.06
CA PHE D 77 46.02 -6.08 -24.57
C PHE D 77 46.66 -5.12 -23.56
N LYS D 78 47.93 -5.33 -23.21
CA LYS D 78 48.59 -4.57 -22.12
C LYS D 78 49.83 -3.89 -22.62
N CYS D 79 49.96 -2.59 -22.35
CA CYS D 79 51.12 -1.86 -22.78
C CYS D 79 52.11 -1.74 -21.64
N PRO D 80 53.35 -2.20 -21.83
CA PRO D 80 54.32 -2.11 -20.75
C PRO D 80 54.92 -0.72 -20.49
N CYS D 81 54.68 0.22 -21.36
CA CYS D 81 55.40 1.49 -21.30
C CYS D 81 54.83 2.44 -20.28
N HIS D 82 53.54 2.80 -20.41
CA HIS D 82 52.85 3.60 -19.42
C HIS D 82 51.54 2.95 -18.95
N PHE D 83 51.41 1.63 -19.17
CA PHE D 83 50.50 0.78 -18.39
C PHE D 83 49.04 0.88 -18.86
N THR D 84 48.84 1.27 -20.11
CA THR D 84 47.51 1.28 -20.67
C THR D 84 47.08 -0.17 -20.95
N GLU D 85 45.78 -0.45 -20.76
N GLU D 85 45.77 -0.43 -20.79
CA GLU D 85 45.21 -1.75 -21.13
CA GLU D 85 45.20 -1.72 -21.16
C GLU D 85 43.95 -1.55 -21.97
C GLU D 85 43.95 -1.55 -21.98
N PHE D 86 43.71 -2.48 -22.92
CA PHE D 86 42.58 -2.41 -23.83
C PHE D 86 41.80 -3.73 -23.83
N ASP D 87 40.47 -3.65 -23.92
CA ASP D 87 39.62 -4.81 -23.77
C ASP D 87 39.31 -5.41 -25.15
N ALA D 88 39.80 -6.61 -25.39
CA ALA D 88 39.54 -7.28 -26.68
C ALA D 88 38.07 -7.66 -26.88
N GLU D 89 37.33 -7.69 -25.77
CA GLU D 89 35.94 -8.08 -25.82
C GLU D 89 35.02 -6.88 -25.92
N LYS D 90 35.59 -5.67 -25.86
CA LYS D 90 34.81 -4.45 -25.98
C LYS D 90 35.35 -3.55 -27.07
N ALA D 91 35.70 -4.14 -28.23
CA ALA D 91 36.14 -3.41 -29.43
C ALA D 91 37.29 -2.46 -29.09
N GLY D 92 38.22 -2.94 -28.26
CA GLY D 92 39.44 -2.23 -27.95
C GLY D 92 39.28 -1.07 -27.00
N GLN D 93 38.18 -1.02 -26.24
CA GLN D 93 37.97 0.00 -25.23
C GLN D 93 39.16 0.04 -24.28
N MET D 94 39.63 1.28 -24.02
CA MET D 94 40.69 1.46 -23.06
C MET D 94 40.13 1.27 -21.66
N ILE D 95 40.63 0.26 -20.95
CA ILE D 95 40.18 -0.03 -19.58
C ILE D 95 40.69 1.01 -18.61
N CYS D 96 41.94 1.38 -18.80
N CYS D 96 41.96 1.36 -18.77
CA CYS D 96 42.63 2.37 -18.00
CA CYS D 96 42.69 2.32 -17.95
C CYS D 96 43.87 2.73 -18.81
C CYS D 96 43.88 2.72 -18.79
N GLY D 97 44.34 3.96 -18.69
CA GLY D 97 45.63 4.29 -19.25
C GLY D 97 45.65 5.68 -19.89
N GLN D 98 46.69 5.91 -20.71
CA GLN D 98 47.01 7.29 -21.11
C GLN D 98 46.66 7.58 -22.56
N ALA D 99 46.19 6.58 -23.31
CA ALA D 99 45.72 6.82 -24.68
C ALA D 99 44.45 7.64 -24.72
N THR D 100 44.20 8.20 -25.92
CA THR D 100 43.04 8.96 -26.26
C THR D 100 42.35 8.32 -27.47
N GLU D 101 42.63 7.06 -27.79
CA GLU D 101 41.94 6.34 -28.85
C GLU D 101 41.88 4.87 -28.40
N ASN D 102 40.79 4.21 -28.71
CA ASN D 102 40.68 2.78 -28.49
C ASN D 102 41.67 2.05 -29.44
N LEU D 103 41.97 0.80 -29.12
CA LEU D 103 42.89 0.04 -29.93
C LEU D 103 42.27 -0.17 -31.29
N PRO D 104 42.97 0.09 -32.42
CA PRO D 104 42.35 -0.03 -33.74
C PRO D 104 41.92 -1.48 -34.01
N ARG D 105 40.72 -1.61 -34.55
CA ARG D 105 40.18 -2.94 -34.88
C ARG D 105 40.55 -3.23 -36.33
N VAL D 106 41.07 -4.44 -36.59
CA VAL D 106 41.22 -4.92 -37.94
C VAL D 106 39.91 -5.57 -38.37
N LEU D 107 39.28 -5.03 -39.41
CA LEU D 107 38.05 -5.58 -39.92
C LEU D 107 38.33 -6.90 -40.67
N LEU D 108 37.63 -7.95 -40.24
CA LEU D 108 37.76 -9.28 -40.79
C LEU D 108 36.49 -9.68 -41.58
N ARG D 109 36.71 -10.16 -42.78
CA ARG D 109 35.65 -10.81 -43.56
C ARG D 109 35.73 -12.30 -43.22
N TYR D 110 34.59 -12.90 -42.93
CA TYR D 110 34.52 -14.33 -42.77
C TYR D 110 33.64 -14.87 -43.90
N ASP D 111 34.21 -15.79 -44.69
CA ASP D 111 33.59 -16.31 -45.88
C ASP D 111 33.19 -17.77 -45.62
N GLU D 112 31.89 -18.00 -45.43
CA GLU D 112 31.44 -19.34 -45.05
C GLU D 112 31.76 -20.34 -46.16
N ALA D 113 31.69 -19.94 -47.42
CA ALA D 113 31.86 -20.89 -48.53
C ALA D 113 33.26 -21.48 -48.52
N SER D 114 34.28 -20.70 -48.07
CA SER D 114 35.67 -21.17 -48.04
C SER D 114 36.25 -21.41 -46.65
N ASP D 115 35.52 -20.93 -45.64
CA ASP D 115 35.98 -20.83 -44.26
C ASP D 115 37.05 -19.77 -44.04
N ALA D 116 37.34 -18.92 -45.02
CA ALA D 116 38.47 -18.00 -44.95
C ALA D 116 38.15 -16.81 -44.04
N LEU D 117 39.20 -16.36 -43.34
CA LEU D 117 39.25 -15.08 -42.63
C LEU D 117 40.19 -14.17 -43.37
N THR D 118 39.69 -12.97 -43.82
CA THR D 118 40.52 -12.04 -44.56
C THR D 118 40.49 -10.67 -43.88
N ALA D 119 41.63 -10.00 -43.68
CA ALA D 119 41.69 -8.67 -43.15
C ALA D 119 41.38 -7.72 -44.31
N VAL D 120 40.42 -6.81 -44.16
CA VAL D 120 40.03 -5.98 -45.27
C VAL D 120 40.00 -4.49 -44.94
N GLY D 121 40.12 -4.11 -43.68
CA GLY D 121 40.30 -2.68 -43.35
C GLY D 121 40.64 -2.52 -41.88
N VAL D 122 40.73 -1.26 -41.45
CA VAL D 122 40.99 -0.92 -40.06
C VAL D 122 40.04 0.19 -39.61
N ASP D 123 39.46 0.04 -38.42
CA ASP D 123 38.63 1.04 -37.76
C ASP D 123 39.49 1.65 -36.65
N GLY D 124 39.80 2.94 -36.82
CA GLY D 124 40.69 3.69 -35.97
C GLY D 124 42.02 3.90 -36.69
N LEU D 125 42.81 4.85 -36.21
CA LEU D 125 44.10 5.12 -36.84
C LEU D 125 45.24 4.44 -36.04
N ILE D 126 46.02 3.59 -36.74
CA ILE D 126 47.14 2.89 -36.16
C ILE D 126 48.19 3.93 -35.70
N TYR D 127 48.87 3.65 -34.59
CA TYR D 127 49.96 4.48 -34.09
C TYR D 127 50.96 4.82 -35.19
N GLY D 128 51.48 6.03 -35.14
CA GLY D 128 52.75 6.32 -35.81
C GLY D 128 52.61 6.46 -37.33
N ARG D 129 51.42 6.82 -37.77
CA ARG D 129 51.19 7.02 -39.18
C ARG D 129 50.20 8.13 -39.44
N GLN D 130 50.36 8.77 -40.60
CA GLN D 130 49.48 9.81 -41.02
C GLN D 130 48.15 9.26 -41.53
N ALA D 131 48.21 8.05 -42.13
CA ALA D 131 47.01 7.36 -42.56
C ALA D 131 47.29 5.85 -42.42
N ASN D 132 46.25 5.02 -42.34
CA ASN D 132 46.50 3.59 -42.10
C ASN D 132 47.27 2.92 -43.22
N VAL D 133 47.03 3.36 -44.45
CA VAL D 133 47.80 2.88 -45.63
C VAL D 133 48.87 3.93 -45.92
N ILE D 134 50.14 3.52 -45.85
CA ILE D 134 51.27 4.42 -46.06
C ILE D 134 51.62 4.42 -47.56
N ASN E 2 32.95 18.55 -45.06
CA ASN E 2 34.12 18.34 -45.95
C ASN E 2 33.85 19.12 -47.23
N ASP E 3 34.88 19.56 -47.95
CA ASP E 3 34.68 19.84 -49.38
C ASP E 3 34.46 18.56 -50.20
N ARG E 4 33.87 17.49 -49.61
CA ARG E 4 33.58 16.24 -50.35
C ARG E 4 32.54 15.28 -49.78
N ILE E 5 32.06 14.37 -50.66
CA ILE E 5 31.03 13.40 -50.35
C ILE E 5 31.48 12.01 -50.75
N THR E 6 31.23 11.05 -49.87
CA THR E 6 31.45 9.62 -50.15
C THR E 6 30.26 9.08 -50.96
N LEU E 7 30.43 8.73 -52.24
CA LEU E 7 29.32 8.27 -53.04
C LEU E 7 28.89 6.89 -52.63
N PRO E 8 27.58 6.57 -52.71
CA PRO E 8 27.10 5.22 -52.48
C PRO E 8 27.59 4.30 -53.58
N PRO E 9 28.18 3.13 -53.22
CA PRO E 9 28.53 2.17 -54.26
C PRO E 9 27.30 1.74 -55.07
N ALA E 10 27.54 1.32 -56.31
CA ALA E 10 26.46 0.79 -57.11
C ALA E 10 25.55 -0.20 -56.39
N ASN E 11 26.14 -1.11 -55.59
CA ASN E 11 25.42 -2.15 -54.88
C ASN E 11 25.10 -1.78 -53.43
N ALA E 12 25.13 -0.50 -53.08
CA ALA E 12 24.69 -0.09 -51.74
C ALA E 12 23.26 -0.57 -51.44
N GLN E 13 23.02 -0.89 -50.17
CA GLN E 13 21.67 -1.18 -49.71
C GLN E 13 20.82 0.08 -49.86
N ARG E 14 19.61 -0.09 -50.37
CA ARG E 14 18.69 1.02 -50.52
C ARG E 14 17.34 0.65 -49.93
N THR E 15 16.83 1.51 -49.05
CA THR E 15 15.51 1.38 -48.49
C THR E 15 14.71 2.67 -48.72
N ASN E 16 13.41 2.52 -48.52
CA ASN E 16 12.47 3.63 -48.65
C ASN E 16 12.25 4.32 -47.30
N MET E 17 12.19 5.66 -47.35
CA MET E 17 11.86 6.42 -46.15
C MET E 17 10.97 7.62 -46.57
N THR E 18 9.81 7.78 -45.91
CA THR E 18 9.05 9.00 -46.01
C THR E 18 9.71 10.01 -45.09
N CYS E 19 9.63 11.29 -45.48
CA CYS E 19 10.12 12.34 -44.61
C CYS E 19 9.53 12.18 -43.21
N HIS E 20 10.35 12.37 -42.18
CA HIS E 20 9.90 12.31 -40.83
C HIS E 20 8.91 13.39 -40.45
N PHE E 21 8.88 14.53 -41.17
CA PHE E 21 8.34 15.79 -40.68
C PHE E 21 6.95 16.11 -41.26
N CYS E 22 6.85 17.06 -42.21
CA CYS E 22 5.52 17.68 -42.43
C CYS E 22 4.61 16.70 -43.21
N ILE E 23 3.34 17.11 -43.23
CA ILE E 23 2.23 16.42 -43.89
C ILE E 23 2.52 15.94 -45.29
N VAL E 24 3.32 16.69 -46.07
CA VAL E 24 3.45 16.36 -47.48
C VAL E 24 3.94 14.93 -47.64
N GLY E 25 4.86 14.49 -46.78
CA GLY E 25 5.28 13.12 -46.85
C GLY E 25 6.07 12.78 -48.10
N CYS E 26 7.03 13.63 -48.43
CA CYS E 26 7.93 13.44 -49.53
C CYS E 26 8.64 12.08 -49.37
N GLY E 27 8.87 11.44 -50.52
CA GLY E 27 9.56 10.16 -50.61
C GLY E 27 11.06 10.35 -50.69
N TYR E 28 11.79 9.51 -49.93
CA TYR E 28 13.26 9.51 -49.91
C TYR E 28 13.76 8.05 -50.05
N HIS E 29 15.02 7.93 -50.45
CA HIS E 29 15.80 6.71 -50.37
C HIS E 29 16.86 6.89 -49.32
N VAL E 30 17.13 5.80 -48.63
CA VAL E 30 18.26 5.69 -47.73
C VAL E 30 19.24 4.71 -48.33
N TYR E 31 20.44 5.15 -48.65
CA TYR E 31 21.52 4.27 -49.07
C TYR E 31 22.41 4.03 -47.86
N LYS E 32 22.78 2.77 -47.65
CA LYS E 32 23.55 2.34 -46.51
C LYS E 32 24.65 1.45 -47.01
N TRP E 33 25.89 1.70 -46.61
CA TRP E 33 26.97 0.85 -47.04
C TRP E 33 28.13 0.92 -46.05
N PRO E 34 29.04 -0.09 -46.06
CA PRO E 34 30.16 -0.06 -45.10
C PRO E 34 31.02 1.19 -45.16
N GLU E 35 31.50 1.62 -44.00
CA GLU E 35 32.21 2.89 -43.87
C GLU E 35 33.34 3.07 -44.87
N LEU E 36 34.19 2.08 -45.03
CA LEU E 36 35.38 2.27 -45.83
C LEU E 36 35.22 1.99 -47.32
N GLN E 37 33.97 1.81 -47.80
CA GLN E 37 33.70 1.63 -49.21
C GLN E 37 33.19 2.94 -49.82
N GLU E 38 33.33 3.05 -51.12
CA GLU E 38 32.79 4.18 -51.83
C GLU E 38 32.48 3.85 -53.27
N GLY E 39 31.48 4.53 -53.79
CA GLY E 39 31.10 4.44 -55.19
C GLY E 39 32.08 5.16 -56.09
N GLY E 40 32.03 4.79 -57.36
CA GLY E 40 32.85 5.43 -58.39
C GLY E 40 32.11 6.67 -58.93
N ARG E 41 32.86 7.57 -59.60
CA ARG E 41 32.26 8.73 -60.17
C ARG E 41 31.43 8.43 -61.43
N ALA E 42 31.83 7.43 -62.21
CA ALA E 42 31.06 7.06 -63.39
C ALA E 42 29.64 6.67 -62.98
N PRO E 43 28.62 6.99 -63.77
CA PRO E 43 27.24 6.86 -63.34
C PRO E 43 26.78 5.45 -63.02
N GLU E 44 27.34 4.47 -63.73
CA GLU E 44 27.00 3.09 -63.45
C GLU E 44 27.81 2.51 -62.30
N GLN E 45 28.71 3.32 -61.69
CA GLN E 45 29.50 2.81 -60.56
C GLN E 45 29.09 3.46 -59.23
N ASN E 46 28.00 4.22 -59.23
CA ASN E 46 27.43 4.69 -57.96
C ASN E 46 25.93 4.43 -57.96
N ALA E 47 25.31 4.41 -56.78
CA ALA E 47 23.92 4.02 -56.70
C ALA E 47 23.01 5.14 -57.21
N LEU E 48 23.54 6.38 -57.26
CA LEU E 48 22.70 7.51 -57.71
C LEU E 48 22.48 7.46 -59.22
N GLY E 49 23.36 6.77 -59.96
CA GLY E 49 23.23 6.77 -61.39
C GLY E 49 23.65 8.09 -62.05
N LEU E 50 24.44 8.88 -61.34
CA LEU E 50 24.81 10.22 -61.80
C LEU E 50 26.28 10.27 -62.16
N ASP E 51 26.61 11.17 -63.11
CA ASP E 51 27.96 11.24 -63.61
C ASP E 51 28.78 12.29 -62.88
N PHE E 52 29.58 11.85 -61.89
CA PHE E 52 30.36 12.77 -61.09
C PHE E 52 31.76 12.96 -61.68
N ARG E 53 31.95 12.56 -62.95
CA ARG E 53 33.23 12.83 -63.60
C ARG E 53 33.30 14.25 -64.18
N LYS E 54 32.16 14.93 -64.23
CA LYS E 54 32.11 16.31 -64.65
C LYS E 54 30.95 16.96 -63.93
N GLN E 55 30.91 18.29 -63.96
CA GLN E 55 29.85 19.01 -63.25
C GLN E 55 28.46 18.47 -63.62
N LEU E 56 27.62 18.31 -62.60
CA LEU E 56 26.24 17.95 -62.86
C LEU E 56 25.43 19.18 -63.27
N PRO E 57 24.44 19.05 -64.16
CA PRO E 57 23.59 20.16 -64.49
C PRO E 57 22.66 20.51 -63.33
N PRO E 58 22.05 21.71 -63.38
CA PRO E 58 21.05 22.11 -62.41
C PRO E 58 19.91 21.11 -62.40
N LEU E 59 19.35 20.90 -61.21
CA LEU E 59 18.18 20.07 -60.97
C LEU E 59 18.48 18.58 -61.06
N ALA E 60 19.74 18.17 -61.31
CA ALA E 60 20.06 16.77 -61.44
C ALA E 60 20.04 16.04 -60.10
N VAL E 61 20.29 16.78 -59.00
CA VAL E 61 20.50 16.11 -57.71
C VAL E 61 20.17 17.09 -56.60
N THR E 62 19.77 16.52 -55.43
CA THR E 62 19.82 17.21 -54.16
C THR E 62 20.79 16.47 -53.27
N LEU E 63 21.97 17.06 -53.04
CA LEU E 63 23.04 16.35 -52.34
C LEU E 63 23.98 17.35 -51.70
N THR E 64 24.03 17.33 -50.36
CA THR E 64 24.96 18.14 -49.60
C THR E 64 25.52 17.26 -48.49
N PRO E 65 26.57 17.72 -47.79
CA PRO E 65 27.03 16.93 -46.64
C PRO E 65 26.06 16.67 -45.51
N ALA E 66 25.11 17.59 -45.34
CA ALA E 66 24.07 17.44 -44.35
C ALA E 66 23.16 16.25 -44.65
N MET E 67 23.17 15.74 -45.91
CA MET E 67 22.34 14.63 -46.34
C MET E 67 23.08 13.27 -46.24
N THR E 68 24.23 13.27 -45.51
CA THR E 68 25.07 12.12 -45.34
C THR E 68 25.33 12.00 -43.85
N ASN E 69 25.72 10.77 -43.44
CA ASN E 69 26.25 10.58 -42.11
C ASN E 69 26.98 9.24 -42.07
N VAL E 70 27.59 8.99 -40.91
CA VAL E 70 28.16 7.68 -40.61
C VAL E 70 27.61 7.21 -39.28
N VAL E 71 26.88 6.09 -39.30
CA VAL E 71 26.22 5.59 -38.11
C VAL E 71 27.04 4.42 -37.56
N THR E 72 26.93 4.22 -36.24
CA THR E 72 27.54 3.05 -35.59
C THR E 72 26.46 2.19 -34.98
N GLU E 73 26.44 0.93 -35.38
CA GLU E 73 25.39 0.00 -35.02
C GLU E 73 25.79 -0.65 -33.68
N HIS E 74 24.83 -1.33 -33.11
CA HIS E 74 25.06 -1.95 -31.81
C HIS E 74 26.20 -2.97 -31.85
N ASN E 75 26.40 -3.63 -32.98
CA ASN E 75 27.55 -4.55 -33.11
C ASN E 75 28.90 -3.84 -33.33
N GLY E 76 28.93 -2.48 -33.30
CA GLY E 76 30.13 -1.67 -33.48
C GLY E 76 30.47 -1.37 -34.96
N ARG E 77 29.77 -1.98 -35.93
CA ARG E 77 30.10 -1.82 -37.34
C ARG E 77 29.57 -0.43 -37.77
N ARG E 78 30.38 0.28 -38.55
CA ARG E 78 30.10 1.64 -38.99
C ARG E 78 29.66 1.61 -40.45
N TYR E 79 28.61 2.40 -40.78
CA TYR E 79 28.10 2.45 -42.11
C TYR E 79 27.87 3.90 -42.52
N ASN E 80 28.31 4.21 -43.75
CA ASN E 80 27.83 5.39 -44.41
C ASN E 80 26.35 5.30 -44.68
N ILE E 81 25.69 6.47 -44.53
CA ILE E 81 24.31 6.61 -44.95
C ILE E 81 24.17 7.91 -45.76
N MET E 82 23.19 7.89 -46.69
CA MET E 82 22.87 9.00 -47.55
C MET E 82 21.38 8.97 -47.71
N VAL E 83 20.74 10.10 -47.37
CA VAL E 83 19.27 10.14 -47.34
C VAL E 83 18.85 11.24 -48.31
N VAL E 84 18.33 10.87 -49.49
CA VAL E 84 18.10 11.79 -50.59
C VAL E 84 16.73 11.54 -51.19
N PRO E 85 16.13 12.59 -51.77
CA PRO E 85 14.74 12.48 -52.26
C PRO E 85 14.66 11.57 -53.46
N ASP E 86 13.49 10.93 -53.59
CA ASP E 86 13.14 10.00 -54.62
C ASP E 86 12.55 10.74 -55.81
N LYS E 87 13.25 10.77 -56.94
CA LYS E 87 12.84 11.48 -58.13
C LYS E 87 11.56 10.89 -58.70
N ALA E 88 11.33 9.60 -58.46
CA ALA E 88 10.19 8.89 -59.04
C ALA E 88 8.95 8.91 -58.14
N CYS E 89 9.01 9.49 -56.97
CA CYS E 89 7.87 9.59 -56.07
C CYS E 89 6.94 10.70 -56.52
N VAL E 90 5.66 10.37 -56.72
CA VAL E 90 4.73 11.37 -57.28
C VAL E 90 4.47 12.55 -56.34
N VAL E 91 4.74 12.39 -55.04
CA VAL E 91 4.45 13.43 -54.09
C VAL E 91 5.37 14.62 -54.38
N ASN E 92 6.69 14.35 -54.41
CA ASN E 92 7.68 15.38 -54.44
C ASN E 92 8.51 15.45 -55.72
N SER E 93 8.44 14.41 -56.57
CA SER E 93 9.19 14.35 -57.82
C SER E 93 10.67 14.71 -57.59
N GLY E 94 11.25 14.22 -56.50
CA GLY E 94 12.64 14.45 -56.17
C GLY E 94 12.97 15.74 -55.43
N LEU E 95 11.93 16.50 -54.99
CA LEU E 95 12.18 17.66 -54.17
C LEU E 95 12.37 17.23 -52.71
N SER E 96 13.16 18.05 -52.02
CA SER E 96 13.45 17.94 -50.60
C SER E 96 13.39 19.34 -50.01
N SER E 97 12.64 19.53 -48.91
CA SER E 97 12.66 20.76 -48.20
C SER E 97 13.92 20.86 -47.35
N THR E 98 14.19 22.05 -46.80
CA THR E 98 15.34 22.18 -45.92
C THR E 98 15.14 21.35 -44.63
N ARG E 99 13.89 21.01 -44.26
CA ARG E 99 13.72 20.22 -43.03
C ARG E 99 14.00 18.74 -43.30
N GLY E 100 13.38 18.17 -44.34
CA GLY E 100 13.58 16.75 -44.68
C GLY E 100 15.02 16.52 -45.16
N GLY E 101 15.60 17.56 -45.79
CA GLY E 101 16.98 17.45 -46.28
C GLY E 101 17.98 17.18 -45.17
N LYS E 102 17.66 17.57 -43.94
CA LYS E 102 18.56 17.35 -42.80
C LYS E 102 18.40 15.97 -42.19
N MET E 103 17.49 15.13 -42.73
CA MET E 103 17.27 13.83 -42.08
C MET E 103 18.55 13.07 -41.75
N ALA E 104 19.50 12.91 -42.69
CA ALA E 104 20.69 12.14 -42.39
C ALA E 104 21.47 12.70 -41.21
N SER E 105 21.49 14.02 -41.08
CA SER E 105 22.15 14.68 -39.96
C SER E 105 21.45 14.43 -38.63
N TYR E 106 20.13 14.16 -38.71
CA TYR E 106 19.33 14.01 -37.51
C TYR E 106 19.14 12.52 -37.16
N MET E 107 19.73 11.63 -37.94
CA MET E 107 19.86 10.26 -37.50
C MET E 107 20.84 10.20 -36.33
N TYR E 108 20.69 9.20 -35.48
CA TYR E 108 21.52 9.08 -34.30
C TYR E 108 22.94 8.69 -34.70
N THR E 109 23.91 9.46 -34.15
CA THR E 109 25.32 9.08 -34.05
C THR E 109 25.82 9.55 -32.71
N PRO E 110 26.86 8.85 -32.18
CA PRO E 110 27.39 9.26 -30.88
C PRO E 110 28.07 10.63 -30.89
N THR E 111 28.50 11.18 -32.06
CA THR E 111 29.29 12.41 -32.05
C THR E 111 28.56 13.55 -32.76
N GLY E 112 27.39 13.28 -33.37
CA GLY E 112 26.79 14.30 -34.23
C GLY E 112 25.59 14.92 -33.56
N ASP E 113 24.69 15.48 -34.38
CA ASP E 113 23.56 16.20 -33.86
C ASP E 113 22.66 15.40 -32.93
N GLY E 114 22.68 14.08 -33.07
CA GLY E 114 21.88 13.19 -32.22
C GLY E 114 22.63 12.74 -30.96
N LYS E 115 23.76 13.35 -30.61
CA LYS E 115 24.59 12.89 -29.49
C LYS E 115 23.81 12.79 -28.17
N GLN E 116 22.89 13.71 -27.96
CA GLN E 116 22.18 13.83 -26.68
C GLN E 116 20.84 13.07 -26.71
N ARG E 117 20.60 12.23 -27.71
CA ARG E 117 19.43 11.36 -27.72
C ARG E 117 19.34 10.62 -26.38
N LEU E 118 18.13 10.47 -25.83
CA LEU E 118 17.93 9.50 -24.75
C LEU E 118 18.28 8.10 -25.22
N LYS E 119 19.10 7.42 -24.43
CA LYS E 119 19.43 6.06 -24.81
C LYS E 119 19.38 5.07 -23.66
N ALA E 120 18.84 5.52 -22.53
CA ALA E 120 18.70 4.75 -21.31
C ALA E 120 17.52 5.40 -20.59
N PRO E 121 16.78 4.65 -19.73
CA PRO E 121 15.85 5.29 -18.79
C PRO E 121 16.60 6.23 -17.85
N ARG E 122 15.99 7.39 -17.57
CA ARG E 122 16.55 8.43 -16.74
C ARG E 122 15.56 8.72 -15.58
N LEU E 123 16.10 8.76 -14.36
CA LEU E 123 15.34 8.94 -13.15
C LEU E 123 15.85 10.14 -12.40
N TYR E 124 14.92 10.93 -11.86
CA TYR E 124 15.31 12.02 -11.02
C TYR E 124 15.08 11.55 -9.60
N ALA E 125 16.15 11.29 -8.86
CA ALA E 125 16.04 10.82 -7.48
C ALA E 125 17.15 11.48 -6.70
N ALA E 126 16.92 11.70 -5.39
CA ALA E 126 17.97 12.28 -4.59
C ALA E 126 18.45 13.60 -5.20
N ASP E 127 17.50 14.38 -5.72
CA ASP E 127 17.76 15.70 -6.25
C ASP E 127 18.87 15.65 -7.34
N GLN E 128 18.75 14.68 -8.22
CA GLN E 128 19.69 14.55 -9.35
C GLN E 128 19.14 13.58 -10.41
N TRP E 129 19.51 13.84 -11.67
CA TRP E 129 19.30 12.88 -12.74
C TRP E 129 20.35 11.79 -12.75
N VAL E 130 19.87 10.53 -12.78
CA VAL E 130 20.68 9.34 -12.93
C VAL E 130 20.11 8.42 -13.98
N ASP E 131 20.92 7.49 -14.51
CA ASP E 131 20.39 6.33 -15.20
C ASP E 131 19.66 5.41 -14.24
N THR E 132 18.68 4.66 -14.79
CA THR E 132 18.10 3.51 -14.14
C THR E 132 17.86 2.44 -15.20
N THR E 133 17.50 1.24 -14.77
CA THR E 133 17.22 0.09 -15.64
C THR E 133 15.79 0.22 -16.19
N TRP E 134 15.57 -0.36 -17.34
CA TRP E 134 14.25 -0.54 -17.88
C TRP E 134 13.32 -1.23 -16.90
N ASP E 135 13.78 -2.32 -16.29
CA ASP E 135 12.91 -3.08 -15.40
C ASP E 135 12.52 -2.23 -14.19
N HIS E 136 13.45 -1.40 -13.65
CA HIS E 136 13.10 -0.55 -12.55
C HIS E 136 12.18 0.58 -12.96
N ALA E 137 12.42 1.18 -14.13
CA ALA E 137 11.52 2.20 -14.63
C ALA E 137 10.10 1.65 -14.79
N MET E 138 9.99 0.45 -15.31
CA MET E 138 8.66 -0.16 -15.47
C MET E 138 8.04 -0.49 -14.12
N ALA E 139 8.84 -0.96 -13.17
CA ALA E 139 8.29 -1.26 -11.87
C ALA E 139 7.81 0.00 -11.18
N LEU E 140 8.52 1.13 -11.30
CA LEU E 140 8.06 2.34 -10.71
C LEU E 140 6.83 2.89 -11.44
N TYR E 141 6.90 2.92 -12.79
CA TYR E 141 5.82 3.53 -13.57
C TYR E 141 4.57 2.67 -13.51
N ALA E 142 4.64 1.36 -13.80
CA ALA E 142 3.48 0.47 -13.66
C ALA E 142 3.05 0.47 -12.20
N GLY E 143 4.00 0.55 -11.28
CA GLY E 143 3.59 0.54 -9.87
C GLY E 143 2.73 1.71 -9.52
N LEU E 144 3.07 2.91 -10.00
CA LEU E 144 2.30 4.10 -9.77
C LEU E 144 0.98 4.10 -10.53
N ILE E 145 0.96 3.63 -11.76
CA ILE E 145 -0.30 3.50 -12.49
C ILE E 145 -1.21 2.52 -11.72
N LYS E 146 -0.70 1.38 -11.26
CA LYS E 146 -1.53 0.43 -10.54
C LYS E 146 -2.06 1.03 -9.24
N LYS E 147 -1.21 1.72 -8.49
CA LYS E 147 -1.63 2.32 -7.23
C LYS E 147 -2.70 3.34 -7.48
N THR E 148 -2.55 4.12 -8.57
CA THR E 148 -3.52 5.13 -8.92
C THR E 148 -4.83 4.44 -9.26
N LEU E 149 -4.81 3.41 -10.10
CA LEU E 149 -6.06 2.77 -10.50
C LEU E 149 -6.76 2.18 -9.26
N ASP E 150 -5.95 1.62 -8.36
CA ASP E 150 -6.46 0.89 -7.21
C ASP E 150 -7.09 1.86 -6.23
N LYS E 151 -6.54 3.05 -6.05
CA LYS E 151 -7.01 3.96 -5.04
C LYS E 151 -7.92 5.02 -5.63
N ASP E 152 -7.52 5.59 -6.78
CA ASP E 152 -8.15 6.78 -7.26
C ASP E 152 -8.98 6.52 -8.53
N GLY E 153 -8.70 5.44 -9.19
CA GLY E 153 -9.32 5.10 -10.46
C GLY E 153 -8.53 5.69 -11.63
N PRO E 154 -9.00 5.39 -12.85
CA PRO E 154 -8.37 5.95 -14.06
C PRO E 154 -8.29 7.47 -14.09
N GLN E 155 -9.19 8.19 -13.43
CA GLN E 155 -9.23 9.64 -13.43
C GLN E 155 -7.92 10.25 -12.90
N GLY E 156 -7.10 9.43 -12.20
CA GLY E 156 -5.88 9.91 -11.62
C GLY E 156 -4.69 9.79 -12.61
N VAL E 157 -4.91 9.15 -13.76
CA VAL E 157 -3.83 8.88 -14.73
C VAL E 157 -4.01 9.77 -15.96
N PHE E 158 -3.07 10.71 -16.12
CA PHE E 158 -3.16 11.77 -17.12
C PHE E 158 -2.12 11.54 -18.23
N PHE E 159 -2.52 11.89 -19.46
CA PHE E 159 -1.60 11.81 -20.57
C PHE E 159 -1.74 13.04 -21.47
N SER E 160 -0.61 13.47 -22.03
N SER E 160 -0.62 13.48 -22.04
CA SER E 160 -0.64 14.26 -23.24
CA SER E 160 -0.63 14.28 -23.23
C SER E 160 0.19 13.50 -24.25
C SER E 160 0.18 13.50 -24.25
N CYS E 161 -0.45 13.05 -25.31
CA CYS E 161 0.13 12.13 -26.26
C CYS E 161 -0.05 12.63 -27.67
N PHE E 162 0.97 12.39 -28.52
CA PHE E 162 0.77 12.59 -29.94
C PHE E 162 -0.49 11.84 -30.39
N ASP E 163 -1.10 12.33 -31.48
CA ASP E 163 -2.11 11.54 -32.19
C ASP E 163 -1.85 11.57 -33.70
N HIS E 164 -0.65 12.03 -34.10
CA HIS E 164 -0.29 12.30 -35.48
C HIS E 164 0.49 11.15 -36.08
N GLY E 165 0.88 11.38 -37.35
CA GLY E 165 1.68 10.47 -38.12
C GLY E 165 3.14 10.87 -38.21
N GLY E 166 3.83 10.24 -39.15
CA GLY E 166 5.26 10.46 -39.29
C GLY E 166 6.05 10.14 -38.02
N ALA E 167 7.25 10.75 -37.92
CA ALA E 167 8.11 10.51 -36.78
C ALA E 167 7.38 10.93 -35.51
N GLY E 168 7.44 10.01 -34.52
CA GLY E 168 6.77 10.25 -33.27
C GLY E 168 5.26 10.16 -33.41
N GLY E 169 4.83 9.29 -34.30
CA GLY E 169 3.43 8.98 -34.48
C GLY E 169 3.28 7.74 -35.37
N GLY E 170 2.18 7.69 -36.14
CA GLY E 170 1.97 6.63 -37.09
C GLY E 170 1.03 5.52 -36.59
N PHE E 171 0.58 4.69 -37.52
CA PHE E 171 -0.51 3.74 -37.27
C PHE E 171 -0.15 2.79 -36.14
N GLU E 172 1.11 2.31 -36.11
CA GLU E 172 1.56 1.39 -35.07
C GLU E 172 1.55 2.11 -33.72
N ASN E 173 2.11 3.32 -33.69
CA ASN E 173 2.33 4.07 -32.47
C ASN E 173 1.04 4.65 -31.90
N THR E 174 0.12 5.14 -32.75
CA THR E 174 -1.13 5.66 -32.22
C THR E 174 -1.96 4.48 -31.68
N TRP E 175 -1.89 3.31 -32.30
CA TRP E 175 -2.61 2.14 -31.84
C TRP E 175 -2.05 1.66 -30.50
N GLY E 176 -0.73 1.54 -30.38
CA GLY E 176 -0.19 1.05 -29.12
C GLY E 176 -0.54 1.97 -27.98
N THR E 177 -0.29 3.29 -28.12
CA THR E 177 -0.62 4.24 -27.09
C THR E 177 -2.14 4.29 -26.82
N GLY E 178 -2.97 4.26 -27.85
CA GLY E 178 -4.40 4.30 -27.70
C GLY E 178 -4.95 3.07 -27.01
N LYS E 179 -4.49 1.89 -27.37
CA LYS E 179 -4.88 0.66 -26.70
C LYS E 179 -4.50 0.76 -25.23
N LEU E 180 -3.26 1.16 -24.94
CA LEU E 180 -2.86 1.32 -23.56
C LEU E 180 -3.71 2.30 -22.79
N MET E 181 -3.90 3.54 -23.31
CA MET E 181 -4.60 4.56 -22.56
C MET E 181 -6.07 4.24 -22.43
N PHE E 182 -6.68 3.79 -23.56
CA PHE E 182 -8.15 3.74 -23.59
C PHE E 182 -8.71 2.36 -23.26
N SER E 183 -8.11 1.28 -23.76
CA SER E 183 -8.62 -0.07 -23.56
C SER E 183 -8.13 -0.68 -22.25
N ALA E 184 -6.87 -0.38 -21.87
CA ALA E 184 -6.21 -1.07 -20.76
C ALA E 184 -6.33 -0.25 -19.49
N ILE E 185 -5.75 0.95 -19.47
CA ILE E 185 -5.89 1.84 -18.32
C ILE E 185 -7.31 2.34 -18.23
N GLN E 186 -7.89 2.63 -19.39
CA GLN E 186 -9.23 3.20 -19.50
C GLN E 186 -9.37 4.60 -18.92
N THR E 187 -8.39 5.47 -19.10
CA THR E 187 -8.47 6.83 -18.60
C THR E 187 -9.00 7.79 -19.68
N PRO E 188 -9.91 8.69 -19.30
CA PRO E 188 -10.38 9.77 -20.16
C PRO E 188 -9.51 11.02 -20.07
N MET E 189 -8.50 10.99 -19.15
CA MET E 189 -7.78 12.19 -18.83
C MET E 189 -6.58 12.36 -19.80
N VAL E 190 -6.93 12.50 -21.10
CA VAL E 190 -5.96 12.42 -22.20
C VAL E 190 -6.15 13.66 -23.06
N ARG E 191 -5.08 14.39 -23.29
CA ARG E 191 -5.08 15.44 -24.31
C ARG E 191 -4.20 14.99 -25.45
N ILE E 192 -4.17 15.88 -26.45
CA ILE E 192 -3.45 15.58 -27.69
C ILE E 192 -2.25 16.54 -27.72
N HIS E 193 -1.23 16.21 -28.52
CA HIS E 193 0.01 17.01 -28.52
C HIS E 193 -0.25 18.48 -28.75
N ASN E 194 -1.24 18.79 -29.63
CA ASN E 194 -1.45 20.16 -30.08
C ASN E 194 -2.72 20.84 -29.56
N ARG E 195 -3.52 20.14 -28.70
CA ARG E 195 -4.76 20.72 -28.20
C ARG E 195 -5.06 20.07 -26.87
N PRO E 196 -5.64 20.87 -25.93
CA PRO E 196 -5.71 20.44 -24.53
C PRO E 196 -6.92 19.61 -24.14
N ALA E 197 -7.52 18.91 -25.08
CA ALA E 197 -8.63 18.01 -24.83
C ALA E 197 -8.60 16.93 -25.89
N TYR E 198 -9.44 15.91 -25.75
CA TYR E 198 -9.47 14.84 -26.71
C TYR E 198 -10.57 15.18 -27.72
N ASN E 199 -10.18 15.89 -28.77
CA ASN E 199 -11.16 16.47 -29.67
C ASN E 199 -10.59 16.43 -31.11
N SER E 200 -11.41 16.90 -32.04
CA SER E 200 -11.02 17.01 -33.44
C SER E 200 -10.79 18.47 -33.79
N GLU E 201 -9.86 18.69 -34.75
CA GLU E 201 -9.64 20.00 -35.30
C GLU E 201 -10.76 20.37 -36.24
N CYS E 202 -11.50 19.32 -36.73
CA CYS E 202 -12.40 19.47 -37.84
C CYS E 202 -13.80 18.97 -37.48
N HIS E 203 -14.30 19.34 -36.28
CA HIS E 203 -15.60 18.81 -35.89
C HIS E 203 -16.70 19.26 -36.88
N ALA E 204 -16.73 20.56 -37.18
CA ALA E 204 -17.82 21.11 -37.98
C ALA E 204 -17.81 20.48 -39.37
N THR E 205 -16.65 20.46 -40.08
CA THR E 205 -16.62 19.90 -41.40
C THR E 205 -17.04 18.42 -41.39
N ARG E 206 -16.53 17.65 -40.44
CA ARG E 206 -16.86 16.22 -40.35
C ARG E 206 -18.37 16.06 -40.10
N GLU E 207 -18.94 16.87 -39.20
CA GLU E 207 -20.38 16.79 -38.89
C GLU E 207 -21.26 17.12 -40.10
N MET E 208 -20.78 18.04 -40.94
CA MET E 208 -21.46 18.44 -42.18
C MET E 208 -21.34 17.39 -43.29
N GLY E 209 -20.48 16.39 -43.10
CA GLY E 209 -20.38 15.28 -44.01
C GLY E 209 -19.09 15.22 -44.82
N ILE E 210 -18.17 16.16 -44.54
CA ILE E 210 -16.97 16.28 -45.37
C ILE E 210 -15.70 16.08 -44.54
N GLY E 211 -15.09 14.93 -44.73
CA GLY E 211 -13.81 14.64 -44.06
C GLY E 211 -12.79 15.63 -44.59
N GLU E 212 -11.79 15.96 -43.79
CA GLU E 212 -10.97 17.12 -44.17
C GLU E 212 -9.84 16.82 -45.17
N LEU E 213 -9.56 15.56 -45.46
CA LEU E 213 -8.59 15.22 -46.51
C LEU E 213 -9.37 14.53 -47.61
N ASN E 214 -10.00 15.31 -48.51
CA ASN E 214 -10.97 14.77 -49.40
C ASN E 214 -10.54 14.81 -50.86
N ASN E 215 -9.26 15.14 -51.15
CA ASN E 215 -8.83 15.24 -52.56
C ASN E 215 -7.45 14.60 -52.71
N ALA E 216 -6.87 14.75 -53.90
CA ALA E 216 -5.51 14.35 -54.21
C ALA E 216 -4.66 15.58 -54.41
N TYR E 217 -3.33 15.42 -54.30
CA TYR E 217 -2.45 16.58 -54.54
C TYR E 217 -2.56 16.95 -56.05
N GLU E 218 -2.88 15.95 -56.90
CA GLU E 218 -3.14 16.23 -58.30
C GLU E 218 -4.28 17.24 -58.49
N ASP E 219 -5.26 17.31 -57.56
CA ASP E 219 -6.31 18.31 -57.69
C ASP E 219 -5.78 19.75 -57.71
N ALA E 220 -4.70 20.02 -56.98
CA ALA E 220 -4.12 21.35 -57.01
C ALA E 220 -3.60 21.68 -58.38
N GLN E 221 -3.25 20.70 -59.17
CA GLN E 221 -2.76 20.85 -60.52
C GLN E 221 -3.91 21.11 -61.49
N LEU E 222 -5.10 20.67 -61.14
CA LEU E 222 -6.26 20.72 -62.04
C LEU E 222 -7.15 21.92 -61.74
N ALA E 223 -6.93 22.64 -60.62
CA ALA E 223 -7.77 23.76 -60.24
C ALA E 223 -7.62 24.95 -61.19
N ASP E 224 -8.71 25.69 -61.34
CA ASP E 224 -8.69 27.05 -61.83
C ASP E 224 -8.20 28.05 -60.80
N VAL E 225 -8.66 27.88 -59.54
CA VAL E 225 -8.34 28.80 -58.47
C VAL E 225 -7.99 27.98 -57.26
N ILE E 226 -6.97 28.44 -56.54
CA ILE E 226 -6.66 27.86 -55.23
C ILE E 226 -6.86 28.92 -54.16
N TRP E 227 -7.62 28.59 -53.08
CA TRP E 227 -7.62 29.40 -51.88
C TRP E 227 -6.69 28.79 -50.84
N SER E 228 -5.87 29.65 -50.23
CA SER E 228 -5.06 29.24 -49.06
C SER E 228 -5.51 30.11 -47.90
N ILE E 229 -6.21 29.47 -46.97
CA ILE E 229 -6.94 30.14 -45.89
C ILE E 229 -6.27 29.84 -44.56
N GLY E 230 -5.68 30.85 -43.95
CA GLY E 230 -5.02 30.58 -42.65
C GLY E 230 -3.85 29.62 -42.78
N ASN E 231 -3.03 29.87 -43.79
CA ASN E 231 -2.07 28.92 -44.32
C ASN E 231 -0.89 29.61 -44.97
N ASN E 232 0.35 29.15 -44.72
CA ASN E 232 1.57 29.69 -45.30
C ASN E 232 2.35 28.58 -46.00
N PRO E 233 1.79 28.03 -47.10
CA PRO E 233 2.18 26.75 -47.60
C PRO E 233 3.60 26.60 -48.15
N TYR E 234 4.19 27.69 -48.69
CA TYR E 234 5.60 27.55 -49.05
C TYR E 234 6.45 27.18 -47.85
N GLU E 235 6.12 27.70 -46.64
CA GLU E 235 6.92 27.44 -45.47
C GLU E 235 6.48 26.16 -44.77
N SER E 236 5.17 25.84 -44.78
CA SER E 236 4.64 24.80 -43.91
C SER E 236 4.19 23.55 -44.66
N GLN E 237 4.02 23.61 -46.01
CA GLN E 237 3.69 22.40 -46.79
C GLN E 237 4.50 22.47 -48.09
N THR E 238 5.77 22.76 -47.92
CA THR E 238 6.67 23.25 -48.97
C THR E 238 6.51 22.51 -50.27
N ASN E 239 6.67 21.18 -50.32
CA ASN E 239 6.78 20.51 -51.60
C ASN E 239 5.41 20.27 -52.24
N TYR E 240 4.35 20.38 -51.51
CA TYR E 240 3.01 20.37 -52.13
C TYR E 240 2.90 21.66 -52.93
N PHE E 241 3.19 22.76 -52.29
CA PHE E 241 3.20 24.08 -52.92
C PHE E 241 4.11 24.06 -54.15
N LEU E 242 5.37 23.58 -53.96
CA LEU E 242 6.35 23.58 -55.04
C LEU E 242 6.04 22.62 -56.18
N ASN E 243 5.65 21.41 -55.86
CA ASN E 243 5.51 20.33 -56.84
C ASN E 243 4.13 20.29 -57.51
N HIS E 244 3.13 20.93 -56.92
CA HIS E 244 1.78 20.82 -57.45
C HIS E 244 1.16 22.18 -57.68
N TRP E 245 1.22 23.12 -56.69
CA TRP E 245 0.58 24.43 -56.88
C TRP E 245 1.32 25.28 -57.91
N LEU E 246 2.61 25.42 -57.75
CA LEU E 246 3.38 26.33 -58.62
C LEU E 246 3.33 25.87 -60.06
N PRO E 247 3.42 24.57 -60.41
CA PRO E 247 3.24 24.15 -61.80
C PRO E 247 1.91 24.57 -62.41
N ASN E 248 0.84 24.59 -61.62
CA ASN E 248 -0.42 25.07 -62.11
C ASN E 248 -0.28 26.57 -62.40
N LEU E 249 0.22 27.34 -61.44
CA LEU E 249 0.32 28.80 -61.63
C LEU E 249 1.23 29.12 -62.85
N GLN E 250 2.22 28.26 -63.11
N GLN E 250 2.20 28.23 -63.14
CA GLN E 250 3.14 28.53 -64.22
CA GLN E 250 3.14 28.52 -64.21
C GLN E 250 2.56 28.13 -65.59
C GLN E 250 2.56 28.15 -65.58
N GLY E 251 1.42 27.44 -65.64
CA GLY E 251 0.85 27.04 -66.92
C GLY E 251 1.29 25.66 -67.37
N ALA E 252 2.02 24.91 -66.52
CA ALA E 252 2.56 23.61 -66.91
C ALA E 252 1.51 22.51 -66.87
N THR E 253 0.32 22.77 -66.28
CA THR E 253 -0.72 21.74 -66.20
C THR E 253 -1.91 22.03 -67.11
N THR E 254 -1.86 23.10 -67.87
CA THR E 254 -2.98 23.51 -68.73
C THR E 254 -3.36 22.41 -69.70
N SER E 255 -2.37 21.72 -70.28
CA SER E 255 -2.67 20.72 -71.28
CA SER E 255 -2.64 20.71 -71.27
C SER E 255 -3.35 19.52 -70.63
N LYS E 256 -2.97 19.19 -69.39
N LYS E 256 -2.98 19.17 -69.38
CA LYS E 256 -3.64 18.13 -68.65
CA LYS E 256 -3.66 18.11 -68.64
C LYS E 256 -5.12 18.47 -68.41
C LYS E 256 -5.14 18.46 -68.42
N LYS E 257 -5.42 19.70 -68.01
CA LYS E 257 -6.80 20.10 -67.76
C LYS E 257 -7.61 19.97 -69.05
N LYS E 258 -7.06 20.47 -70.15
CA LYS E 258 -7.75 20.50 -71.45
C LYS E 258 -7.96 19.09 -72.01
N GLU E 259 -7.02 18.16 -71.74
CA GLU E 259 -7.14 16.78 -72.18
C GLU E 259 -8.20 16.06 -71.41
N ARG E 260 -8.27 16.32 -70.08
CA ARG E 260 -9.28 15.70 -69.25
C ARG E 260 -10.69 16.22 -69.48
N PHE E 261 -10.82 17.48 -69.89
CA PHE E 261 -12.07 18.20 -69.98
C PHE E 261 -12.08 18.95 -71.32
N PRO E 262 -12.30 18.20 -72.42
CA PRO E 262 -12.14 18.76 -73.77
C PRO E 262 -13.08 19.89 -74.10
N ASN E 263 -14.21 20.05 -73.38
CA ASN E 263 -15.18 21.08 -73.73
C ASN E 263 -15.28 22.20 -72.67
N GLU E 264 -14.17 22.40 -71.94
CA GLU E 264 -14.13 23.34 -70.84
C GLU E 264 -13.00 24.36 -71.01
N ASN E 265 -13.28 25.64 -70.83
CA ASN E 265 -12.25 26.64 -70.76
C ASN E 265 -11.43 26.51 -69.48
N PHE E 266 -10.16 26.79 -69.60
CA PHE E 266 -9.23 26.86 -68.47
C PHE E 266 -8.47 28.17 -68.57
N PRO E 267 -8.84 29.22 -67.82
CA PRO E 267 -8.06 30.47 -67.80
C PRO E 267 -6.75 30.18 -67.07
N GLN E 268 -5.86 31.14 -67.10
CA GLN E 268 -4.68 31.03 -66.27
C GLN E 268 -5.14 30.89 -64.83
N ALA E 269 -4.42 30.02 -64.10
CA ALA E 269 -4.82 29.74 -62.71
C ALA E 269 -4.54 30.96 -61.84
N ARG E 270 -5.34 31.13 -60.81
CA ARG E 270 -5.19 32.23 -59.86
C ARG E 270 -5.20 31.71 -58.44
N ILE E 271 -4.75 32.55 -57.51
CA ILE E 271 -4.58 32.16 -56.10
C ILE E 271 -4.99 33.30 -55.18
N ILE E 272 -5.67 32.90 -54.13
CA ILE E 272 -6.26 33.79 -53.16
C ILE E 272 -5.85 33.35 -51.75
N PHE E 273 -5.23 34.27 -51.02
CA PHE E 273 -4.82 34.02 -49.67
C PHE E 273 -5.72 34.80 -48.72
N VAL E 274 -6.18 34.11 -47.69
CA VAL E 274 -6.90 34.72 -46.59
C VAL E 274 -5.97 34.61 -45.39
N ASP E 275 -5.38 35.73 -45.02
CA ASP E 275 -4.36 35.72 -43.99
C ASP E 275 -4.17 37.16 -43.57
N PRO E 276 -4.34 37.54 -42.27
CA PRO E 276 -4.05 38.90 -41.84
C PRO E 276 -2.67 39.38 -42.25
N ARG E 277 -1.74 38.41 -42.38
CA ARG E 277 -0.34 38.72 -42.55
C ARG E 277 0.06 38.42 -44.00
N GLU E 278 0.91 39.26 -44.56
CA GLU E 278 1.53 39.01 -45.86
C GLU E 278 2.73 38.10 -45.60
N THR E 279 2.81 36.96 -46.30
CA THR E 279 3.79 35.98 -46.02
C THR E 279 4.72 35.73 -47.21
N PRO E 280 5.76 34.92 -46.95
CA PRO E 280 6.56 34.37 -48.01
C PRO E 280 5.73 33.68 -49.12
N SER E 281 4.64 33.00 -48.76
CA SER E 281 3.84 32.33 -49.77
C SER E 281 3.19 33.37 -50.73
N VAL E 282 2.60 34.41 -50.17
CA VAL E 282 2.08 35.51 -51.01
C VAL E 282 3.15 36.10 -51.92
N ALA E 283 4.35 36.44 -51.36
CA ALA E 283 5.43 36.97 -52.15
C ALA E 283 5.78 36.07 -53.34
N ILE E 284 5.87 34.76 -53.09
CA ILE E 284 6.32 33.88 -54.17
C ILE E 284 5.19 33.72 -55.21
N ALA E 285 3.93 33.61 -54.77
CA ALA E 285 2.83 33.55 -55.71
C ALA E 285 2.83 34.76 -56.65
N ARG E 286 3.05 35.96 -56.07
CA ARG E 286 3.08 37.17 -56.90
C ARG E 286 4.29 37.11 -57.84
N HIS E 287 5.43 36.60 -57.37
CA HIS E 287 6.57 36.45 -58.26
C HIS E 287 6.28 35.55 -59.43
N VAL E 288 5.64 34.41 -59.19
CA VAL E 288 5.43 33.38 -60.19
C VAL E 288 4.31 33.77 -61.14
N ALA E 289 3.19 34.22 -60.61
CA ALA E 289 1.95 34.33 -61.39
C ALA E 289 1.70 35.80 -61.80
N GLY E 290 2.38 36.73 -61.15
CA GLY E 290 2.15 38.16 -61.28
C GLY E 290 1.11 38.69 -60.32
N ASN E 291 1.20 39.99 -60.01
CA ASN E 291 0.26 40.61 -59.06
C ASN E 291 -1.22 40.38 -59.43
N ASP E 292 -1.51 40.41 -60.73
N ASP E 292 -1.52 40.40 -60.72
CA ASP E 292 -2.88 40.40 -61.21
CA ASP E 292 -2.92 40.42 -61.12
C ASP E 292 -3.58 39.05 -61.05
C ASP E 292 -3.59 39.05 -61.04
N ARG E 293 -2.84 37.95 -60.73
CA ARG E 293 -3.42 36.63 -60.54
C ARG E 293 -3.53 36.22 -59.08
N VAL E 294 -3.01 37.09 -58.20
CA VAL E 294 -2.98 36.84 -56.80
C VAL E 294 -3.89 37.83 -56.08
N LEU E 295 -4.73 37.39 -55.16
CA LEU E 295 -5.42 38.25 -54.21
C LEU E 295 -5.02 37.90 -52.80
N HIS E 296 -4.53 38.89 -52.05
CA HIS E 296 -4.27 38.77 -50.65
C HIS E 296 -5.37 39.50 -49.88
N LEU E 297 -6.27 38.71 -49.31
N LEU E 297 -6.28 38.71 -49.34
CA LEU E 297 -7.33 39.23 -48.46
CA LEU E 297 -7.36 39.18 -48.47
C LEU E 297 -6.78 39.29 -47.06
C LEU E 297 -6.78 39.29 -47.06
N ALA E 298 -6.26 40.49 -46.77
CA ALA E 298 -5.51 40.75 -45.57
C ALA E 298 -6.51 41.15 -44.48
N ILE E 299 -7.32 40.17 -44.11
CA ILE E 299 -8.38 40.35 -43.14
C ILE E 299 -7.87 40.86 -41.80
N GLU E 300 -8.74 41.54 -41.07
CA GLU E 300 -8.47 41.83 -39.68
C GLU E 300 -8.43 40.47 -38.95
N PRO E 301 -7.52 40.31 -37.97
CA PRO E 301 -7.49 39.06 -37.21
C PRO E 301 -8.84 38.61 -36.73
N GLY E 302 -9.12 37.32 -36.93
CA GLY E 302 -10.29 36.70 -36.36
C GLY E 302 -11.60 36.97 -37.08
N THR E 303 -11.54 37.53 -38.29
CA THR E 303 -12.78 37.89 -39.01
C THR E 303 -13.13 36.94 -40.15
N ASP E 304 -12.56 35.72 -40.17
CA ASP E 304 -12.83 34.75 -41.22
C ASP E 304 -14.32 34.45 -41.38
N THR E 305 -15.06 34.26 -40.26
CA THR E 305 -16.47 33.95 -40.37
C THR E 305 -17.20 35.06 -41.13
N ALA E 306 -16.88 36.34 -40.81
CA ALA E 306 -17.53 37.44 -41.50
C ALA E 306 -17.20 37.40 -43.01
N LEU E 307 -15.94 37.14 -43.34
CA LEU E 307 -15.53 37.03 -44.73
C LEU E 307 -16.35 35.96 -45.44
N PHE E 308 -16.43 34.74 -44.90
CA PHE E 308 -17.10 33.67 -45.62
C PHE E 308 -18.61 33.90 -45.70
N ASN E 309 -19.21 34.43 -44.63
CA ASN E 309 -20.63 34.70 -44.72
C ASN E 309 -20.93 35.78 -45.76
N GLY E 310 -20.04 36.76 -45.92
CA GLY E 310 -20.23 37.80 -46.95
C GLY E 310 -20.14 37.18 -48.33
N LEU E 311 -19.15 36.29 -48.51
CA LEU E 311 -18.96 35.64 -49.82
C LEU E 311 -20.14 34.73 -50.14
N PHE E 312 -20.58 33.94 -49.17
CA PHE E 312 -21.70 33.03 -49.35
C PHE E 312 -22.96 33.85 -49.73
N THR E 313 -23.21 34.90 -48.97
CA THR E 313 -24.38 35.77 -49.24
C THR E 313 -24.33 36.32 -50.69
N TYR E 314 -23.15 36.77 -51.11
CA TYR E 314 -22.96 37.33 -52.44
C TYR E 314 -23.14 36.30 -53.55
N VAL E 315 -22.49 35.13 -53.43
CA VAL E 315 -22.63 34.11 -54.47
C VAL E 315 -24.09 33.67 -54.60
N VAL E 316 -24.82 33.64 -53.48
CA VAL E 316 -26.22 33.23 -53.55
C VAL E 316 -27.01 34.31 -54.26
N GLU E 317 -26.74 35.58 -53.94
CA GLU E 317 -27.43 36.68 -54.60
C GLU E 317 -27.12 36.71 -56.07
N GLN E 318 -25.89 36.34 -56.50
CA GLN E 318 -25.53 36.35 -57.89
C GLN E 318 -26.02 35.13 -58.64
N GLY E 319 -26.46 34.10 -57.93
CA GLY E 319 -26.78 32.82 -58.52
C GLY E 319 -25.56 32.01 -58.96
N TRP E 320 -24.39 32.34 -58.39
CA TRP E 320 -23.15 31.62 -58.69
C TRP E 320 -22.99 30.43 -57.76
N ILE E 321 -24.02 29.57 -57.82
CA ILE E 321 -24.13 28.36 -57.02
C ILE E 321 -24.65 27.28 -57.94
N ASP E 322 -24.65 26.05 -57.43
CA ASP E 322 -25.03 24.85 -58.13
C ASP E 322 -26.37 24.36 -57.58
N LYS E 323 -27.46 24.94 -58.10
CA LYS E 323 -28.76 24.69 -57.55
C LYS E 323 -29.11 23.20 -57.65
N PRO E 324 -28.87 22.50 -58.78
CA PRO E 324 -29.19 21.07 -58.82
C PRO E 324 -28.43 20.23 -57.80
N PHE E 325 -27.13 20.59 -57.58
CA PHE E 325 -26.35 19.86 -56.59
C PHE E 325 -26.97 20.09 -55.20
N ILE E 326 -27.29 21.33 -54.88
CA ILE E 326 -27.90 21.70 -53.61
C ILE E 326 -29.18 20.88 -53.40
N GLU E 327 -30.01 20.83 -54.45
CA GLU E 327 -31.30 20.16 -54.33
C GLU E 327 -31.10 18.67 -54.09
N ALA E 328 -30.16 18.03 -54.80
CA ALA E 328 -30.02 16.58 -54.77
C ALA E 328 -29.18 16.09 -53.61
N HIS E 329 -28.19 16.89 -53.15
CA HIS E 329 -27.12 16.31 -52.33
C HIS E 329 -26.90 17.05 -51.01
N THR E 330 -27.78 17.99 -50.63
CA THR E 330 -27.56 18.81 -49.45
C THR E 330 -28.84 18.99 -48.66
N LYS E 331 -28.68 19.42 -47.41
CA LYS E 331 -29.75 19.85 -46.53
C LYS E 331 -29.33 21.13 -45.85
N GLY E 332 -30.31 22.01 -45.57
CA GLY E 332 -30.07 23.16 -44.72
C GLY E 332 -29.71 24.46 -45.45
N PHE E 333 -29.73 24.46 -46.80
CA PHE E 333 -29.31 25.64 -47.55
C PHE E 333 -30.15 26.87 -47.21
N ASP E 334 -31.51 26.78 -47.30
CA ASP E 334 -32.32 28.00 -47.12
C ASP E 334 -32.13 28.60 -45.74
N ASP E 335 -31.97 27.75 -44.73
CA ASP E 335 -31.74 28.18 -43.37
C ASP E 335 -30.42 28.92 -43.27
N ALA E 336 -29.39 28.40 -43.96
CA ALA E 336 -28.08 29.02 -43.84
C ALA E 336 -28.02 30.37 -44.55
N VAL E 337 -28.72 30.48 -45.67
CA VAL E 337 -28.88 31.75 -46.37
C VAL E 337 -29.43 32.81 -45.41
N LYS E 338 -30.43 32.44 -44.61
CA LYS E 338 -30.97 33.38 -43.65
C LYS E 338 -30.04 33.69 -42.48
N THR E 339 -29.44 32.67 -41.87
CA THR E 339 -28.65 32.87 -40.65
C THR E 339 -27.34 33.57 -40.98
N ASN E 340 -26.80 33.34 -42.19
CA ASN E 340 -25.47 33.80 -42.51
C ASN E 340 -25.46 35.06 -43.36
N ARG E 341 -26.59 35.74 -43.50
CA ARG E 341 -26.72 36.85 -44.38
C ARG E 341 -25.80 37.97 -43.85
N LEU E 342 -24.99 38.51 -44.75
CA LEU E 342 -24.12 39.64 -44.44
C LEU E 342 -23.85 40.36 -45.75
N SER E 343 -24.13 41.65 -45.78
CA SER E 343 -23.92 42.41 -47.03
C SER E 343 -22.42 42.57 -47.30
N LEU E 344 -22.09 42.87 -48.55
CA LEU E 344 -20.70 43.17 -48.87
C LEU E 344 -20.14 44.38 -48.10
N ASP E 345 -20.94 45.44 -47.91
CA ASP E 345 -20.52 46.60 -47.15
C ASP E 345 -20.21 46.20 -45.70
N GLU E 346 -21.06 45.37 -45.09
CA GLU E 346 -20.85 45.02 -43.67
C GLU E 346 -19.63 44.07 -43.51
N CYS E 347 -19.54 43.20 -44.56
CA CYS E 347 -18.40 42.27 -44.64
C CYS E 347 -17.11 43.08 -44.73
N SER E 348 -17.08 44.08 -45.60
CA SER E 348 -15.95 44.95 -45.83
C SER E 348 -15.59 45.72 -44.55
N ASN E 349 -16.58 46.30 -43.90
CA ASN E 349 -16.33 47.02 -42.66
C ASN E 349 -15.72 46.11 -41.58
N ILE E 350 -16.19 44.89 -41.45
CA ILE E 350 -15.74 43.98 -40.38
C ILE E 350 -14.33 43.48 -40.71
N THR E 351 -14.14 42.99 -41.96
CA THR E 351 -12.92 42.30 -42.33
C THR E 351 -11.82 43.32 -42.69
N GLY E 352 -12.18 44.55 -43.09
CA GLY E 352 -11.24 45.51 -43.62
C GLY E 352 -10.90 45.27 -45.09
N VAL E 353 -11.47 44.26 -45.74
CA VAL E 353 -11.15 43.96 -47.13
C VAL E 353 -12.06 44.86 -47.99
N PRO E 354 -11.55 45.57 -49.00
CA PRO E 354 -12.39 46.37 -49.90
C PRO E 354 -13.45 45.53 -50.59
N VAL E 355 -14.60 46.16 -50.77
CA VAL E 355 -15.68 45.52 -51.47
C VAL E 355 -15.25 45.02 -52.85
N ASP E 356 -14.45 45.82 -53.56
N ASP E 356 -14.46 45.77 -53.57
CA ASP E 356 -13.97 45.48 -54.89
CA ASP E 356 -14.11 45.35 -54.92
C ASP E 356 -13.18 44.16 -54.88
C ASP E 356 -13.19 44.12 -54.89
N MET E 357 -12.37 43.96 -53.84
N MET E 357 -12.37 43.97 -53.85
CA MET E 357 -11.58 42.74 -53.73
CA MET E 357 -11.57 42.75 -53.72
C MET E 357 -12.47 41.55 -53.37
C MET E 357 -12.47 41.56 -53.38
N LEU E 358 -13.49 41.75 -52.54
CA LEU E 358 -14.43 40.69 -52.25
C LEU E 358 -15.14 40.24 -53.52
N LYS E 359 -15.58 41.20 -54.32
CA LYS E 359 -16.26 40.87 -55.55
C LYS E 359 -15.33 40.16 -56.52
N ARG E 360 -14.07 40.59 -56.60
CA ARG E 360 -13.10 39.97 -57.48
C ARG E 360 -12.89 38.49 -57.07
N ALA E 361 -12.68 38.26 -55.75
CA ALA E 361 -12.43 36.93 -55.26
C ALA E 361 -13.58 36.02 -55.69
N ALA E 362 -14.84 36.49 -55.52
CA ALA E 362 -15.99 35.66 -55.85
C ALA E 362 -16.11 35.46 -57.36
N GLU E 363 -15.81 36.46 -58.15
CA GLU E 363 -15.89 36.34 -59.60
C GLU E 363 -14.88 35.32 -60.17
N TRP E 364 -13.64 35.42 -59.69
CA TRP E 364 -12.63 34.43 -60.10
C TRP E 364 -13.08 33.00 -59.76
N SER E 365 -13.64 32.84 -58.54
CA SER E 365 -13.77 31.54 -57.90
C SER E 365 -15.05 30.80 -58.29
N TYR E 366 -16.15 31.58 -58.48
CA TYR E 366 -17.49 31.03 -58.49
C TYR E 366 -18.35 31.42 -59.70
N LYS E 367 -18.05 32.53 -60.38
CA LYS E 367 -18.86 32.85 -61.57
C LYS E 367 -18.60 31.79 -62.66
N PRO E 368 -19.62 31.20 -63.28
CA PRO E 368 -19.38 30.25 -64.36
C PRO E 368 -18.47 30.82 -65.44
N LYS E 369 -17.66 29.89 -65.94
CA LYS E 369 -16.75 30.12 -67.06
C LYS E 369 -17.61 30.35 -68.32
N ALA E 370 -16.97 30.86 -69.37
CA ALA E 370 -17.65 31.10 -70.64
C ALA E 370 -18.22 29.82 -71.25
N SER E 371 -17.51 28.67 -71.05
CA SER E 371 -18.01 27.38 -71.55
C SER E 371 -19.12 26.81 -70.71
N GLY E 372 -19.46 27.42 -69.56
CA GLY E 372 -20.66 27.02 -68.84
C GLY E 372 -20.39 26.43 -67.47
N GLN E 373 -19.21 25.86 -67.25
CA GLN E 373 -18.96 25.15 -66.03
C GLN E 373 -18.48 26.10 -64.97
N ALA E 374 -18.75 25.75 -63.72
CA ALA E 374 -18.23 26.53 -62.60
C ALA E 374 -16.71 26.39 -62.56
N PRO E 375 -15.96 27.42 -62.12
CA PRO E 375 -14.51 27.24 -61.90
C PRO E 375 -14.32 26.06 -60.93
N ARG E 376 -13.21 25.37 -61.09
CA ARG E 376 -12.73 24.36 -60.17
C ARG E 376 -11.88 25.05 -59.12
N THR E 377 -12.46 25.30 -57.94
CA THR E 377 -11.77 26.11 -56.94
C THR E 377 -11.49 25.18 -55.75
N MET E 378 -10.22 24.97 -55.46
CA MET E 378 -9.78 24.14 -54.35
C MET E 378 -9.59 25.06 -53.15
N HIS E 379 -10.28 24.78 -52.05
CA HIS E 379 -10.19 25.59 -50.86
C HIS E 379 -9.34 24.87 -49.82
N ALA E 380 -8.16 25.43 -49.55
CA ALA E 380 -7.23 24.80 -48.65
C ALA E 380 -7.16 25.69 -47.40
N TYR E 381 -7.12 25.07 -46.20
CA TYR E 381 -7.07 25.86 -44.98
C TYR E 381 -6.17 25.15 -43.96
N GLU E 382 -5.65 25.90 -42.99
CA GLU E 382 -4.83 25.30 -41.92
C GLU E 382 -5.00 26.13 -40.65
N LYS E 383 -3.94 26.35 -39.88
CA LYS E 383 -4.08 26.74 -38.49
C LYS E 383 -4.51 28.19 -38.31
N GLY E 384 -4.42 29.08 -39.29
CA GLY E 384 -4.96 30.42 -39.16
C GLY E 384 -6.45 30.42 -38.86
N ILE E 385 -7.17 29.39 -39.31
CA ILE E 385 -8.57 29.24 -38.93
C ILE E 385 -8.77 28.08 -37.98
N ILE E 386 -7.97 26.99 -38.07
CA ILE E 386 -8.19 25.90 -37.11
C ILE E 386 -7.89 26.39 -35.68
N TRP E 387 -6.83 27.21 -35.53
CA TRP E 387 -6.51 27.88 -34.26
C TRP E 387 -7.02 29.30 -34.28
N GLY E 388 -8.13 29.53 -35.01
CA GLY E 388 -8.67 30.86 -35.22
C GLY E 388 -9.79 31.17 -34.24
N ASN E 389 -10.51 32.25 -34.56
CA ASN E 389 -11.59 32.76 -33.75
C ASN E 389 -12.83 31.86 -33.91
N ASP E 390 -12.89 30.85 -33.05
CA ASP E 390 -14.00 29.92 -32.95
C ASP E 390 -13.92 28.96 -34.13
N ASN E 391 -13.08 27.91 -33.96
CA ASN E 391 -12.81 26.90 -34.97
C ASN E 391 -14.13 26.40 -35.63
N TYR E 392 -15.07 26.00 -34.78
CA TYR E 392 -16.31 25.37 -35.21
C TYR E 392 -17.11 26.33 -36.13
N VAL E 393 -17.21 27.60 -35.73
CA VAL E 393 -17.97 28.57 -36.49
C VAL E 393 -17.30 28.90 -37.83
N ILE E 394 -16.00 29.04 -37.88
CA ILE E 394 -15.36 29.43 -39.14
C ILE E 394 -15.56 28.29 -40.15
N GLN E 395 -15.36 27.04 -39.73
CA GLN E 395 -15.49 25.93 -40.67
C GLN E 395 -16.94 25.82 -41.17
N SER E 396 -17.88 26.10 -40.27
CA SER E 396 -19.28 26.14 -40.68
C SER E 396 -19.47 27.13 -41.84
N ALA E 397 -18.94 28.34 -41.68
CA ALA E 397 -19.11 29.39 -42.67
C ALA E 397 -18.43 29.03 -43.98
N LEU E 398 -17.18 28.50 -43.89
CA LEU E 398 -16.43 28.18 -45.09
C LEU E 398 -17.09 27.04 -45.88
N LEU E 399 -17.38 25.97 -45.17
CA LEU E 399 -17.96 24.81 -45.81
C LEU E 399 -19.31 25.19 -46.47
N ASP E 400 -20.07 26.10 -45.87
CA ASP E 400 -21.33 26.52 -46.50
C ASP E 400 -21.04 27.02 -47.90
N LEU E 401 -20.03 27.90 -48.02
CA LEU E 401 -19.69 28.46 -49.33
C LEU E 401 -19.21 27.39 -50.29
N VAL E 402 -18.41 26.43 -49.81
CA VAL E 402 -17.95 25.34 -50.64
C VAL E 402 -19.06 24.42 -51.16
N ILE E 403 -19.96 24.04 -50.27
CA ILE E 403 -21.02 23.08 -50.64
C ILE E 403 -21.94 23.79 -51.66
N ALA E 404 -22.29 25.06 -51.43
CA ALA E 404 -23.22 25.75 -52.31
C ALA E 404 -22.63 25.88 -53.72
N THR E 405 -21.29 25.96 -53.82
CA THR E 405 -20.62 26.13 -55.11
C THR E 405 -20.03 24.82 -55.60
N HIS E 406 -20.40 23.69 -54.98
CA HIS E 406 -20.02 22.37 -55.47
C HIS E 406 -18.54 22.24 -55.65
N ASN E 407 -17.79 22.76 -54.67
CA ASN E 407 -16.31 22.66 -54.70
C ASN E 407 -15.76 21.56 -53.80
N VAL E 408 -16.51 20.45 -53.73
N VAL E 408 -16.50 20.45 -53.73
CA VAL E 408 -16.06 19.18 -53.23
CA VAL E 408 -16.06 19.17 -53.22
C VAL E 408 -16.54 18.14 -54.23
C VAL E 408 -16.54 18.15 -54.24
N GLY E 409 -15.71 17.15 -54.50
CA GLY E 409 -16.16 16.00 -55.30
C GLY E 409 -15.86 16.16 -56.78
N ARG E 410 -15.56 17.38 -57.26
CA ARG E 410 -15.15 17.57 -58.64
CA ARG E 410 -15.16 17.58 -58.64
C ARG E 410 -13.63 17.62 -58.69
N ARG E 411 -13.06 17.08 -59.76
CA ARG E 411 -11.61 17.17 -59.87
C ARG E 411 -11.15 18.64 -59.93
N GLY E 412 -10.00 18.95 -59.30
CA GLY E 412 -9.53 20.33 -59.24
C GLY E 412 -10.17 21.15 -58.12
N THR E 413 -10.91 20.49 -57.24
CA THR E 413 -11.62 21.12 -56.14
C THR E 413 -11.24 20.42 -54.82
N GLY E 414 -12.05 20.70 -53.80
CA GLY E 414 -11.82 20.18 -52.48
C GLY E 414 -11.99 21.29 -51.47
N CYS E 415 -12.32 20.96 -50.27
CA CYS E 415 -12.18 21.85 -49.15
C CYS E 415 -11.41 21.09 -48.09
N VAL E 416 -10.10 21.38 -47.98
CA VAL E 416 -9.20 20.42 -47.37
C VAL E 416 -8.33 21.16 -46.39
N ARG E 417 -8.01 20.41 -45.30
CA ARG E 417 -6.87 20.81 -44.50
C ARG E 417 -5.61 20.63 -45.35
N MET E 418 -4.63 21.52 -45.13
CA MET E 418 -3.27 21.38 -45.62
C MET E 418 -2.50 20.38 -44.75
N GLY E 419 -2.85 20.31 -43.47
CA GLY E 419 -2.21 19.38 -42.59
C GLY E 419 -0.98 19.95 -41.96
N GLY E 420 -0.52 19.22 -40.91
CA GLY E 420 0.60 19.69 -40.13
C GLY E 420 1.70 18.64 -40.16
N HIS E 421 1.63 17.71 -39.23
CA HIS E 421 2.35 16.47 -39.36
C HIS E 421 1.64 15.57 -40.41
N GLN E 422 2.28 14.50 -40.83
CA GLN E 422 1.57 13.38 -41.45
C GLN E 422 0.52 12.86 -40.49
N GLU E 423 -0.33 11.96 -41.01
N GLU E 423 -0.38 12.01 -41.02
CA GLU E 423 -1.39 11.37 -40.23
CA GLU E 423 -1.39 11.39 -40.19
C GLU E 423 -1.19 9.87 -40.13
C GLU E 423 -1.20 9.87 -40.13
N GLY E 424 -1.70 9.30 -39.04
CA GLY E 424 -1.56 7.90 -38.86
C GLY E 424 -2.33 7.41 -37.65
N TYR E 425 -3.63 7.72 -37.64
CA TYR E 425 -4.46 7.45 -36.48
C TYR E 425 -5.22 6.11 -36.58
N THR E 426 -4.97 5.23 -35.59
CA THR E 426 -5.78 4.03 -35.37
C THR E 426 -5.87 3.85 -33.85
N ARG E 427 -7.07 4.07 -33.27
CA ARG E 427 -7.20 3.92 -31.83
C ARG E 427 -8.57 3.35 -31.48
N PRO E 428 -8.70 2.78 -30.26
CA PRO E 428 -10.01 2.47 -29.69
C PRO E 428 -10.72 3.80 -29.53
N PRO E 429 -12.08 3.81 -29.37
CA PRO E 429 -12.79 5.02 -29.00
C PRO E 429 -12.33 5.64 -27.68
N TYR E 430 -12.38 6.94 -27.65
CA TYR E 430 -12.11 7.70 -26.44
C TYR E 430 -13.14 7.34 -25.36
N PRO E 431 -12.73 6.98 -24.12
CA PRO E 431 -13.62 6.39 -23.12
C PRO E 431 -14.28 7.38 -22.18
N GLY E 432 -14.77 8.48 -22.69
CA GLY E 432 -15.94 9.05 -22.00
C GLY E 432 -16.76 9.88 -22.98
N ASP E 433 -17.70 10.66 -22.45
CA ASP E 433 -18.39 11.62 -23.27
C ASP E 433 -18.29 13.02 -22.65
N LYS E 434 -17.29 13.27 -21.80
CA LYS E 434 -17.09 14.59 -21.22
C LYS E 434 -15.97 15.30 -22.01
N LYS E 435 -16.08 16.63 -22.12
CA LYS E 435 -15.03 17.43 -22.73
C LYS E 435 -14.14 17.94 -21.61
N ILE E 436 -12.88 17.52 -21.56
CA ILE E 436 -12.06 17.79 -20.39
C ILE E 436 -10.82 18.58 -20.80
N TYR E 437 -10.70 19.80 -20.26
CA TYR E 437 -9.58 20.69 -20.50
C TYR E 437 -8.41 20.30 -19.60
N ILE E 438 -7.51 19.47 -20.14
CA ILE E 438 -6.54 18.76 -19.32
C ILE E 438 -5.60 19.75 -18.64
N ASP E 439 -5.10 20.75 -19.36
CA ASP E 439 -4.15 21.67 -18.76
C ASP E 439 -4.77 22.36 -17.54
N GLN E 440 -6.03 22.79 -17.68
CA GLN E 440 -6.71 23.46 -16.58
C GLN E 440 -6.82 22.52 -15.37
N GLU E 441 -7.13 21.24 -15.60
N GLU E 441 -7.12 21.24 -15.61
CA GLU E 441 -7.33 20.27 -14.52
CA GLU E 441 -7.31 20.29 -14.52
C GLU E 441 -5.99 20.06 -13.80
C GLU E 441 -5.97 20.07 -13.79
N LEU E 442 -4.88 19.97 -14.57
CA LEU E 442 -3.57 19.84 -13.95
C LEU E 442 -3.22 21.05 -13.13
N ILE E 443 -3.50 22.25 -13.67
CA ILE E 443 -3.22 23.46 -12.99
C ILE E 443 -4.02 23.55 -11.68
N LYS E 444 -5.23 23.00 -11.68
CA LYS E 444 -6.09 23.02 -10.50
C LYS E 444 -5.72 21.95 -9.50
N GLY E 445 -4.77 21.06 -9.82
CA GLY E 445 -4.28 20.07 -8.88
C GLY E 445 -4.78 18.66 -9.10
N LYS E 446 -5.48 18.37 -10.20
CA LYS E 446 -6.00 17.03 -10.43
C LYS E 446 -4.91 16.10 -10.97
N GLY E 447 -5.12 14.80 -10.75
CA GLY E 447 -4.19 13.81 -11.30
C GLY E 447 -3.11 13.42 -10.27
N ARG E 448 -2.66 12.17 -10.34
CA ARG E 448 -1.50 11.71 -9.60
C ARG E 448 -0.25 11.57 -10.47
N ILE E 449 -0.42 11.18 -11.74
CA ILE E 449 0.68 10.91 -12.64
C ILE E 449 0.31 11.46 -14.02
N MET E 450 1.28 12.12 -14.64
CA MET E 450 1.12 12.77 -15.93
C MET E 450 2.29 12.31 -16.81
N THR E 451 1.95 11.83 -18.00
CA THR E 451 2.95 11.40 -18.98
C THR E 451 2.80 12.32 -20.20
N TRP E 452 3.90 12.96 -20.55
CA TRP E 452 4.05 13.61 -21.87
C TRP E 452 4.70 12.61 -22.79
N TRP E 453 4.02 12.27 -23.87
CA TRP E 453 4.44 11.17 -24.73
C TRP E 453 4.60 11.72 -26.16
N GLY E 454 5.83 12.00 -26.59
CA GLY E 454 6.01 12.55 -27.93
C GLY E 454 5.49 13.96 -28.14
N CYS E 455 5.52 14.76 -27.07
CA CYS E 455 5.14 16.18 -27.16
C CYS E 455 5.78 16.91 -26.00
N ASN E 456 5.74 18.25 -26.07
CA ASN E 456 6.43 19.09 -25.10
C ASN E 456 5.59 20.33 -24.93
N ASN E 457 4.57 20.19 -24.07
CA ASN E 457 3.64 21.29 -23.88
C ASN E 457 4.23 22.43 -23.04
N PHE E 458 5.40 22.25 -22.47
CA PHE E 458 6.14 23.39 -21.90
C PHE E 458 6.38 24.47 -22.95
N GLN E 459 6.66 24.02 -24.21
CA GLN E 459 6.88 24.93 -25.30
C GLN E 459 5.63 25.23 -26.14
N THR E 460 4.61 24.35 -26.09
CA THR E 460 3.55 24.40 -27.08
C THR E 460 2.12 24.53 -26.55
N SER E 461 1.91 24.47 -25.23
CA SER E 461 0.55 24.70 -24.75
C SER E 461 0.15 26.14 -24.98
N ASN E 462 -1.19 26.34 -25.07
CA ASN E 462 -1.72 27.68 -24.91
C ASN E 462 -1.61 28.03 -23.43
N ASN E 463 -1.45 29.32 -23.14
CA ASN E 463 -1.31 29.78 -21.77
C ASN E 463 -0.21 28.98 -21.10
N ALA E 464 0.91 28.86 -21.84
CA ALA E 464 1.98 27.94 -21.46
C ALA E 464 2.66 28.29 -20.13
N GLN E 465 2.74 29.58 -19.79
CA GLN E 465 3.47 30.00 -18.58
C GLN E 465 2.74 29.50 -17.34
N ALA E 466 1.38 29.58 -17.37
CA ALA E 466 0.63 29.09 -16.23
C ALA E 466 0.75 27.57 -16.08
N LEU E 467 0.87 26.85 -17.18
CA LEU E 467 1.07 25.42 -17.17
C LEU E 467 2.44 25.12 -16.55
N ARG E 468 3.50 25.74 -17.08
CA ARG E 468 4.82 25.46 -16.55
C ARG E 468 4.86 25.73 -15.03
N GLU E 469 4.33 26.88 -14.62
CA GLU E 469 4.37 27.25 -13.22
C GLU E 469 3.74 26.18 -12.35
N ALA E 470 2.54 25.72 -12.74
CA ALA E 470 1.91 24.64 -11.99
C ALA E 470 2.68 23.35 -12.00
N ILE E 471 3.13 22.88 -13.18
CA ILE E 471 3.79 21.60 -13.24
C ILE E 471 5.12 21.63 -12.46
N LEU E 472 5.86 22.75 -12.53
CA LEU E 472 7.10 22.83 -11.78
C LEU E 472 6.79 22.76 -10.27
N GLN E 473 5.76 23.45 -9.85
CA GLN E 473 5.43 23.40 -8.42
C GLN E 473 5.02 22.01 -7.95
N ARG E 474 4.14 21.34 -8.68
CA ARG E 474 3.65 20.02 -8.31
C ARG E 474 4.77 18.97 -8.40
N SER E 475 5.64 19.12 -9.41
N SER E 475 5.63 19.11 -9.41
CA SER E 475 6.78 18.24 -9.55
CA SER E 475 6.75 18.19 -9.50
C SER E 475 7.71 18.37 -8.34
C SER E 475 7.71 18.37 -8.32
N ALA E 476 7.92 19.61 -7.88
CA ALA E 476 8.84 19.87 -6.78
C ALA E 476 8.37 19.19 -5.51
N ILE E 477 7.05 19.09 -5.30
CA ILE E 477 6.54 18.41 -4.11
C ILE E 477 6.97 16.94 -4.13
N VAL E 478 6.90 16.29 -5.30
CA VAL E 478 7.37 14.92 -5.42
C VAL E 478 8.92 14.83 -5.22
N LYS E 479 9.66 15.78 -5.82
CA LYS E 479 11.14 15.78 -5.69
C LYS E 479 11.54 15.84 -4.20
N GLN E 480 10.84 16.71 -3.46
CA GLN E 480 11.15 16.91 -2.04
C GLN E 480 10.87 15.65 -1.24
N ALA E 481 9.76 14.98 -1.51
CA ALA E 481 9.42 13.76 -0.85
C ALA E 481 10.38 12.64 -1.22
N MET E 482 10.68 12.47 -2.52
CA MET E 482 11.53 11.36 -2.92
C MET E 482 12.93 11.49 -2.30
N GLN E 483 13.46 12.71 -2.22
CA GLN E 483 14.86 12.87 -1.79
C GLN E 483 15.00 12.60 -0.29
N LYS E 484 13.89 12.59 0.47
CA LYS E 484 13.96 12.19 1.88
C LYS E 484 14.14 10.70 2.03
N ALA E 485 13.83 9.90 1.01
CA ALA E 485 13.98 8.47 1.05
C ALA E 485 15.44 8.05 1.19
N ARG E 486 15.62 6.91 1.85
CA ARG E 486 16.92 6.28 1.99
C ARG E 486 16.77 4.79 1.86
N GLY E 487 17.35 4.18 0.84
CA GLY E 487 17.29 2.76 0.81
C GLY E 487 15.93 2.23 0.41
N ALA E 488 15.11 3.06 -0.26
CA ALA E 488 13.74 2.67 -0.58
C ALA E 488 13.75 1.64 -1.69
N THR E 489 13.11 0.49 -1.43
CA THR E 489 12.72 -0.48 -2.42
C THR E 489 11.70 0.15 -3.37
N THR E 490 11.49 -0.50 -4.53
CA THR E 490 10.57 0.05 -5.53
C THR E 490 9.19 0.29 -4.91
N GLU E 491 8.68 -0.72 -4.19
CA GLU E 491 7.35 -0.62 -3.57
C GLU E 491 7.34 0.53 -2.56
N GLU E 492 8.40 0.69 -1.76
CA GLU E 492 8.44 1.79 -0.83
C GLU E 492 8.47 3.15 -1.53
N MET E 493 9.20 3.24 -2.66
CA MET E 493 9.31 4.54 -3.35
C MET E 493 7.97 4.86 -4.03
N VAL E 494 7.30 3.84 -4.59
CA VAL E 494 5.97 4.06 -5.14
C VAL E 494 5.07 4.67 -4.06
N ASP E 495 5.15 4.15 -2.83
CA ASP E 495 4.36 4.69 -1.74
C ASP E 495 4.70 6.11 -1.36
N VAL E 496 6.01 6.45 -1.29
CA VAL E 496 6.46 7.79 -1.03
C VAL E 496 5.89 8.78 -2.06
N ILE E 497 6.12 8.40 -3.34
CA ILE E 497 5.68 9.26 -4.42
C ILE E 497 4.13 9.41 -4.31
N TYR E 498 3.44 8.32 -4.22
CA TYR E 498 1.97 8.34 -4.29
C TYR E 498 1.45 9.26 -3.19
N GLU E 499 1.98 9.11 -1.97
CA GLU E 499 1.59 9.99 -0.86
C GLU E 499 1.87 11.46 -1.18
N ALA E 500 3.00 11.79 -1.82
CA ALA E 500 3.21 13.16 -2.21
C ALA E 500 2.14 13.65 -3.22
N THR E 501 1.73 12.79 -4.14
CA THR E 501 0.74 13.18 -5.15
C THR E 501 -0.64 13.29 -4.49
N GLN E 502 -0.82 12.66 -3.32
CA GLN E 502 -2.08 12.87 -2.61
C GLN E 502 -2.08 14.23 -1.93
N ASN E 503 -0.89 14.82 -1.76
CA ASN E 503 -0.71 16.09 -1.10
C ASN E 503 -0.31 17.21 -2.04
N GLY E 504 -0.76 17.18 -3.31
CA GLY E 504 -0.56 18.33 -4.20
C GLY E 504 0.51 18.06 -5.28
N GLY E 505 1.23 16.96 -5.09
CA GLY E 505 2.32 16.64 -6.04
C GLY E 505 1.79 16.02 -7.32
N LEU E 506 2.69 15.83 -8.31
CA LEU E 506 2.39 15.18 -9.57
C LEU E 506 3.66 14.48 -10.03
N PHE E 507 3.53 13.19 -10.28
CA PHE E 507 4.65 12.41 -10.83
C PHE E 507 4.65 12.62 -12.34
N VAL E 508 5.83 12.95 -12.91
CA VAL E 508 5.86 13.37 -14.31
C VAL E 508 6.81 12.49 -15.10
N THR E 509 6.30 11.87 -16.17
CA THR E 509 7.09 11.06 -17.05
C THR E 509 7.11 11.70 -18.41
N SER E 510 8.26 11.55 -19.11
CA SER E 510 8.38 12.02 -20.48
C SER E 510 8.87 10.86 -21.30
N ILE E 511 8.25 10.57 -22.46
CA ILE E 511 8.71 9.52 -23.35
C ILE E 511 9.04 10.21 -24.66
N ASN E 512 10.34 10.20 -25.03
CA ASN E 512 10.82 11.21 -25.99
C ASN E 512 12.13 10.73 -26.64
N LEU E 513 12.57 11.45 -27.68
CA LEU E 513 13.88 11.27 -28.23
C LEU E 513 14.97 12.01 -27.44
N TYR E 514 14.64 13.07 -26.70
CA TYR E 514 15.60 13.98 -26.10
C TYR E 514 15.10 14.39 -24.72
N PRO E 515 15.97 14.94 -23.87
CA PRO E 515 15.49 15.39 -22.53
C PRO E 515 14.43 16.49 -22.65
N THR E 516 14.67 17.46 -23.55
CA THR E 516 13.82 18.66 -23.73
C THR E 516 13.74 19.53 -22.47
N LYS E 517 13.03 20.63 -22.57
CA LYS E 517 12.67 21.43 -21.42
C LYS E 517 11.89 20.66 -20.35
N LEU E 518 11.24 19.56 -20.72
CA LEU E 518 10.45 18.81 -19.77
C LEU E 518 11.37 18.25 -18.68
N ALA E 519 12.63 18.04 -19.00
CA ALA E 519 13.57 17.54 -18.00
C ALA E 519 13.69 18.42 -16.75
N GLU E 520 13.25 19.67 -16.86
N GLU E 520 13.25 19.68 -16.84
CA GLU E 520 13.23 20.61 -15.75
CA GLU E 520 13.30 20.55 -15.66
C GLU E 520 12.21 20.16 -14.70
C GLU E 520 12.21 20.15 -14.66
N ALA E 521 11.18 19.43 -15.13
CA ALA E 521 10.11 18.98 -14.21
C ALA E 521 10.02 17.46 -14.05
N ALA E 522 10.42 16.71 -15.07
CA ALA E 522 10.19 15.27 -15.11
C ALA E 522 10.90 14.53 -13.97
N HIS E 523 10.30 13.43 -13.55
CA HIS E 523 10.95 12.48 -12.64
C HIS E 523 11.46 11.25 -13.36
N LEU E 524 10.94 10.92 -14.56
CA LEU E 524 11.25 9.71 -15.27
C LEU E 524 11.24 10.05 -16.75
N MET E 525 12.24 9.67 -17.49
CA MET E 525 12.23 9.82 -18.94
C MET E 525 12.60 8.51 -19.61
N LEU E 526 11.87 8.18 -20.69
CA LEU E 526 12.05 6.89 -21.34
C LEU E 526 12.46 7.16 -22.79
N PRO E 527 13.48 6.44 -23.32
CA PRO E 527 13.95 6.64 -24.67
C PRO E 527 13.18 5.97 -25.80
N ALA E 528 12.77 6.80 -26.78
CA ALA E 528 12.02 6.32 -27.94
C ALA E 528 12.87 6.26 -29.20
N ALA E 529 12.32 5.59 -30.24
CA ALA E 529 12.97 5.42 -31.53
C ALA E 529 12.16 6.14 -32.59
N HIS E 530 12.84 6.60 -33.63
CA HIS E 530 12.19 7.31 -34.72
C HIS E 530 12.33 6.52 -36.01
N PRO E 531 11.60 6.88 -37.10
CA PRO E 531 11.60 6.07 -38.32
C PRO E 531 12.98 5.86 -38.93
N GLY E 532 13.28 4.65 -39.32
CA GLY E 532 14.62 4.26 -39.70
C GLY E 532 15.33 3.45 -38.63
N GLU E 533 15.07 3.81 -37.36
CA GLU E 533 15.42 2.94 -36.23
C GLU E 533 14.32 1.88 -36.03
N MET E 534 13.21 2.08 -36.73
CA MET E 534 12.00 1.25 -36.65
C MET E 534 11.28 1.36 -37.96
N ASN E 535 10.45 0.34 -38.28
CA ASN E 535 9.49 0.49 -39.35
C ASN E 535 8.33 1.37 -38.90
N LEU E 536 7.70 2.08 -39.81
CA LEU E 536 6.58 2.97 -39.46
C LEU E 536 5.72 3.30 -40.66
N THR E 537 4.43 3.30 -40.47
CA THR E 537 3.48 3.66 -41.50
C THR E 537 2.79 4.95 -41.14
N SER E 538 2.45 5.71 -42.17
N SER E 538 2.47 5.72 -42.17
CA SER E 538 1.73 6.96 -42.05
CA SER E 538 1.61 6.88 -42.04
C SER E 538 1.23 7.38 -43.43
C SER E 538 1.22 7.38 -43.44
N MET E 539 0.29 8.32 -43.44
CA MET E 539 -0.21 8.91 -44.67
C MET E 539 -0.04 10.41 -44.72
N ASN E 540 -0.05 10.96 -45.93
CA ASN E 540 0.11 12.39 -46.16
C ASN E 540 -1.22 13.08 -46.37
N GLY E 541 -1.20 14.34 -46.84
CA GLY E 541 -2.41 15.15 -46.90
C GLY E 541 -3.33 14.77 -48.06
N GLU E 542 -2.98 13.72 -48.83
CA GLU E 542 -3.92 13.14 -49.78
C GLU E 542 -4.12 11.67 -49.46
N ARG E 543 -3.94 11.34 -48.17
CA ARG E 543 -4.23 10.01 -47.64
C ARG E 543 -3.33 8.90 -48.23
N ARG E 544 -2.13 9.26 -48.68
CA ARG E 544 -1.23 8.29 -49.26
C ARG E 544 -0.37 7.60 -48.21
N ILE E 545 -0.71 6.35 -47.92
CA ILE E 545 -0.02 5.57 -46.89
C ILE E 545 1.24 4.96 -47.48
N ARG E 546 2.38 5.13 -46.77
CA ARG E 546 3.66 4.53 -47.13
C ARG E 546 4.27 3.85 -45.89
N LEU E 547 5.15 2.86 -46.11
CA LEU E 547 6.04 2.28 -45.13
C LEU E 547 7.42 2.96 -45.21
N SER E 548 7.82 3.53 -44.08
CA SER E 548 9.21 3.88 -43.80
C SER E 548 9.94 2.66 -43.23
N GLU E 549 11.04 2.26 -43.87
CA GLU E 549 11.75 1.03 -43.51
C GLU E 549 12.88 1.23 -42.52
N LYS E 550 13.01 0.30 -41.59
CA LYS E 550 14.14 0.30 -40.67
C LYS E 550 15.42 0.02 -41.49
N PHE E 551 16.50 0.73 -41.10
CA PHE E 551 17.81 0.50 -41.71
C PHE E 551 18.93 0.60 -40.68
N MET E 552 18.64 0.97 -39.43
CA MET E 552 19.71 1.14 -38.46
C MET E 552 19.13 0.84 -37.07
N ASP E 553 20.05 0.74 -36.12
CA ASP E 553 19.61 0.50 -34.77
C ASP E 553 19.34 1.79 -34.06
N PRO E 554 18.38 1.81 -33.10
CA PRO E 554 18.20 2.95 -32.23
C PRO E 554 19.37 3.10 -31.28
N PRO E 555 19.56 4.28 -30.69
CA PRO E 555 20.63 4.48 -29.67
C PRO E 555 20.36 3.65 -28.43
N GLY E 556 21.42 3.05 -27.87
CA GLY E 556 21.22 2.39 -26.57
C GLY E 556 20.01 1.47 -26.57
N THR E 557 19.13 1.64 -25.59
CA THR E 557 17.99 0.75 -25.41
C THR E 557 16.68 1.45 -25.82
N ALA E 558 16.79 2.49 -26.64
CA ALA E 558 15.62 3.22 -27.11
C ALA E 558 14.69 2.27 -27.85
N MET E 559 13.38 2.55 -27.73
N MET E 559 13.38 2.53 -27.72
CA MET E 559 12.36 1.60 -28.19
CA MET E 559 12.35 1.60 -28.18
C MET E 559 11.26 2.33 -28.98
C MET E 559 11.25 2.32 -28.97
N ALA E 560 10.68 1.63 -29.97
CA ALA E 560 9.49 2.13 -30.68
C ALA E 560 8.40 2.41 -29.65
N ASP E 561 7.68 3.49 -29.81
CA ASP E 561 6.64 3.92 -28.89
C ASP E 561 5.60 2.80 -28.68
N CYS E 562 5.15 2.13 -29.74
CA CYS E 562 4.17 1.07 -29.61
C CYS E 562 4.67 -0.06 -28.70
N LEU E 563 5.98 -0.30 -28.73
CA LEU E 563 6.58 -1.36 -27.94
C LEU E 563 6.84 -0.86 -26.54
N ILE E 564 7.06 0.46 -26.32
CA ILE E 564 7.05 0.98 -24.97
C ILE E 564 5.67 0.77 -24.36
N ALA E 565 4.60 1.12 -25.13
CA ALA E 565 3.27 0.87 -24.64
C ALA E 565 3.04 -0.60 -24.24
N ALA E 566 3.49 -1.53 -25.03
CA ALA E 566 3.33 -2.96 -24.78
C ALA E 566 4.11 -3.32 -23.50
N ARG E 567 5.29 -2.76 -23.32
CA ARG E 567 6.11 -3.05 -22.15
C ARG E 567 5.38 -2.60 -20.88
N ILE E 568 4.76 -1.42 -20.92
CA ILE E 568 4.01 -0.89 -19.77
C ILE E 568 2.81 -1.81 -19.52
N ALA E 569 2.09 -2.10 -20.57
CA ALA E 569 0.88 -2.95 -20.44
C ALA E 569 1.27 -4.29 -19.83
N ASN E 570 2.29 -4.94 -20.32
CA ASN E 570 2.68 -6.25 -19.82
C ASN E 570 3.17 -6.16 -18.38
N ALA E 571 3.84 -5.06 -18.01
CA ALA E 571 4.28 -4.88 -16.62
C ALA E 571 3.07 -4.79 -15.70
N LEU E 572 2.03 -4.05 -16.15
CA LEU E 572 0.81 -3.93 -15.35
C LEU E 572 0.06 -5.25 -15.30
N ARG E 573 -0.08 -5.95 -16.44
CA ARG E 573 -0.69 -7.27 -16.45
C ARG E 573 -0.04 -8.19 -15.42
N ASP E 574 1.28 -8.27 -15.43
CA ASP E 574 2.03 -9.18 -14.54
C ASP E 574 1.79 -8.84 -13.07
N MET E 575 1.74 -7.56 -12.74
CA MET E 575 1.48 -7.12 -11.37
C MET E 575 0.10 -7.51 -10.93
N TYR E 576 -0.89 -7.34 -11.80
CA TYR E 576 -2.26 -7.70 -11.45
C TYR E 576 -2.34 -9.21 -11.28
N GLN E 577 -1.69 -9.96 -12.16
CA GLN E 577 -1.71 -11.41 -12.05
C GLN E 577 -1.08 -11.86 -10.72
N LYS E 578 0.01 -11.22 -10.33
CA LYS E 578 0.72 -11.57 -9.08
C LYS E 578 -0.23 -11.32 -7.89
N ASP E 579 -1.07 -10.29 -7.93
CA ASP E 579 -1.99 -9.99 -6.84
C ASP E 579 -3.33 -10.71 -6.95
N GLY E 580 -3.45 -11.64 -7.88
CA GLY E 580 -4.67 -12.43 -8.07
C GLY E 580 -5.87 -11.63 -8.57
N LYS E 581 -5.65 -10.50 -9.26
CA LYS E 581 -6.74 -9.66 -9.74
C LYS E 581 -6.96 -9.94 -11.22
N ALA E 582 -7.76 -10.99 -11.50
CA ALA E 582 -7.93 -11.52 -12.84
C ALA E 582 -8.62 -10.51 -13.76
N GLU E 583 -9.62 -9.79 -13.26
CA GLU E 583 -10.36 -8.85 -14.09
C GLU E 583 -9.44 -7.71 -14.54
N MET E 584 -8.63 -7.18 -13.60
CA MET E 584 -7.75 -6.07 -13.93
C MET E 584 -6.66 -6.58 -14.87
N ALA E 585 -6.13 -7.78 -14.62
CA ALA E 585 -5.11 -8.36 -15.50
C ALA E 585 -5.61 -8.45 -16.93
N ALA E 586 -6.90 -8.82 -17.08
CA ALA E 586 -7.48 -9.00 -18.40
C ALA E 586 -7.53 -7.72 -19.18
N GLN E 587 -7.65 -6.57 -18.50
CA GLN E 587 -7.68 -5.31 -19.22
C GLN E 587 -6.38 -5.05 -19.98
N PHE E 588 -5.30 -5.66 -19.50
CA PHE E 588 -3.98 -5.43 -20.08
C PHE E 588 -3.53 -6.55 -21.00
N GLU E 589 -4.44 -7.45 -21.43
CA GLU E 589 -4.07 -8.47 -22.41
C GLU E 589 -3.96 -7.83 -23.79
N GLY E 590 -3.31 -8.56 -24.70
CA GLY E 590 -3.34 -8.19 -26.13
C GLY E 590 -2.19 -7.28 -26.54
N PHE E 591 -1.07 -7.35 -25.80
CA PHE E 591 0.14 -6.58 -26.11
C PHE E 591 1.35 -7.51 -26.19
N ASP E 592 1.14 -8.72 -26.71
CA ASP E 592 2.21 -9.68 -26.93
C ASP E 592 2.92 -9.35 -28.23
N TRP E 593 3.61 -8.19 -28.26
CA TRP E 593 4.20 -7.65 -29.48
C TRP E 593 5.71 -7.64 -29.40
N LYS E 594 6.34 -8.15 -30.44
CA LYS E 594 7.77 -8.21 -30.54
C LYS E 594 8.29 -7.19 -31.58
N THR E 595 7.44 -6.77 -32.52
CA THR E 595 7.86 -5.89 -33.60
C THR E 595 6.76 -4.86 -33.81
N GLU E 596 7.07 -3.77 -34.50
CA GLU E 596 6.04 -2.78 -34.75
C GLU E 596 4.99 -3.32 -35.74
N GLU E 597 5.32 -4.26 -36.66
CA GLU E 597 4.33 -4.87 -37.54
C GLU E 597 3.26 -5.60 -36.72
N ASP E 598 3.58 -6.08 -35.52
CA ASP E 598 2.56 -6.70 -34.67
C ASP E 598 1.50 -5.67 -34.24
N ALA E 599 1.88 -4.39 -34.01
CA ALA E 599 0.95 -3.34 -33.66
C ALA E 599 0.13 -2.91 -34.90
N PHE E 600 0.73 -2.96 -36.07
CA PHE E 600 0.02 -2.68 -37.31
C PHE E 600 -1.03 -3.76 -37.56
N ASN E 601 -0.65 -5.02 -37.35
CA ASN E 601 -1.58 -6.13 -37.47
C ASN E 601 -2.73 -6.02 -36.48
N ASP E 602 -2.46 -5.61 -35.23
CA ASP E 602 -3.46 -5.62 -34.18
C ASP E 602 -4.46 -4.48 -34.28
N GLY E 603 -4.06 -3.37 -34.91
CA GLY E 603 -4.84 -2.17 -34.93
C GLY E 603 -5.41 -1.90 -36.32
N PHE E 604 -4.57 -1.23 -37.12
CA PHE E 604 -4.97 -0.85 -38.46
C PHE E 604 -5.61 -2.04 -39.21
N ARG E 605 -4.99 -3.20 -39.16
CA ARG E 605 -5.41 -4.35 -39.95
C ARG E 605 -6.58 -5.06 -39.33
N ARG E 606 -7.00 -4.72 -38.10
CA ARG E 606 -8.15 -5.37 -37.52
C ARG E 606 -9.41 -4.54 -37.62
N ALA E 607 -9.31 -3.24 -37.97
CA ALA E 607 -10.46 -2.38 -38.04
C ALA E 607 -11.56 -2.97 -38.95
N GLY E 608 -12.74 -3.05 -38.35
CA GLY E 608 -13.93 -3.54 -39.05
C GLY E 608 -13.96 -5.05 -39.24
N GLN E 609 -12.98 -5.82 -38.75
CA GLN E 609 -12.89 -7.25 -39.09
C GLN E 609 -13.71 -8.08 -38.10
N PRO E 610 -14.09 -9.32 -38.47
CA PRO E 610 -14.91 -10.13 -37.57
C PRO E 610 -14.20 -10.38 -36.24
N GLY E 611 -14.90 -10.12 -35.14
CA GLY E 611 -14.37 -10.42 -33.83
C GLY E 611 -13.42 -9.35 -33.31
N ALA E 612 -13.23 -8.27 -34.10
CA ALA E 612 -12.40 -7.16 -33.64
C ALA E 612 -13.25 -6.28 -32.72
N PRO E 613 -12.62 -5.59 -31.74
CA PRO E 613 -13.31 -4.60 -30.94
C PRO E 613 -13.47 -3.30 -31.72
N ALA E 614 -14.14 -2.31 -31.13
CA ALA E 614 -14.37 -1.02 -31.77
C ALA E 614 -13.01 -0.33 -32.02
N ILE E 615 -12.74 -0.02 -33.29
CA ILE E 615 -11.49 0.62 -33.70
C ILE E 615 -11.80 1.79 -34.63
N ASP E 616 -11.25 2.98 -34.34
CA ASP E 616 -11.44 4.16 -35.15
C ASP E 616 -10.14 4.34 -35.92
N SER E 617 -10.17 4.09 -37.23
CA SER E 617 -8.94 4.03 -38.01
C SER E 617 -9.09 4.85 -39.28
N GLN E 618 -8.07 5.63 -39.61
CA GLN E 618 -8.07 6.29 -40.91
C GLN E 618 -7.97 5.33 -42.09
N GLY E 619 -7.61 4.08 -41.89
CA GLY E 619 -7.55 3.08 -42.93
C GLY E 619 -8.90 2.41 -43.20
N GLY E 620 -9.85 2.59 -42.27
CA GLY E 620 -11.20 2.06 -42.43
C GLY E 620 -11.21 0.53 -42.41
N SER E 621 -12.31 -0.04 -42.91
N SER E 621 -12.30 -0.03 -42.95
CA SER E 621 -12.49 -1.47 -42.84
CA SER E 621 -12.53 -1.46 -42.89
C SER E 621 -11.68 -2.27 -43.88
C SER E 621 -11.69 -2.26 -43.89
N THR E 622 -11.12 -1.62 -44.90
CA THR E 622 -10.28 -2.31 -45.87
C THR E 622 -8.79 -2.22 -45.49
N GLY E 623 -8.48 -1.74 -44.28
CA GLY E 623 -7.10 -1.60 -43.87
C GLY E 623 -6.34 -2.94 -43.85
N HIS E 624 -7.09 -4.04 -43.62
CA HIS E 624 -6.50 -5.37 -43.58
C HIS E 624 -5.85 -5.74 -44.90
N LEU E 625 -6.23 -5.08 -46.02
CA LEU E 625 -5.62 -5.36 -47.30
C LEU E 625 -4.17 -4.89 -47.35
N VAL E 626 -3.81 -3.91 -46.50
CA VAL E 626 -2.45 -3.43 -46.44
C VAL E 626 -1.60 -4.34 -45.54
N THR E 627 -0.44 -4.71 -46.04
CA THR E 627 0.60 -5.34 -45.22
C THR E 627 1.92 -4.59 -45.46
N TYR E 628 2.95 -4.80 -44.66
CA TYR E 628 4.21 -4.20 -44.92
C TYR E 628 4.77 -4.66 -46.26
N ASP E 629 4.66 -5.98 -46.55
CA ASP E 629 5.22 -6.45 -47.82
C ASP E 629 4.55 -5.77 -49.01
N ARG E 630 3.23 -5.58 -48.94
CA ARG E 630 2.49 -4.98 -50.05
C ARG E 630 2.87 -3.50 -50.20
N LEU E 631 3.05 -2.81 -49.08
CA LEU E 631 3.51 -1.41 -49.09
C LEU E 631 4.89 -1.26 -49.66
N ARG E 632 5.76 -2.20 -49.28
CA ARG E 632 7.11 -2.21 -49.83
C ARG E 632 7.06 -2.27 -51.36
N LYS E 633 6.23 -3.17 -51.88
CA LYS E 633 6.06 -3.33 -53.30
C LYS E 633 5.55 -2.04 -53.97
N SER E 634 4.68 -1.32 -53.28
CA SER E 634 4.10 -0.10 -53.80
C SER E 634 5.14 1.04 -53.86
N GLY E 635 6.22 0.92 -53.08
CA GLY E 635 7.25 1.95 -53.04
C GLY E 635 6.78 3.21 -52.33
N ASN E 636 7.52 4.31 -52.60
CA ASN E 636 7.22 5.58 -52.00
C ASN E 636 5.95 6.20 -52.56
N ASN E 637 5.37 5.64 -53.65
CA ASN E 637 4.04 6.06 -54.06
C ASN E 637 2.91 5.46 -53.23
N GLY E 638 3.18 4.33 -52.54
CA GLY E 638 2.18 3.81 -51.63
C GLY E 638 0.84 3.57 -52.31
N VAL E 639 -0.21 3.89 -51.55
CA VAL E 639 -1.56 3.83 -52.03
C VAL E 639 -2.36 4.89 -51.30
N GLN E 640 -3.23 5.60 -52.03
CA GLN E 640 -4.20 6.47 -51.39
C GLN E 640 -5.35 5.71 -50.77
N LEU E 641 -5.60 6.02 -49.50
CA LEU E 641 -6.66 5.37 -48.74
C LEU E 641 -7.97 6.03 -49.11
N PRO E 642 -9.12 5.33 -49.02
CA PRO E 642 -9.19 3.91 -48.67
C PRO E 642 -8.73 2.98 -49.77
N VAL E 643 -8.19 1.83 -49.34
CA VAL E 643 -7.85 0.80 -50.30
C VAL E 643 -9.14 0.21 -50.82
N VAL E 644 -9.21 0.02 -52.15
N VAL E 644 -9.22 -0.01 -52.13
CA VAL E 644 -10.38 -0.54 -52.81
CA VAL E 644 -10.44 -0.60 -52.65
C VAL E 644 -10.19 -2.05 -52.98
C VAL E 644 -10.23 -2.04 -53.07
N SER E 645 -8.99 -2.45 -53.39
CA SER E 645 -8.70 -3.82 -53.72
C SER E 645 -7.22 -4.14 -53.60
N TRP E 646 -6.94 -5.43 -53.44
CA TRP E 646 -5.59 -5.92 -53.55
C TRP E 646 -5.61 -7.24 -54.34
N ASP E 647 -4.69 -7.38 -55.28
CA ASP E 647 -4.24 -8.70 -55.72
C ASP E 647 -2.80 -8.65 -56.21
N GLU E 648 -2.21 -9.82 -56.48
CA GLU E 648 -0.80 -9.86 -56.77
C GLU E 648 -0.50 -9.06 -58.04
N SER E 649 -1.41 -9.13 -59.01
CA SER E 649 -1.12 -8.61 -60.34
C SER E 649 -1.26 -7.08 -60.39
N LYS E 650 -2.18 -6.52 -59.59
CA LYS E 650 -2.49 -5.11 -59.61
C LYS E 650 -1.90 -4.36 -58.40
N GLY E 651 -1.49 -5.09 -57.37
CA GLY E 651 -1.05 -4.47 -56.15
C GLY E 651 -2.21 -3.82 -55.42
N LEU E 652 -1.87 -2.93 -54.48
CA LEU E 652 -2.84 -2.14 -53.76
C LEU E 652 -3.47 -1.09 -54.70
N VAL E 653 -4.79 -1.02 -54.72
CA VAL E 653 -5.50 -0.03 -55.53
C VAL E 653 -6.34 0.84 -54.59
N GLY E 654 -6.25 2.17 -54.75
CA GLY E 654 -6.85 3.05 -53.79
C GLY E 654 -7.78 4.10 -54.38
N THR E 655 -7.91 5.23 -53.66
CA THR E 655 -8.97 6.20 -53.93
C THR E 655 -8.36 7.60 -54.10
N GLU E 656 -8.62 8.23 -55.23
CA GLU E 656 -8.03 9.52 -55.52
C GLU E 656 -8.75 10.66 -54.79
N MET E 657 -10.06 10.75 -54.99
N MET E 657 -10.05 10.76 -55.00
CA MET E 657 -10.85 11.86 -54.49
CA MET E 657 -10.83 11.88 -54.49
C MET E 657 -12.10 11.33 -53.82
C MET E 657 -12.09 11.35 -53.83
N LEU E 658 -12.50 11.95 -52.71
CA LEU E 658 -13.73 11.61 -52.00
C LEU E 658 -14.89 12.45 -52.53
N TYR E 659 -16.10 11.87 -52.42
CA TYR E 659 -17.38 12.55 -52.65
C TYR E 659 -17.69 12.77 -54.11
N THR E 660 -17.08 12.03 -55.03
CA THR E 660 -17.28 12.28 -56.45
C THR E 660 -18.70 11.94 -56.90
N GLU E 661 -19.48 11.20 -56.13
CA GLU E 661 -20.88 10.91 -56.48
C GLU E 661 -21.83 11.60 -55.49
N GLY E 662 -21.29 12.46 -54.63
CA GLY E 662 -22.17 13.27 -53.77
C GLY E 662 -22.70 12.49 -52.56
N LYS E 663 -22.05 11.39 -52.18
CA LYS E 663 -22.41 10.67 -50.99
C LYS E 663 -21.54 11.09 -49.81
N PHE E 664 -22.12 11.88 -48.91
CA PHE E 664 -21.41 12.50 -47.82
C PHE E 664 -21.54 11.65 -46.55
N ASP E 665 -20.70 11.95 -45.58
CA ASP E 665 -20.58 11.10 -44.39
C ASP E 665 -21.54 11.58 -43.33
N THR E 666 -22.84 11.39 -43.59
CA THR E 666 -23.93 11.86 -42.73
C THR E 666 -25.02 10.78 -42.74
N ASP E 667 -26.00 10.94 -41.83
CA ASP E 667 -27.13 10.03 -41.70
C ASP E 667 -27.85 9.82 -43.04
N ASP E 668 -28.01 10.90 -43.82
CA ASP E 668 -28.81 10.82 -45.04
C ASP E 668 -27.95 10.86 -46.28
N GLY E 669 -26.61 10.85 -46.13
CA GLY E 669 -25.73 10.87 -47.30
C GLY E 669 -25.58 12.26 -47.93
N LYS E 670 -26.25 13.24 -47.38
CA LYS E 670 -26.22 14.59 -47.92
C LYS E 670 -25.28 15.47 -47.08
N ALA E 671 -24.68 16.48 -47.75
CA ALA E 671 -23.92 17.49 -47.04
C ALA E 671 -24.86 18.40 -46.31
N HIS E 672 -24.53 18.75 -45.08
CA HIS E 672 -25.39 19.56 -44.25
C HIS E 672 -24.79 20.95 -44.06
N PHE E 673 -25.52 21.96 -44.53
CA PHE E 673 -25.22 23.35 -44.26
C PHE E 673 -25.43 23.65 -42.78
N LYS E 674 -24.66 24.62 -42.26
CA LYS E 674 -24.82 25.00 -40.87
C LYS E 674 -24.84 26.50 -40.70
N PRO E 675 -25.46 26.99 -39.60
CA PRO E 675 -25.44 28.42 -39.28
C PRO E 675 -24.06 28.83 -38.82
N ALA E 676 -23.68 30.05 -39.09
CA ALA E 676 -22.37 30.57 -38.71
C ALA E 676 -22.51 31.98 -38.17
N PRO E 677 -22.85 32.09 -36.86
CA PRO E 677 -23.04 33.41 -36.28
C PRO E 677 -21.73 34.14 -36.20
N TRP E 678 -21.78 35.46 -36.48
CA TRP E 678 -20.61 36.30 -36.31
C TRP E 678 -20.73 36.97 -34.96
N ASN E 679 -19.77 36.71 -34.07
CA ASN E 679 -19.84 37.14 -32.70
C ASN E 679 -18.75 38.11 -32.31
N GLY E 680 -17.87 38.50 -33.24
CA GLY E 680 -16.67 39.24 -32.89
C GLY E 680 -15.65 38.36 -32.19
N LEU E 681 -14.65 39.00 -31.61
CA LEU E 681 -13.62 38.30 -30.88
C LEU E 681 -14.21 37.83 -29.56
N PRO E 682 -13.76 36.67 -29.02
CA PRO E 682 -14.18 36.25 -27.68
C PRO E 682 -13.76 37.32 -26.67
N ALA E 683 -14.54 37.47 -25.58
CA ALA E 683 -14.23 38.54 -24.62
C ALA E 683 -12.85 38.34 -23.97
N THR E 684 -12.45 37.13 -23.66
CA THR E 684 -11.11 36.93 -23.06
C THR E 684 -10.02 37.56 -23.95
N VAL E 685 -10.18 37.42 -25.29
CA VAL E 685 -9.19 37.97 -26.20
C VAL E 685 -9.34 39.48 -26.42
N GLN E 686 -10.62 39.93 -26.55
CA GLN E 686 -10.95 41.33 -26.68
C GLN E 686 -10.41 42.15 -25.50
N GLN E 687 -10.44 41.55 -24.30
CA GLN E 687 -9.94 42.23 -23.10
C GLN E 687 -8.45 42.49 -23.20
N GLN E 688 -7.69 41.53 -23.79
CA GLN E 688 -6.26 41.77 -23.97
C GLN E 688 -6.10 42.85 -25.04
N LYS E 689 -6.89 42.80 -26.12
CA LYS E 689 -6.77 43.75 -27.20
C LYS E 689 -7.10 45.16 -26.72
N ASP E 690 -8.01 45.26 -25.73
CA ASP E 690 -8.38 46.61 -25.31
C ASP E 690 -7.29 47.22 -24.43
N LYS E 691 -6.47 46.36 -23.78
CA LYS E 691 -5.47 46.74 -22.79
C LYS E 691 -4.08 46.94 -23.43
N TYR E 692 -3.80 46.30 -24.58
CA TYR E 692 -2.44 46.16 -25.09
C TYR E 692 -2.40 46.46 -26.58
N ARG E 693 -1.22 46.81 -27.10
CA ARG E 693 -1.09 47.47 -28.38
C ARG E 693 -0.97 46.53 -29.59
N PHE E 694 -0.29 45.39 -29.42
CA PHE E 694 0.12 44.61 -30.58
C PHE E 694 -0.61 43.26 -30.68
N TRP E 695 -1.08 42.91 -31.88
CA TRP E 695 -1.55 41.56 -32.20
C TRP E 695 -0.37 40.60 -32.24
N LEU E 696 -0.41 39.59 -31.39
CA LEU E 696 0.70 38.64 -31.27
C LEU E 696 0.41 37.39 -32.12
N ASN E 697 0.41 37.59 -33.44
CA ASN E 697 0.38 36.50 -34.37
C ASN E 697 1.61 35.61 -34.17
N ASN E 698 1.50 34.35 -34.60
CA ASN E 698 2.50 33.35 -34.27
C ASN E 698 2.33 32.18 -35.21
N GLY E 699 3.40 31.39 -35.39
CA GLY E 699 3.38 30.26 -36.31
C GLY E 699 4.78 29.87 -36.75
N ARG E 700 4.82 29.35 -37.96
CA ARG E 700 5.96 28.61 -38.49
C ARG E 700 6.94 29.44 -39.27
N ASN E 701 8.18 28.93 -39.23
CA ASN E 701 9.27 29.38 -40.05
C ASN E 701 9.67 28.17 -40.89
N ASN E 702 9.97 28.41 -42.17
CA ASN E 702 10.36 27.36 -43.07
C ASN E 702 11.51 26.51 -42.56
N GLU E 703 12.53 27.13 -41.98
CA GLU E 703 13.70 26.36 -41.62
C GLU E 703 13.53 25.59 -40.31
N VAL E 704 12.75 26.10 -39.34
CA VAL E 704 12.65 25.48 -38.03
C VAL E 704 11.53 24.46 -38.04
N TRP E 705 11.79 23.26 -37.48
CA TRP E 705 10.76 22.24 -37.31
C TRP E 705 10.31 22.18 -35.85
N GLN E 706 9.09 22.66 -35.65
CA GLN E 706 8.31 22.47 -34.44
C GLN E 706 9.08 23.03 -33.26
N THR E 707 9.24 22.25 -32.18
CA THR E 707 9.93 22.69 -30.99
C THR E 707 11.46 22.61 -31.08
N ALA E 708 11.98 22.40 -32.29
CA ALA E 708 13.43 22.46 -32.54
C ALA E 708 14.16 21.40 -31.70
N TYR E 709 13.55 20.25 -31.58
CA TYR E 709 14.13 19.18 -30.77
C TYR E 709 15.44 18.68 -31.41
N HIS E 710 15.50 18.52 -32.74
CA HIS E 710 16.75 18.30 -33.42
C HIS E 710 17.50 19.62 -33.71
N ASP E 711 16.77 20.64 -34.18
CA ASP E 711 17.34 21.89 -34.60
C ASP E 711 18.21 22.55 -33.54
N GLN E 712 17.85 22.42 -32.28
CA GLN E 712 18.60 22.99 -31.20
C GLN E 712 20.05 22.51 -31.15
N TYR E 713 20.36 21.36 -31.76
CA TYR E 713 21.68 20.81 -31.76
C TYR E 713 22.39 21.01 -33.09
N ASN E 714 21.78 21.73 -34.01
CA ASN E 714 22.32 21.94 -35.34
C ASN E 714 23.00 23.31 -35.37
N SER E 715 24.32 23.30 -35.64
CA SER E 715 25.08 24.55 -35.60
C SER E 715 24.61 25.56 -36.62
N LEU E 716 24.23 25.15 -37.82
CA LEU E 716 23.73 26.09 -38.83
C LEU E 716 22.41 26.70 -38.38
N MET E 717 21.54 25.91 -37.79
CA MET E 717 20.26 26.39 -37.28
C MET E 717 20.46 27.39 -36.14
N GLN E 718 21.37 27.05 -35.24
CA GLN E 718 21.56 27.89 -34.05
C GLN E 718 22.23 29.21 -34.40
N GLU E 719 23.05 29.19 -35.45
CA GLU E 719 23.71 30.40 -35.94
C GLU E 719 22.65 31.34 -36.56
N ARG E 720 21.68 30.75 -37.27
CA ARG E 720 20.71 31.53 -38.03
C ARG E 720 19.63 32.10 -37.10
N TYR E 721 19.17 31.27 -36.16
CA TYR E 721 18.04 31.59 -35.28
C TYR E 721 18.45 31.28 -33.86
N PRO E 722 19.35 32.10 -33.25
CA PRO E 722 19.76 31.79 -31.90
C PRO E 722 18.66 31.97 -30.87
N MET E 723 17.67 32.77 -31.25
CA MET E 723 16.53 33.07 -30.38
C MET E 723 15.30 33.13 -31.27
N ALA E 724 14.14 32.93 -30.68
CA ALA E 724 12.89 33.12 -31.40
C ALA E 724 12.88 34.56 -31.90
N TYR E 725 12.29 34.84 -33.07
CA TYR E 725 12.23 36.19 -33.59
C TYR E 725 10.78 36.65 -33.60
N ILE E 726 10.64 37.96 -33.64
CA ILE E 726 9.36 38.62 -33.83
C ILE E 726 9.44 39.60 -34.98
N GLU E 727 8.63 39.34 -36.02
CA GLU E 727 8.52 40.23 -37.16
C GLU E 727 7.70 41.42 -36.74
N MET E 728 8.20 42.63 -37.00
CA MET E 728 7.60 43.88 -36.56
C MET E 728 7.67 44.89 -37.71
N ASN E 729 6.65 45.74 -37.74
CA ASN E 729 6.53 46.82 -38.68
C ASN E 729 7.67 47.81 -38.46
N PRO E 730 8.35 48.28 -39.52
CA PRO E 730 9.47 49.20 -39.32
C PRO E 730 9.13 50.52 -38.63
N ASP E 731 7.97 51.09 -38.88
CA ASP E 731 7.60 52.33 -38.21
C ASP E 731 7.36 52.10 -36.72
N ASP E 732 6.80 50.96 -36.37
CA ASP E 732 6.67 50.54 -35.00
C ASP E 732 8.05 50.37 -34.36
N CYS E 733 8.99 49.76 -35.07
CA CYS E 733 10.32 49.55 -34.52
C CYS E 733 10.93 50.93 -34.24
N LYS E 734 10.77 51.88 -35.15
CA LYS E 734 11.40 53.18 -34.95
C LYS E 734 10.86 53.82 -33.69
N GLN E 735 9.54 53.76 -33.53
CA GLN E 735 8.87 54.28 -32.35
C GLN E 735 9.37 53.63 -31.05
N LEU E 736 9.67 52.32 -31.07
CA LEU E 736 10.20 51.63 -29.91
C LEU E 736 11.74 51.62 -29.77
N ASP E 737 12.41 52.31 -30.70
N ASP E 737 12.42 52.31 -30.70
CA ASP E 737 13.86 52.36 -30.80
CA ASP E 737 13.87 52.38 -30.77
C ASP E 737 14.49 50.98 -30.84
C ASP E 737 14.50 50.99 -30.86
N VAL E 738 13.90 50.09 -31.65
CA VAL E 738 14.47 48.78 -31.86
C VAL E 738 14.78 48.56 -33.33
N THR E 739 15.73 47.62 -33.57
CA THR E 739 16.07 47.19 -34.91
C THR E 739 16.47 45.71 -34.87
N GLY E 740 16.82 45.16 -36.02
CA GLY E 740 17.17 43.74 -36.10
C GLY E 740 18.24 43.37 -35.06
N GLY E 741 17.96 42.30 -34.29
CA GLY E 741 18.91 41.76 -33.34
C GLY E 741 18.86 42.39 -31.94
N ASP E 742 17.95 43.34 -31.71
CA ASP E 742 17.61 43.70 -30.35
C ASP E 742 16.71 42.65 -29.72
N ILE E 743 16.75 42.56 -28.40
CA ILE E 743 15.86 41.67 -27.66
C ILE E 743 14.73 42.52 -27.04
N VAL E 744 13.51 42.04 -27.22
CA VAL E 744 12.33 42.62 -26.60
C VAL E 744 11.70 41.63 -25.64
N GLU E 745 11.00 42.16 -24.63
CA GLU E 745 10.02 41.37 -23.89
C GLU E 745 8.61 41.65 -24.48
N VAL E 746 7.87 40.55 -24.63
CA VAL E 746 6.51 40.55 -25.14
C VAL E 746 5.62 40.05 -24.01
N TYR E 747 4.56 40.80 -23.65
CA TYR E 747 3.86 40.41 -22.42
C TYR E 747 2.41 40.90 -22.46
N ASN E 748 1.62 40.18 -21.67
CA ASN E 748 0.23 40.58 -21.43
C ASN E 748 -0.18 39.96 -20.10
N ASP E 749 -1.49 39.88 -19.82
CA ASP E 749 -1.91 39.33 -18.55
C ASP E 749 -1.52 37.86 -18.38
N PHE E 750 -1.42 37.10 -19.49
CA PHE E 750 -1.24 35.67 -19.44
C PHE E 750 0.23 35.25 -19.22
N GLY E 751 1.14 36.11 -19.56
CA GLY E 751 2.54 35.73 -19.49
C GLY E 751 3.48 36.74 -20.10
N SER E 752 4.77 36.34 -20.11
N SER E 752 4.77 36.34 -20.08
CA SER E 752 5.82 37.16 -20.65
CA SER E 752 5.84 37.14 -20.66
C SER E 752 6.72 36.21 -21.46
C SER E 752 6.71 36.20 -21.48
N THR E 753 7.30 36.72 -22.54
CA THR E 753 8.34 35.97 -23.25
C THR E 753 9.29 36.99 -23.86
N PHE E 754 10.29 36.51 -24.60
CA PHE E 754 11.32 37.33 -25.14
C PHE E 754 11.61 36.84 -26.57
N ALA E 755 12.05 37.79 -27.39
CA ALA E 755 12.35 37.54 -28.79
C ALA E 755 13.36 38.55 -29.34
N MET E 756 14.04 38.13 -30.44
CA MET E 756 14.92 39.04 -31.18
C MET E 756 14.07 39.71 -32.25
N VAL E 757 14.20 41.04 -32.31
CA VAL E 757 13.41 41.84 -33.26
C VAL E 757 13.84 41.54 -34.69
N TYR E 758 12.86 41.41 -35.61
CA TYR E 758 13.08 41.20 -37.01
C TYR E 758 12.18 42.14 -37.75
N PRO E 759 12.68 43.35 -38.09
CA PRO E 759 11.88 44.30 -38.91
C PRO E 759 11.53 43.71 -40.27
N VAL E 760 10.23 43.79 -40.61
CA VAL E 760 9.69 43.27 -41.85
C VAL E 760 8.76 44.35 -42.43
N ALA E 761 9.08 44.81 -43.59
CA ALA E 761 8.39 45.94 -44.24
C ALA E 761 6.88 45.68 -44.35
N GLU E 762 6.53 44.44 -44.70
CA GLU E 762 5.17 44.06 -45.00
C GLU E 762 4.28 43.86 -43.79
N ILE E 763 4.80 43.86 -42.58
CA ILE E 763 4.01 43.74 -41.37
C ILE E 763 3.23 45.00 -41.15
N LYS E 764 1.95 44.83 -40.81
CA LYS E 764 1.11 45.98 -40.59
C LYS E 764 1.35 46.63 -39.22
N ARG E 765 1.20 47.97 -39.14
CA ARG E 765 1.32 48.64 -37.86
C ARG E 765 0.40 48.04 -36.81
N GLY E 766 0.94 47.81 -35.60
CA GLY E 766 0.16 47.23 -34.53
C GLY E 766 -0.02 45.70 -34.59
N GLN E 767 0.68 45.07 -35.55
CA GLN E 767 0.64 43.61 -35.71
C GLN E 767 2.09 43.13 -35.70
N THR E 768 2.26 41.90 -35.25
CA THR E 768 3.56 41.26 -35.15
C THR E 768 3.38 39.79 -35.51
N PHE E 769 4.54 39.10 -35.68
CA PHE E 769 4.52 37.66 -35.87
C PHE E 769 5.74 37.04 -35.18
N MET E 770 5.49 36.14 -34.19
CA MET E 770 6.57 35.49 -33.50
C MET E 770 6.58 33.98 -33.81
N LEU E 771 7.82 33.47 -33.95
CA LEU E 771 8.01 32.05 -34.13
C LEU E 771 7.45 31.34 -32.91
N PHE E 772 6.63 30.31 -33.12
CA PHE E 772 6.02 29.56 -32.04
C PHE E 772 6.96 28.41 -31.60
N GLY E 773 6.76 27.95 -30.37
CA GLY E 773 7.27 26.67 -29.89
C GLY E 773 8.78 26.58 -29.67
N TYR E 774 9.53 27.71 -29.67
CA TYR E 774 10.96 27.55 -29.77
C TYR E 774 11.65 27.34 -28.43
N VAL E 775 12.92 26.94 -28.51
CA VAL E 775 13.75 26.60 -27.37
C VAL E 775 14.35 27.79 -26.63
N ASN E 776 14.26 28.97 -27.20
CA ASN E 776 14.81 30.20 -26.65
C ASN E 776 13.82 31.34 -26.94
N GLY E 777 12.89 31.52 -26.00
CA GLY E 777 11.78 32.45 -26.10
C GLY E 777 10.53 31.68 -26.55
N ILE E 778 9.70 31.21 -25.59
CA ILE E 778 8.53 30.41 -25.86
C ILE E 778 7.36 31.38 -26.10
N GLN E 779 6.82 31.38 -27.31
CA GLN E 779 5.73 32.27 -27.71
C GLN E 779 4.47 32.08 -26.88
N GLY E 780 4.14 30.83 -26.54
CA GLY E 780 2.82 30.48 -26.06
C GLY E 780 2.53 31.06 -24.69
N ASP E 781 3.53 31.69 -24.07
CA ASP E 781 3.34 32.34 -22.78
C ASP E 781 2.31 33.45 -22.82
N VAL E 782 2.09 34.02 -23.97
CA VAL E 782 1.17 35.14 -24.11
C VAL E 782 -0.13 34.71 -24.78
N THR E 783 -0.33 33.41 -25.07
CA THR E 783 -1.61 32.97 -25.61
C THR E 783 -2.58 32.77 -24.44
N THR E 784 -3.86 33.00 -24.74
CA THR E 784 -4.87 32.97 -23.68
C THR E 784 -5.35 31.53 -23.44
N ASP E 785 -6.15 31.38 -22.39
CA ASP E 785 -6.83 30.12 -22.10
C ASP E 785 -8.09 29.89 -22.91
N TRP E 786 -8.47 30.86 -23.79
CA TRP E 786 -9.75 30.73 -24.49
C TRP E 786 -9.78 29.61 -25.52
N THR E 787 -10.88 28.86 -25.51
CA THR E 787 -11.10 27.77 -26.44
C THR E 787 -12.56 27.82 -26.92
N ASP E 788 -12.79 27.17 -28.06
CA ASP E 788 -14.13 27.12 -28.64
C ASP E 788 -14.92 26.04 -27.91
N ARG E 789 -16.10 25.70 -28.45
CA ARG E 789 -17.04 24.83 -27.74
C ARG E 789 -16.48 23.41 -27.54
N ASN E 790 -15.51 22.97 -28.38
CA ASN E 790 -14.91 21.66 -28.29
C ASN E 790 -13.50 21.72 -27.68
N ILE E 791 -13.14 22.83 -27.09
CA ILE E 791 -11.86 23.05 -26.43
C ILE E 791 -10.74 23.11 -27.48
N ILE E 792 -11.00 23.84 -28.58
CA ILE E 792 -9.96 24.19 -29.54
C ILE E 792 -9.46 25.61 -29.26
N PRO E 793 -8.16 25.77 -28.93
CA PRO E 793 -7.66 27.10 -28.59
C PRO E 793 -7.58 28.07 -29.76
N TYR E 794 -7.81 29.36 -29.42
CA TYR E 794 -7.54 30.42 -30.36
C TYR E 794 -6.08 30.86 -30.15
N TYR E 795 -5.15 29.97 -30.57
CA TYR E 795 -3.75 30.29 -30.41
C TYR E 795 -3.36 31.56 -31.19
N LYS E 796 -4.04 31.87 -32.30
CA LYS E 796 -3.71 33.03 -33.12
C LYS E 796 -4.38 34.32 -32.65
N GLY E 797 -5.02 34.28 -31.47
CA GLY E 797 -5.82 35.36 -30.93
C GLY E 797 -5.29 35.83 -29.60
N THR E 798 -4.37 36.76 -29.62
CA THR E 798 -3.80 37.33 -28.41
C THR E 798 -3.15 38.65 -28.74
N TRP E 799 -3.22 39.59 -27.79
CA TRP E 799 -2.60 40.90 -27.89
C TRP E 799 -1.67 41.15 -26.72
N GLY E 800 -0.69 41.99 -26.89
CA GLY E 800 0.30 42.29 -25.85
C GLY E 800 1.06 43.57 -26.10
N ASP E 801 1.92 43.93 -25.14
CA ASP E 801 2.87 45.02 -25.27
C ASP E 801 4.28 44.51 -25.50
N ILE E 802 5.12 45.45 -26.00
CA ILE E 802 6.49 45.11 -26.37
C ILE E 802 7.40 46.15 -25.75
N ARG E 803 8.40 45.66 -25.00
N ARG E 803 8.39 45.67 -24.98
CA ARG E 803 9.35 46.52 -24.32
CA ARG E 803 9.35 46.51 -24.30
C ARG E 803 10.76 46.15 -24.74
C ARG E 803 10.76 46.14 -24.73
N LYS E 804 11.57 47.18 -25.08
CA LYS E 804 12.96 46.96 -25.41
C LYS E 804 13.79 46.49 -24.22
N VAL E 805 14.50 45.40 -24.36
CA VAL E 805 15.52 44.96 -23.39
C VAL E 805 16.82 45.63 -23.73
N GLY E 806 17.32 45.40 -24.96
CA GLY E 806 18.52 46.03 -25.41
C GLY E 806 19.08 45.37 -26.65
N SER E 807 20.21 45.87 -27.09
CA SER E 807 20.93 45.39 -28.27
C SER E 807 21.79 44.16 -27.96
N MET E 808 21.51 43.07 -28.65
N MET E 808 21.51 43.07 -28.65
CA MET E 808 22.30 41.88 -28.51
CA MET E 808 22.30 41.88 -28.52
C MET E 808 23.38 41.91 -29.57
C MET E 808 23.38 41.91 -29.58
N GLU E 809 24.60 42.30 -29.18
CA GLU E 809 25.62 42.62 -30.16
C GLU E 809 25.95 41.40 -31.04
N GLU E 810 25.96 40.20 -30.45
CA GLU E 810 26.33 39.02 -31.22
C GLU E 810 25.27 38.71 -32.28
N PHE E 811 24.00 39.02 -31.98
CA PHE E 811 22.97 38.77 -32.99
C PHE E 811 23.20 39.69 -34.18
N LYS E 812 23.49 40.97 -33.88
CA LYS E 812 23.71 41.93 -34.95
C LYS E 812 24.92 41.50 -35.79
N ARG E 813 25.93 40.89 -35.16
CA ARG E 813 27.11 40.52 -35.89
C ARG E 813 26.92 39.27 -36.76
N THR E 814 26.05 38.35 -36.35
CA THR E 814 26.06 37.01 -36.91
C THR E 814 24.75 36.61 -37.60
N VAL E 815 23.62 37.23 -37.28
CA VAL E 815 22.31 36.80 -37.80
C VAL E 815 21.84 37.75 -38.90
N SER E 816 21.39 37.20 -40.04
CA SER E 816 20.80 37.98 -41.09
C SER E 816 19.41 38.45 -40.67
N PHE E 817 19.14 39.76 -40.89
CA PHE E 817 17.79 40.29 -40.71
C PHE E 817 17.31 40.80 -42.05
N LYS E 818 17.81 40.18 -43.10
CA LYS E 818 17.31 40.46 -44.46
C LYS E 818 15.92 39.88 -44.70
N SER E 819 15.34 40.23 -45.83
CA SER E 819 13.97 39.86 -46.13
C SER E 819 13.89 38.36 -46.44
N ARG E 820 13.06 37.65 -45.72
CA ARG E 820 12.72 36.26 -46.04
C ARG E 820 11.68 36.14 -47.16
N ARG E 821 10.97 37.24 -47.45
CA ARG E 821 9.99 37.31 -48.53
C ARG E 821 10.74 37.56 -49.83
N PHE E 822 10.57 36.66 -50.78
CA PHE E 822 11.31 36.71 -52.04
C PHE E 822 10.71 37.76 -53.00
N ALA E 823 11.62 38.58 -53.52
N ALA E 823 11.62 38.43 -53.69
CA ALA E 823 11.30 39.58 -54.52
CA ALA E 823 11.29 39.06 -54.96
C ALA E 823 12.43 39.62 -55.55
C ALA E 823 12.56 39.17 -55.79
N LEU F 1 46.10 8.56 -47.66
CA LEU F 1 47.13 9.55 -48.06
C LEU F 1 46.69 10.95 -47.56
N ARG F 2 47.04 11.97 -48.35
CA ARG F 2 46.74 13.36 -48.07
C ARG F 2 45.26 13.65 -47.85
N THR F 3 45.00 14.69 -47.05
CA THR F 3 43.67 14.95 -46.53
C THR F 3 43.09 16.13 -47.33
N THR F 4 43.92 16.87 -48.08
CA THR F 4 43.42 18.11 -48.70
C THR F 4 43.39 17.98 -50.21
N LEU F 5 42.45 18.72 -50.83
CA LEU F 5 42.46 18.88 -52.28
C LEU F 5 43.53 19.88 -52.66
N GLN F 6 43.99 19.75 -53.92
CA GLN F 6 44.90 20.69 -54.56
C GLN F 6 44.09 21.72 -55.36
N TYR F 7 43.85 22.88 -54.76
CA TYR F 7 43.11 23.95 -55.41
C TYR F 7 44.05 24.74 -56.31
N PRO F 8 43.61 25.19 -57.49
CA PRO F 8 44.43 26.13 -58.25
C PRO F 8 44.48 27.46 -57.51
N ALA F 9 45.41 28.31 -57.94
CA ALA F 9 45.46 29.72 -57.54
C ALA F 9 45.13 30.57 -58.75
N THR F 10 43.92 31.15 -58.75
CA THR F 10 43.38 31.79 -59.94
C THR F 10 43.28 33.28 -59.66
N GLN F 11 43.99 34.04 -60.48
CA GLN F 11 43.88 35.50 -60.42
C GLN F 11 42.49 35.98 -60.79
N VAL F 12 41.93 36.89 -59.96
CA VAL F 12 40.62 37.47 -60.23
C VAL F 12 40.82 38.85 -60.85
N SER F 13 41.39 39.77 -60.05
CA SER F 13 41.76 41.08 -60.58
CA SER F 13 41.75 41.08 -60.57
C SER F 13 42.61 41.74 -59.50
N VAL F 14 42.84 43.04 -59.60
CA VAL F 14 43.45 43.73 -58.48
C VAL F 14 42.36 44.51 -57.77
N ALA F 15 42.52 44.69 -56.45
CA ALA F 15 41.48 45.21 -55.60
C ALA F 15 41.05 46.64 -55.99
N LYS F 16 41.99 47.49 -56.40
CA LYS F 16 41.63 48.88 -56.70
C LYS F 16 40.76 48.94 -57.97
N ASN F 17 40.75 47.89 -58.80
CA ASN F 17 39.93 47.89 -60.01
C ASN F 17 38.48 47.57 -59.70
N LEU F 18 38.18 47.01 -58.53
CA LEU F 18 36.80 46.71 -58.19
C LEU F 18 36.13 47.97 -57.66
N LYS F 19 34.93 48.29 -58.18
CA LYS F 19 34.13 49.37 -57.60
C LYS F 19 33.15 48.82 -56.57
N ALA F 20 32.87 49.60 -55.52
CA ALA F 20 31.96 49.17 -54.48
C ALA F 20 30.65 48.69 -55.10
N ASN F 21 30.22 47.49 -54.69
CA ASN F 21 28.93 46.91 -55.06
C ASN F 21 28.71 46.79 -56.55
N GLU F 22 29.80 46.51 -57.27
CA GLU F 22 29.72 46.18 -58.68
C GLU F 22 30.38 44.84 -58.86
N PRO F 23 29.61 43.73 -58.91
CA PRO F 23 30.16 42.37 -58.86
C PRO F 23 31.00 42.01 -60.08
N VAL F 24 31.91 41.10 -59.88
CA VAL F 24 32.75 40.54 -60.94
C VAL F 24 32.43 39.03 -61.06
N SER F 25 32.23 38.56 -62.28
CA SER F 25 32.01 37.16 -62.56
C SER F 25 33.33 36.50 -62.90
N PHE F 26 33.56 35.28 -62.38
CA PHE F 26 34.75 34.54 -62.74
C PHE F 26 34.44 33.06 -62.52
N THR F 27 35.29 32.16 -63.03
CA THR F 27 35.14 30.74 -62.79
C THR F 27 36.23 30.25 -61.84
N TYR F 28 35.83 29.32 -60.93
CA TYR F 28 36.77 28.81 -59.96
C TYR F 28 36.12 27.61 -59.30
N PRO F 29 36.75 26.44 -59.11
CA PRO F 29 38.15 26.17 -59.47
C PRO F 29 38.38 25.62 -60.88
N ASP F 30 37.37 25.68 -61.70
CA ASP F 30 37.39 25.26 -63.10
C ASP F 30 36.28 26.01 -63.84
N THR F 31 36.25 25.91 -65.18
CA THR F 31 35.31 26.67 -66.00
C THR F 31 33.83 26.28 -65.83
N SER F 32 33.53 25.14 -65.15
N SER F 32 33.51 25.16 -65.14
CA SER F 32 32.15 24.73 -64.93
CA SER F 32 32.10 24.82 -64.97
C SER F 32 31.63 25.24 -63.58
C SER F 32 31.62 25.25 -63.58
N SER F 33 32.45 26.02 -62.87
CA SER F 33 32.10 26.52 -61.53
C SER F 33 31.97 28.05 -61.50
N PRO F 34 30.79 28.63 -61.72
CA PRO F 34 30.68 30.09 -61.78
C PRO F 34 30.69 30.70 -60.39
N CYS F 35 31.36 31.85 -60.27
CA CYS F 35 31.57 32.54 -59.02
C CYS F 35 31.39 34.06 -59.22
N VAL F 36 31.13 34.74 -58.12
CA VAL F 36 31.07 36.19 -58.06
C VAL F 36 31.96 36.70 -56.93
N ALA F 37 32.68 37.79 -57.21
CA ALA F 37 33.39 38.57 -56.20
C ALA F 37 32.82 39.98 -56.14
N VAL F 38 32.72 40.53 -54.94
CA VAL F 38 32.27 41.90 -54.81
C VAL F 38 32.93 42.59 -53.64
N LYS F 39 33.29 43.87 -53.88
CA LYS F 39 33.73 44.76 -52.86
C LYS F 39 32.48 45.39 -52.28
N LEU F 40 32.17 45.07 -51.04
CA LEU F 40 30.87 45.43 -50.48
C LEU F 40 30.84 46.87 -49.98
N GLY F 41 32.00 47.48 -49.72
CA GLY F 41 32.02 48.90 -49.40
C GLY F 41 32.06 49.18 -47.90
N SER F 42 31.67 48.20 -47.10
CA SER F 42 31.76 48.25 -45.65
C SER F 42 32.26 46.89 -45.19
N PRO F 43 33.15 46.83 -44.17
CA PRO F 43 33.71 45.58 -43.68
C PRO F 43 32.68 44.51 -43.33
N VAL F 44 33.03 43.26 -43.61
CA VAL F 44 32.23 42.12 -43.21
C VAL F 44 33.15 40.94 -42.83
N PRO F 45 32.57 39.91 -42.19
CA PRO F 45 33.21 38.58 -42.04
C PRO F 45 33.78 37.97 -43.30
N GLY F 46 35.09 37.72 -43.18
CA GLY F 46 35.80 37.01 -44.22
C GLY F 46 36.20 37.95 -45.37
N GLY F 47 35.90 39.26 -45.18
CA GLY F 47 36.23 40.25 -46.17
C GLY F 47 37.73 40.51 -46.23
N VAL F 48 38.27 40.59 -47.45
CA VAL F 48 39.68 40.95 -47.64
C VAL F 48 39.82 42.27 -48.34
N GLY F 49 41.09 42.66 -48.60
CA GLY F 49 41.41 43.97 -49.08
C GLY F 49 41.64 44.96 -47.96
N PRO F 50 42.04 46.19 -48.33
CA PRO F 50 42.38 47.20 -47.33
C PRO F 50 41.19 47.60 -46.47
N ASN F 51 39.97 47.39 -46.97
CA ASN F 51 38.78 47.74 -46.21
C ASN F 51 38.06 46.46 -45.73
N ASN F 52 38.67 45.29 -45.82
CA ASN F 52 38.15 44.02 -45.27
C ASN F 52 36.71 43.78 -45.73
N ASP F 53 36.46 44.08 -47.00
CA ASP F 53 35.10 44.10 -47.52
C ASP F 53 34.93 43.38 -48.85
N ILE F 54 35.96 42.68 -49.34
CA ILE F 54 35.86 41.97 -50.58
C ILE F 54 35.61 40.51 -50.29
N VAL F 55 34.53 40.01 -50.86
CA VAL F 55 34.11 38.61 -50.64
C VAL F 55 33.83 37.96 -51.96
N ALA F 56 33.79 36.60 -51.97
CA ALA F 56 33.42 35.91 -53.19
C ALA F 56 32.74 34.58 -52.84
N TYR F 57 31.91 34.14 -53.78
CA TYR F 57 31.08 32.96 -53.59
C TYR F 57 30.93 32.19 -54.90
N SER F 58 30.69 30.87 -54.78
CA SER F 58 30.07 30.07 -55.79
C SER F 58 28.64 30.59 -55.97
N VAL F 59 28.16 30.73 -57.20
CA VAL F 59 26.81 31.20 -57.37
C VAL F 59 25.80 30.06 -57.58
N LEU F 60 26.25 28.81 -57.65
CA LEU F 60 25.32 27.70 -57.84
C LEU F 60 24.58 27.41 -56.51
N CYS F 61 23.25 27.47 -56.57
CA CYS F 61 22.43 27.27 -55.40
C CYS F 61 22.77 25.90 -54.82
N THR F 62 22.92 25.83 -53.50
CA THR F 62 23.25 24.60 -52.84
C THR F 62 22.05 23.69 -52.61
N HIS F 63 20.85 24.11 -53.03
CA HIS F 63 19.68 23.23 -53.04
C HIS F 63 19.78 22.22 -54.17
N MET F 64 19.57 22.72 -55.43
CA MET F 64 19.61 21.88 -56.60
C MET F 64 20.35 22.56 -57.74
N GLY F 65 21.18 23.56 -57.48
CA GLY F 65 22.20 23.93 -58.46
C GLY F 65 21.80 25.02 -59.46
N CYS F 66 20.61 25.59 -59.36
CA CYS F 66 20.25 26.66 -60.27
C CYS F 66 21.18 27.83 -59.99
N PRO F 67 21.69 28.51 -61.01
CA PRO F 67 22.54 29.67 -60.77
C PRO F 67 21.74 30.79 -60.11
N THR F 68 22.32 31.36 -59.06
CA THR F 68 21.67 32.41 -58.30
C THR F 68 22.07 33.74 -58.97
N SER F 69 21.26 34.75 -58.76
CA SER F 69 21.55 36.13 -59.17
C SER F 69 21.97 36.94 -57.99
N TYR F 70 22.91 37.88 -58.21
CA TYR F 70 23.41 38.73 -57.18
C TYR F 70 22.61 40.02 -57.23
N ASP F 71 21.91 40.35 -56.15
CA ASP F 71 21.19 41.58 -55.99
C ASP F 71 22.10 42.59 -55.27
N LYS F 72 22.61 43.55 -56.06
CA LYS F 72 23.68 44.46 -55.62
C LYS F 72 23.22 45.35 -54.50
N SER F 73 21.94 45.69 -54.57
CA SER F 73 21.27 46.55 -53.63
C SER F 73 21.14 45.92 -52.23
N SER F 74 20.69 44.66 -52.12
CA SER F 74 20.46 44.01 -50.85
C SER F 74 21.66 43.16 -50.44
N LYS F 75 22.61 42.95 -51.32
CA LYS F 75 23.83 42.24 -51.00
C LYS F 75 23.50 40.78 -50.70
N THR F 76 22.66 40.25 -51.58
CA THR F 76 22.13 38.89 -51.40
C THR F 76 22.18 38.17 -52.74
N PHE F 77 22.33 36.84 -52.66
CA PHE F 77 22.19 35.96 -53.80
C PHE F 77 20.81 35.31 -53.76
N LYS F 78 20.10 35.28 -54.92
CA LYS F 78 18.70 34.85 -54.94
C LYS F 78 18.52 33.75 -55.98
N CYS F 79 17.87 32.67 -55.57
N CYS F 79 17.85 32.67 -55.58
CA CYS F 79 17.69 31.53 -56.45
CA CYS F 79 17.67 31.53 -56.46
C CYS F 79 16.28 31.54 -57.03
C CYS F 79 16.27 31.54 -57.03
N PRO F 80 16.14 31.60 -58.37
CA PRO F 80 14.82 31.64 -58.96
C PRO F 80 14.04 30.32 -58.96
N CYS F 81 14.68 29.22 -58.62
CA CYS F 81 14.07 27.88 -58.81
C CYS F 81 13.09 27.58 -57.67
N HIS F 82 13.57 27.57 -56.42
CA HIS F 82 12.70 27.38 -55.25
C HIS F 82 12.89 28.43 -54.17
N PHE F 83 13.45 29.58 -54.56
CA PHE F 83 13.30 30.87 -53.88
C PHE F 83 14.20 31.01 -52.64
N THR F 84 15.28 30.24 -52.60
CA THR F 84 16.27 30.38 -51.53
C THR F 84 17.03 31.69 -51.74
N GLU F 85 17.36 32.35 -50.62
CA GLU F 85 18.25 33.52 -50.65
C GLU F 85 19.41 33.34 -49.68
N PHE F 86 20.59 33.92 -50.03
CA PHE F 86 21.77 33.80 -49.20
C PHE F 86 22.39 35.19 -48.98
N ASP F 87 22.89 35.44 -47.77
CA ASP F 87 23.38 36.77 -47.40
C ASP F 87 24.88 36.87 -47.67
N ALA F 88 25.27 37.76 -48.59
CA ALA F 88 26.69 37.94 -48.90
C ALA F 88 27.48 38.60 -47.78
N GLU F 89 26.78 39.22 -46.84
CA GLU F 89 27.41 39.93 -45.73
C GLU F 89 27.48 39.04 -44.51
N LYS F 90 26.93 37.83 -44.59
CA LYS F 90 26.98 36.91 -43.46
C LYS F 90 27.54 35.54 -43.86
N ALA F 91 28.60 35.56 -44.69
CA ALA F 91 29.31 34.35 -45.13
C ALA F 91 28.35 33.35 -45.75
N GLY F 92 27.41 33.84 -46.54
CA GLY F 92 26.54 32.97 -47.32
C GLY F 92 25.40 32.38 -46.55
N GLN F 93 25.12 32.84 -45.32
CA GLN F 93 24.00 32.37 -44.52
C GLN F 93 22.72 32.34 -45.35
N MET F 94 22.01 31.23 -45.28
CA MET F 94 20.73 31.11 -45.95
C MET F 94 19.71 31.95 -45.17
N ILE F 95 19.16 33.00 -45.78
CA ILE F 95 18.16 33.86 -45.17
C ILE F 95 16.83 33.13 -44.99
N CYS F 96 16.49 32.39 -46.03
N CYS F 96 16.47 32.38 -46.02
CA CYS F 96 15.25 31.64 -46.13
CA CYS F 96 15.20 31.67 -46.15
C CYS F 96 15.45 30.70 -47.29
C CYS F 96 15.43 30.71 -47.30
N GLY F 97 14.88 29.50 -47.24
CA GLY F 97 14.87 28.67 -48.42
C GLY F 97 15.03 27.18 -48.12
N GLN F 98 15.40 26.42 -49.16
CA GLN F 98 15.26 24.97 -49.11
C GLN F 98 16.59 24.24 -49.04
N ALA F 99 17.70 24.97 -49.15
CA ALA F 99 19.03 24.41 -49.04
C ALA F 99 19.36 23.97 -47.62
N THR F 100 20.37 23.12 -47.50
CA THR F 100 20.90 22.63 -46.25
C THR F 100 22.38 22.96 -46.11
N GLU F 101 22.88 23.87 -46.95
CA GLU F 101 24.25 24.35 -46.78
C GLU F 101 24.28 25.81 -47.14
N ASN F 102 25.11 26.60 -46.45
CA ASN F 102 25.27 28.00 -46.83
C ASN F 102 25.95 28.05 -48.20
N LEU F 103 25.88 29.22 -48.86
CA LEU F 103 26.50 29.38 -50.15
C LEU F 103 28.01 29.26 -50.02
N PRO F 104 28.71 28.43 -50.82
CA PRO F 104 30.14 28.22 -50.61
C PRO F 104 30.91 29.54 -50.82
N ARG F 105 31.84 29.79 -49.92
CA ARG F 105 32.68 30.97 -50.01
C ARG F 105 33.95 30.59 -50.79
N VAL F 106 34.31 31.47 -51.73
CA VAL F 106 35.58 31.33 -52.43
C VAL F 106 36.58 32.10 -51.58
N LEU F 107 37.61 31.43 -51.07
CA LEU F 107 38.64 32.07 -50.29
C LEU F 107 39.59 32.88 -51.19
N LEU F 108 39.72 34.16 -50.83
CA LEU F 108 40.53 35.12 -51.58
C LEU F 108 41.76 35.53 -50.77
N ARG F 109 42.92 35.45 -51.43
CA ARG F 109 44.14 36.08 -50.93
C ARG F 109 44.19 37.50 -51.51
N TYR F 110 44.50 38.43 -50.63
CA TYR F 110 44.75 39.79 -51.05
C TYR F 110 46.25 40.06 -50.78
N ASP F 111 46.97 40.46 -51.85
CA ASP F 111 48.41 40.66 -51.77
C ASP F 111 48.69 42.16 -51.88
N GLU F 112 49.05 42.76 -50.77
CA GLU F 112 49.21 44.20 -50.72
C GLU F 112 50.36 44.62 -51.66
N ALA F 113 51.41 43.80 -51.79
CA ALA F 113 52.56 44.18 -52.61
C ALA F 113 52.20 44.39 -54.08
N SER F 114 51.24 43.60 -54.57
CA SER F 114 50.84 43.61 -55.98
C SER F 114 49.44 44.16 -56.23
N ASP F 115 48.67 44.32 -55.14
CA ASP F 115 47.26 44.62 -55.17
C ASP F 115 46.40 43.47 -55.67
N ALA F 116 46.97 42.27 -55.89
CA ALA F 116 46.22 41.20 -56.53
C ALA F 116 45.24 40.54 -55.56
N LEU F 117 44.11 40.12 -56.15
CA LEU F 117 43.13 39.25 -55.52
C LEU F 117 43.23 37.90 -56.19
N THR F 118 43.47 36.81 -55.43
CA THR F 118 43.63 35.51 -56.01
C THR F 118 42.68 34.52 -55.28
N ALA F 119 41.90 33.76 -56.05
CA ALA F 119 41.09 32.70 -55.45
C ALA F 119 41.99 31.50 -55.17
N VAL F 120 41.94 30.98 -53.95
CA VAL F 120 42.85 29.96 -53.53
C VAL F 120 42.19 28.75 -52.88
N GLY F 121 40.91 28.81 -52.52
CA GLY F 121 40.19 27.60 -52.13
C GLY F 121 38.73 27.92 -51.94
N VAL F 122 37.98 26.90 -51.47
CA VAL F 122 36.54 27.04 -51.27
C VAL F 122 36.19 26.46 -49.91
N ASP F 123 35.38 27.20 -49.15
N ASP F 123 35.36 27.19 -49.18
CA ASP F 123 34.80 26.76 -47.88
CA ASP F 123 34.78 26.75 -47.92
C ASP F 123 33.34 26.38 -48.17
C ASP F 123 33.33 26.37 -48.17
N GLY F 124 33.05 25.07 -48.07
CA GLY F 124 31.76 24.53 -48.41
C GLY F 124 31.89 23.75 -49.70
N LEU F 125 30.95 22.83 -49.95
CA LEU F 125 30.98 22.02 -51.15
C LEU F 125 30.05 22.60 -52.23
N ILE F 126 30.62 22.93 -53.39
CA ILE F 126 29.91 23.45 -54.53
C ILE F 126 28.88 22.42 -54.99
N TYR F 127 27.71 22.90 -55.41
CA TYR F 127 26.67 22.05 -55.98
C TYR F 127 27.20 21.11 -57.04
N GLY F 128 26.66 19.88 -57.07
CA GLY F 128 26.77 19.11 -58.30
C GLY F 128 28.11 18.40 -58.48
N ARG F 129 28.87 18.23 -57.41
CA ARG F 129 30.16 17.55 -57.54
C ARG F 129 30.45 16.75 -56.28
N GLN F 130 31.29 15.71 -56.47
CA GLN F 130 31.64 14.87 -55.36
C GLN F 130 32.72 15.55 -54.51
N ALA F 131 33.56 16.41 -55.14
CA ALA F 131 34.54 17.19 -54.40
C ALA F 131 34.71 18.51 -55.14
N ASN F 132 35.22 19.55 -54.50
CA ASN F 132 35.28 20.87 -55.16
C ASN F 132 36.16 20.83 -56.39
N VAL F 133 37.24 20.06 -56.35
CA VAL F 133 38.17 19.87 -57.46
C VAL F 133 37.80 18.56 -58.13
N ILE F 134 37.39 18.62 -59.40
CA ILE F 134 36.99 17.41 -60.11
C ILE F 134 38.27 16.83 -60.77
N ASP G 3 -32.87 -19.32 50.06
CA ASP G 3 -34.04 -18.44 49.77
C ASP G 3 -35.34 -19.26 49.94
N ARG G 4 -36.01 -19.53 48.79
CA ARG G 4 -37.45 -19.89 48.76
C ARG G 4 -38.04 -20.47 47.46
N ILE G 5 -39.17 -21.20 47.64
N ILE G 5 -39.12 -21.27 47.60
CA ILE G 5 -39.86 -21.91 46.58
CA ILE G 5 -39.79 -21.85 46.45
C ILE G 5 -41.32 -21.48 46.54
C ILE G 5 -41.28 -21.50 46.51
N THR G 6 -41.81 -21.26 45.32
CA THR G 6 -43.25 -21.01 45.12
C THR G 6 -43.98 -22.37 45.02
N LEU G 7 -44.84 -22.68 46.01
CA LEU G 7 -45.52 -23.96 46.03
C LEU G 7 -46.61 -23.99 44.96
N PRO G 8 -46.87 -25.15 44.36
CA PRO G 8 -47.97 -25.33 43.41
C PRO G 8 -49.30 -25.19 44.14
N PRO G 9 -50.24 -24.37 43.63
CA PRO G 9 -51.57 -24.32 44.26
C PRO G 9 -52.23 -25.69 44.26
N ALA G 10 -53.15 -25.88 45.20
CA ALA G 10 -53.89 -27.15 45.25
C ALA G 10 -54.44 -27.56 43.87
N ASN G 11 -54.95 -26.60 43.07
CA ASN G 11 -55.58 -26.87 41.79
C ASN G 11 -54.65 -26.62 40.62
N ALA G 12 -53.33 -26.60 40.84
CA ALA G 12 -52.41 -26.53 39.71
C ALA G 12 -52.62 -27.65 38.69
N GLN G 13 -52.37 -27.31 37.42
CA GLN G 13 -52.34 -28.29 36.37
C GLN G 13 -51.21 -29.28 36.66
N ARG G 14 -51.47 -30.56 36.46
CA ARG G 14 -50.46 -31.60 36.63
C ARG G 14 -50.47 -32.53 35.42
N THR G 15 -49.30 -32.78 34.83
CA THR G 15 -49.11 -33.72 33.74
C THR G 15 -48.00 -34.70 34.12
N ASN G 16 -47.97 -35.79 33.35
CA ASN G 16 -46.98 -36.86 33.51
C ASN G 16 -45.78 -36.62 32.60
N MET G 17 -44.59 -36.86 33.15
CA MET G 17 -43.38 -36.77 32.36
C MET G 17 -42.42 -37.89 32.79
N THR G 18 -41.96 -38.68 31.81
CA THR G 18 -40.83 -39.57 32.04
C THR G 18 -39.55 -38.74 31.99
N CYS G 19 -38.58 -39.12 32.82
CA CYS G 19 -37.28 -38.47 32.72
C CYS G 19 -36.81 -38.42 31.28
N HIS G 20 -36.20 -37.29 30.87
CA HIS G 20 -35.69 -37.15 29.52
C HIS G 20 -34.51 -38.09 29.25
N PHE G 21 -33.78 -38.51 30.28
CA PHE G 21 -32.40 -38.96 30.18
C PHE G 21 -32.28 -40.51 30.21
N CYS G 22 -31.81 -41.08 31.31
CA CYS G 22 -31.28 -42.44 31.21
C CYS G 22 -32.41 -43.48 31.06
N ILE G 23 -31.99 -44.69 30.70
CA ILE G 23 -32.80 -45.89 30.49
C ILE G 23 -33.86 -46.12 31.56
N VAL G 24 -33.54 -45.80 32.81
CA VAL G 24 -34.42 -46.23 33.88
C VAL G 24 -35.81 -45.63 33.67
N GLY G 25 -35.89 -44.37 33.18
CA GLY G 25 -37.21 -43.84 32.87
C GLY G 25 -38.07 -43.60 34.09
N CYS G 26 -37.51 -42.95 35.08
CA CYS G 26 -38.20 -42.51 36.27
C CYS G 26 -39.41 -41.68 35.90
N GLY G 27 -40.46 -41.85 36.70
CA GLY G 27 -41.68 -41.09 36.49
C GLY G 27 -41.64 -39.79 37.28
N TYR G 28 -42.15 -38.72 36.67
CA TYR G 28 -42.21 -37.38 37.24
C TYR G 28 -43.61 -36.77 36.97
N HIS G 29 -43.97 -35.79 37.80
CA HIS G 29 -45.08 -34.91 37.58
C HIS G 29 -44.55 -33.53 37.24
N VAL G 30 -45.26 -32.91 36.33
CA VAL G 30 -45.04 -31.49 36.05
C VAL G 30 -46.25 -30.70 36.52
N TYR G 31 -46.07 -29.82 37.47
CA TYR G 31 -47.09 -28.90 37.92
C TYR G 31 -46.86 -27.57 37.20
N LYS G 32 -47.93 -27.01 36.64
CA LYS G 32 -47.88 -25.78 35.88
C LYS G 32 -48.99 -24.86 36.38
N TRP G 33 -48.66 -23.62 36.70
CA TRP G 33 -49.67 -22.69 37.14
C TRP G 33 -49.27 -21.26 36.84
N PRO G 34 -50.21 -20.29 36.82
CA PRO G 34 -49.84 -18.88 36.52
C PRO G 34 -48.80 -18.33 37.43
N GLU G 35 -47.95 -17.46 36.85
CA GLU G 35 -46.77 -16.96 37.54
C GLU G 35 -47.07 -16.34 38.91
N LEU G 36 -48.09 -15.51 39.00
CA LEU G 36 -48.32 -14.76 40.22
C LEU G 36 -49.17 -15.47 41.27
N GLN G 37 -49.46 -16.75 41.10
CA GLN G 37 -50.24 -17.52 42.06
C GLN G 37 -49.29 -18.45 42.85
N GLU G 38 -49.72 -18.79 44.05
CA GLU G 38 -48.95 -19.70 44.86
C GLU G 38 -49.82 -20.52 45.77
N GLY G 39 -49.36 -21.73 46.02
CA GLY G 39 -50.01 -22.64 46.96
C GLY G 39 -49.77 -22.22 48.39
N GLY G 40 -50.65 -22.68 49.26
CA GLY G 40 -50.55 -22.50 50.70
C GLY G 40 -49.63 -23.55 51.33
N ARG G 41 -49.11 -23.25 52.53
N ARG G 41 -49.15 -23.27 52.54
CA ARG G 41 -48.23 -24.15 53.23
CA ARG G 41 -48.23 -24.18 53.19
C ARG G 41 -48.98 -25.37 53.80
C ARG G 41 -48.96 -25.38 53.80
N ALA G 42 -50.26 -25.21 54.19
CA ALA G 42 -51.03 -26.30 54.71
C ALA G 42 -51.15 -27.38 53.65
N PRO G 43 -51.13 -28.67 54.00
CA PRO G 43 -51.00 -29.73 53.01
C PRO G 43 -52.13 -29.83 51.99
N GLU G 44 -53.35 -29.45 52.39
CA GLU G 44 -54.45 -29.51 51.46
C GLU G 44 -54.54 -28.24 50.62
N GLN G 45 -53.62 -27.27 50.83
CA GLN G 45 -53.63 -26.04 50.05
C GLN G 45 -52.48 -25.93 49.05
N ASN G 46 -51.71 -27.03 48.90
CA ASN G 46 -50.74 -27.09 47.81
C ASN G 46 -50.90 -28.42 47.11
N ALA G 47 -50.42 -28.52 45.87
CA ALA G 47 -50.65 -29.70 45.06
C ALA G 47 -49.78 -30.85 45.53
N LEU G 48 -48.70 -30.57 46.30
CA LEU G 48 -47.85 -31.66 46.77
C LEU G 48 -48.50 -32.46 47.90
N GLY G 49 -49.45 -31.87 48.60
CA GLY G 49 -50.05 -32.56 49.72
C GLY G 49 -49.15 -32.62 50.94
N LEU G 50 -48.17 -31.70 51.02
CA LEU G 50 -47.18 -31.75 52.10
C LEU G 50 -47.34 -30.57 53.01
N ASP G 51 -46.98 -30.79 54.29
CA ASP G 51 -47.17 -29.75 55.28
C ASP G 51 -45.95 -28.85 55.43
N PHE G 52 -45.97 -27.67 54.79
CA PHE G 52 -44.87 -26.74 54.83
C PHE G 52 -45.01 -25.73 55.96
N ARG G 53 -45.90 -26.00 56.93
CA ARG G 53 -45.99 -25.15 58.09
C ARG G 53 -44.94 -25.49 59.16
N LYS G 54 -44.26 -26.62 58.98
CA LYS G 54 -43.22 -27.04 59.89
C LYS G 54 -42.26 -27.88 59.06
N GLN G 55 -41.09 -28.13 59.63
CA GLN G 55 -40.07 -28.89 58.90
C GLN G 55 -40.63 -30.22 58.40
N LEU G 56 -40.30 -30.55 57.13
CA LEU G 56 -40.64 -31.86 56.63
C LEU G 56 -39.68 -32.93 57.13
N PRO G 57 -40.12 -34.17 57.37
CA PRO G 57 -39.19 -35.21 57.73
C PRO G 57 -38.33 -35.62 56.54
N PRO G 58 -37.23 -36.37 56.79
CA PRO G 58 -36.45 -36.90 55.71
C PRO G 58 -37.27 -37.83 54.84
N LEU G 59 -36.95 -37.83 53.57
CA LEU G 59 -37.52 -38.71 52.55
C LEU G 59 -38.91 -38.23 52.14
N ALA G 60 -39.42 -37.12 52.69
CA ALA G 60 -40.78 -36.71 52.41
C ALA G 60 -40.91 -36.15 51.01
N VAL G 61 -39.83 -35.54 50.50
CA VAL G 61 -39.92 -34.78 49.25
C VAL G 61 -38.51 -34.74 48.62
N THR G 62 -38.52 -34.54 47.29
CA THR G 62 -37.35 -34.11 46.53
C THR G 62 -37.71 -32.75 45.92
N LEU G 63 -37.13 -31.69 46.43
CA LEU G 63 -37.57 -30.35 46.05
C LEU G 63 -36.45 -29.37 46.30
N THR G 64 -35.93 -28.80 45.22
CA THR G 64 -34.93 -27.75 45.31
C THR G 64 -35.33 -26.66 44.32
N PRO G 65 -34.66 -25.50 44.36
CA PRO G 65 -34.94 -24.50 43.31
C PRO G 65 -34.66 -24.93 41.90
N ALA G 66 -33.69 -25.80 41.73
CA ALA G 66 -33.34 -26.33 40.41
C ALA G 66 -34.49 -27.13 39.79
N MET G 67 -35.47 -27.54 40.60
CA MET G 67 -36.61 -28.35 40.16
C MET G 67 -37.81 -27.49 39.81
N THR G 68 -37.59 -26.16 39.72
CA THR G 68 -38.62 -25.18 39.44
C THR G 68 -38.13 -24.30 38.31
N ASN G 69 -39.08 -23.66 37.63
CA ASN G 69 -38.76 -22.59 36.68
C ASN G 69 -40.00 -21.76 36.44
N VAL G 70 -39.80 -20.74 35.63
CA VAL G 70 -40.90 -19.95 35.10
C VAL G 70 -40.73 -19.83 33.59
N VAL G 71 -41.71 -20.33 32.85
CA VAL G 71 -41.62 -20.42 31.40
C VAL G 71 -42.53 -19.32 30.84
N THR G 72 -42.22 -18.88 29.64
CA THR G 72 -43.00 -17.88 28.91
C THR G 72 -43.44 -18.54 27.60
N GLU G 73 -44.74 -18.57 27.40
CA GLU G 73 -45.38 -19.25 26.30
C GLU G 73 -45.41 -18.27 25.11
N HIS G 74 -45.76 -18.81 23.96
CA HIS G 74 -45.73 -17.99 22.75
C HIS G 74 -46.71 -16.83 22.84
N ASN G 75 -47.80 -17.00 23.57
CA ASN G 75 -48.79 -15.92 23.76
C ASN G 75 -48.33 -14.90 24.82
N GLY G 76 -47.10 -15.04 25.37
CA GLY G 76 -46.53 -14.15 26.35
C GLY G 76 -46.92 -14.45 27.81
N ARG G 77 -47.83 -15.39 28.06
CA ARG G 77 -48.30 -15.73 29.41
C ARG G 77 -47.16 -16.51 30.10
N ARG G 78 -46.91 -16.16 31.37
CA ARG G 78 -45.83 -16.75 32.17
C ARG G 78 -46.43 -17.73 33.17
N TYR G 79 -45.77 -18.89 33.35
CA TYR G 79 -46.24 -19.92 34.23
C TYR G 79 -45.10 -20.49 35.04
N ASN G 80 -45.33 -20.62 36.33
CA ASN G 80 -44.53 -21.49 37.16
C ASN G 80 -44.62 -22.93 36.72
N ILE G 81 -43.46 -23.62 36.77
CA ILE G 81 -43.42 -25.04 36.61
C ILE G 81 -42.59 -25.61 37.78
N MET G 82 -42.92 -26.88 38.09
CA MET G 82 -42.25 -27.63 39.14
C MET G 82 -42.24 -29.06 38.65
N VAL G 83 -41.03 -29.65 38.51
CA VAL G 83 -40.89 -30.97 37.91
C VAL G 83 -40.28 -31.87 38.97
N VAL G 84 -41.10 -32.79 39.53
CA VAL G 84 -40.70 -33.54 40.72
C VAL G 84 -41.10 -35.01 40.52
N PRO G 85 -40.34 -35.93 41.18
CA PRO G 85 -40.55 -37.36 40.94
C PRO G 85 -41.90 -37.79 41.51
N ASP G 86 -42.43 -38.83 40.89
CA ASP G 86 -43.73 -39.41 41.25
C ASP G 86 -43.50 -40.52 42.27
N LYS G 87 -43.97 -40.33 43.49
CA LYS G 87 -43.82 -41.29 44.56
C LYS G 87 -44.53 -42.60 44.26
N ALA G 88 -45.58 -42.56 43.41
CA ALA G 88 -46.37 -43.76 43.16
C ALA G 88 -45.95 -44.48 41.90
N CYS G 89 -44.92 -43.98 41.19
CA CYS G 89 -44.39 -44.70 40.05
C CYS G 89 -43.56 -45.88 40.50
N VAL G 90 -43.84 -47.08 40.00
CA VAL G 90 -43.13 -48.26 40.45
C VAL G 90 -41.65 -48.27 40.07
N VAL G 91 -41.27 -47.50 39.04
CA VAL G 91 -39.88 -47.53 38.56
C VAL G 91 -38.98 -46.94 39.65
N ASN G 92 -39.35 -45.72 40.09
CA ASN G 92 -38.46 -44.98 40.96
C ASN G 92 -38.97 -44.80 42.38
N SER G 93 -40.25 -45.10 42.63
CA SER G 93 -40.89 -44.86 43.95
C SER G 93 -40.53 -43.47 44.49
N GLY G 94 -40.57 -42.44 43.66
CA GLY G 94 -40.31 -41.08 44.11
C GLY G 94 -38.84 -40.63 44.14
N LEU G 95 -37.92 -41.49 43.68
CA LEU G 95 -36.54 -41.06 43.56
C LEU G 95 -36.32 -40.25 42.27
N SER G 96 -35.35 -39.34 42.39
CA SER G 96 -34.86 -38.52 41.29
C SER G 96 -33.35 -38.53 41.32
N SER G 97 -32.71 -38.82 40.19
CA SER G 97 -31.26 -38.71 40.10
C SER G 97 -30.89 -37.24 39.99
N THR G 98 -29.62 -36.92 40.12
CA THR G 98 -29.18 -35.54 39.94
C THR G 98 -29.41 -35.08 38.49
N ARG G 99 -29.49 -35.99 37.52
CA ARG G 99 -29.69 -35.56 36.14
C ARG G 99 -31.15 -35.22 35.89
N GLY G 100 -32.09 -36.15 36.23
CA GLY G 100 -33.49 -35.88 36.00
C GLY G 100 -33.98 -34.76 36.91
N GLY G 101 -33.38 -34.66 38.14
CA GLY G 101 -33.74 -33.54 39.01
C GLY G 101 -33.56 -32.16 38.42
N LYS G 102 -32.68 -32.00 37.42
CA LYS G 102 -32.48 -30.71 36.78
C LYS G 102 -33.45 -30.44 35.65
N MET G 103 -34.39 -31.37 35.38
CA MET G 103 -35.29 -31.14 34.26
C MET G 103 -35.86 -29.74 34.21
N ALA G 104 -36.48 -29.26 35.30
CA ALA G 104 -37.14 -27.96 35.25
C ALA G 104 -36.16 -26.86 34.81
N SER G 105 -34.90 -26.95 35.26
CA SER G 105 -33.88 -25.98 34.89
C SER G 105 -33.53 -26.06 33.40
N TYR G 106 -33.70 -27.23 32.80
CA TYR G 106 -33.30 -27.46 31.42
C TYR G 106 -34.50 -27.31 30.47
N MET G 107 -35.66 -26.97 30.99
CA MET G 107 -36.74 -26.54 30.10
C MET G 107 -36.36 -25.14 29.56
N TYR G 108 -36.88 -24.83 28.39
CA TYR G 108 -36.59 -23.56 27.74
C TYR G 108 -37.19 -22.39 28.48
N THR G 109 -36.31 -21.39 28.76
CA THR G 109 -36.68 -20.04 29.14
C THR G 109 -35.72 -19.10 28.44
N PRO G 110 -36.20 -17.88 28.13
CA PRO G 110 -35.33 -16.92 27.49
C PRO G 110 -34.13 -16.47 28.35
N THR G 111 -34.16 -16.67 29.69
CA THR G 111 -33.11 -16.10 30.54
C THR G 111 -32.30 -17.18 31.23
N GLY G 112 -32.77 -18.44 31.18
CA GLY G 112 -32.15 -19.48 32.02
C GLY G 112 -31.18 -20.32 31.21
N ASP G 113 -31.02 -21.57 31.70
CA ASP G 113 -30.06 -22.49 31.12
C ASP G 113 -30.34 -22.82 29.68
N GLY G 114 -31.59 -22.64 29.25
CA GLY G 114 -31.97 -22.93 27.87
C GLY G 114 -31.91 -21.72 26.94
N LYS G 115 -31.27 -20.66 27.38
CA LYS G 115 -31.27 -19.38 26.63
C LYS G 115 -30.76 -19.52 25.20
N GLN G 116 -29.78 -20.42 25.03
CA GLN G 116 -29.13 -20.57 23.73
C GLN G 116 -29.77 -21.68 22.88
N ARG G 117 -30.93 -22.18 23.25
CA ARG G 117 -31.63 -23.14 22.41
C ARG G 117 -31.75 -22.60 20.99
N LEU G 118 -31.61 -23.46 20.00
CA LEU G 118 -32.00 -23.10 18.64
C LEU G 118 -33.49 -22.80 18.59
N LYS G 119 -33.83 -21.66 17.99
CA LYS G 119 -35.23 -21.34 17.86
C LYS G 119 -35.60 -20.79 16.50
N ALA G 120 -34.65 -20.89 15.56
CA ALA G 120 -34.88 -20.43 14.19
C ALA G 120 -33.94 -21.30 13.38
N PRO G 121 -34.20 -21.55 12.07
CA PRO G 121 -33.17 -22.08 11.19
C PRO G 121 -31.98 -21.11 11.11
N ARG G 122 -30.79 -21.69 11.07
CA ARG G 122 -29.54 -20.96 11.00
C ARG G 122 -28.76 -21.44 9.76
N LEU G 123 -28.22 -20.46 9.04
CA LEU G 123 -27.48 -20.70 7.80
C LEU G 123 -26.11 -20.06 7.91
N TYR G 124 -25.11 -20.80 7.46
CA TYR G 124 -23.78 -20.25 7.35
C TYR G 124 -23.60 -19.84 5.89
N ALA G 125 -23.61 -18.52 5.64
CA ALA G 125 -23.54 -17.98 4.29
C ALA G 125 -22.66 -16.74 4.37
N ALA G 126 -21.90 -16.44 3.31
CA ALA G 126 -21.08 -15.24 3.33
C ALA G 126 -20.16 -15.23 4.56
N ASP G 127 -19.64 -16.43 4.90
CA ASP G 127 -18.66 -16.60 5.97
C ASP G 127 -19.24 -16.04 7.29
N GLN G 128 -20.50 -16.37 7.58
CA GLN G 128 -21.11 -15.91 8.84
C GLN G 128 -22.38 -16.72 9.10
N TRP G 129 -22.71 -16.92 10.38
CA TRP G 129 -24.00 -17.43 10.76
C TRP G 129 -25.07 -16.35 10.74
N VAL G 130 -26.20 -16.64 10.07
CA VAL G 130 -27.39 -15.81 10.07
C VAL G 130 -28.62 -16.67 10.29
N ASP G 131 -29.70 -16.06 10.72
CA ASP G 131 -31.00 -16.68 10.60
C ASP G 131 -31.42 -16.79 9.13
N THR G 132 -32.24 -17.83 8.87
CA THR G 132 -32.95 -17.98 7.60
C THR G 132 -34.37 -18.47 7.90
N THR G 133 -35.25 -18.48 6.91
CA THR G 133 -36.64 -18.95 7.03
C THR G 133 -36.62 -20.50 6.92
N TRP G 134 -37.61 -21.10 7.50
CA TRP G 134 -37.91 -22.51 7.33
C TRP G 134 -38.03 -22.86 5.86
N ASP G 135 -38.79 -22.06 5.10
CA ASP G 135 -39.03 -22.37 3.71
C ASP G 135 -37.74 -22.37 2.93
N HIS G 136 -36.83 -21.39 3.20
CA HIS G 136 -35.55 -21.35 2.54
C HIS G 136 -34.64 -22.52 2.93
N ALA G 137 -34.61 -22.85 4.25
CA ALA G 137 -33.86 -23.97 4.72
C ALA G 137 -34.30 -25.25 3.98
N MET G 138 -35.60 -25.42 3.86
CA MET G 138 -36.13 -26.63 3.22
C MET G 138 -35.81 -26.62 1.72
N ALA G 139 -35.90 -25.43 1.12
CA ALA G 139 -35.57 -25.37 -0.32
C ALA G 139 -34.11 -25.70 -0.58
N LEU G 140 -33.20 -25.24 0.27
CA LEU G 140 -31.80 -25.58 0.12
C LEU G 140 -31.56 -27.08 0.38
N TYR G 141 -32.10 -27.59 1.50
CA TYR G 141 -31.79 -28.94 1.94
C TYR G 141 -32.46 -29.95 0.98
N ALA G 142 -33.77 -29.82 0.73
CA ALA G 142 -34.46 -30.68 -0.23
C ALA G 142 -33.83 -30.46 -1.61
N GLY G 143 -33.43 -29.22 -1.94
CA GLY G 143 -32.81 -29.01 -3.23
C GLY G 143 -31.54 -29.82 -3.46
N LEU G 144 -30.70 -29.89 -2.42
CA LEU G 144 -29.46 -30.64 -2.49
C LEU G 144 -29.72 -32.13 -2.45
N ILE G 145 -30.68 -32.58 -1.65
CA ILE G 145 -31.01 -33.99 -1.61
C ILE G 145 -31.55 -34.40 -2.98
N LYS G 146 -32.42 -33.59 -3.61
CA LYS G 146 -32.94 -33.96 -4.92
C LYS G 146 -31.83 -34.03 -5.96
N LYS G 147 -30.97 -33.01 -5.98
CA LYS G 147 -29.88 -32.98 -6.95
C LYS G 147 -29.01 -34.21 -6.81
N THR G 148 -28.73 -34.57 -5.57
CA THR G 148 -27.89 -35.71 -5.25
C THR G 148 -28.59 -37.00 -5.71
N LEU G 149 -29.85 -37.16 -5.38
CA LEU G 149 -30.56 -38.38 -5.79
C LEU G 149 -30.59 -38.51 -7.30
N ASP G 150 -30.75 -37.37 -7.98
CA ASP G 150 -30.91 -37.34 -9.42
C ASP G 150 -29.59 -37.68 -10.11
N LYS G 151 -28.47 -37.22 -9.59
CA LYS G 151 -27.18 -37.39 -10.24
C LYS G 151 -26.38 -38.56 -9.66
N ASP G 152 -26.44 -38.76 -8.35
CA ASP G 152 -25.54 -39.72 -7.71
C ASP G 152 -26.33 -40.91 -7.18
N GLY G 153 -27.58 -40.70 -6.87
CA GLY G 153 -28.38 -41.68 -6.18
C GLY G 153 -28.31 -41.49 -4.67
N PRO G 154 -29.04 -42.32 -3.93
CA PRO G 154 -29.06 -42.25 -2.46
C PRO G 154 -27.71 -42.38 -1.78
N GLN G 155 -26.73 -43.01 -2.42
N GLN G 155 -26.72 -43.00 -2.44
CA GLN G 155 -25.40 -43.20 -1.86
CA GLN G 155 -25.37 -43.21 -1.92
C GLN G 155 -24.70 -41.88 -1.58
C GLN G 155 -24.70 -41.88 -1.58
N GLY G 156 -25.22 -40.77 -2.13
CA GLY G 156 -24.66 -39.46 -1.91
C GLY G 156 -25.20 -38.77 -0.65
N VAL G 157 -26.23 -39.35 -0.03
CA VAL G 157 -26.96 -38.70 1.08
C VAL G 157 -26.66 -39.46 2.35
N PHE G 158 -25.96 -38.78 3.28
CA PHE G 158 -25.47 -39.42 4.49
C PHE G 158 -26.21 -38.91 5.73
N PHE G 159 -26.38 -39.79 6.71
CA PHE G 159 -26.96 -39.40 7.99
C PHE G 159 -26.21 -40.05 9.15
N SER G 160 -26.14 -39.33 10.26
CA SER G 160 -25.92 -39.93 11.57
C SER G 160 -27.07 -39.50 12.45
N CYS G 161 -27.91 -40.42 12.82
CA CYS G 161 -29.17 -40.14 13.51
C CYS G 161 -29.32 -40.95 14.78
N PHE G 162 -29.96 -40.34 15.80
CA PHE G 162 -30.35 -41.11 16.96
C PHE G 162 -31.15 -42.33 16.51
N ASP G 163 -31.13 -43.37 17.32
CA ASP G 163 -32.08 -44.47 17.18
C ASP G 163 -32.69 -44.83 18.54
N HIS G 164 -32.49 -43.98 19.55
CA HIS G 164 -32.85 -44.21 20.93
C HIS G 164 -34.21 -43.65 21.28
N GLY G 165 -34.56 -43.83 22.56
CA GLY G 165 -35.75 -43.30 23.18
C GLY G 165 -35.51 -42.06 24.02
N GLY G 166 -36.52 -41.73 24.82
CA GLY G 166 -36.49 -40.50 25.59
C GLY G 166 -36.29 -39.24 24.76
N ALA G 167 -35.78 -38.18 25.41
CA ALA G 167 -35.53 -36.94 24.73
C ALA G 167 -34.58 -37.14 23.56
N GLY G 168 -35.01 -36.56 22.40
CA GLY G 168 -34.24 -36.73 21.21
C GLY G 168 -34.27 -38.16 20.68
N GLY G 169 -35.42 -38.80 20.89
CA GLY G 169 -35.72 -40.06 20.33
C GLY G 169 -37.20 -40.38 20.58
N GLY G 170 -37.47 -41.68 20.68
CA GLY G 170 -38.80 -42.17 20.91
C GLY G 170 -39.55 -42.62 19.66
N PHE G 171 -40.67 -43.33 19.91
CA PHE G 171 -41.31 -44.09 18.86
C PHE G 171 -41.78 -43.20 17.73
N GLU G 172 -42.25 -41.98 18.03
CA GLU G 172 -42.66 -41.02 16.99
C GLU G 172 -41.47 -40.62 16.14
N ASN G 173 -40.40 -40.20 16.85
CA ASN G 173 -39.22 -39.65 16.25
C ASN G 173 -38.37 -40.65 15.48
N THR G 174 -38.21 -41.88 15.99
CA THR G 174 -37.45 -42.88 15.24
C THR G 174 -38.23 -43.29 14.00
N TRP G 175 -39.56 -43.30 14.09
CA TRP G 175 -40.39 -43.63 12.92
C TRP G 175 -40.30 -42.54 11.87
N GLY G 176 -40.42 -41.27 12.29
CA GLY G 176 -40.41 -40.22 11.29
C GLY G 176 -39.08 -40.17 10.57
N THR G 177 -37.98 -40.16 11.33
CA THR G 177 -36.67 -40.18 10.71
C THR G 177 -36.43 -41.44 9.86
N GLY G 178 -36.80 -42.63 10.36
CA GLY G 178 -36.61 -43.86 9.64
C GLY G 178 -37.39 -43.91 8.32
N LYS G 179 -38.63 -43.50 8.36
CA LYS G 179 -39.44 -43.43 7.16
C LYS G 179 -38.77 -42.49 6.15
N LEU G 180 -38.32 -41.31 6.61
CA LEU G 180 -37.62 -40.41 5.70
C LEU G 180 -36.37 -41.02 5.11
N MET G 181 -35.44 -41.53 5.97
CA MET G 181 -34.18 -42.03 5.49
C MET G 181 -34.34 -43.27 4.62
N PHE G 182 -35.19 -44.21 5.08
CA PHE G 182 -35.16 -45.56 4.51
C PHE G 182 -36.24 -45.75 3.45
N SER G 183 -37.46 -45.23 3.68
CA SER G 183 -38.55 -45.51 2.75
C SER G 183 -38.59 -44.44 1.65
N ALA G 184 -38.23 -43.18 1.98
CA ALA G 184 -38.42 -42.04 1.08
C ALA G 184 -37.13 -41.76 0.33
N ILE G 185 -36.05 -41.37 1.03
CA ILE G 185 -34.77 -41.16 0.38
C ILE G 185 -34.19 -42.48 -0.08
N GLN G 186 -34.36 -43.50 0.76
CA GLN G 186 -33.84 -44.85 0.53
C GLN G 186 -32.34 -44.93 0.55
N THR G 187 -31.67 -44.20 1.46
CA THR G 187 -30.23 -44.21 1.58
C THR G 187 -29.76 -45.26 2.57
N PRO G 188 -28.72 -46.03 2.22
CA PRO G 188 -28.05 -46.94 3.15
C PRO G 188 -26.96 -46.27 3.94
N MET G 189 -26.70 -44.97 3.63
N MET G 189 -26.66 -44.98 3.59
CA MET G 189 -25.53 -44.32 4.17
CA MET G 189 -25.51 -44.31 4.18
C MET G 189 -25.90 -43.66 5.50
C MET G 189 -25.94 -43.65 5.49
N VAL G 190 -26.26 -44.51 6.46
CA VAL G 190 -26.81 -44.09 7.75
C VAL G 190 -26.05 -44.79 8.85
N ARG G 191 -25.57 -44.00 9.82
CA ARG G 191 -25.08 -44.56 11.07
C ARG G 191 -25.98 -44.10 12.19
N ILE G 192 -25.63 -44.56 13.38
CA ILE G 192 -26.44 -44.36 14.56
C ILE G 192 -25.66 -43.43 15.49
N HIS G 193 -26.37 -42.78 16.43
CA HIS G 193 -25.74 -41.75 17.26
C HIS G 193 -24.50 -42.29 17.96
N ASN G 194 -24.52 -43.60 18.33
CA ASN G 194 -23.46 -44.14 19.18
C ASN G 194 -22.57 -45.19 18.52
N ARG G 195 -22.79 -45.46 17.22
CA ARG G 195 -21.99 -46.46 16.52
C ARG G 195 -21.98 -46.12 15.04
N PRO G 196 -20.84 -46.37 14.37
CA PRO G 196 -20.61 -45.81 13.02
C PRO G 196 -21.11 -46.64 11.86
N ALA G 197 -22.08 -47.51 12.09
CA ALA G 197 -22.75 -48.26 11.05
C ALA G 197 -24.16 -48.55 11.51
N TYR G 198 -25.00 -49.10 10.61
CA TYR G 198 -26.37 -49.39 10.98
C TYR G 198 -26.43 -50.83 11.46
N ASN G 199 -26.31 -50.99 12.77
CA ASN G 199 -26.06 -52.30 13.33
C ASN G 199 -26.70 -52.36 14.71
N SER G 200 -26.64 -53.58 15.32
CA SER G 200 -27.18 -53.78 16.66
C SER G 200 -26.04 -53.85 17.66
N GLU G 201 -26.32 -53.44 18.90
CA GLU G 201 -25.34 -53.63 19.99
C GLU G 201 -25.32 -55.08 20.46
N CYS G 202 -26.38 -55.83 20.08
CA CYS G 202 -26.67 -57.11 20.69
C CYS G 202 -26.90 -58.16 19.63
N HIS G 203 -26.08 -58.16 18.58
CA HIS G 203 -26.32 -59.13 17.52
C HIS G 203 -26.28 -60.58 18.06
N ALA G 204 -25.21 -60.91 18.81
CA ALA G 204 -25.00 -62.29 19.26
C ALA G 204 -26.15 -62.75 20.14
N THR G 205 -26.53 -61.97 21.18
CA THR G 205 -27.60 -62.41 22.05
C THR G 205 -28.91 -62.58 21.26
N ARG G 206 -29.23 -61.63 20.38
CA ARG G 206 -30.45 -61.75 19.61
C ARG G 206 -30.41 -63.01 18.72
N GLU G 207 -29.28 -63.28 18.08
CA GLU G 207 -29.13 -64.43 17.21
C GLU G 207 -29.28 -65.77 17.96
N MET G 208 -28.85 -65.78 19.23
CA MET G 208 -28.96 -66.94 20.12
C MET G 208 -30.38 -67.13 20.62
N GLY G 209 -31.26 -66.14 20.42
CA GLY G 209 -32.64 -66.30 20.79
C GLY G 209 -33.10 -65.44 21.95
N ILE G 210 -32.18 -64.59 22.48
CA ILE G 210 -32.50 -63.84 23.71
C ILE G 210 -32.42 -62.34 23.48
N GLY G 211 -33.57 -61.71 23.43
CA GLY G 211 -33.64 -60.25 23.31
C GLY G 211 -33.01 -59.65 24.56
N GLU G 212 -32.38 -58.49 24.44
CA GLU G 212 -31.56 -58.03 25.56
C GLU G 212 -32.32 -57.37 26.71
N LEU G 213 -33.59 -57.07 26.56
CA LEU G 213 -34.41 -56.56 27.68
C LEU G 213 -35.45 -57.63 27.96
N ASN G 214 -35.07 -58.65 28.78
CA ASN G 214 -35.88 -59.85 28.88
C ASN G 214 -36.48 -60.04 30.26
N ASN G 215 -36.36 -59.05 31.16
CA ASN G 215 -36.88 -59.21 32.52
C ASN G 215 -37.60 -57.95 32.96
N ALA G 216 -37.96 -57.90 34.25
CA ALA G 216 -38.52 -56.76 34.89
C ALA G 216 -37.52 -56.21 35.90
N TYR G 217 -37.72 -54.94 36.30
CA TYR G 217 -36.87 -54.42 37.36
C TYR G 217 -37.17 -55.14 38.68
N GLU G 218 -38.39 -55.68 38.82
CA GLU G 218 -38.71 -56.52 39.97
C GLU G 218 -37.77 -57.72 40.07
N ASP G 219 -37.28 -58.24 38.94
CA ASP G 219 -36.37 -59.37 39.00
C ASP G 219 -35.13 -59.06 39.85
N ALA G 220 -34.62 -57.82 39.80
CA ALA G 220 -33.45 -57.51 40.59
C ALA G 220 -33.76 -57.62 42.07
N GLN G 221 -35.01 -57.48 42.44
CA GLN G 221 -35.45 -57.58 43.82
C GLN G 221 -35.57 -59.05 44.26
N LEU G 222 -35.76 -59.94 43.29
CA LEU G 222 -36.01 -61.36 43.59
C LEU G 222 -34.74 -62.20 43.48
N ALA G 223 -33.64 -61.65 42.96
CA ALA G 223 -32.42 -62.40 42.70
C ALA G 223 -31.74 -62.80 44.01
N ASP G 224 -31.07 -63.95 43.97
CA ASP G 224 -30.07 -64.28 44.97
C ASP G 224 -28.75 -63.56 44.71
N VAL G 225 -28.34 -63.46 43.45
CA VAL G 225 -27.11 -62.86 43.05
C VAL G 225 -27.35 -61.97 41.83
N ILE G 226 -26.69 -60.78 41.85
CA ILE G 226 -26.68 -59.95 40.66
C ILE G 226 -25.25 -59.81 40.16
N TRP G 227 -25.05 -60.04 38.86
CA TRP G 227 -23.82 -59.67 38.18
C TRP G 227 -24.02 -58.31 37.51
N SER G 228 -23.03 -57.45 37.68
CA SER G 228 -22.96 -56.20 36.87
C SER G 228 -21.67 -56.21 36.08
N ILE G 229 -21.83 -56.40 34.76
CA ILE G 229 -20.71 -56.71 33.87
C ILE G 229 -20.48 -55.52 32.94
N GLY G 230 -19.32 -54.90 33.05
CA GLY G 230 -19.06 -53.72 32.21
C GLY G 230 -20.07 -52.62 32.40
N ASN G 231 -20.27 -52.28 33.66
CA ASN G 231 -21.42 -51.51 34.11
C ASN G 231 -21.12 -50.80 35.42
N ASN G 232 -21.54 -49.52 35.52
CA ASN G 232 -21.33 -48.70 36.72
C ASN G 232 -22.69 -48.14 37.15
N PRO G 233 -23.60 -49.04 37.60
CA PRO G 233 -25.01 -48.67 37.68
C PRO G 233 -25.44 -47.61 38.67
N TYR G 234 -24.71 -47.41 39.78
CA TYR G 234 -25.06 -46.28 40.62
C TYR G 234 -24.94 -44.97 39.85
N GLU G 235 -23.92 -44.85 38.94
CA GLU G 235 -23.75 -43.64 38.19
C GLU G 235 -24.59 -43.64 36.91
N SER G 236 -24.79 -44.81 36.24
CA SER G 236 -25.36 -44.79 34.90
C SER G 236 -26.79 -45.33 34.82
N GLN G 237 -27.30 -45.99 35.86
CA GLN G 237 -28.72 -46.43 35.88
C GLN G 237 -29.25 -46.24 37.30
N THR G 238 -28.96 -45.07 37.84
CA THR G 238 -29.02 -44.75 39.26
C THR G 238 -30.22 -45.33 39.97
N ASN G 239 -31.44 -45.03 39.54
CA ASN G 239 -32.58 -45.34 40.35
C ASN G 239 -33.02 -46.81 40.19
N TYR G 240 -32.55 -47.52 39.18
CA TYR G 240 -32.72 -48.96 39.15
C TYR G 240 -31.87 -49.55 40.27
N PHE G 241 -30.61 -49.18 40.32
CA PHE G 241 -29.70 -49.57 41.37
C PHE G 241 -30.29 -49.20 42.74
N LEU G 242 -30.74 -47.95 42.90
CA LEU G 242 -31.22 -47.47 44.23
C LEU G 242 -32.55 -48.09 44.64
N ASN G 243 -33.47 -48.17 43.70
CA ASN G 243 -34.85 -48.55 44.02
C ASN G 243 -35.10 -50.06 43.98
N HIS G 244 -34.22 -50.81 43.33
CA HIS G 244 -34.47 -52.26 43.17
C HIS G 244 -33.28 -53.09 43.64
N TRP G 245 -32.04 -52.74 43.25
CA TRP G 245 -30.88 -53.56 43.65
C TRP G 245 -30.58 -53.41 45.14
N LEU G 246 -30.47 -52.16 45.63
N LEU G 246 -30.40 -52.15 45.57
CA LEU G 246 -30.02 -51.99 47.00
CA LEU G 246 -30.04 -51.85 46.97
C LEU G 246 -31.04 -52.53 48.00
C LEU G 246 -31.03 -52.47 47.96
N PRO G 247 -32.37 -52.36 47.82
CA PRO G 247 -33.31 -53.04 48.71
C PRO G 247 -33.10 -54.56 48.82
N ASN G 248 -32.73 -55.21 47.75
CA ASN G 248 -32.40 -56.62 47.78
C ASN G 248 -31.20 -56.83 48.71
N LEU G 249 -30.11 -56.09 48.44
CA LEU G 249 -28.88 -56.27 49.24
C LEU G 249 -29.16 -55.97 50.72
N GLN G 250 -30.10 -55.08 50.99
CA GLN G 250 -30.37 -54.67 52.37
C GLN G 250 -31.26 -55.67 53.11
N GLY G 251 -31.85 -56.66 52.42
CA GLY G 251 -32.71 -57.61 53.11
C GLY G 251 -34.17 -57.21 53.07
N ALA G 252 -34.54 -56.12 52.34
CA ALA G 252 -35.91 -55.64 52.37
C ALA G 252 -36.86 -56.48 51.52
N THR G 253 -36.33 -57.37 50.66
CA THR G 253 -37.17 -58.11 49.74
C THR G 253 -37.17 -59.61 50.08
N THR G 254 -36.52 -59.99 51.17
CA THR G 254 -36.44 -61.39 51.58
C THR G 254 -37.82 -61.98 51.80
N SER G 255 -38.73 -61.22 52.40
CA SER G 255 -40.05 -61.73 52.70
CA SER G 255 -40.06 -61.72 52.70
C SER G 255 -40.81 -61.96 51.41
N LYS G 256 -40.62 -61.09 50.40
CA LYS G 256 -41.24 -61.27 49.10
C LYS G 256 -40.77 -62.55 48.43
N LYS G 257 -39.45 -62.81 48.44
CA LYS G 257 -38.95 -64.02 47.84
C LYS G 257 -39.56 -65.26 48.52
N LYS G 258 -39.57 -65.25 49.86
CA LYS G 258 -40.05 -66.41 50.62
C LYS G 258 -41.56 -66.64 50.43
N GLU G 259 -42.33 -65.55 50.23
CA GLU G 259 -43.77 -65.66 49.99
C GLU G 259 -44.05 -66.19 48.60
N ARG G 260 -43.23 -65.79 47.61
CA ARG G 260 -43.40 -66.33 46.28
C ARG G 260 -42.98 -67.79 46.12
N PHE G 261 -41.95 -68.19 46.90
CA PHE G 261 -41.30 -69.48 46.73
C PHE G 261 -41.17 -70.13 48.13
N PRO G 262 -42.30 -70.63 48.66
CA PRO G 262 -42.35 -71.12 50.05
C PRO G 262 -41.41 -72.27 50.37
N ASN G 263 -40.89 -73.01 49.39
CA ASN G 263 -40.05 -74.19 49.66
C ASN G 263 -38.59 -73.99 49.21
N GLU G 264 -38.17 -72.70 49.16
CA GLU G 264 -36.87 -72.34 48.62
C GLU G 264 -36.08 -71.48 49.62
N ASN G 265 -34.81 -71.83 49.84
CA ASN G 265 -33.96 -71.01 50.66
C ASN G 265 -33.56 -69.74 49.91
N PHE G 266 -33.45 -68.66 50.64
CA PHE G 266 -32.96 -67.39 50.10
C PHE G 266 -31.85 -66.88 51.01
N PRO G 267 -30.56 -67.09 50.66
CA PRO G 267 -29.47 -66.53 51.45
C PRO G 267 -29.49 -65.02 51.29
N GLN G 268 -28.66 -64.37 52.07
CA GLN G 268 -28.48 -62.93 51.83
C GLN G 268 -28.01 -62.76 50.39
N ALA G 269 -28.51 -61.70 49.79
CA ALA G 269 -28.20 -61.43 48.37
C ALA G 269 -26.76 -60.98 48.22
N ARG G 270 -26.13 -61.38 47.12
CA ARG G 270 -24.75 -61.02 46.84
C ARG G 270 -24.63 -60.41 45.47
N ILE G 271 -23.52 -59.69 45.24
N ILE G 271 -23.55 -59.65 45.26
CA ILE G 271 -23.33 -58.95 43.99
CA ILE G 271 -23.34 -58.90 44.01
C ILE G 271 -21.88 -59.07 43.52
C ILE G 271 -21.89 -59.06 43.51
N ILE G 272 -21.76 -59.21 42.20
CA ILE G 272 -20.50 -59.49 41.55
C ILE G 272 -20.31 -58.49 40.42
N PHE G 273 -19.20 -57.74 40.45
CA PHE G 273 -18.90 -56.81 39.40
C PHE G 273 -17.75 -57.33 38.54
N VAL G 274 -17.94 -57.28 37.25
CA VAL G 274 -16.87 -57.56 36.31
C VAL G 274 -16.47 -56.22 35.65
N ASP G 275 -15.38 -55.68 36.06
CA ASP G 275 -15.00 -54.33 35.62
C ASP G 275 -13.52 -54.20 35.94
N PRO G 276 -12.63 -53.85 34.98
CA PRO G 276 -11.23 -53.62 35.33
C PRO G 276 -11.04 -52.58 36.40
N ARG G 277 -12.00 -51.66 36.51
CA ARG G 277 -11.86 -50.48 37.35
C ARG G 277 -12.79 -50.64 38.54
N ASP G 278 -12.30 -50.23 39.71
CA ASP G 278 -13.14 -50.12 40.90
C ASP G 278 -13.91 -48.84 40.83
N THR G 279 -15.25 -48.92 40.99
CA THR G 279 -16.11 -47.78 40.75
C THR G 279 -16.88 -47.39 42.00
N PRO G 280 -17.51 -46.22 41.94
CA PRO G 280 -18.54 -45.86 42.92
C PRO G 280 -19.57 -46.98 43.20
N SER G 281 -19.95 -47.73 42.18
CA SER G 281 -20.94 -48.77 42.36
C SER G 281 -20.39 -49.86 43.29
N VAL G 282 -19.16 -50.31 43.04
CA VAL G 282 -18.49 -51.27 43.95
C VAL G 282 -18.39 -50.73 45.37
N ALA G 283 -17.95 -49.45 45.53
CA ALA G 283 -17.83 -48.87 46.84
C ALA G 283 -19.16 -48.92 47.59
N ILE G 284 -20.27 -48.60 46.91
CA ILE G 284 -21.52 -48.49 47.62
C ILE G 284 -22.01 -49.92 47.94
N ALA G 285 -21.87 -50.84 47.02
CA ALA G 285 -22.28 -52.24 47.27
C ALA G 285 -21.55 -52.77 48.53
N ARG G 286 -20.24 -52.44 48.64
CA ARG G 286 -19.48 -52.90 49.81
C ARG G 286 -19.99 -52.22 51.07
N HIS G 287 -20.31 -50.93 50.97
CA HIS G 287 -20.86 -50.23 52.11
C HIS G 287 -22.15 -50.85 52.62
N VAL G 288 -23.05 -51.19 51.69
CA VAL G 288 -24.37 -51.64 52.04
C VAL G 288 -24.35 -53.09 52.46
N ALA G 289 -23.64 -53.94 51.71
CA ALA G 289 -23.80 -55.40 51.90
C ALA G 289 -22.65 -55.98 52.71
N GLY G 290 -21.57 -55.23 52.84
CA GLY G 290 -20.32 -55.69 53.43
C GLY G 290 -19.38 -56.28 52.40
N ASN G 291 -18.07 -56.26 52.71
CA ASN G 291 -17.09 -56.78 51.78
C ASN G 291 -17.37 -58.25 51.38
N ASP G 292 -17.83 -59.04 52.36
CA ASP G 292 -17.96 -60.49 52.14
C ASP G 292 -19.12 -60.91 51.21
N ARG G 293 -20.00 -59.96 50.81
CA ARG G 293 -21.13 -60.22 49.94
C ARG G 293 -20.87 -59.68 48.53
N VAL G 294 -19.74 -58.99 48.35
CA VAL G 294 -19.42 -58.35 47.10
C VAL G 294 -18.15 -58.99 46.54
N LEU G 295 -18.15 -59.38 45.25
CA LEU G 295 -16.89 -59.72 44.56
C LEU G 295 -16.67 -58.72 43.43
N HIS G 296 -15.51 -58.07 43.46
CA HIS G 296 -15.03 -57.31 42.33
C HIS G 296 -14.01 -58.08 41.53
N LEU G 297 -14.43 -58.59 40.37
N LEU G 297 -14.43 -58.67 40.42
CA LEU G 297 -13.55 -59.31 39.46
CA LEU G 297 -13.52 -59.32 39.51
C LEU G 297 -12.90 -58.24 38.58
C LEU G 297 -12.91 -58.25 38.63
N ALA G 298 -11.72 -57.82 39.05
CA ALA G 298 -11.04 -56.67 38.47
C ALA G 298 -10.16 -57.15 37.32
N ILE G 299 -10.85 -57.63 36.28
CA ILE G 299 -10.23 -58.19 35.11
C ILE G 299 -9.23 -57.26 34.43
N GLU G 300 -8.26 -57.85 33.75
CA GLU G 300 -7.46 -57.13 32.80
C GLU G 300 -8.37 -56.62 31.70
N PRO G 301 -8.16 -55.38 31.20
CA PRO G 301 -8.99 -54.90 30.12
C PRO G 301 -9.09 -55.89 28.98
N GLY G 302 -10.30 -56.08 28.51
CA GLY G 302 -10.59 -56.80 27.30
C GLY G 302 -10.60 -58.30 27.47
N THR G 303 -10.59 -58.80 28.70
CA THR G 303 -10.49 -60.25 28.91
C THR G 303 -11.80 -60.92 29.30
N ASP G 304 -12.94 -60.24 29.14
CA ASP G 304 -14.27 -60.78 29.44
C ASP G 304 -14.49 -62.16 28.83
N THR G 305 -14.16 -62.37 27.56
CA THR G 305 -14.44 -63.64 26.95
C THR G 305 -13.70 -64.76 27.71
N ALA G 306 -12.44 -64.54 28.04
CA ALA G 306 -11.70 -65.56 28.82
C ALA G 306 -12.37 -65.84 30.15
N LEU G 307 -12.79 -64.77 30.84
CA LEU G 307 -13.52 -64.94 32.08
C LEU G 307 -14.74 -65.85 31.89
N PHE G 308 -15.64 -65.55 30.94
CA PHE G 308 -16.87 -66.30 30.85
C PHE G 308 -16.58 -67.73 30.39
N ASN G 309 -15.62 -67.93 29.50
CA ASN G 309 -15.34 -69.28 29.07
C ASN G 309 -14.79 -70.10 30.24
N GLY G 310 -13.96 -69.52 31.12
CA GLY G 310 -13.49 -70.21 32.29
C GLY G 310 -14.61 -70.59 33.23
N LEU G 311 -15.55 -69.65 33.42
CA LEU G 311 -16.67 -69.89 34.32
C LEU G 311 -17.59 -70.99 33.74
N PHE G 312 -17.87 -70.88 32.45
CA PHE G 312 -18.70 -71.86 31.77
C PHE G 312 -18.06 -73.26 31.86
N THR G 313 -16.76 -73.32 31.57
CA THR G 313 -16.04 -74.60 31.64
C THR G 313 -16.18 -75.21 33.04
N TYR G 314 -15.98 -74.39 34.08
CA TYR G 314 -16.04 -74.81 35.47
C TYR G 314 -17.43 -75.27 35.89
N VAL G 315 -18.47 -74.50 35.58
CA VAL G 315 -19.82 -74.91 35.94
C VAL G 315 -20.19 -76.24 35.27
N VAL G 316 -19.73 -76.45 34.03
CA VAL G 316 -20.07 -77.70 33.36
C VAL G 316 -19.33 -78.85 34.07
N GLU G 317 -18.06 -78.63 34.41
CA GLU G 317 -17.28 -79.65 35.10
C GLU G 317 -17.88 -79.97 36.46
N GLN G 318 -18.45 -79.00 37.16
CA GLN G 318 -19.05 -79.22 38.46
C GLN G 318 -20.46 -79.80 38.37
N GLY G 319 -21.07 -79.78 37.18
CA GLY G 319 -22.44 -80.13 36.98
C GLY G 319 -23.42 -79.09 37.53
N TRP G 320 -22.94 -77.83 37.69
CA TRP G 320 -23.80 -76.74 38.18
C TRP G 320 -24.50 -76.08 37.00
N ILE G 321 -25.27 -76.91 36.29
CA ILE G 321 -26.02 -76.55 35.11
C ILE G 321 -27.38 -77.24 35.23
N ASP G 322 -28.27 -76.89 34.30
CA ASP G 322 -29.62 -77.37 34.27
C ASP G 322 -29.78 -78.29 33.07
N LYS G 323 -29.40 -79.57 33.28
CA LYS G 323 -29.35 -80.51 32.18
C LYS G 323 -30.72 -80.68 31.52
N PRO G 324 -31.84 -80.81 32.26
CA PRO G 324 -33.14 -80.93 31.59
C PRO G 324 -33.50 -79.70 30.73
N PHE G 325 -33.16 -78.48 31.23
CA PHE G 325 -33.39 -77.27 30.43
C PHE G 325 -32.61 -77.32 29.15
N ILE G 326 -31.33 -77.67 29.26
CA ILE G 326 -30.44 -77.77 28.11
C ILE G 326 -31.03 -78.74 27.07
N GLU G 327 -31.44 -79.90 27.58
CA GLU G 327 -31.93 -80.95 26.70
C GLU G 327 -33.17 -80.46 25.95
N ALA G 328 -34.09 -79.79 26.65
CA ALA G 328 -35.42 -79.51 26.13
C ALA G 328 -35.44 -78.22 25.30
N HIS G 329 -34.55 -77.23 25.63
CA HIS G 329 -34.80 -75.86 25.19
C HIS G 329 -33.60 -75.20 24.51
N THR G 330 -32.54 -75.96 24.22
CA THR G 330 -31.31 -75.40 23.68
C THR G 330 -30.73 -76.28 22.60
N LYS G 331 -29.90 -75.69 21.79
CA LYS G 331 -29.06 -76.37 20.83
C LYS G 331 -27.62 -75.88 20.95
N GLY G 332 -26.65 -76.77 20.64
CA GLY G 332 -25.26 -76.39 20.51
C GLY G 332 -24.41 -76.53 21.78
N PHE G 333 -24.95 -77.06 22.87
CA PHE G 333 -24.25 -77.15 24.15
C PHE G 333 -22.94 -77.94 24.02
N ASP G 334 -22.98 -79.16 23.47
CA ASP G 334 -21.77 -79.99 23.45
C ASP G 334 -20.65 -79.34 22.68
N ASP G 335 -21.00 -78.67 21.58
CA ASP G 335 -20.04 -77.98 20.75
C ASP G 335 -19.41 -76.83 21.52
N ALA G 336 -20.23 -76.13 22.31
CA ALA G 336 -19.72 -74.93 23.00
C ALA G 336 -18.78 -75.38 24.12
N VAL G 337 -19.12 -76.47 24.80
CA VAL G 337 -18.23 -77.04 25.81
C VAL G 337 -16.85 -77.29 25.22
N LYS G 338 -16.78 -77.82 24.01
CA LYS G 338 -15.50 -78.07 23.39
C LYS G 338 -14.78 -76.80 22.95
N THR G 339 -15.49 -75.90 22.27
CA THR G 339 -14.85 -74.71 21.69
C THR G 339 -14.43 -73.73 22.77
N ASN G 340 -15.16 -73.70 23.89
CA ASN G 340 -14.95 -72.65 24.88
C ASN G 340 -14.17 -73.16 26.10
N ARG G 341 -13.60 -74.36 26.02
CA ARG G 341 -12.87 -74.94 27.11
C ARG G 341 -11.71 -74.04 27.53
N LEU G 342 -11.66 -73.73 28.83
CA LEU G 342 -10.56 -73.02 29.42
C LEU G 342 -10.49 -73.36 30.88
N SER G 343 -9.32 -73.78 31.34
CA SER G 343 -9.13 -74.20 32.72
C SER G 343 -9.17 -72.96 33.59
N LEU G 344 -9.43 -73.17 34.89
CA LEU G 344 -9.40 -72.06 35.83
C LEU G 344 -8.00 -71.41 35.88
N ASP G 345 -6.93 -72.23 35.84
CA ASP G 345 -5.59 -71.72 35.83
C ASP G 345 -5.35 -70.79 34.65
N GLU G 346 -5.80 -71.20 33.45
CA GLU G 346 -5.54 -70.43 32.24
C GLU G 346 -6.41 -69.17 32.29
N CYS G 347 -7.63 -69.31 32.81
CA CYS G 347 -8.55 -68.18 32.94
C CYS G 347 -7.97 -67.14 33.90
N SER G 348 -7.46 -67.61 35.03
CA SER G 348 -6.79 -66.78 36.01
C SER G 348 -5.59 -66.04 35.42
N ASN G 349 -4.73 -66.77 34.69
CA ASN G 349 -3.57 -66.18 34.08
C ASN G 349 -3.95 -65.07 33.08
N ILE G 350 -5.00 -65.29 32.28
CA ILE G 350 -5.38 -64.30 31.28
C ILE G 350 -6.03 -63.07 31.94
N THR G 351 -6.98 -63.31 32.84
CA THR G 351 -7.85 -62.26 33.36
C THR G 351 -7.16 -61.54 34.51
N GLY G 352 -6.21 -62.21 35.19
CA GLY G 352 -5.61 -61.66 36.41
C GLY G 352 -6.46 -61.94 37.66
N VAL G 353 -7.63 -62.55 37.54
CA VAL G 353 -8.47 -62.81 38.68
C VAL G 353 -7.97 -64.09 39.36
N PRO G 354 -7.77 -64.11 40.69
CA PRO G 354 -7.36 -65.34 41.41
C PRO G 354 -8.35 -66.49 41.24
N VAL G 355 -7.80 -67.67 41.13
CA VAL G 355 -8.61 -68.87 40.98
C VAL G 355 -9.66 -68.96 42.07
N ASP G 356 -9.32 -68.67 43.29
CA ASP G 356 -10.28 -68.75 44.38
C ASP G 356 -11.45 -67.79 44.21
N MET G 357 -11.20 -66.60 43.64
N MET G 357 -11.21 -66.55 43.74
CA MET G 357 -12.30 -65.67 43.40
CA MET G 357 -12.31 -65.64 43.42
C MET G 357 -13.20 -66.18 42.26
C MET G 357 -13.20 -66.16 42.28
N LEU G 358 -12.61 -66.77 41.23
CA LEU G 358 -13.39 -67.38 40.16
C LEU G 358 -14.30 -68.48 40.71
N LYS G 359 -13.71 -69.35 41.56
CA LYS G 359 -14.51 -70.43 42.13
C LYS G 359 -15.60 -69.88 43.05
N ARG G 360 -15.34 -68.82 43.82
CA ARG G 360 -16.32 -68.26 44.72
C ARG G 360 -17.47 -67.68 43.89
N ALA G 361 -17.14 -66.92 42.81
CA ALA G 361 -18.18 -66.32 41.98
C ALA G 361 -19.10 -67.43 41.49
N ALA G 362 -18.56 -68.56 41.05
CA ALA G 362 -19.34 -69.63 40.46
C ALA G 362 -20.17 -70.35 41.54
N GLU G 363 -19.60 -70.49 42.73
CA GLU G 363 -20.33 -71.13 43.83
C GLU G 363 -21.53 -70.30 44.31
N TRP G 364 -21.30 -68.99 44.50
CA TRP G 364 -22.42 -68.13 44.87
C TRP G 364 -23.55 -68.20 43.83
N SER G 365 -23.15 -68.21 42.55
CA SER G 365 -24.08 -67.91 41.46
C SER G 365 -24.81 -69.13 40.93
N TYR G 366 -24.12 -70.31 40.94
CA TYR G 366 -24.59 -71.45 40.15
C TYR G 366 -24.69 -72.77 40.94
N LYS G 367 -24.00 -72.90 42.06
CA LYS G 367 -24.14 -74.16 42.84
C LYS G 367 -25.55 -74.23 43.41
N PRO G 368 -26.29 -75.37 43.27
CA PRO G 368 -27.60 -75.43 43.89
C PRO G 368 -27.62 -75.12 45.37
N LYS G 369 -28.72 -74.45 45.74
CA LYS G 369 -29.02 -74.10 47.10
C LYS G 369 -29.32 -75.40 47.88
N ALA G 370 -29.33 -75.29 49.20
CA ALA G 370 -29.59 -76.42 50.11
C ALA G 370 -30.97 -77.03 49.84
N SER G 371 -31.95 -76.19 49.48
CA SER G 371 -33.30 -76.65 49.19
C SER G 371 -33.43 -77.25 47.80
N GLY G 372 -32.38 -77.20 46.98
CA GLY G 372 -32.36 -77.93 45.72
C GLY G 372 -32.35 -77.08 44.46
N GLN G 373 -32.84 -75.86 44.56
CA GLN G 373 -33.01 -75.03 43.37
C GLN G 373 -31.69 -74.30 43.09
N ALA G 374 -31.44 -74.02 41.81
CA ALA G 374 -30.32 -73.19 41.46
C ALA G 374 -30.53 -71.78 41.98
N PRO G 375 -29.46 -71.04 42.34
CA PRO G 375 -29.60 -69.61 42.67
C PRO G 375 -30.24 -68.88 41.51
N ARG G 376 -31.03 -67.86 41.84
CA ARG G 376 -31.58 -66.95 40.82
C ARG G 376 -30.56 -65.83 40.59
N THR G 377 -29.83 -65.92 39.48
CA THR G 377 -28.73 -65.01 39.25
C THR G 377 -29.09 -64.17 38.04
N MET G 378 -29.20 -62.86 38.28
CA MET G 378 -29.51 -61.91 37.22
C MET G 378 -28.19 -61.39 36.70
N HIS G 379 -27.95 -61.51 35.38
CA HIS G 379 -26.73 -61.09 34.75
C HIS G 379 -26.99 -59.81 33.97
N ALA G 380 -26.46 -58.70 34.47
CA ALA G 380 -26.70 -57.40 33.87
C ALA G 380 -25.37 -56.92 33.24
N TYR G 381 -25.41 -56.36 32.01
CA TYR G 381 -24.20 -55.92 31.34
C TYR G 381 -24.46 -54.63 30.57
N GLU G 382 -23.38 -53.82 30.33
CA GLU G 382 -23.54 -52.59 29.54
C GLU G 382 -22.28 -52.33 28.74
N LYS G 383 -21.79 -51.08 28.65
CA LYS G 383 -20.83 -50.74 27.63
C LYS G 383 -19.43 -51.25 27.88
N GLY G 384 -19.07 -51.66 29.08
CA GLY G 384 -17.76 -52.25 29.28
C GLY G 384 -17.55 -53.53 28.48
N ILE G 385 -18.64 -54.25 28.12
CA ILE G 385 -18.54 -55.32 27.12
C ILE G 385 -19.18 -54.96 25.79
N ILE G 386 -20.23 -54.16 25.74
CA ILE G 386 -20.80 -53.80 24.45
C ILE G 386 -19.78 -53.02 23.62
N TRP G 387 -19.01 -52.10 24.25
CA TRP G 387 -17.90 -51.41 23.61
C TRP G 387 -16.58 -52.08 24.01
N GLY G 388 -16.63 -53.39 24.28
CA GLY G 388 -15.47 -54.13 24.75
C GLY G 388 -14.70 -54.78 23.61
N ASN G 389 -13.83 -55.73 24.02
CA ASN G 389 -12.98 -56.44 23.08
C ASN G 389 -13.81 -57.50 22.33
N ASP G 390 -14.38 -57.12 21.22
CA ASP G 390 -15.11 -57.94 20.29
C ASP G 390 -16.49 -58.23 20.88
N ASN G 391 -17.40 -57.26 20.66
CA ASN G 391 -18.75 -57.27 21.18
C ASN G 391 -19.40 -58.68 20.98
N TYR G 392 -19.35 -59.16 19.75
CA TYR G 392 -20.06 -60.38 19.36
C TYR G 392 -19.55 -61.57 20.17
N VAL G 393 -18.23 -61.67 20.30
CA VAL G 393 -17.65 -62.80 20.98
C VAL G 393 -17.93 -62.75 22.48
N ILE G 394 -17.87 -61.58 23.13
CA ILE G 394 -18.09 -61.54 24.58
C ILE G 394 -19.53 -61.98 24.88
N GLN G 395 -20.48 -61.48 24.08
CA GLN G 395 -21.86 -61.84 24.35
C GLN G 395 -22.10 -63.34 24.13
N SER G 396 -21.44 -63.90 23.11
CA SER G 396 -21.49 -65.33 22.86
C SER G 396 -21.07 -66.09 24.14
N ALA G 397 -19.94 -65.72 24.71
CA ALA G 397 -19.38 -66.39 25.87
C ALA G 397 -20.31 -66.26 27.09
N LEU G 398 -20.80 -65.03 27.33
CA LEU G 398 -21.63 -64.78 28.50
C LEU G 398 -22.95 -65.55 28.40
N LEU G 399 -23.63 -65.40 27.25
CA LEU G 399 -24.91 -66.05 27.09
C LEU G 399 -24.77 -67.57 27.23
N ASP G 400 -23.66 -68.14 26.79
CA ASP G 400 -23.46 -69.58 26.94
C ASP G 400 -23.60 -69.94 28.42
N LEU G 401 -22.89 -69.16 29.30
CA LEU G 401 -22.94 -69.45 30.72
C LEU G 401 -24.34 -69.29 31.30
N VAL G 402 -25.07 -68.24 30.87
CA VAL G 402 -26.43 -68.00 31.31
C VAL G 402 -27.42 -69.12 30.89
N ILE G 403 -27.37 -69.51 29.63
CA ILE G 403 -28.29 -70.50 29.10
C ILE G 403 -28.05 -71.83 29.83
N ALA G 404 -26.78 -72.23 29.98
CA ALA G 404 -26.49 -73.52 30.61
C ALA G 404 -26.97 -73.56 32.06
N THR G 405 -26.99 -72.40 32.73
CA THR G 405 -27.42 -72.32 34.11
C THR G 405 -28.87 -71.84 34.24
N HIS G 406 -29.60 -71.76 33.13
CA HIS G 406 -31.01 -71.44 33.18
C HIS G 406 -31.29 -70.15 33.89
N ASN G 407 -30.47 -69.13 33.60
CA ASN G 407 -30.67 -67.83 34.20
C ASN G 407 -31.33 -66.81 33.25
N VAL G 408 -32.22 -67.31 32.39
N VAL G 408 -32.25 -67.31 32.42
CA VAL G 408 -33.23 -66.52 31.69
CA VAL G 408 -33.20 -66.50 31.71
C VAL G 408 -34.55 -67.23 31.89
C VAL G 408 -34.54 -67.22 31.91
N GLY G 409 -35.63 -66.46 32.06
CA GLY G 409 -36.96 -67.07 32.11
C GLY G 409 -37.44 -67.42 33.51
N ARG G 410 -36.53 -67.51 34.51
CA ARG G 410 -36.95 -67.67 35.89
CA ARG G 410 -37.00 -67.67 35.89
C ARG G 410 -37.00 -66.30 36.58
N ARG G 411 -37.97 -66.09 37.45
CA ARG G 411 -38.00 -64.86 38.17
C ARG G 411 -36.74 -64.68 39.02
N GLY G 412 -36.29 -63.40 39.13
CA GLY G 412 -35.03 -63.13 39.81
C GLY G 412 -33.81 -63.42 38.93
N THR G 413 -34.01 -63.63 37.64
CA THR G 413 -32.92 -63.93 36.69
C THR G 413 -32.99 -62.98 35.51
N GLY G 414 -32.30 -63.35 34.44
CA GLY G 414 -32.24 -62.56 33.24
C GLY G 414 -30.79 -62.44 32.81
N CYS G 415 -30.57 -62.23 31.53
CA CYS G 415 -29.29 -61.77 31.06
C CYS G 415 -29.57 -60.55 30.19
N VAL G 416 -29.36 -59.34 30.77
CA VAL G 416 -30.02 -58.16 30.24
C VAL G 416 -28.97 -57.06 30.08
N ARG G 417 -29.19 -56.26 29.03
CA ARG G 417 -28.60 -54.93 29.02
C ARG G 417 -29.18 -54.12 30.18
N MET G 418 -28.34 -53.23 30.74
CA MET G 418 -28.76 -52.19 31.64
C MET G 418 -29.30 -50.97 30.87
N GLY G 419 -28.87 -50.82 29.62
CA GLY G 419 -29.38 -49.77 28.78
C GLY G 419 -28.61 -48.48 28.99
N GLY G 420 -28.85 -47.54 28.04
CA GLY G 420 -28.20 -46.24 28.06
C GLY G 420 -29.21 -45.12 28.13
N HIS G 421 -29.68 -44.74 26.95
CA HIS G 421 -30.91 -43.96 26.87
C HIS G 421 -32.09 -44.91 27.03
N GLN G 422 -33.26 -44.36 27.24
CA GLN G 422 -34.50 -45.10 27.00
C GLN G 422 -34.51 -45.60 25.57
N GLU G 423 -35.50 -46.48 25.28
CA GLU G 423 -35.65 -47.06 23.96
C GLU G 423 -36.98 -46.64 23.38
N GLY G 424 -37.02 -46.63 22.07
CA GLY G 424 -38.22 -46.22 21.39
C GLY G 424 -38.08 -46.36 19.91
N TYR G 425 -37.81 -47.57 19.48
CA TYR G 425 -37.49 -47.83 18.09
C TYR G 425 -38.68 -48.39 17.32
N THR G 426 -39.05 -47.66 16.26
CA THR G 426 -39.99 -48.16 15.24
C THR G 426 -39.52 -47.59 13.89
N ARG G 427 -39.00 -48.46 13.01
CA ARG G 427 -38.52 -48.02 11.72
C ARG G 427 -38.79 -49.05 10.62
N PRO G 428 -38.76 -48.60 9.35
CA PRO G 428 -38.69 -49.51 8.21
C PRO G 428 -37.39 -50.25 8.28
N PRO G 429 -37.27 -51.44 7.62
CA PRO G 429 -35.97 -52.09 7.50
C PRO G 429 -34.89 -51.20 6.87
N TYR G 430 -33.68 -51.40 7.34
CA TYR G 430 -32.52 -50.77 6.75
C TYR G 430 -32.37 -51.22 5.30
N PRO G 431 -32.22 -50.29 4.32
CA PRO G 431 -32.30 -50.62 2.91
C PRO G 431 -31.03 -51.01 2.21
N GLY G 432 -30.21 -51.81 2.85
CA GLY G 432 -29.28 -52.61 2.06
C GLY G 432 -28.87 -53.85 2.83
N ASP G 433 -27.86 -54.55 2.34
CA ASP G 433 -27.31 -55.68 3.06
C ASP G 433 -25.80 -55.50 3.23
N LYS G 434 -25.26 -54.28 3.13
CA LYS G 434 -23.83 -54.06 3.26
C LYS G 434 -23.59 -53.45 4.62
N LYS G 435 -22.43 -53.75 5.22
CA LYS G 435 -22.03 -53.12 6.48
C LYS G 435 -21.18 -51.92 6.12
N ILE G 436 -21.64 -50.69 6.41
CA ILE G 436 -20.89 -49.53 5.93
C ILE G 436 -20.42 -48.65 7.09
N TYR G 437 -19.10 -48.49 7.19
CA TYR G 437 -18.46 -47.69 8.22
C TYR G 437 -18.49 -46.22 7.81
N ILE G 438 -19.50 -45.52 8.31
CA ILE G 438 -19.86 -44.22 7.77
C ILE G 438 -18.76 -43.20 8.00
N ASP G 439 -18.17 -43.16 9.19
CA ASP G 439 -17.16 -42.15 9.44
C ASP G 439 -15.99 -42.36 8.47
N GLN G 440 -15.58 -43.64 8.24
CA GLN G 440 -14.49 -43.88 7.33
C GLN G 440 -14.82 -43.42 5.91
N GLU G 441 -16.05 -43.60 5.45
CA GLU G 441 -16.46 -43.18 4.12
C GLU G 441 -16.41 -41.65 4.00
N LEU G 442 -16.88 -40.95 5.05
CA LEU G 442 -16.82 -39.50 5.07
C LEU G 442 -15.37 -39.02 5.05
N ILE G 443 -14.53 -39.67 5.87
CA ILE G 443 -13.11 -39.32 5.92
C ILE G 443 -12.44 -39.54 4.55
N LYS G 444 -12.90 -40.53 3.81
CA LYS G 444 -12.33 -40.83 2.49
C LYS G 444 -12.89 -39.92 1.41
N GLY G 445 -13.88 -39.09 1.72
CA GLY G 445 -14.38 -38.11 0.77
C GLY G 445 -15.73 -38.44 0.15
N LYS G 446 -16.44 -39.48 0.65
CA LYS G 446 -17.72 -39.83 0.07
C LYS G 446 -18.84 -38.95 0.62
N GLY G 447 -19.91 -38.85 -0.18
CA GLY G 447 -21.11 -38.17 0.24
C GLY G 447 -21.10 -36.71 -0.26
N ARG G 448 -22.30 -36.21 -0.53
CA ARG G 448 -22.50 -34.80 -0.90
C ARG G 448 -23.08 -34.00 0.28
N ILE G 449 -23.89 -34.64 1.09
CA ILE G 449 -24.60 -34.01 2.18
C ILE G 449 -24.61 -34.99 3.36
N MET G 450 -24.28 -34.44 4.53
CA MET G 450 -24.26 -35.16 5.78
C MET G 450 -25.19 -34.43 6.74
N THR G 451 -26.12 -35.18 7.38
CA THR G 451 -26.95 -34.64 8.43
C THR G 451 -26.64 -35.33 9.75
N TRP G 452 -26.26 -34.55 10.75
CA TRP G 452 -26.24 -35.01 12.15
C TRP G 452 -27.58 -34.67 12.75
N TRP G 453 -28.29 -35.68 13.25
CA TRP G 453 -29.67 -35.53 13.68
C TRP G 453 -29.78 -36.01 15.11
N GLY G 454 -29.77 -35.09 16.08
CA GLY G 454 -29.87 -35.52 17.48
C GLY G 454 -28.65 -36.27 17.99
N CYS G 455 -27.46 -35.95 17.43
CA CYS G 455 -26.21 -36.49 17.93
C CYS G 455 -25.10 -35.49 17.60
N ASN G 456 -23.94 -35.77 18.19
CA ASN G 456 -22.80 -34.85 18.10
C ASN G 456 -21.54 -35.69 18.05
N ASN G 457 -21.23 -36.24 16.85
CA ASN G 457 -20.12 -37.18 16.73
C ASN G 457 -18.75 -36.48 16.78
N PHE G 458 -18.75 -35.14 16.72
CA PHE G 458 -17.54 -34.39 17.00
C PHE G 458 -17.01 -34.73 18.40
N GLN G 459 -17.94 -34.92 19.35
CA GLN G 459 -17.62 -35.26 20.71
C GLN G 459 -17.63 -36.78 20.98
N THR G 460 -18.34 -37.59 20.14
CA THR G 460 -18.64 -38.96 20.54
C THR G 460 -18.22 -40.06 19.58
N SER G 461 -17.74 -39.76 18.38
CA SER G 461 -17.24 -40.81 17.53
C SER G 461 -16.00 -41.46 18.13
N ASN G 462 -15.77 -42.71 17.72
CA ASN G 462 -14.45 -43.28 17.92
C ASN G 462 -13.52 -42.65 16.88
N ASN G 463 -12.23 -42.55 17.24
CA ASN G 463 -11.25 -41.95 16.35
C ASN G 463 -11.73 -40.54 15.98
N ALA G 464 -12.21 -39.80 16.98
CA ALA G 464 -13.01 -38.59 16.74
C ALA G 464 -12.20 -37.46 16.09
N GLN G 465 -10.89 -37.40 16.36
CA GLN G 465 -10.05 -36.32 15.86
C GLN G 465 -9.94 -36.40 14.35
N ALA G 466 -9.77 -37.67 13.85
CA ALA G 466 -9.71 -37.85 12.40
C ALA G 466 -11.01 -37.44 11.72
N LEU G 467 -12.14 -37.68 12.40
CA LEU G 467 -13.44 -37.32 11.89
C LEU G 467 -13.52 -35.80 11.82
N ARG G 468 -13.25 -35.13 12.93
CA ARG G 468 -13.34 -33.66 12.95
C ARG G 468 -12.46 -33.05 11.88
N GLU G 469 -11.22 -33.52 11.78
CA GLU G 469 -10.29 -32.97 10.80
C GLU G 469 -10.85 -33.04 9.40
N ALA G 470 -11.36 -34.22 9.03
CA ALA G 470 -11.96 -34.37 7.71
C ALA G 470 -13.20 -33.49 7.50
N ILE G 471 -14.13 -33.48 8.45
CA ILE G 471 -15.35 -32.76 8.27
C ILE G 471 -15.09 -31.24 8.23
N LEU G 472 -14.17 -30.75 9.06
CA LEU G 472 -13.84 -29.34 9.01
C LEU G 472 -13.26 -29.00 7.63
N GLN G 473 -12.38 -29.87 7.13
CA GLN G 473 -11.77 -29.59 5.83
C GLN G 473 -12.80 -29.53 4.71
N ARG G 474 -13.65 -30.56 4.63
CA ARG G 474 -14.64 -30.65 3.57
C ARG G 474 -15.70 -29.56 3.70
N SER G 475 -16.10 -29.22 4.94
CA SER G 475 -17.04 -28.14 5.14
C SER G 475 -16.47 -26.80 4.61
N ALA G 476 -15.18 -26.55 4.87
CA ALA G 476 -14.55 -25.29 4.51
C ALA G 476 -14.58 -25.11 2.98
N ILE G 477 -14.46 -26.22 2.23
CA ILE G 477 -14.54 -26.14 0.78
C ILE G 477 -15.89 -25.56 0.35
N VAL G 478 -16.97 -25.98 1.00
CA VAL G 478 -18.30 -25.48 0.70
C VAL G 478 -18.41 -24.01 1.13
N LYS G 479 -17.86 -23.67 2.32
CA LYS G 479 -17.92 -22.29 2.81
C LYS G 479 -17.28 -21.33 1.81
N GLN G 480 -16.13 -21.77 1.28
CA GLN G 480 -15.36 -20.93 0.37
C GLN G 480 -16.16 -20.70 -0.90
N ALA G 481 -16.76 -21.75 -1.43
CA ALA G 481 -17.56 -21.63 -2.64
C ALA G 481 -18.81 -20.80 -2.40
N MET G 482 -19.55 -21.05 -1.30
CA MET G 482 -20.78 -20.32 -1.06
C MET G 482 -20.52 -18.81 -0.95
N GLN G 483 -19.43 -18.42 -0.28
CA GLN G 483 -19.21 -17.00 -0.01
C GLN G 483 -18.82 -16.23 -1.27
N LYS G 484 -18.44 -16.93 -2.35
CA LYS G 484 -18.18 -16.25 -3.60
C LYS G 484 -19.48 -15.87 -4.30
N ALA G 485 -20.61 -16.47 -3.89
CA ALA G 485 -21.90 -16.14 -4.50
C ALA G 485 -22.33 -14.72 -4.11
N ARG G 486 -23.06 -14.10 -5.02
CA ARG G 486 -23.68 -12.81 -4.80
C ARG G 486 -25.07 -12.82 -5.38
N GLY G 487 -26.09 -12.69 -4.54
CA GLY G 487 -27.38 -12.54 -5.15
C GLY G 487 -27.90 -13.88 -5.67
N ALA G 488 -27.32 -14.99 -5.16
CA ALA G 488 -27.72 -16.30 -5.71
C ALA G 488 -29.11 -16.64 -5.22
N THR G 489 -29.92 -17.07 -6.18
CA THR G 489 -31.23 -17.68 -5.91
C THR G 489 -30.94 -19.06 -5.29
N THR G 490 -31.98 -19.67 -4.74
CA THR G 490 -31.88 -20.97 -4.10
C THR G 490 -31.29 -21.98 -5.06
N GLU G 491 -31.84 -22.00 -6.28
CA GLU G 491 -31.40 -22.90 -7.33
C GLU G 491 -29.94 -22.68 -7.60
N GLU G 492 -29.51 -21.39 -7.74
CA GLU G 492 -28.11 -21.14 -8.03
C GLU G 492 -27.21 -21.60 -6.89
N MET G 493 -27.67 -21.40 -5.65
CA MET G 493 -26.83 -21.71 -4.49
C MET G 493 -26.71 -23.25 -4.37
N VAL G 494 -27.80 -23.99 -4.62
CA VAL G 494 -27.75 -25.44 -4.64
C VAL G 494 -26.70 -25.91 -5.65
N ASP G 495 -26.66 -25.27 -6.82
CA ASP G 495 -25.66 -25.61 -7.80
C ASP G 495 -24.23 -25.34 -7.35
N VAL G 496 -23.99 -24.16 -6.73
CA VAL G 496 -22.70 -23.81 -6.18
C VAL G 496 -22.23 -24.86 -5.17
N ILE G 497 -23.13 -25.16 -4.22
CA ILE G 497 -22.80 -26.16 -3.22
C ILE G 497 -22.49 -27.51 -3.88
N TYR G 498 -23.38 -28.00 -4.76
CA TYR G 498 -23.16 -29.31 -5.38
C TYR G 498 -21.79 -29.36 -6.07
N GLU G 499 -21.45 -28.30 -6.85
CA GLU G 499 -20.16 -28.25 -7.48
C GLU G 499 -18.99 -28.31 -6.48
N ALA G 500 -19.14 -27.65 -5.32
CA ALA G 500 -18.10 -27.75 -4.32
C ALA G 500 -17.95 -29.19 -3.82
N THR G 501 -19.06 -29.91 -3.69
CA THR G 501 -19.00 -31.29 -3.21
C THR G 501 -18.39 -32.21 -4.26
N GLN G 502 -18.33 -31.77 -5.50
CA GLN G 502 -17.63 -32.55 -6.52
C GLN G 502 -16.13 -32.31 -6.42
N ASN G 503 -15.72 -31.26 -5.68
CA ASN G 503 -14.33 -30.89 -5.47
C ASN G 503 -13.87 -31.12 -4.04
N GLY G 504 -14.46 -32.12 -3.36
CA GLY G 504 -13.99 -32.54 -2.06
C GLY G 504 -14.84 -32.02 -0.90
N GLY G 505 -15.78 -31.15 -1.22
CA GLY G 505 -16.63 -30.51 -0.20
C GLY G 505 -17.69 -31.46 0.33
N LEU G 506 -18.35 -31.04 1.45
CA LEU G 506 -19.46 -31.73 2.05
C LEU G 506 -20.40 -30.69 2.64
N PHE G 507 -21.68 -30.73 2.32
CA PHE G 507 -22.65 -29.84 2.95
C PHE G 507 -23.13 -30.50 4.24
N VAL G 508 -23.13 -29.73 5.34
CA VAL G 508 -23.37 -30.32 6.64
C VAL G 508 -24.57 -29.66 7.31
N THR G 509 -25.53 -30.49 7.70
CA THR G 509 -26.70 -30.00 8.43
C THR G 509 -26.67 -30.63 9.82
N SER G 510 -27.13 -29.86 10.81
CA SER G 510 -27.33 -30.38 12.17
C SER G 510 -28.75 -30.08 12.60
N ILE G 511 -29.47 -31.06 13.14
CA ILE G 511 -30.81 -30.90 13.67
C ILE G 511 -30.76 -31.19 15.15
N ASN G 512 -30.98 -30.15 15.97
CA ASN G 512 -30.51 -30.23 17.37
C ASN G 512 -31.30 -29.23 18.22
N LEU G 513 -31.14 -29.36 19.53
CA LEU G 513 -31.60 -28.36 20.49
C LEU G 513 -30.64 -27.14 20.58
N TYR G 514 -29.34 -27.31 20.28
CA TYR G 514 -28.37 -26.28 20.51
C TYR G 514 -27.36 -26.25 19.36
N PRO G 515 -26.56 -25.18 19.25
CA PRO G 515 -25.58 -25.10 18.17
C PRO G 515 -24.58 -26.27 18.26
N THR G 516 -24.07 -26.55 19.49
CA THR G 516 -23.02 -27.52 19.76
C THR G 516 -21.69 -27.18 19.04
N LYS G 517 -20.71 -27.99 19.28
CA LYS G 517 -19.46 -27.97 18.52
C LYS G 517 -19.68 -28.18 17.02
N LEU G 518 -20.79 -28.79 16.63
CA LEU G 518 -21.03 -29.04 15.23
C LEU G 518 -21.14 -27.71 14.50
N ALA G 519 -21.55 -26.65 15.17
CA ALA G 519 -21.67 -25.33 14.55
C ALA G 519 -20.35 -24.83 13.95
N GLU G 520 -19.21 -25.43 14.36
N GLU G 520 -19.22 -25.43 14.37
CA GLU G 520 -17.95 -25.04 13.80
CA GLU G 520 -17.90 -25.17 13.83
C GLU G 520 -17.82 -25.54 12.37
C GLU G 520 -17.83 -25.52 12.36
N ALA G 521 -18.59 -26.56 12.01
CA ALA G 521 -18.56 -27.13 10.64
C ALA G 521 -19.85 -26.95 9.85
N ALA G 522 -20.99 -26.91 10.52
CA ALA G 522 -22.28 -26.95 9.84
C ALA G 522 -22.49 -25.73 8.93
N HIS G 523 -23.29 -25.98 7.90
CA HIS G 523 -23.82 -24.96 7.03
C HIS G 523 -25.25 -24.59 7.33
N LEU G 524 -26.00 -25.52 7.97
CA LEU G 524 -27.44 -25.35 8.19
C LEU G 524 -27.72 -26.00 9.54
N MET G 525 -28.44 -25.32 10.40
CA MET G 525 -28.91 -25.97 11.64
C MET G 525 -30.41 -25.74 11.79
N LEU G 526 -31.15 -26.78 12.21
CA LEU G 526 -32.58 -26.73 12.36
C LEU G 526 -32.95 -26.94 13.82
N PRO G 527 -33.87 -26.17 14.39
CA PRO G 527 -34.29 -26.27 15.79
C PRO G 527 -35.33 -27.39 16.05
N ALA G 528 -34.98 -28.29 17.01
CA ALA G 528 -35.84 -29.34 17.46
C ALA G 528 -36.46 -29.05 18.82
N ALA G 529 -37.46 -29.88 19.19
CA ALA G 529 -38.19 -29.80 20.45
C ALA G 529 -37.97 -31.06 21.25
N HIS G 530 -38.01 -30.89 22.59
CA HIS G 530 -37.82 -31.99 23.52
C HIS G 530 -39.11 -32.28 24.28
N PRO G 531 -39.14 -33.41 25.06
CA PRO G 531 -40.40 -33.82 25.70
C PRO G 531 -40.93 -32.80 26.67
N GLY G 532 -42.22 -32.52 26.62
CA GLY G 532 -42.82 -31.42 27.33
C GLY G 532 -43.13 -30.22 26.44
N GLU G 533 -42.29 -30.03 25.44
CA GLU G 533 -42.59 -29.10 24.34
C GLU G 533 -43.41 -29.88 23.27
N MET G 534 -43.45 -31.20 23.43
CA MET G 534 -44.10 -32.13 22.53
C MET G 534 -44.46 -33.36 23.34
N ASN G 535 -45.48 -34.12 22.88
CA ASN G 535 -45.75 -35.43 23.42
C ASN G 535 -44.71 -36.42 22.91
N LEU G 536 -44.41 -37.46 23.70
CA LEU G 536 -43.40 -38.42 23.30
C LEU G 536 -43.58 -39.76 24.08
N THR G 537 -43.42 -40.82 23.36
CA THR G 537 -43.42 -42.15 23.93
C THR G 537 -42.07 -42.78 23.86
N SER G 538 -41.80 -43.59 24.89
N SER G 538 -41.83 -43.65 24.83
N SER G 538 -41.80 -43.64 24.82
CA SER G 538 -40.58 -44.37 24.99
CA SER G 538 -40.59 -44.39 24.99
CA SER G 538 -40.60 -44.45 24.84
C SER G 538 -40.75 -45.42 26.09
C SER G 538 -40.75 -45.44 26.08
C SER G 538 -40.72 -45.42 26.03
N MET G 539 -39.83 -46.41 26.09
CA MET G 539 -39.82 -47.43 27.11
C MET G 539 -38.47 -47.48 27.83
N ASN G 540 -38.51 -48.03 29.07
CA ASN G 540 -37.31 -48.16 29.88
C ASN G 540 -36.69 -49.56 29.76
N GLY G 541 -35.77 -49.90 30.69
CA GLY G 541 -34.98 -51.10 30.54
C GLY G 541 -35.74 -52.37 30.94
N GLU G 542 -37.03 -52.22 31.33
CA GLU G 542 -37.90 -53.38 31.49
C GLU G 542 -39.08 -53.26 30.49
N ARG G 543 -38.89 -52.50 29.44
CA ARG G 543 -39.84 -52.40 28.32
C ARG G 543 -41.14 -51.64 28.71
N ARG G 544 -41.10 -50.82 29.74
CA ARG G 544 -42.26 -50.11 30.25
C ARG G 544 -42.47 -48.81 29.44
N ILE G 545 -43.48 -48.83 28.57
CA ILE G 545 -43.79 -47.71 27.69
C ILE G 545 -44.64 -46.72 28.43
N ARG G 546 -44.24 -45.42 28.39
CA ARG G 546 -45.02 -44.34 28.95
C ARG G 546 -45.13 -43.19 27.95
N LEU G 547 -46.20 -42.38 28.11
CA LEU G 547 -46.37 -41.11 27.43
C LEU G 547 -45.87 -39.96 28.31
N SER G 548 -44.93 -39.21 27.74
CA SER G 548 -44.54 -37.92 28.27
C SER G 548 -45.43 -36.84 27.64
N GLU G 549 -46.11 -36.05 28.47
CA GLU G 549 -47.16 -35.14 27.97
C GLU G 549 -46.64 -33.74 27.73
N LYS G 550 -47.09 -33.16 26.63
CA LYS G 550 -46.78 -31.74 26.36
C LYS G 550 -47.42 -30.87 27.45
N PHE G 551 -46.68 -29.80 27.84
CA PHE G 551 -47.22 -28.84 28.77
C PHE G 551 -46.76 -27.41 28.45
N MET G 552 -45.90 -27.21 27.46
CA MET G 552 -45.39 -25.88 27.17
C MET G 552 -45.06 -25.82 25.70
N ASP G 553 -44.81 -24.60 25.25
CA ASP G 553 -44.43 -24.45 23.88
C ASP G 553 -42.94 -24.58 23.70
N PRO G 554 -42.49 -25.00 22.51
CA PRO G 554 -41.06 -25.00 22.20
C PRO G 554 -40.60 -23.56 21.98
N PRO G 555 -39.28 -23.30 22.05
CA PRO G 555 -38.75 -21.94 21.74
C PRO G 555 -38.95 -21.62 20.28
N GLY G 556 -39.31 -20.35 20.00
CA GLY G 556 -39.39 -19.94 18.60
C GLY G 556 -40.16 -20.91 17.71
N THR G 557 -39.53 -21.35 16.61
CA THR G 557 -40.16 -22.23 15.65
C THR G 557 -39.59 -23.65 15.72
N ALA G 558 -38.99 -23.99 16.85
CA ALA G 558 -38.51 -25.36 17.05
C ALA G 558 -39.63 -26.38 16.89
N MET G 559 -39.26 -27.55 16.35
N MET G 559 -39.25 -27.55 16.38
CA MET G 559 -40.24 -28.56 15.94
CA MET G 559 -40.21 -28.58 15.99
C MET G 559 -39.85 -29.96 16.45
C MET G 559 -39.84 -29.97 16.48
N ALA G 560 -40.85 -30.80 16.76
CA ALA G 560 -40.65 -32.22 16.98
C ALA G 560 -39.92 -32.82 15.81
N ASP G 561 -38.93 -33.68 16.09
CA ASP G 561 -38.09 -34.25 15.05
C ASP G 561 -38.95 -35.01 14.00
N CYS G 562 -39.97 -35.77 14.43
CA CYS G 562 -40.80 -36.47 13.46
C CYS G 562 -41.46 -35.48 12.48
N LEU G 563 -41.81 -34.30 12.95
CA LEU G 563 -42.43 -33.26 12.12
C LEU G 563 -41.40 -32.53 11.28
N ILE G 564 -40.14 -32.44 11.71
CA ILE G 564 -39.09 -31.98 10.81
C ILE G 564 -38.93 -32.94 9.66
N ALA G 565 -38.94 -34.25 9.98
CA ALA G 565 -38.87 -35.28 8.94
C ALA G 565 -40.01 -35.12 7.93
N ALA G 566 -41.21 -34.87 8.43
CA ALA G 566 -42.38 -34.72 7.56
C ALA G 566 -42.19 -33.46 6.69
N ARG G 567 -41.64 -32.39 7.28
CA ARG G 567 -41.47 -31.15 6.53
C ARG G 567 -40.51 -31.36 5.36
N ILE G 568 -39.43 -32.11 5.60
CA ILE G 568 -38.44 -32.39 4.57
C ILE G 568 -39.07 -33.27 3.50
N ALA G 569 -39.77 -34.32 3.94
CA ALA G 569 -40.39 -35.23 2.99
C ALA G 569 -41.38 -34.49 2.09
N ASN G 570 -42.21 -33.65 2.69
CA ASN G 570 -43.20 -32.91 1.91
C ASN G 570 -42.52 -31.91 0.98
N ALA G 571 -41.39 -31.33 1.40
CA ALA G 571 -40.69 -30.40 0.51
C ALA G 571 -40.15 -31.15 -0.71
N LEU G 572 -39.64 -32.39 -0.50
CA LEU G 572 -39.12 -33.22 -1.58
C LEU G 572 -40.26 -33.68 -2.48
N ARG G 573 -41.36 -34.14 -1.89
CA ARG G 573 -42.53 -34.53 -2.66
C ARG G 573 -42.95 -33.39 -3.60
N ASP G 574 -43.10 -32.18 -3.04
CA ASP G 574 -43.57 -31.02 -3.82
C ASP G 574 -42.64 -30.72 -4.99
N MET G 575 -41.34 -30.81 -4.79
CA MET G 575 -40.36 -30.54 -5.82
C MET G 575 -40.48 -31.56 -6.93
N TYR G 576 -40.62 -32.83 -6.57
CA TYR G 576 -40.73 -33.88 -7.57
C TYR G 576 -42.05 -33.68 -8.32
N GLN G 577 -43.13 -33.37 -7.63
CA GLN G 577 -44.41 -33.14 -8.30
C GLN G 577 -44.29 -31.97 -9.29
N LYS G 578 -43.63 -30.88 -8.90
CA LYS G 578 -43.46 -29.72 -9.78
C LYS G 578 -42.69 -30.13 -11.06
N ASP G 579 -41.72 -31.05 -10.95
CA ASP G 579 -40.91 -31.46 -12.09
C ASP G 579 -41.51 -32.63 -12.87
N GLY G 580 -42.74 -33.03 -12.55
CA GLY G 580 -43.42 -34.10 -13.24
C GLY G 580 -42.80 -35.49 -13.00
N LYS G 581 -42.09 -35.67 -11.87
CA LYS G 581 -41.48 -36.95 -11.56
C LYS G 581 -42.38 -37.71 -10.57
N ALA G 582 -43.38 -38.40 -11.10
CA ALA G 582 -44.43 -39.01 -10.30
C ALA G 582 -43.88 -40.15 -9.44
N GLU G 583 -42.96 -40.94 -9.99
CA GLU G 583 -42.42 -42.08 -9.27
C GLU G 583 -41.64 -41.58 -8.05
N MET G 584 -40.82 -40.53 -8.24
CA MET G 584 -39.99 -40.03 -7.14
C MET G 584 -40.90 -39.36 -6.12
N ALA G 585 -41.91 -38.62 -6.58
CA ALA G 585 -42.86 -37.99 -5.65
C ALA G 585 -43.53 -39.02 -4.77
N ALA G 586 -43.87 -40.20 -5.33
CA ALA G 586 -44.55 -41.21 -4.57
C ALA G 586 -43.70 -41.77 -3.43
N GLN G 587 -42.36 -41.74 -3.56
CA GLN G 587 -41.52 -42.24 -2.48
C GLN G 587 -41.68 -41.39 -1.23
N PHE G 588 -42.11 -40.13 -1.41
CA PHE G 588 -42.21 -39.16 -0.33
C PHE G 588 -43.62 -39.00 0.19
N GLU G 589 -44.57 -39.90 -0.21
CA GLU G 589 -45.91 -39.86 0.33
C GLU G 589 -45.88 -40.37 1.76
N GLY G 590 -46.97 -40.11 2.47
CA GLY G 590 -47.22 -40.72 3.78
C GLY G 590 -46.65 -39.91 4.95
N PHE G 591 -46.49 -38.60 4.76
CA PHE G 591 -46.04 -37.71 5.84
C PHE G 591 -47.01 -36.55 6.03
N ASP G 592 -48.33 -36.82 5.86
CA ASP G 592 -49.33 -35.83 6.11
C ASP G 592 -49.60 -35.73 7.62
N TRP G 593 -48.61 -35.25 8.39
CA TRP G 593 -48.65 -35.28 9.84
C TRP G 593 -48.71 -33.86 10.41
N LYS G 594 -49.64 -33.64 11.31
CA LYS G 594 -49.79 -32.37 12.00
C LYS G 594 -49.33 -32.45 13.45
N THR G 595 -49.27 -33.65 14.03
N THR G 595 -49.31 -33.68 14.03
CA THR G 595 -48.84 -33.75 15.40
CA THR G 595 -49.11 -33.94 15.46
C THR G 595 -48.04 -35.02 15.57
C THR G 595 -48.09 -35.06 15.58
N GLU G 596 -47.38 -35.15 16.72
CA GLU G 596 -46.53 -36.31 16.90
C GLU G 596 -47.39 -37.59 17.04
N GLU G 597 -48.62 -37.54 17.52
CA GLU G 597 -49.53 -38.70 17.60
C GLU G 597 -49.80 -39.25 16.21
N ASP G 598 -49.76 -38.40 15.18
CA ASP G 598 -49.89 -38.92 13.82
C ASP G 598 -48.73 -39.85 13.44
N ALA G 599 -47.51 -39.58 13.94
CA ALA G 599 -46.37 -40.41 13.69
C ALA G 599 -46.44 -41.69 14.53
N PHE G 600 -47.01 -41.60 15.71
CA PHE G 600 -47.21 -42.78 16.53
C PHE G 600 -48.24 -43.71 15.85
N ASN G 601 -49.31 -43.12 15.32
CA ASN G 601 -50.32 -43.88 14.60
C ASN G 601 -49.76 -44.53 13.35
N ASP G 602 -48.87 -43.86 12.61
CA ASP G 602 -48.38 -44.33 11.33
C ASP G 602 -47.34 -45.43 11.45
N GLY G 603 -46.61 -45.45 12.56
CA GLY G 603 -45.47 -46.32 12.74
C GLY G 603 -45.78 -47.39 13.78
N PHE G 604 -45.59 -47.03 15.07
CA PHE G 604 -45.76 -47.99 16.14
C PHE G 604 -47.10 -48.75 15.99
N ARG G 605 -48.17 -48.00 15.75
CA ARG G 605 -49.51 -48.57 15.79
C ARG G 605 -49.83 -49.30 14.50
N ARG G 606 -48.99 -49.23 13.47
CA ARG G 606 -49.29 -49.97 12.24
C ARG G 606 -48.47 -51.25 12.10
N ALA G 607 -47.46 -51.46 12.95
CA ALA G 607 -46.64 -52.63 12.87
C ALA G 607 -47.49 -53.93 12.89
N GLY G 608 -47.23 -54.75 11.88
CA GLY G 608 -47.87 -56.05 11.73
C GLY G 608 -49.34 -55.97 11.31
N GLN G 609 -49.89 -54.79 11.02
CA GLN G 609 -51.32 -54.65 10.76
C GLN G 609 -51.60 -54.92 9.28
N PRO G 610 -52.86 -55.27 8.92
CA PRO G 610 -53.18 -55.55 7.52
C PRO G 610 -52.92 -54.32 6.66
N GLY G 611 -52.19 -54.54 5.55
CA GLY G 611 -51.96 -53.48 4.59
C GLY G 611 -50.77 -52.61 4.99
N ALA G 612 -50.14 -52.90 6.13
CA ALA G 612 -49.01 -52.08 6.56
C ALA G 612 -47.75 -52.58 5.85
N PRO G 613 -46.75 -51.71 5.60
CA PRO G 613 -45.48 -52.14 5.06
C PRO G 613 -44.65 -52.79 6.16
N ALA G 614 -43.48 -53.29 5.79
CA ALA G 614 -42.52 -53.86 6.73
C ALA G 614 -42.11 -52.77 7.75
N ILE G 615 -42.35 -53.10 9.02
CA ILE G 615 -42.04 -52.19 10.13
C ILE G 615 -41.34 -53.01 11.22
N ASP G 616 -40.17 -52.54 11.70
CA ASP G 616 -39.47 -53.20 12.79
C ASP G 616 -39.71 -52.33 14.01
N SER G 617 -40.46 -52.83 14.97
CA SER G 617 -40.93 -52.07 16.11
C SER G 617 -40.71 -52.83 17.39
N GLN G 618 -40.21 -52.11 18.42
CA GLN G 618 -40.14 -52.70 19.75
C GLN G 618 -41.51 -52.99 20.36
N GLY G 619 -42.58 -52.41 19.82
CA GLY G 619 -43.94 -52.65 20.29
C GLY G 619 -44.55 -53.95 19.69
N GLY G 620 -43.95 -54.45 18.64
CA GLY G 620 -44.44 -55.66 17.96
C GLY G 620 -45.80 -55.44 17.32
N SER G 621 -46.46 -56.57 17.03
N SER G 621 -46.51 -56.56 17.08
CA SER G 621 -47.72 -56.52 16.32
CA SER G 621 -47.74 -56.54 16.33
C SER G 621 -48.90 -56.11 17.18
C SER G 621 -48.94 -56.15 17.19
N THR G 622 -48.79 -56.10 18.51
CA THR G 622 -49.85 -55.64 19.38
C THR G 622 -49.72 -54.15 19.73
N GLY G 623 -48.77 -53.46 19.12
CA GLY G 623 -48.58 -52.03 19.36
C GLY G 623 -49.83 -51.18 19.10
N HIS G 624 -50.70 -51.64 18.17
CA HIS G 624 -51.92 -50.92 17.83
C HIS G 624 -52.84 -50.79 19.04
N LEU G 625 -52.68 -51.65 20.07
CA LEU G 625 -53.51 -51.58 21.25
C LEU G 625 -53.18 -50.34 22.08
N VAL G 626 -51.96 -49.82 21.93
CA VAL G 626 -51.55 -48.63 22.65
C VAL G 626 -52.05 -47.38 21.92
N THR G 627 -52.63 -46.44 22.66
CA THR G 627 -52.93 -45.10 22.16
C THR G 627 -52.48 -44.09 23.20
N TYR G 628 -52.40 -42.79 22.87
CA TYR G 628 -52.03 -41.86 23.87
C TYR G 628 -53.03 -41.83 25.01
N ASP G 629 -54.34 -41.89 24.70
CA ASP G 629 -55.32 -41.81 25.78
C ASP G 629 -55.18 -43.00 26.72
N ARG G 630 -54.91 -44.18 26.19
CA ARG G 630 -54.76 -45.38 27.04
C ARG G 630 -53.51 -45.29 27.92
N LEU G 631 -52.42 -44.78 27.34
CA LEU G 631 -51.19 -44.54 28.12
C LEU G 631 -51.36 -43.52 29.21
N ARG G 632 -52.08 -42.44 28.88
CA ARG G 632 -52.41 -41.45 29.88
C ARG G 632 -53.13 -42.07 31.07
N LYS G 633 -54.12 -42.93 30.80
CA LYS G 633 -54.86 -43.59 31.86
C LYS G 633 -53.95 -44.49 32.70
N SER G 634 -52.97 -45.11 32.06
CA SER G 634 -52.04 -46.02 32.76
C SER G 634 -51.09 -45.24 33.70
N GLY G 635 -50.94 -43.95 33.43
CA GLY G 635 -50.05 -43.08 34.22
C GLY G 635 -48.56 -43.40 34.00
N ASN G 636 -47.76 -42.99 35.00
CA ASN G 636 -46.32 -43.19 34.85
C ASN G 636 -45.90 -44.65 35.04
N ASN G 637 -46.82 -45.54 35.44
CA ASN G 637 -46.55 -46.97 35.40
C ASN G 637 -46.71 -47.59 34.02
N GLY G 638 -47.43 -46.90 33.13
CA GLY G 638 -47.48 -47.35 31.74
C GLY G 638 -47.90 -48.86 31.65
N VAL G 639 -47.24 -49.54 30.74
CA VAL G 639 -47.44 -50.98 30.54
C VAL G 639 -46.10 -51.56 30.04
N GLN G 640 -45.71 -52.70 30.58
CA GLN G 640 -44.60 -53.43 30.01
C GLN G 640 -44.94 -54.13 28.71
N LEU G 641 -44.14 -53.87 27.67
CA LEU G 641 -44.34 -54.49 26.36
C LEU G 641 -43.82 -55.91 26.39
N PRO G 642 -44.34 -56.84 25.53
CA PRO G 642 -45.47 -56.58 24.64
C PRO G 642 -46.81 -56.46 25.35
N VAL G 643 -47.70 -55.65 24.79
CA VAL G 643 -49.05 -55.59 25.31
C VAL G 643 -49.73 -56.92 24.95
N VAL G 644 -50.45 -57.49 25.91
N VAL G 644 -50.49 -57.49 25.88
CA VAL G 644 -51.21 -58.72 25.70
CA VAL G 644 -51.18 -58.75 25.60
C VAL G 644 -52.65 -58.40 25.32
C VAL G 644 -52.70 -58.57 25.53
N SER G 645 -53.21 -57.44 26.02
CA SER G 645 -54.64 -57.13 25.90
C SER G 645 -54.93 -55.69 26.30
N TRP G 646 -56.05 -55.21 25.76
CA TRP G 646 -56.66 -54.00 26.24
C TRP G 646 -58.16 -54.18 26.34
N ASP G 647 -58.73 -53.70 27.43
CA ASP G 647 -60.15 -53.32 27.46
C ASP G 647 -60.37 -52.20 28.46
N GLU G 648 -61.59 -51.65 28.48
CA GLU G 648 -61.80 -50.47 29.27
C GLU G 648 -61.62 -50.80 30.74
N SER G 649 -62.04 -52.00 31.14
CA SER G 649 -62.13 -52.31 32.56
C SER G 649 -60.75 -52.66 33.16
N LYS G 650 -59.88 -53.26 32.36
CA LYS G 650 -58.58 -53.75 32.77
C LYS G 650 -57.45 -52.78 32.35
N GLY G 651 -57.71 -51.94 31.37
CA GLY G 651 -56.68 -51.06 30.78
C GLY G 651 -55.72 -51.90 29.96
N LEU G 652 -54.54 -51.35 29.69
CA LEU G 652 -53.48 -52.07 29.00
C LEU G 652 -52.82 -53.10 29.95
N VAL G 653 -52.73 -54.33 29.52
CA VAL G 653 -52.09 -55.41 30.26
C VAL G 653 -50.93 -55.95 29.45
N GLY G 654 -49.77 -56.08 30.12
CA GLY G 654 -48.53 -56.36 29.43
C GLY G 654 -47.80 -57.57 29.99
N THR G 655 -46.47 -57.59 29.81
CA THR G 655 -45.66 -58.78 29.97
C THR G 655 -44.49 -58.47 30.93
N GLU G 656 -44.41 -59.23 32.02
CA GLU G 656 -43.38 -58.96 33.02
C GLU G 656 -42.01 -59.44 32.58
N MET G 657 -41.91 -60.73 32.24
CA MET G 657 -40.65 -61.36 31.92
C MET G 657 -40.80 -62.17 30.65
N LEU G 658 -39.75 -62.19 29.83
CA LEU G 658 -39.70 -62.99 28.62
C LEU G 658 -39.08 -64.36 28.92
N TYR G 659 -39.45 -65.36 28.08
CA TYR G 659 -38.83 -66.68 28.02
C TYR G 659 -39.23 -67.56 29.17
N THR G 660 -40.36 -67.29 29.85
CA THR G 660 -40.72 -68.05 31.04
C THR G 660 -41.16 -69.47 30.67
N GLU G 661 -41.44 -69.75 29.41
CA GLU G 661 -41.77 -71.12 28.99
C GLU G 661 -40.67 -71.72 28.13
N GLY G 662 -39.57 -71.01 27.97
CA GLY G 662 -38.43 -71.51 27.22
C GLY G 662 -38.62 -71.48 25.70
N LYS G 663 -39.50 -70.61 25.23
CA LYS G 663 -39.61 -70.37 23.81
C LYS G 663 -38.78 -69.15 23.40
N PHE G 664 -37.65 -69.40 22.74
CA PHE G 664 -36.70 -68.39 22.39
C PHE G 664 -36.95 -67.91 20.96
N ASP G 665 -36.31 -66.78 20.61
CA ASP G 665 -36.60 -66.09 19.36
C ASP G 665 -35.65 -66.57 18.29
N THR G 666 -35.85 -67.82 17.87
CA THR G 666 -35.02 -68.51 16.90
C THR G 666 -35.95 -69.38 16.03
N ASP G 667 -35.40 -69.90 14.93
CA ASP G 667 -36.12 -70.75 13.98
C ASP G 667 -36.83 -71.92 14.69
N ASP G 668 -36.16 -72.53 15.68
CA ASP G 668 -36.69 -73.74 16.31
C ASP G 668 -37.21 -73.47 17.72
N GLY G 669 -37.22 -72.19 18.16
CA GLY G 669 -37.73 -71.85 19.47
C GLY G 669 -36.73 -72.16 20.59
N LYS G 670 -35.54 -72.64 20.24
CA LYS G 670 -34.55 -73.04 21.23
C LYS G 670 -33.47 -71.94 21.32
N ALA G 671 -32.89 -71.81 22.52
CA ALA G 671 -31.72 -70.95 22.67
C ALA G 671 -30.53 -71.65 22.05
N HIS G 672 -29.71 -70.90 21.31
CA HIS G 672 -28.58 -71.48 20.62
C HIS G 672 -27.26 -71.02 21.26
N PHE G 673 -26.52 -72.00 21.78
CA PHE G 673 -25.14 -71.82 22.18
C PHE G 673 -24.25 -71.44 21.02
N LYS G 674 -23.21 -70.65 21.30
CA LYS G 674 -22.28 -70.25 20.27
C LYS G 674 -20.84 -70.40 20.74
N PRO G 675 -19.91 -70.64 19.80
CA PRO G 675 -18.48 -70.64 20.10
C PRO G 675 -18.00 -69.24 20.46
N ALA G 676 -17.03 -69.17 21.35
CA ALA G 676 -16.47 -67.89 21.77
C ALA G 676 -14.95 -68.02 21.82
N PRO G 677 -14.28 -67.81 20.67
CA PRO G 677 -12.83 -67.95 20.65
C PRO G 677 -12.17 -66.83 21.41
N TRP G 678 -11.12 -67.17 22.17
CA TRP G 678 -10.34 -66.15 22.88
C TRP G 678 -9.16 -65.79 21.98
N ASN G 679 -9.07 -64.52 21.56
CA ASN G 679 -8.10 -64.12 20.56
C ASN G 679 -7.13 -63.06 21.06
N GLY G 680 -7.22 -62.67 22.34
CA GLY G 680 -6.42 -61.54 22.82
C GLY G 680 -7.01 -60.22 22.35
N LEU G 681 -6.26 -59.14 22.58
CA LEU G 681 -6.65 -57.84 22.09
C LEU G 681 -6.51 -57.79 20.57
N PRO G 682 -7.33 -57.02 19.87
CA PRO G 682 -7.14 -56.80 18.44
C PRO G 682 -5.77 -56.14 18.20
N ALA G 683 -5.14 -56.42 17.05
CA ALA G 683 -3.80 -55.89 16.77
C ALA G 683 -3.79 -54.34 16.80
N THR G 684 -4.79 -53.69 16.24
CA THR G 684 -4.78 -52.23 16.22
C THR G 684 -4.63 -51.68 17.66
N VAL G 685 -5.33 -52.33 18.60
CA VAL G 685 -5.28 -51.94 20.01
C VAL G 685 -3.98 -52.31 20.71
N GLN G 686 -3.55 -53.57 20.48
CA GLN G 686 -2.31 -54.09 21.03
C GLN G 686 -1.13 -53.23 20.59
N GLN G 687 -1.17 -52.71 19.35
CA GLN G 687 -0.09 -51.86 18.86
C GLN G 687 0.02 -50.56 19.67
N GLN G 688 -1.14 -50.01 20.08
CA GLN G 688 -1.07 -48.80 20.91
C GLN G 688 -0.55 -49.22 22.29
N LYS G 689 -0.98 -50.36 22.82
CA LYS G 689 -0.59 -50.79 24.16
C LYS G 689 0.92 -51.08 24.17
N ASP G 690 1.45 -51.54 23.05
CA ASP G 690 2.88 -51.86 23.03
C ASP G 690 3.74 -50.60 23.05
N LYS G 691 3.19 -49.51 22.51
CA LYS G 691 3.87 -48.24 22.28
C LYS G 691 3.71 -47.28 23.46
N TYR G 692 2.62 -47.40 24.25
CA TYR G 692 2.24 -46.35 25.18
C TYR G 692 1.86 -46.95 26.52
N ARG G 693 1.89 -46.11 27.57
CA ARG G 693 1.99 -46.59 28.93
C ARG G 693 0.64 -46.84 29.63
N PHE G 694 -0.38 -46.01 29.32
CA PHE G 694 -1.60 -46.04 30.12
C PHE G 694 -2.82 -46.57 29.37
N TRP G 695 -3.58 -47.48 30.02
CA TRP G 695 -4.92 -47.82 29.53
C TRP G 695 -5.84 -46.60 29.67
N LEU G 696 -6.42 -46.18 28.56
CA LEU G 696 -7.29 -45.04 28.54
C LEU G 696 -8.78 -45.45 28.63
N ASN G 697 -9.14 -46.02 29.77
CA ASN G 697 -10.55 -46.29 30.04
C ASN G 697 -11.32 -44.98 30.04
N ASN G 698 -12.62 -45.06 29.88
CA ASN G 698 -13.45 -43.90 29.58
C ASN G 698 -14.91 -44.28 29.82
N GLY G 699 -15.72 -43.26 30.12
CA GLY G 699 -17.14 -43.54 30.36
C GLY G 699 -17.80 -42.42 31.14
N ARG G 700 -18.78 -42.83 31.92
CA ARG G 700 -19.73 -41.90 32.54
C ARG G 700 -19.32 -41.42 33.92
N ASN G 701 -19.81 -40.21 34.21
CA ASN G 701 -19.85 -39.57 35.51
C ASN G 701 -21.31 -39.41 35.87
N ASN G 702 -21.67 -39.67 37.13
CA ASN G 702 -23.02 -39.56 37.60
C ASN G 702 -23.64 -38.21 37.31
N GLU G 703 -22.89 -37.13 37.54
CA GLU G 703 -23.48 -35.81 37.42
C GLU G 703 -23.65 -35.35 35.98
N VAL G 704 -22.76 -35.72 35.08
CA VAL G 704 -22.77 -35.20 33.74
C VAL G 704 -23.63 -36.10 32.85
N TRP G 705 -24.53 -35.47 32.06
CA TRP G 705 -25.29 -36.19 31.03
C TRP G 705 -24.71 -36.03 29.64
N GLN G 706 -24.13 -37.08 29.14
CA GLN G 706 -23.78 -37.30 27.74
C GLN G 706 -22.82 -36.19 27.30
N THR G 707 -23.13 -35.53 26.20
CA THR G 707 -22.26 -34.46 25.65
C THR G 707 -22.43 -33.12 26.36
N ALA G 708 -23.12 -33.11 27.50
CA ALA G 708 -23.20 -31.91 28.36
C ALA G 708 -23.87 -30.77 27.56
N TYR G 709 -24.85 -31.13 26.73
CA TYR G 709 -25.52 -30.15 25.90
C TYR G 709 -26.35 -29.19 26.72
N HIS G 710 -27.02 -29.65 27.77
CA HIS G 710 -27.59 -28.76 28.77
C HIS G 710 -26.55 -28.36 29.85
N ASP G 711 -25.76 -29.33 30.34
CA ASP G 711 -24.87 -29.10 31.44
C ASP G 711 -23.87 -27.98 31.20
N GLN G 712 -23.45 -27.74 29.95
CA GLN G 712 -22.48 -26.75 29.62
C GLN G 712 -22.98 -25.35 29.99
N TYR G 713 -24.29 -25.16 30.17
CA TYR G 713 -24.90 -23.92 30.47
C TYR G 713 -25.28 -23.82 31.93
N ASN G 714 -24.99 -24.82 32.72
CA ASN G 714 -25.40 -24.88 34.12
C ASN G 714 -24.21 -24.45 34.97
N SER G 715 -24.37 -23.36 35.72
N SER G 715 -24.40 -23.37 35.73
CA SER G 715 -23.27 -22.80 36.50
CA SER G 715 -23.37 -22.76 36.58
C SER G 715 -22.76 -23.78 37.55
C SER G 715 -22.79 -23.76 37.56
N LEU G 716 -23.63 -24.57 38.20
CA LEU G 716 -23.18 -25.55 39.20
C LEU G 716 -22.34 -26.63 38.54
N MET G 717 -22.76 -27.08 37.37
CA MET G 717 -22.04 -28.10 36.61
C MET G 717 -20.67 -27.60 36.19
N GLN G 718 -20.63 -26.35 35.71
CA GLN G 718 -19.37 -25.83 35.15
C GLN G 718 -18.39 -25.54 36.27
N GLU G 719 -18.89 -25.20 37.44
CA GLU G 719 -18.01 -24.99 38.60
C GLU G 719 -17.40 -26.29 39.05
N ARG G 720 -18.16 -27.38 39.03
CA ARG G 720 -17.70 -28.68 39.49
C ARG G 720 -16.76 -29.35 38.50
N TYR G 721 -17.11 -29.30 37.22
CA TYR G 721 -16.38 -30.01 36.16
C TYR G 721 -16.10 -29.00 35.03
N PRO G 722 -15.16 -28.04 35.25
CA PRO G 722 -14.90 -27.07 34.18
C PRO G 722 -14.25 -27.68 32.95
N MET G 723 -13.63 -28.85 33.15
CA MET G 723 -12.89 -29.56 32.12
C MET G 723 -13.15 -31.05 32.37
N ALA G 724 -13.03 -31.85 31.32
CA ALA G 724 -13.08 -33.30 31.46
C ALA G 724 -12.00 -33.69 32.45
N TYR G 725 -12.21 -34.75 33.24
CA TYR G 725 -11.19 -35.18 34.17
C TYR G 725 -10.72 -36.59 33.82
N ILE G 726 -9.53 -36.89 34.31
CA ILE G 726 -8.92 -38.21 34.19
C ILE G 726 -8.49 -38.71 35.55
N GLU G 727 -9.12 -39.83 35.95
CA GLU G 727 -8.78 -40.51 37.20
C GLU G 727 -7.47 -41.24 36.97
N MET G 728 -6.54 -41.06 37.92
CA MET G 728 -5.17 -41.56 37.78
C MET G 728 -4.74 -42.07 39.16
N ASN G 729 -3.91 -43.12 39.11
CA ASN G 729 -3.35 -43.73 40.29
C ASN G 729 -2.42 -42.74 40.98
N PRO G 730 -2.47 -42.59 42.30
CA PRO G 730 -1.61 -41.64 43.00
C PRO G 730 -0.10 -41.82 42.78
N ASP G 731 0.36 -43.05 42.70
CA ASP G 731 1.80 -43.26 42.50
C ASP G 731 2.19 -42.87 41.11
N ASP G 732 1.33 -43.12 40.14
CA ASP G 732 1.52 -42.61 38.79
C ASP G 732 1.57 -41.08 38.77
N CYS G 733 0.67 -40.43 39.51
CA CYS G 733 0.63 -38.96 39.54
C CYS G 733 1.94 -38.44 40.11
N LYS G 734 2.45 -39.10 41.19
CA LYS G 734 3.66 -38.60 41.80
C LYS G 734 4.80 -38.65 40.80
N GLN G 735 4.90 -39.78 40.11
CA GLN G 735 5.93 -39.98 39.11
C GLN G 735 5.85 -38.90 38.01
N LEU G 736 4.64 -38.52 37.57
CA LEU G 736 4.46 -37.48 36.56
C LEU G 736 4.47 -36.03 37.10
N ASP G 737 4.61 -35.88 38.43
CA ASP G 737 4.57 -34.65 39.15
C ASP G 737 3.26 -33.91 38.91
N VAL G 738 2.15 -34.64 38.94
CA VAL G 738 0.85 -34.03 38.82
C VAL G 738 0.02 -34.29 40.07
N THR G 739 -0.98 -33.42 40.27
CA THR G 739 -1.94 -33.55 41.32
C THR G 739 -3.28 -33.00 40.83
N GLY G 740 -4.29 -33.11 41.68
CA GLY G 740 -5.64 -32.66 41.30
C GLY G 740 -5.63 -31.21 40.79
N GLY G 741 -6.24 -31.02 39.61
CA GLY G 741 -6.39 -29.71 39.02
C GLY G 741 -5.25 -29.27 38.10
N ASP G 742 -4.24 -30.11 37.95
CA ASP G 742 -3.31 -29.95 36.84
C ASP G 742 -3.95 -30.38 35.54
N ILE G 743 -3.52 -29.79 34.45
CA ILE G 743 -3.92 -30.21 33.10
C ILE G 743 -2.85 -31.09 32.50
N VAL G 744 -3.28 -32.22 31.95
CA VAL G 744 -2.44 -33.08 31.15
C VAL G 744 -2.92 -33.16 29.71
N GLU G 745 -1.99 -33.49 28.80
CA GLU G 745 -2.30 -33.96 27.47
C GLU G 745 -2.27 -35.49 27.48
N VAL G 746 -3.28 -36.08 26.87
CA VAL G 746 -3.41 -37.51 26.69
C VAL G 746 -3.34 -37.80 25.21
N TYR G 747 -2.44 -38.70 24.77
CA TYR G 747 -2.23 -38.83 23.34
C TYR G 747 -1.72 -40.20 22.96
N ASN G 748 -2.00 -40.53 21.71
CA ASN G 748 -1.47 -41.73 21.08
C ASN G 748 -1.45 -41.48 19.58
N ASP G 749 -1.33 -42.55 18.78
CA ASP G 749 -1.26 -42.34 17.34
C ASP G 749 -2.54 -41.75 16.78
N PHE G 750 -3.69 -42.02 17.42
CA PHE G 750 -4.99 -41.63 16.87
C PHE G 750 -5.31 -40.16 17.12
N GLY G 751 -4.76 -39.59 18.17
CA GLY G 751 -5.16 -38.23 18.51
C GLY G 751 -4.54 -37.75 19.81
N SER G 752 -4.92 -36.51 20.15
CA SER G 752 -4.51 -35.90 21.38
C SER G 752 -5.76 -35.27 22.02
N THR G 753 -5.79 -35.24 23.35
CA THR G 753 -6.81 -34.50 24.06
C THR G 753 -6.24 -34.01 25.38
N PHE G 754 -7.06 -33.31 26.21
CA PHE G 754 -6.59 -32.71 27.43
C PHE G 754 -7.63 -32.97 28.50
N ALA G 755 -7.15 -33.07 29.72
CA ALA G 755 -7.96 -33.31 30.90
C ALA G 755 -7.35 -32.71 32.16
N MET G 756 -8.21 -32.50 33.18
CA MET G 756 -7.75 -32.17 34.51
C MET G 756 -7.51 -33.45 35.27
N VAL G 757 -6.36 -33.48 35.93
CA VAL G 757 -5.95 -34.71 36.68
C VAL G 757 -6.85 -34.84 37.90
N TYR G 758 -7.26 -36.10 38.17
CA TYR G 758 -8.08 -36.41 39.33
C TYR G 758 -7.48 -37.64 39.97
N PRO G 759 -6.56 -37.46 40.95
CA PRO G 759 -6.01 -38.61 41.67
C PRO G 759 -7.10 -39.40 42.37
N VAL G 760 -7.08 -40.74 42.18
CA VAL G 760 -8.01 -41.65 42.80
C VAL G 760 -7.23 -42.88 43.30
N ALA G 761 -7.32 -43.13 44.58
CA ALA G 761 -6.54 -44.20 45.24
C ALA G 761 -6.75 -45.57 44.60
N GLU G 762 -7.98 -45.86 44.20
CA GLU G 762 -8.37 -47.19 43.77
C GLU G 762 -8.00 -47.48 42.32
N ILE G 763 -7.56 -46.51 41.55
CA ILE G 763 -7.14 -46.72 40.17
C ILE G 763 -5.85 -47.49 40.18
N LYS G 764 -5.77 -48.45 39.30
CA LYS G 764 -4.58 -49.29 39.23
C LYS G 764 -3.45 -48.56 38.51
N ARG G 765 -2.19 -48.89 38.90
CA ARG G 765 -1.06 -48.34 38.18
C ARG G 765 -1.16 -48.68 36.70
N GLY G 766 -0.84 -47.71 35.84
CA GLY G 766 -0.88 -47.93 34.40
C GLY G 766 -2.30 -47.89 33.79
N GLN G 767 -3.31 -47.59 34.60
CA GLN G 767 -4.69 -47.48 34.14
C GLN G 767 -5.19 -46.09 34.53
N THR G 768 -6.17 -45.63 33.77
CA THR G 768 -6.77 -44.30 33.93
C THR G 768 -8.24 -44.42 33.56
N PHE G 769 -8.99 -43.35 33.87
CA PHE G 769 -10.38 -43.26 33.47
C PHE G 769 -10.72 -41.80 33.17
N MET G 770 -11.12 -41.55 31.94
CA MET G 770 -11.45 -40.17 31.51
C MET G 770 -12.93 -40.10 31.16
N LEU G 771 -13.53 -39.00 31.58
CA LEU G 771 -14.89 -38.66 31.22
C LEU G 771 -15.00 -38.61 29.71
N PHE G 772 -15.96 -39.30 29.15
CA PHE G 772 -16.19 -39.34 27.71
C PHE G 772 -17.06 -38.17 27.26
N GLY G 773 -16.99 -37.81 25.98
CA GLY G 773 -17.96 -36.99 25.30
C GLY G 773 -18.03 -35.51 25.68
N TYR G 774 -17.09 -34.98 26.47
CA TYR G 774 -17.33 -33.68 27.08
C TYR G 774 -17.01 -32.49 26.18
N VAL G 775 -17.47 -31.32 26.63
CA VAL G 775 -17.34 -30.07 25.94
C VAL G 775 -15.98 -29.37 26.06
N ASN G 776 -15.17 -29.82 26.98
CA ASN G 776 -13.85 -29.29 27.27
C ASN G 776 -12.89 -30.44 27.50
N GLY G 777 -12.33 -30.94 26.39
CA GLY G 777 -11.43 -32.06 26.39
C GLY G 777 -12.21 -33.33 25.97
N ILE G 778 -12.17 -33.65 24.67
CA ILE G 778 -12.94 -34.69 24.05
C ILE G 778 -12.10 -35.97 24.14
N GLN G 779 -12.60 -36.95 24.87
CA GLN G 779 -11.91 -38.22 25.13
C GLN G 779 -11.69 -39.02 23.86
N GLY G 780 -12.65 -38.99 22.95
CA GLY G 780 -12.68 -39.90 21.81
C GLY G 780 -11.54 -39.73 20.85
N ASP G 781 -10.81 -38.63 20.95
CA ASP G 781 -9.64 -38.40 20.13
C ASP G 781 -8.61 -39.50 20.18
N VAL G 782 -8.53 -40.22 21.28
CA VAL G 782 -7.54 -41.26 21.48
C VAL G 782 -8.10 -42.67 21.27
N THR G 783 -9.38 -42.80 20.94
CA THR G 783 -9.95 -44.10 20.66
C THR G 783 -9.61 -44.50 19.23
N THR G 784 -9.45 -45.80 19.04
CA THR G 784 -8.98 -46.29 17.74
C THR G 784 -10.14 -46.48 16.78
N ASP G 785 -9.81 -46.77 15.51
CA ASP G 785 -10.77 -47.08 14.47
C ASP G 785 -11.25 -48.53 14.52
N TRP G 786 -10.71 -49.34 15.47
CA TRP G 786 -11.05 -50.77 15.43
C TRP G 786 -12.50 -51.08 15.81
N THR G 787 -13.11 -51.98 15.04
CA THR G 787 -14.49 -52.41 15.27
C THR G 787 -14.58 -53.92 15.07
N ASP G 788 -15.64 -54.52 15.65
CA ASP G 788 -15.85 -55.96 15.53
C ASP G 788 -16.46 -56.27 14.17
N ARG G 789 -16.91 -57.52 13.99
CA ARG G 789 -17.38 -57.96 12.67
C ARG G 789 -18.60 -57.17 12.20
N ASN G 790 -19.40 -56.58 13.12
CA ASN G 790 -20.59 -55.82 12.77
C ASN G 790 -20.35 -54.31 12.86
N ILE G 791 -19.10 -53.90 12.95
CA ILE G 791 -18.70 -52.49 13.06
C ILE G 791 -19.15 -51.91 14.41
N ILE G 792 -18.94 -52.68 15.49
CA ILE G 792 -19.08 -52.17 16.84
C ILE G 792 -17.72 -51.79 17.40
N PRO G 793 -17.50 -50.50 17.77
CA PRO G 793 -16.18 -50.09 18.23
C PRO G 793 -15.79 -50.58 19.61
N TYR G 794 -14.49 -50.84 19.75
CA TYR G 794 -13.91 -51.10 21.05
C TYR G 794 -13.52 -49.77 21.69
N TYR G 795 -14.54 -48.99 22.08
CA TYR G 795 -14.30 -47.68 22.62
C TYR G 795 -13.45 -47.79 23.89
N LYS G 796 -13.62 -48.87 24.66
CA LYS G 796 -12.92 -49.07 25.93
C LYS G 796 -11.49 -49.61 25.78
N GLY G 797 -11.01 -49.73 24.55
CA GLY G 797 -9.76 -50.38 24.23
C GLY G 797 -8.80 -49.44 23.51
N THR G 798 -8.04 -48.71 24.28
CA THR G 798 -7.04 -47.79 23.76
C THR G 798 -6.04 -47.49 24.86
N TRP G 799 -4.78 -47.29 24.43
CA TRP G 799 -3.67 -46.96 25.32
C TRP G 799 -3.01 -45.67 24.83
N GLY G 800 -2.37 -44.95 25.73
CA GLY G 800 -1.76 -43.68 25.37
C GLY G 800 -0.77 -43.22 26.43
N ASP G 801 -0.07 -42.12 26.13
CA ASP G 801 0.81 -41.44 27.09
C ASP G 801 0.18 -40.19 27.65
N ILE G 802 0.74 -39.73 28.77
CA ILE G 802 0.23 -38.61 29.51
C ILE G 802 1.38 -37.65 29.80
N ARG G 803 1.18 -36.38 29.45
N ARG G 803 1.20 -36.38 29.45
CA ARG G 803 2.19 -35.37 29.62
CA ARG G 803 2.21 -35.33 29.55
C ARG G 803 1.60 -34.20 30.39
C ARG G 803 1.62 -34.18 30.36
N LYS G 804 2.32 -33.77 31.44
CA LYS G 804 1.94 -32.59 32.19
C LYS G 804 2.00 -31.30 31.39
N VAL G 805 0.89 -30.56 31.32
CA VAL G 805 0.90 -29.19 30.78
C VAL G 805 1.27 -28.23 31.89
N GLY G 806 0.52 -28.25 33.01
CA GLY G 806 0.81 -27.38 34.12
C GLY G 806 -0.35 -27.34 35.10
N SER G 807 -0.15 -26.56 36.16
CA SER G 807 -1.11 -26.30 37.21
C SER G 807 -2.13 -25.22 36.80
N MET G 808 -3.40 -25.60 36.82
CA MET G 808 -4.47 -24.68 36.57
C MET G 808 -4.93 -24.15 37.90
N GLU G 809 -4.46 -22.93 38.24
N GLU G 809 -4.47 -22.95 38.25
CA GLU G 809 -4.69 -22.38 39.57
CA GLU G 809 -4.67 -22.51 39.62
C GLU G 809 -6.18 -22.35 39.93
C GLU G 809 -6.17 -22.37 39.92
N GLU G 810 -7.00 -21.94 38.96
CA GLU G 810 -8.40 -21.76 39.29
C GLU G 810 -9.08 -23.10 39.58
N PHE G 811 -8.62 -24.17 38.93
CA PHE G 811 -9.24 -25.47 39.22
C PHE G 811 -8.89 -25.85 40.65
N LYS G 812 -7.63 -25.65 41.04
CA LYS G 812 -7.20 -25.97 42.38
C LYS G 812 -8.00 -25.20 43.41
N ARG G 813 -8.32 -23.94 43.10
CA ARG G 813 -9.06 -23.13 44.05
C ARG G 813 -10.52 -23.49 44.17
N THR G 814 -11.15 -23.99 43.08
CA THR G 814 -12.59 -24.06 43.00
C THR G 814 -13.18 -25.46 42.87
N VAL G 815 -12.42 -26.43 42.40
CA VAL G 815 -12.90 -27.76 42.09
C VAL G 815 -12.51 -28.74 43.18
N SER G 816 -13.49 -29.53 43.69
CA SER G 816 -13.17 -30.60 44.62
C SER G 816 -12.50 -31.78 43.92
N PHE G 817 -11.39 -32.28 44.46
CA PHE G 817 -10.77 -33.49 43.98
C PHE G 817 -10.83 -34.55 45.05
N LYS G 818 -11.86 -34.47 45.89
CA LYS G 818 -12.11 -35.47 46.88
C LYS G 818 -12.73 -36.75 46.28
N SER G 819 -12.80 -37.78 47.10
CA SER G 819 -13.18 -39.10 46.65
C SER G 819 -14.67 -39.10 46.27
N ARG G 820 -14.95 -39.49 45.04
CA ARG G 820 -16.34 -39.72 44.61
C ARG G 820 -16.82 -41.14 44.96
N ARG G 821 -15.95 -42.03 45.40
CA ARG G 821 -16.31 -43.34 45.88
C ARG G 821 -16.64 -43.23 47.37
N PHE G 822 -17.84 -43.57 47.74
CA PHE G 822 -18.36 -43.46 49.09
C PHE G 822 -17.77 -44.53 50.02
N ALA G 823 -17.35 -44.09 51.19
CA ALA G 823 -17.19 -45.02 52.32
C ALA G 823 -17.61 -44.39 53.67
N ARG H 2 -41.35 -6.42 51.01
CA ARG H 2 -39.92 -6.70 51.30
C ARG H 2 -39.45 -8.00 50.63
N THR H 3 -38.17 -8.02 50.24
CA THR H 3 -37.64 -9.08 49.43
C THR H 3 -36.88 -10.11 50.29
N THR H 4 -36.56 -9.79 51.55
CA THR H 4 -35.66 -10.63 52.33
C THR H 4 -36.39 -11.23 53.52
N LEU H 5 -35.96 -12.44 53.91
CA LEU H 5 -36.38 -13.04 55.15
C LEU H 5 -35.72 -12.32 56.32
N GLN H 6 -36.36 -12.40 57.50
CA GLN H 6 -35.78 -11.95 58.75
C GLN H 6 -35.10 -13.10 59.50
N TYR H 7 -33.80 -13.24 59.33
CA TYR H 7 -33.04 -14.32 59.96
C TYR H 7 -32.72 -13.94 61.40
N PRO H 8 -32.75 -14.87 62.34
CA PRO H 8 -32.29 -14.54 63.69
C PRO H 8 -30.78 -14.37 63.66
N ALA H 9 -30.22 -13.79 64.75
CA ALA H 9 -28.79 -13.76 65.00
C ALA H 9 -28.51 -14.69 66.18
N THR H 10 -27.92 -15.85 65.91
CA THR H 10 -27.81 -16.90 66.89
C THR H 10 -26.33 -17.06 67.22
N GLN H 11 -26.01 -16.85 68.49
CA GLN H 11 -24.66 -17.10 68.98
C GLN H 11 -24.31 -18.58 68.89
N VAL H 12 -23.11 -18.86 68.34
CA VAL H 12 -22.60 -20.23 68.23
C VAL H 12 -21.59 -20.49 69.36
N SER H 13 -20.51 -19.73 69.36
CA SER H 13 -19.53 -19.77 70.45
CA SER H 13 -19.51 -19.79 70.42
C SER H 13 -18.54 -18.65 70.15
N VAL H 14 -17.39 -18.63 70.81
CA VAL H 14 -16.34 -17.70 70.41
C VAL H 14 -15.24 -18.50 69.68
N ALA H 15 -14.56 -17.86 68.75
CA ALA H 15 -13.64 -18.51 67.83
C ALA H 15 -12.52 -19.25 68.57
N LYS H 16 -11.97 -18.67 69.64
CA LYS H 16 -10.84 -19.31 70.29
C LYS H 16 -11.25 -20.62 71.00
N ASN H 17 -12.53 -20.83 71.26
CA ASN H 17 -13.00 -22.05 71.86
C ASN H 17 -13.08 -23.21 70.87
N LEU H 18 -13.07 -22.92 69.57
CA LEU H 18 -13.13 -23.98 68.59
C LEU H 18 -11.73 -24.57 68.39
N LYS H 19 -11.62 -25.90 68.46
CA LYS H 19 -10.38 -26.58 68.08
C LYS H 19 -10.41 -26.93 66.60
N ALA H 20 -9.27 -26.91 65.96
CA ALA H 20 -9.13 -27.25 64.57
C ALA H 20 -9.75 -28.63 64.35
N ASN H 21 -10.63 -28.71 63.34
CA ASN H 21 -11.23 -29.95 62.88
C ASN H 21 -11.97 -30.72 63.95
N GLU H 22 -12.59 -29.97 64.89
CA GLU H 22 -13.48 -30.57 65.87
C GLU H 22 -14.81 -29.87 65.74
N PRO H 23 -15.78 -30.45 65.02
CA PRO H 23 -17.05 -29.76 64.70
C PRO H 23 -17.92 -29.47 65.91
N VAL H 24 -18.72 -28.44 65.77
CA VAL H 24 -19.67 -28.02 66.78
C VAL H 24 -21.08 -28.15 66.16
N SER H 25 -21.99 -28.80 66.87
N SER H 25 -21.99 -28.79 66.88
CA SER H 25 -23.37 -28.93 66.42
CA SER H 25 -23.37 -28.97 66.48
C SER H 25 -24.21 -27.80 67.00
C SER H 25 -24.21 -27.80 67.01
N PHE H 26 -25.12 -27.25 66.18
CA PHE H 26 -26.00 -26.20 66.67
C PHE H 26 -27.22 -26.21 65.77
N THR H 27 -28.31 -25.55 66.17
CA THR H 27 -29.47 -25.39 65.33
C THR H 27 -29.58 -23.95 64.86
N TYR H 28 -30.06 -23.79 63.60
CA TYR H 28 -30.17 -22.49 63.00
C TYR H 28 -30.92 -22.70 61.69
N PRO H 29 -31.96 -21.89 61.34
CA PRO H 29 -32.43 -20.72 62.13
C PRO H 29 -33.52 -21.04 63.14
N ASP H 30 -33.77 -22.32 63.36
CA ASP H 30 -34.70 -22.79 64.38
C ASP H 30 -34.26 -24.19 64.80
N THR H 31 -34.88 -24.71 65.89
CA THR H 31 -34.49 -26.01 66.44
C THR H 31 -34.72 -27.23 65.55
N SER H 32 -35.45 -27.10 64.41
N SER H 32 -35.41 -27.09 64.40
CA SER H 32 -35.66 -28.23 63.50
CA SER H 32 -35.58 -28.28 63.61
C SER H 32 -34.61 -28.21 62.37
C SER H 32 -34.65 -28.21 62.40
N SER H 33 -33.65 -27.30 62.44
CA SER H 33 -32.64 -27.14 61.38
C SER H 33 -31.23 -27.41 61.89
N PRO H 34 -30.72 -28.65 61.87
CA PRO H 34 -29.41 -28.96 62.44
C PRO H 34 -28.29 -28.47 61.55
N CYS H 35 -27.25 -27.92 62.20
CA CYS H 35 -26.10 -27.36 61.52
C CYS H 35 -24.81 -27.80 62.22
N VAL H 36 -23.69 -27.69 61.48
CA VAL H 36 -22.34 -27.93 61.99
C VAL H 36 -21.49 -26.72 61.61
N ALA H 37 -20.67 -26.28 62.56
CA ALA H 37 -19.59 -25.32 62.35
C ALA H 37 -18.25 -26.00 62.63
N VAL H 38 -17.24 -25.67 61.84
CA VAL H 38 -15.92 -26.21 62.10
C VAL H 38 -14.84 -25.19 61.71
N LYS H 39 -13.80 -25.14 62.55
CA LYS H 39 -12.59 -24.46 62.24
C LYS H 39 -11.69 -25.43 61.51
N LEU H 40 -11.45 -25.17 60.23
CA LEU H 40 -10.79 -26.14 59.35
C LEU H 40 -9.29 -26.18 59.51
N GLY H 41 -8.70 -25.11 60.05
CA GLY H 41 -7.27 -25.12 60.33
C GLY H 41 -6.38 -24.57 59.22
N SER H 42 -6.94 -24.47 58.02
CA SER H 42 -6.32 -23.82 56.89
C SER H 42 -7.37 -22.99 56.20
N PRO H 43 -7.06 -21.77 55.71
CA PRO H 43 -8.02 -20.91 55.03
C PRO H 43 -8.81 -21.58 53.91
N VAL H 44 -10.08 -21.24 53.80
CA VAL H 44 -10.92 -21.62 52.67
C VAL H 44 -11.87 -20.49 52.29
N PRO H 45 -12.50 -20.60 51.09
CA PRO H 45 -13.61 -19.74 50.68
C PRO H 45 -14.23 -18.68 51.55
N GLY H 46 -15.36 -19.08 52.10
CA GLY H 46 -16.21 -18.24 52.93
C GLY H 46 -15.82 -18.32 54.40
N GLY H 47 -14.55 -18.68 54.65
CA GLY H 47 -14.04 -18.90 56.00
C GLY H 47 -13.90 -17.61 56.78
N VAL H 48 -14.35 -17.61 58.03
CA VAL H 48 -14.21 -16.46 58.90
C VAL H 48 -13.30 -16.80 60.08
N GLY H 49 -13.12 -15.78 60.94
CA GLY H 49 -12.16 -15.83 62.01
C GLY H 49 -10.79 -15.34 61.56
N PRO H 50 -9.86 -15.24 62.52
CA PRO H 50 -8.53 -14.68 62.23
C PRO H 50 -7.79 -15.48 61.18
N ASN H 51 -8.11 -16.80 61.03
CA ASN H 51 -7.41 -17.62 60.04
C ASN H 51 -8.33 -17.93 58.86
N ASN H 52 -9.46 -17.24 58.69
CA ASN H 52 -10.35 -17.32 57.54
C ASN H 52 -10.68 -18.80 57.24
N ASP H 53 -10.91 -19.56 58.31
CA ASP H 53 -11.04 -21.00 58.20
C ASP H 53 -12.23 -21.59 58.92
N ILE H 54 -13.13 -20.76 59.47
CA ILE H 54 -14.29 -21.26 60.14
C ILE H 54 -15.47 -21.17 59.19
N VAL H 55 -16.11 -22.33 59.00
CA VAL H 55 -17.28 -22.42 58.13
C VAL H 55 -18.41 -23.15 58.87
N ALA H 56 -19.64 -22.99 58.34
CA ALA H 56 -20.75 -23.71 58.87
C ALA H 56 -21.76 -24.06 57.76
N TYR H 57 -22.52 -25.11 58.02
CA TYR H 57 -23.46 -25.67 57.07
C TYR H 57 -24.69 -26.22 57.76
N SER H 58 -25.83 -26.21 57.03
CA SER H 58 -26.95 -27.08 57.30
C SER H 58 -26.49 -28.51 57.04
N VAL H 59 -26.84 -29.46 57.91
CA VAL H 59 -26.39 -30.82 57.65
C VAL H 59 -27.47 -31.69 56.99
N LEU H 60 -28.67 -31.15 56.74
CA LEU H 60 -29.69 -31.93 56.04
C LEU H 60 -29.31 -32.07 54.54
N CYS H 61 -29.25 -33.29 54.06
CA CYS H 61 -28.89 -33.54 52.68
C CYS H 61 -29.91 -32.81 51.80
N THR H 62 -29.44 -32.18 50.73
CA THR H 62 -30.30 -31.41 49.84
C THR H 62 -30.99 -32.29 48.81
N HIS H 63 -30.72 -33.59 48.81
CA HIS H 63 -31.43 -34.55 47.96
C HIS H 63 -32.80 -34.83 48.55
N MET H 64 -32.85 -35.57 49.68
CA MET H 64 -34.12 -35.89 50.34
C MET H 64 -34.04 -35.73 51.84
N GLY H 65 -33.05 -35.01 52.35
CA GLY H 65 -33.20 -34.52 53.72
C GLY H 65 -32.58 -35.40 54.80
N CYS H 66 -31.98 -36.53 54.47
CA CYS H 66 -31.38 -37.34 55.51
C CYS H 66 -30.29 -36.53 56.17
N PRO H 67 -30.11 -36.58 57.49
CA PRO H 67 -28.95 -35.89 58.05
C PRO H 67 -27.62 -36.50 57.62
N THR H 68 -26.71 -35.63 57.23
CA THR H 68 -25.39 -36.01 56.83
C THR H 68 -24.50 -36.08 58.05
N SER H 69 -23.45 -36.86 57.93
CA SER H 69 -22.40 -36.94 58.95
C SER H 69 -21.20 -36.19 58.47
N TYR H 70 -20.49 -35.59 59.43
CA TYR H 70 -19.32 -34.80 59.13
C TYR H 70 -18.12 -35.70 59.33
N ASP H 71 -17.34 -35.94 58.27
CA ASP H 71 -16.10 -36.70 58.33
C ASP H 71 -14.96 -35.71 58.53
N LYS H 72 -14.44 -35.69 59.78
CA LYS H 72 -13.50 -34.66 60.22
C LYS H 72 -12.18 -34.77 59.49
N SER H 73 -11.86 -36.00 59.11
CA SER H 73 -10.65 -36.34 58.42
C SER H 73 -10.61 -35.80 57.00
N SER H 74 -11.68 -36.01 56.21
CA SER H 74 -11.72 -35.61 54.81
C SER H 74 -12.38 -34.25 54.65
N LYS H 75 -12.98 -33.71 55.70
CA LYS H 75 -13.57 -32.38 55.65
C LYS H 75 -14.75 -32.40 54.67
N THR H 76 -15.57 -33.46 54.81
CA THR H 76 -16.69 -33.68 53.92
C THR H 76 -17.91 -34.04 54.76
N PHE H 77 -19.10 -33.75 54.20
CA PHE H 77 -20.35 -34.21 54.75
C PHE H 77 -20.88 -35.35 53.88
N LYS H 78 -21.34 -36.46 54.50
CA LYS H 78 -21.66 -37.68 53.79
C LYS H 78 -23.07 -38.14 54.11
N CYS H 79 -23.86 -38.43 53.07
CA CYS H 79 -25.24 -38.80 53.28
C CYS H 79 -25.37 -40.31 53.16
N PRO H 80 -25.88 -40.97 54.20
CA PRO H 80 -25.98 -42.42 54.15
C PRO H 80 -27.13 -42.97 53.32
N CYS H 81 -28.06 -42.11 52.87
N CYS H 81 -27.96 -42.10 52.77
CA CYS H 81 -29.28 -42.59 52.22
CA CYS H 81 -29.19 -42.60 52.21
C CYS H 81 -29.04 -42.95 50.76
C CYS H 81 -29.01 -42.98 50.74
N HIS H 82 -28.58 -42.02 49.95
CA HIS H 82 -28.22 -42.30 48.57
C HIS H 82 -26.80 -41.80 48.21
N PHE H 83 -25.96 -41.61 49.21
CA PHE H 83 -24.49 -41.65 49.07
C PHE H 83 -23.90 -40.36 48.49
N THR H 84 -24.64 -39.28 48.62
CA THR H 84 -24.11 -37.99 48.21
C THR H 84 -23.04 -37.53 49.20
N GLU H 85 -22.01 -36.84 48.70
N GLU H 85 -22.05 -36.79 48.69
CA GLU H 85 -21.02 -36.20 49.56
CA GLU H 85 -20.99 -36.20 49.52
C GLU H 85 -20.85 -34.74 49.16
C GLU H 85 -20.76 -34.74 49.13
N PHE H 86 -20.54 -33.89 50.14
CA PHE H 86 -20.39 -32.45 49.94
C PHE H 86 -19.09 -31.98 50.56
N ASP H 87 -18.36 -31.07 49.86
CA ASP H 87 -17.02 -30.65 50.30
C ASP H 87 -17.12 -29.43 51.20
N ALA H 88 -16.75 -29.55 52.48
CA ALA H 88 -16.77 -28.43 53.40
C ALA H 88 -15.76 -27.35 53.06
N GLU H 89 -14.78 -27.67 52.23
CA GLU H 89 -13.72 -26.76 51.90
C GLU H 89 -13.99 -26.10 50.55
N LYS H 90 -15.09 -26.48 49.89
CA LYS H 90 -15.49 -25.86 48.63
C LYS H 90 -16.92 -25.33 48.68
N ALA H 91 -17.27 -24.66 49.79
CA ALA H 91 -18.59 -24.05 49.96
C ALA H 91 -19.72 -25.04 49.66
N GLY H 92 -19.56 -26.29 50.17
CA GLY H 92 -20.65 -27.23 50.05
C GLY H 92 -20.79 -27.89 48.69
N GLN H 93 -19.80 -27.75 47.77
CA GLN H 93 -19.88 -28.36 46.45
C GLN H 93 -20.16 -29.87 46.59
N MET H 94 -21.11 -30.35 45.81
CA MET H 94 -21.42 -31.76 45.77
C MET H 94 -20.28 -32.47 45.04
N ILE H 95 -19.57 -33.37 45.73
CA ILE H 95 -18.45 -34.11 45.14
C ILE H 95 -18.97 -35.17 44.15
N CYS H 96 -20.04 -35.81 44.58
N CYS H 96 -20.05 -35.82 44.58
CA CYS H 96 -20.72 -36.85 43.83
CA CYS H 96 -20.70 -36.91 43.86
C CYS H 96 -22.06 -37.04 44.51
C CYS H 96 -22.04 -37.13 44.53
N GLY H 97 -23.08 -37.39 43.75
CA GLY H 97 -24.33 -37.78 44.37
C GLY H 97 -25.56 -37.31 43.61
N GLN H 98 -26.70 -37.31 44.31
CA GLN H 98 -28.00 -37.21 43.67
C GLN H 98 -28.68 -35.87 43.88
N ALA H 99 -28.12 -35.01 44.70
CA ALA H 99 -28.65 -33.67 44.93
C ALA H 99 -28.48 -32.77 43.72
N THR H 100 -29.28 -31.70 43.69
CA THR H 100 -29.24 -30.66 42.68
C THR H 100 -28.96 -29.30 43.32
N GLU H 101 -28.47 -29.27 44.54
CA GLU H 101 -28.10 -28.02 45.18
C GLU H 101 -26.92 -28.34 46.10
N ASN H 102 -25.96 -27.41 46.20
CA ASN H 102 -24.87 -27.61 47.13
C ASN H 102 -25.39 -27.49 48.56
N LEU H 103 -24.64 -28.00 49.56
CA LEU H 103 -25.07 -27.97 50.92
C LEU H 103 -25.19 -26.54 51.41
N PRO H 104 -26.33 -26.10 51.99
CA PRO H 104 -26.51 -24.69 52.34
C PRO H 104 -25.45 -24.25 53.35
N ARG H 105 -24.92 -23.07 53.11
CA ARG H 105 -23.91 -22.50 54.00
C ARG H 105 -24.62 -21.63 55.03
N VAL H 106 -24.26 -21.80 56.29
CA VAL H 106 -24.71 -20.89 57.33
C VAL H 106 -23.72 -19.74 57.35
N LEU H 107 -24.19 -18.51 57.09
CA LEU H 107 -23.35 -17.35 57.17
C LEU H 107 -23.02 -17.02 58.62
N LEU H 108 -21.72 -16.88 58.87
CA LEU H 108 -21.18 -16.55 60.20
C LEU H 108 -20.57 -15.15 60.20
N ARG H 109 -20.98 -14.34 61.18
CA ARG H 109 -20.26 -13.11 61.54
C ARG H 109 -19.19 -13.48 62.57
N TYR H 110 -18.00 -12.98 62.34
CA TYR H 110 -16.94 -13.09 63.32
C TYR H 110 -16.64 -11.65 63.82
N ASP H 111 -16.78 -11.47 65.15
CA ASP H 111 -16.63 -10.17 65.77
C ASP H 111 -15.34 -10.13 66.56
N GLU H 112 -14.33 -9.44 66.04
CA GLU H 112 -13.01 -9.43 66.67
C GLU H 112 -13.11 -8.85 68.08
N ALA H 113 -13.94 -7.83 68.28
CA ALA H 113 -14.01 -7.12 69.58
C ALA H 113 -14.43 -8.05 70.71
N SER H 114 -15.28 -9.06 70.42
CA SER H 114 -15.80 -9.98 71.42
C SER H 114 -15.29 -11.42 71.26
N ASP H 115 -14.68 -11.71 70.11
CA ASP H 115 -14.34 -13.03 69.64
C ASP H 115 -15.55 -13.87 69.22
N ALA H 116 -16.76 -13.30 69.18
CA ALA H 116 -17.94 -14.11 68.97
C ALA H 116 -18.11 -14.55 67.53
N LEU H 117 -18.68 -15.77 67.39
CA LEU H 117 -19.18 -16.28 66.12
C LEU H 117 -20.69 -16.29 66.19
N THR H 118 -21.36 -15.62 65.24
CA THR H 118 -22.83 -15.58 65.28
C THR H 118 -23.36 -16.03 63.90
N ALA H 119 -24.35 -16.92 63.87
CA ALA H 119 -25.03 -17.28 62.66
C ALA H 119 -26.05 -16.19 62.30
N VAL H 120 -25.98 -15.64 61.10
CA VAL H 120 -26.82 -14.52 60.73
C VAL H 120 -27.59 -14.71 59.44
N GLY H 121 -27.31 -15.73 58.64
CA GLY H 121 -28.17 -16.06 57.50
C GLY H 121 -27.79 -17.41 56.91
N VAL H 122 -28.46 -17.78 55.82
CA VAL H 122 -28.16 -19.01 55.09
C VAL H 122 -28.14 -18.72 53.60
N ASP H 123 -27.12 -19.24 52.94
CA ASP H 123 -26.96 -19.20 51.49
C ASP H 123 -27.33 -20.58 50.96
N GLY H 124 -28.44 -20.64 50.22
CA GLY H 124 -29.01 -21.89 49.74
C GLY H 124 -30.29 -22.16 50.50
N LEU H 125 -31.14 -23.03 49.98
CA LEU H 125 -32.37 -23.39 50.65
C LEU H 125 -32.24 -24.75 51.37
N ILE H 126 -32.43 -24.73 52.69
CA ILE H 126 -32.40 -25.92 53.52
C ILE H 126 -33.50 -26.89 53.06
N TYR H 127 -33.17 -28.20 53.13
CA TYR H 127 -34.13 -29.24 52.81
C TYR H 127 -35.46 -29.04 53.52
N GLY H 128 -36.53 -29.40 52.81
CA GLY H 128 -37.79 -29.68 53.51
C GLY H 128 -38.53 -28.45 54.01
N ARG H 129 -38.29 -27.30 53.39
CA ARG H 129 -38.95 -26.09 53.76
C ARG H 129 -39.20 -25.23 52.54
N GLN H 130 -40.28 -24.47 52.63
CA GLN H 130 -40.63 -23.55 51.56
C GLN H 130 -39.73 -22.31 51.57
N ALA H 131 -39.26 -21.92 52.76
CA ALA H 131 -38.31 -20.82 52.90
C ALA H 131 -37.42 -21.14 54.10
N ASN H 132 -36.23 -20.57 54.18
CA ASN H 132 -35.34 -20.94 55.27
C ASN H 132 -35.93 -20.62 56.63
N VAL H 133 -36.68 -19.51 56.73
CA VAL H 133 -37.37 -19.08 57.93
C VAL H 133 -38.80 -19.51 57.78
N ILE H 134 -39.26 -20.36 58.68
CA ILE H 134 -40.60 -20.93 58.65
C ILE H 134 -41.48 -20.00 59.50
#